data_6POU
#
_entry.id   6POU
#
_cell.length_a   109.923
_cell.length_b   153.549
_cell.length_c   175.089
_cell.angle_alpha   90.00
_cell.angle_beta   90.00
_cell.angle_gamma   90.00
#
_symmetry.space_group_name_H-M   'P 21 21 21'
#
loop_
_entity.id
_entity.type
_entity.pdbx_description
1 polymer 'Nitric oxide synthase, endothelial'
2 non-polymer 'PROTOPORPHYRIN IX CONTAINING FE'
3 non-polymer 7-[4-(2-aminoethyl)phenyl]-4-methylquinolin-2-amine
4 non-polymer 2-[BIS-(2-HYDROXY-ETHYL)-AMINO]-2-HYDROXYMETHYL-PROPANE-1,3-DIOL
5 non-polymer 'ZINC ION'
6 non-polymer 'GADOLINIUM ATOM'
7 non-polymer GLYCEROL
8 water water
#
_entity_poly.entity_id   1
_entity_poly.type   'polypeptide(L)'
_entity_poly.pdbx_seq_one_letter_code
;APASLLPPAPEHSPPSSPLTQPPEGPKFPRVKNWEVGSITYDTLSAQAQQDGPCTPRRCLGSLVFPRKLQGRPSPGPPAP
EQLLSQARDFINQYYSSIKRSGSQAHEQRLQEVEAEVAATGTYQLRESELVFGAKQAWRNAPRCVGRIQWGKLQVFDARD
CRSAQEMFTYICNHIKYATNRGNLRSAITVFPQRCPGRGDFRIWNSQLVRYAGYRQQDGSVRGDPANVEITELCIQHGWT
PGNGRFDVLPLLLQAPDEPPELFLLPPELVLEVPLEHPTLEWFAALGLRWYALPAVSNMLLEIGGLEFPAAPFSGWYMST
EIGTRNLCDPHRYNILEDVAVCMDLDTRTTSSLWKDKAAVEINVAVLHSYQLAKVTIVDHHAATASFMKHLENEQKARGG
CPADWAWIVPPISGSLTPVFHQEMVNYFLSPAFRYQPDPW
;
_entity_poly.pdbx_strand_id   A,B,C,D,E,F
#
loop_
_chem_comp.id
_chem_comp.type
_chem_comp.name
_chem_comp.formula
BTB non-polymer 2-[BIS-(2-HYDROXY-ETHYL)-AMINO]-2-HYDROXYMETHYL-PROPANE-1,3-DIOL 'C8 H19 N O5'
GD non-polymer 'GADOLINIUM ATOM' Gd
GOL non-polymer GLYCEROL 'C3 H8 O3'
HEM non-polymer 'PROTOPORPHYRIN IX CONTAINING FE' 'C34 H32 Fe N4 O4'
M16 non-polymer 7-[4-(2-aminoethyl)phenyl]-4-methylquinolin-2-amine 'C18 H19 N3'
ZN non-polymer 'ZINC ION' 'Zn 2'
#
# COMPACT_ATOMS: atom_id res chain seq x y z
N PHE A 28 9.53 33.29 -43.34
CA PHE A 28 10.66 32.66 -42.64
C PHE A 28 10.84 33.18 -41.19
N PRO A 29 10.97 32.27 -40.22
CA PRO A 29 11.04 32.70 -38.82
C PRO A 29 12.39 33.33 -38.46
N ARG A 30 12.31 34.45 -37.75
CA ARG A 30 13.46 35.11 -37.17
C ARG A 30 13.82 34.47 -35.83
N VAL A 31 15.12 34.26 -35.61
CA VAL A 31 15.64 33.46 -34.52
C VAL A 31 16.83 34.19 -33.91
N LYS A 32 16.70 34.63 -32.66
CA LYS A 32 17.71 35.45 -32.02
C LYS A 32 18.46 34.69 -30.92
N ASN A 33 19.76 34.88 -30.88
CA ASN A 33 20.56 34.47 -29.74
C ASN A 33 20.67 35.68 -28.82
N TRP A 34 20.00 35.63 -27.68
CA TRP A 34 19.96 36.83 -26.86
C TRP A 34 21.26 37.06 -26.11
N GLU A 35 22.13 36.06 -26.00
CA GLU A 35 23.46 36.31 -25.43
C GLU A 35 24.31 37.18 -26.36
N VAL A 36 24.43 36.78 -27.63
CA VAL A 36 25.31 37.51 -28.55
C VAL A 36 24.60 38.68 -29.22
N GLY A 37 23.28 38.65 -29.29
CA GLY A 37 22.53 39.61 -30.09
C GLY A 37 22.36 39.22 -31.54
N SER A 38 22.82 38.03 -31.94
CA SER A 38 22.87 37.67 -33.35
C SER A 38 21.53 37.10 -33.84
N ILE A 39 21.26 37.32 -35.13
CA ILE A 39 19.98 37.02 -35.76
C ILE A 39 20.23 36.07 -36.92
N THR A 40 19.37 35.07 -37.05
CA THR A 40 19.34 34.23 -38.23
C THR A 40 17.88 34.02 -38.62
N TYR A 41 17.69 33.55 -39.86
CA TYR A 41 16.38 33.19 -40.38
C TYR A 41 16.39 31.70 -40.72
N ASP A 42 15.34 30.99 -40.32
CA ASP A 42 15.31 29.53 -40.54
C ASP A 42 14.53 29.27 -41.83
N THR A 43 15.27 29.10 -42.92
CA THR A 43 14.66 28.76 -44.19
C THR A 43 14.45 27.26 -44.38
N LEU A 44 15.20 26.41 -43.65
CA LEU A 44 14.97 24.97 -43.76
C LEU A 44 13.57 24.57 -43.33
N SER A 45 13.00 25.29 -42.36
CA SER A 45 11.67 24.93 -41.86
C SER A 45 10.61 24.95 -42.97
N ALA A 46 10.81 25.76 -44.00
CA ALA A 46 9.89 25.78 -45.14
C ALA A 46 9.62 24.40 -45.70
N GLN A 47 10.57 23.47 -45.55
CA GLN A 47 10.46 22.13 -46.11
C GLN A 47 10.00 21.10 -45.08
N ALA A 48 9.31 21.52 -44.03
CA ALA A 48 8.84 20.60 -43.01
C ALA A 48 7.88 19.59 -43.64
N GLN A 49 8.21 18.30 -43.48
CA GLN A 49 7.44 17.22 -44.06
C GLN A 49 6.01 17.18 -43.52
N GLN A 50 5.82 16.60 -42.34
CA GLN A 50 4.49 16.40 -41.79
C GLN A 50 4.17 17.48 -40.76
N ASP A 51 2.99 17.37 -40.15
CA ASP A 51 2.46 18.39 -39.26
C ASP A 51 2.68 18.01 -37.81
N GLY A 52 3.19 18.96 -37.02
CA GLY A 52 3.30 18.81 -35.60
C GLY A 52 1.99 19.10 -34.90
N PRO A 53 2.04 19.31 -33.58
CA PRO A 53 0.80 19.45 -32.80
C PRO A 53 0.34 20.89 -32.56
N CYS A 54 1.13 21.89 -32.93
CA CYS A 54 0.78 23.26 -32.62
C CYS A 54 -0.17 23.85 -33.67
N THR A 55 -0.96 24.82 -33.23
CA THR A 55 -1.82 25.63 -34.09
C THR A 55 -1.66 27.07 -33.69
N PRO A 56 -2.14 28.02 -34.51
CA PRO A 56 -2.14 29.43 -34.08
C PRO A 56 -2.93 29.67 -32.80
N ARG A 57 -3.87 28.81 -32.43
CA ARG A 57 -4.65 29.04 -31.22
C ARG A 57 -3.89 28.65 -29.96
N ARG A 58 -3.13 27.55 -29.99
CA ARG A 58 -2.41 27.13 -28.78
C ARG A 58 -1.18 26.33 -29.16
N CYS A 59 -0.13 26.50 -28.35
CA CYS A 59 1.14 25.82 -28.53
C CYS A 59 1.17 24.57 -27.64
N LEU A 60 1.59 23.44 -28.23
CA LEU A 60 1.70 22.15 -27.55
C LEU A 60 3.14 21.67 -27.55
N GLY A 61 4.09 22.59 -27.51
CA GLY A 61 5.49 22.24 -27.66
C GLY A 61 6.08 21.45 -26.51
N SER A 62 5.40 21.36 -25.37
CA SER A 62 5.94 20.59 -24.25
C SER A 62 5.45 19.16 -24.21
N LEU A 63 4.60 18.75 -25.15
CA LEU A 63 4.03 17.41 -25.13
C LEU A 63 5.07 16.37 -25.53
N VAL A 64 5.19 15.33 -24.70
CA VAL A 64 6.18 14.27 -24.95
C VAL A 64 5.86 13.53 -26.25
N PHE A 65 4.63 13.07 -26.40
CA PHE A 65 4.20 12.39 -27.61
C PHE A 65 3.04 13.18 -28.22
N PRO A 66 3.24 13.86 -29.36
CA PRO A 66 2.13 14.49 -30.06
C PRO A 66 1.16 13.48 -30.69
N ALA A 79 -1.09 4.35 -49.39
CA ALA A 79 -1.07 4.71 -50.80
C ALA A 79 0.28 4.36 -51.43
N PRO A 80 0.24 3.70 -52.59
CA PRO A 80 1.46 3.56 -53.38
C PRO A 80 1.95 4.89 -53.94
N GLU A 81 1.04 5.81 -54.26
CA GLU A 81 1.44 7.16 -54.63
C GLU A 81 2.27 7.82 -53.53
N GLN A 82 1.87 7.62 -52.27
CA GLN A 82 2.56 8.27 -51.17
C GLN A 82 3.99 7.75 -51.01
N LEU A 83 4.19 6.43 -51.18
CA LEU A 83 5.53 5.87 -51.05
C LEU A 83 6.44 6.34 -52.19
N LEU A 84 5.93 6.30 -53.43
CA LEU A 84 6.69 6.84 -54.56
C LEU A 84 7.15 8.25 -54.29
N SER A 85 6.24 9.10 -53.83
CA SER A 85 6.55 10.51 -53.63
C SER A 85 7.65 10.70 -52.62
N GLN A 86 7.62 9.93 -51.53
CA GLN A 86 8.68 9.99 -50.53
C GLN A 86 9.99 9.39 -51.05
N ALA A 87 9.91 8.30 -51.81
CA ALA A 87 11.12 7.70 -52.35
C ALA A 87 11.83 8.68 -53.29
N ARG A 88 11.07 9.35 -54.16
CA ARG A 88 11.64 10.35 -55.06
C ARG A 88 12.27 11.51 -54.28
N ASP A 89 11.50 12.10 -53.35
CA ASP A 89 12.06 13.11 -52.45
C ASP A 89 13.40 12.66 -51.87
N PHE A 90 13.44 11.45 -51.32
CA PHE A 90 14.66 11.01 -50.66
C PHE A 90 15.79 10.80 -51.67
N ILE A 91 15.50 10.20 -52.82
CA ILE A 91 16.55 9.96 -53.81
C ILE A 91 17.11 11.29 -54.32
N ASN A 92 16.24 12.29 -54.53
CA ASN A 92 16.70 13.62 -54.92
C ASN A 92 17.56 14.26 -53.83
N GLN A 93 17.17 14.12 -52.56
CA GLN A 93 18.00 14.56 -51.45
C GLN A 93 19.38 13.92 -51.50
N TYR A 94 19.43 12.59 -51.59
CA TYR A 94 20.73 11.92 -51.67
C TYR A 94 21.56 12.47 -52.82
N TYR A 95 20.97 12.59 -54.01
CA TYR A 95 21.80 12.97 -55.15
C TYR A 95 22.18 14.45 -55.10
N SER A 96 21.35 15.29 -54.47
CA SER A 96 21.76 16.67 -54.23
CA SER A 96 21.76 16.67 -54.23
C SER A 96 22.93 16.75 -53.26
N SER A 97 22.87 16.00 -52.17
CA SER A 97 23.92 16.11 -51.15
C SER A 97 25.30 15.73 -51.67
N ILE A 98 25.41 14.92 -52.72
CA ILE A 98 26.70 14.59 -53.31
C ILE A 98 26.96 15.38 -54.57
N LYS A 99 26.13 16.37 -54.86
CA LYS A 99 26.36 17.31 -55.96
C LYS A 99 26.28 16.61 -57.32
N ARG A 100 25.35 15.66 -57.45
CA ARG A 100 25.19 14.93 -58.70
C ARG A 100 23.73 14.94 -59.17
N SER A 101 23.01 16.03 -58.92
CA SER A 101 21.62 16.13 -59.36
C SER A 101 21.56 16.26 -60.88
N GLY A 102 20.64 15.50 -61.48
CA GLY A 102 20.54 15.43 -62.93
C GLY A 102 21.56 14.56 -63.61
N SER A 103 22.45 13.91 -62.86
CA SER A 103 23.44 13.02 -63.45
C SER A 103 22.75 11.79 -64.04
N GLN A 104 23.53 10.99 -64.77
CA GLN A 104 22.99 9.75 -65.31
C GLN A 104 22.60 8.80 -64.19
N ALA A 105 23.53 8.54 -63.26
CA ALA A 105 23.24 7.66 -62.12
C ALA A 105 21.98 8.09 -61.39
N HIS A 106 21.78 9.40 -61.24
CA HIS A 106 20.57 9.89 -60.59
C HIS A 106 19.32 9.45 -61.36
N GLU A 107 19.29 9.70 -62.67
CA GLU A 107 18.13 9.30 -63.47
C GLU A 107 17.91 7.79 -63.43
N GLN A 108 18.99 7.02 -63.49
CA GLN A 108 18.85 5.57 -63.49
C GLN A 108 18.33 5.06 -62.15
N ARG A 109 18.74 5.69 -61.05
CA ARG A 109 18.23 5.28 -59.76
C ARG A 109 16.73 5.58 -59.63
N LEU A 110 16.31 6.77 -60.06
CA LEU A 110 14.87 7.08 -60.03
C LEU A 110 14.08 6.07 -60.87
N GLN A 111 14.57 5.73 -62.06
CA GLN A 111 13.87 4.76 -62.90
C GLN A 111 13.81 3.39 -62.24
N GLU A 112 14.89 2.99 -61.59
CA GLU A 112 14.92 1.72 -60.87
C GLU A 112 13.85 1.67 -59.78
N VAL A 113 13.70 2.76 -59.01
CA VAL A 113 12.71 2.82 -57.93
C VAL A 113 11.30 2.81 -58.50
N GLU A 114 11.05 3.57 -59.57
CA GLU A 114 9.72 3.56 -60.20
C GLU A 114 9.34 2.15 -60.63
N ALA A 115 10.27 1.45 -61.30
CA ALA A 115 9.99 0.09 -61.74
C ALA A 115 9.76 -0.85 -60.55
N GLU A 116 10.60 -0.76 -59.52
CA GLU A 116 10.45 -1.68 -58.41
C GLU A 116 9.16 -1.41 -57.63
N VAL A 117 8.83 -0.13 -57.39
CA VAL A 117 7.58 0.18 -56.69
C VAL A 117 6.37 -0.27 -57.50
N ALA A 118 6.42 -0.08 -58.83
CA ALA A 118 5.32 -0.56 -59.67
C ALA A 118 5.16 -2.08 -59.57
N ALA A 119 6.25 -2.83 -59.63
CA ALA A 119 6.16 -4.28 -59.67
C ALA A 119 5.76 -4.87 -58.32
N THR A 120 6.24 -4.28 -57.22
CA THR A 120 6.17 -4.95 -55.92
C THR A 120 5.51 -4.14 -54.82
N GLY A 121 5.32 -2.83 -54.99
CA GLY A 121 4.79 -2.00 -53.93
C GLY A 121 5.84 -1.46 -52.98
N THR A 122 7.11 -1.74 -53.23
CA THR A 122 8.15 -1.24 -52.34
C THR A 122 9.44 -1.18 -53.15
N TYR A 123 10.53 -0.85 -52.46
CA TYR A 123 11.86 -0.86 -53.05
C TYR A 123 12.88 -1.08 -51.94
N GLN A 124 14.13 -1.24 -52.33
CA GLN A 124 15.24 -1.42 -51.39
C GLN A 124 16.28 -0.36 -51.64
N LEU A 125 16.91 0.08 -50.56
CA LEU A 125 17.95 1.09 -50.59
C LEU A 125 19.31 0.45 -50.88
N ARG A 126 20.11 1.12 -51.70
CA ARG A 126 21.52 0.79 -51.75
C ARG A 126 22.18 1.13 -50.42
N GLU A 127 23.30 0.45 -50.14
CA GLU A 127 23.96 0.60 -48.86
C GLU A 127 24.35 2.05 -48.59
N SER A 128 24.85 2.76 -49.63
CA SER A 128 25.26 4.15 -49.46
C SER A 128 24.07 5.06 -49.16
N GLU A 129 22.91 4.79 -49.78
CA GLU A 129 21.70 5.54 -49.46
C GLU A 129 21.25 5.27 -48.03
N LEU A 130 21.43 4.03 -47.57
CA LEU A 130 21.06 3.70 -46.20
C LEU A 130 21.94 4.44 -45.21
N VAL A 131 23.25 4.50 -45.50
CA VAL A 131 24.17 5.24 -44.66
C VAL A 131 23.80 6.72 -44.62
N PHE A 132 23.55 7.29 -45.80
CA PHE A 132 23.16 8.70 -45.88
C PHE A 132 21.86 8.93 -45.11
N GLY A 133 20.90 8.01 -45.24
CA GLY A 133 19.62 8.18 -44.58
C GLY A 133 19.71 8.10 -43.06
N ALA A 134 20.50 7.16 -42.52
CA ALA A 134 20.56 7.03 -41.06
C ALA A 134 21.25 8.25 -40.45
N LYS A 135 22.28 8.76 -41.13
CA LYS A 135 22.91 9.99 -40.69
C LYS A 135 21.93 11.17 -40.72
N GLN A 136 21.14 11.29 -41.79
CA GLN A 136 20.19 12.41 -41.87
C GLN A 136 19.14 12.33 -40.78
N ALA A 137 18.71 11.12 -40.42
CA ALA A 137 17.70 10.99 -39.37
C ALA A 137 18.24 11.47 -38.03
N TRP A 138 19.50 11.16 -37.73
CA TRP A 138 20.14 11.71 -36.53
C TRP A 138 20.25 13.22 -36.64
N ARG A 139 20.71 13.70 -37.79
CA ARG A 139 20.87 15.12 -38.04
C ARG A 139 19.56 15.89 -37.88
N ASN A 140 18.43 15.23 -38.13
CA ASN A 140 17.11 15.85 -38.07
C ASN A 140 16.42 15.66 -36.73
N ALA A 141 17.09 15.07 -35.77
CA ALA A 141 16.38 14.66 -34.57
C ALA A 141 16.28 15.86 -33.63
N PRO A 142 15.11 16.51 -33.51
CA PRO A 142 15.07 17.83 -32.87
C PRO A 142 15.44 17.78 -31.40
N ARG A 143 15.24 16.65 -30.74
CA ARG A 143 15.50 16.59 -29.32
C ARG A 143 16.91 16.14 -28.97
N CYS A 144 17.80 15.91 -29.93
CA CYS A 144 19.15 15.42 -29.63
C CYS A 144 20.16 16.56 -29.55
N VAL A 145 20.77 16.73 -28.37
CA VAL A 145 21.85 17.69 -28.18
C VAL A 145 23.20 17.22 -28.71
N GLY A 146 23.32 15.98 -29.18
CA GLY A 146 24.64 15.47 -29.56
C GLY A 146 24.98 15.52 -31.04
N ARG A 147 24.20 16.29 -31.80
CA ARG A 147 24.23 16.24 -33.26
C ARG A 147 25.49 16.82 -33.88
N ILE A 148 26.36 17.53 -33.15
CA ILE A 148 27.64 17.91 -33.74
C ILE A 148 28.36 16.69 -34.32
N GLN A 149 28.06 15.50 -33.79
CA GLN A 149 28.67 14.23 -34.19
C GLN A 149 27.98 13.56 -35.38
N TRP A 150 26.95 14.17 -35.98
CA TRP A 150 26.08 13.42 -36.90
C TRP A 150 26.85 12.80 -38.06
N GLY A 151 27.93 13.44 -38.52
CA GLY A 151 28.63 12.89 -39.67
C GLY A 151 29.44 11.62 -39.40
N LYS A 152 29.71 11.32 -38.14
CA LYS A 152 30.60 10.22 -37.76
C LYS A 152 29.73 9.17 -37.05
N LEU A 153 28.98 8.44 -37.86
CA LEU A 153 28.10 7.39 -37.40
C LEU A 153 28.42 6.15 -38.19
N GLN A 154 28.60 5.03 -37.51
CA GLN A 154 28.86 3.75 -38.16
C GLN A 154 27.53 3.03 -38.36
N VAL A 155 27.30 2.57 -39.58
CA VAL A 155 26.04 1.98 -39.99
C VAL A 155 26.29 0.52 -40.34
N PHE A 156 25.68 -0.38 -39.59
CA PHE A 156 25.78 -1.82 -39.84
C PHE A 156 24.53 -2.28 -40.58
N ASP A 157 24.74 -2.80 -41.78
CA ASP A 157 23.67 -3.32 -42.64
C ASP A 157 23.35 -4.74 -42.18
N ALA A 158 22.25 -4.90 -41.46
CA ALA A 158 21.76 -6.21 -41.04
C ALA A 158 20.47 -6.57 -41.75
N ARG A 159 20.29 -6.09 -42.98
CA ARG A 159 19.04 -6.29 -43.68
C ARG A 159 18.92 -7.69 -44.26
N ASP A 160 19.98 -8.50 -44.26
CA ASP A 160 19.89 -9.89 -44.67
C ASP A 160 19.55 -10.82 -43.50
N CYS A 161 19.17 -10.26 -42.35
CA CYS A 161 18.95 -11.04 -41.14
C CYS A 161 17.70 -11.90 -41.27
N ARG A 162 17.80 -13.16 -40.85
CA ARG A 162 16.71 -14.12 -41.04
C ARG A 162 16.05 -14.63 -39.78
N SER A 163 16.76 -14.71 -38.66
CA SER A 163 16.21 -15.32 -37.46
C SER A 163 16.52 -14.49 -36.22
N ALA A 164 15.81 -14.79 -35.14
CA ALA A 164 16.08 -14.15 -33.86
C ALA A 164 17.49 -14.42 -33.38
N GLN A 165 17.97 -15.66 -33.55
CA GLN A 165 19.35 -15.99 -33.21
C GLN A 165 20.33 -15.12 -33.99
N GLU A 166 20.08 -14.97 -35.30
CA GLU A 166 20.96 -14.13 -36.11
C GLU A 166 20.88 -12.67 -35.68
N MET A 167 19.69 -12.21 -35.32
CA MET A 167 19.52 -10.85 -34.80
C MET A 167 20.34 -10.66 -33.52
N PHE A 168 20.41 -11.69 -32.68
CA PHE A 168 21.18 -11.55 -31.45
C PHE A 168 22.67 -11.42 -31.74
N THR A 169 23.15 -12.09 -32.78
CA THR A 169 24.56 -11.98 -33.14
C THR A 169 24.90 -10.58 -33.61
N TYR A 170 24.03 -9.98 -34.43
CA TYR A 170 24.24 -8.60 -34.86
C TYR A 170 24.24 -7.63 -33.68
N ILE A 171 23.30 -7.79 -32.75
CA ILE A 171 23.25 -6.88 -31.60
C ILE A 171 24.51 -7.03 -30.74
N CYS A 172 25.07 -8.25 -30.63
CA CYS A 172 26.28 -8.40 -29.85
C CYS A 172 27.48 -7.74 -30.54
N ASN A 173 27.59 -7.90 -31.87
CA ASN A 173 28.63 -7.19 -32.60
C ASN A 173 28.51 -5.69 -32.43
N HIS A 174 27.27 -5.17 -32.47
CA HIS A 174 27.05 -3.74 -32.34
C HIS A 174 27.55 -3.24 -30.99
N ILE A 175 27.09 -3.87 -29.90
CA ILE A 175 27.53 -3.48 -28.56
C ILE A 175 29.04 -3.55 -28.44
N LYS A 176 29.65 -4.62 -28.97
CA LYS A 176 31.12 -4.76 -28.97
C LYS A 176 31.77 -3.59 -29.67
N TYR A 177 31.38 -3.32 -30.93
CA TYR A 177 31.95 -2.20 -31.67
C TYR A 177 31.72 -0.88 -30.94
N ALA A 178 30.48 -0.62 -30.51
CA ALA A 178 30.15 0.70 -29.94
C ALA A 178 30.89 0.96 -28.63
N THR A 179 31.01 -0.07 -27.78
CA THR A 179 31.67 0.09 -26.48
C THR A 179 33.17 0.33 -26.64
N ASN A 180 33.85 -0.51 -27.42
CA ASN A 180 35.24 -0.29 -27.78
C ASN A 180 36.12 -0.07 -26.55
N ARG A 181 35.96 -0.96 -25.56
CA ARG A 181 36.69 -0.92 -24.28
C ARG A 181 36.56 0.44 -23.59
N GLY A 182 35.42 1.11 -23.75
CA GLY A 182 35.19 2.39 -23.10
C GLY A 182 35.46 3.61 -23.96
N ASN A 183 36.11 3.44 -25.10
CA ASN A 183 36.29 4.56 -26.04
C ASN A 183 35.11 4.53 -27.03
N LEU A 184 33.96 5.01 -26.55
CA LEU A 184 32.68 4.77 -27.20
C LEU A 184 32.62 5.40 -28.60
N ARG A 185 31.86 4.73 -29.48
CA ARG A 185 31.73 5.08 -30.90
C ARG A 185 30.25 5.00 -31.30
N SER A 186 29.72 6.09 -31.86
CA SER A 186 28.33 6.09 -32.32
C SER A 186 28.09 5.02 -33.37
N ALA A 187 26.93 4.35 -33.31
CA ALA A 187 26.66 3.28 -34.25
C ALA A 187 25.16 3.00 -34.36
N ILE A 188 24.79 2.38 -35.47
CA ILE A 188 23.42 1.96 -35.72
C ILE A 188 23.45 0.66 -36.52
N THR A 189 22.53 -0.24 -36.19
CA THR A 189 22.38 -1.52 -36.87
C THR A 189 20.97 -1.54 -37.44
N VAL A 190 20.85 -1.70 -38.76
CA VAL A 190 19.55 -1.61 -39.42
C VAL A 190 19.12 -3.01 -39.82
N PHE A 191 18.02 -3.46 -39.23
CA PHE A 191 17.44 -4.76 -39.54
C PHE A 191 16.43 -4.61 -40.69
N PRO A 192 15.92 -5.73 -41.24
CA PRO A 192 15.10 -5.64 -42.46
C PRO A 192 13.90 -4.74 -42.33
N GLN A 193 13.51 -4.14 -43.44
CA GLN A 193 12.41 -3.19 -43.47
C GLN A 193 11.06 -3.87 -43.33
N ARG A 194 10.10 -3.10 -42.86
CA ARG A 194 8.71 -3.55 -42.89
C ARG A 194 8.25 -3.71 -44.32
N CYS A 195 7.44 -4.75 -44.56
CA CYS A 195 6.77 -4.92 -45.84
C CYS A 195 5.38 -5.46 -45.54
N PRO A 196 4.37 -5.05 -46.30
CA PRO A 196 2.99 -5.43 -45.95
C PRO A 196 2.82 -6.93 -46.04
N GLY A 197 1.89 -7.44 -45.23
CA GLY A 197 1.64 -8.88 -45.21
C GLY A 197 2.75 -9.70 -44.58
N ARG A 198 3.65 -9.08 -43.84
CA ARG A 198 4.74 -9.76 -43.18
C ARG A 198 4.96 -9.13 -41.81
N GLY A 199 5.29 -9.97 -40.82
CA GLY A 199 5.56 -9.45 -39.50
C GLY A 199 6.87 -8.69 -39.43
N ASP A 200 6.97 -7.82 -38.44
CA ASP A 200 8.16 -7.00 -38.25
C ASP A 200 9.20 -7.72 -37.40
N PHE A 201 10.47 -7.45 -37.69
CA PHE A 201 11.51 -7.58 -36.67
C PHE A 201 11.27 -6.54 -35.59
N ARG A 202 11.30 -6.95 -34.33
CA ARG A 202 11.21 -5.99 -33.24
C ARG A 202 12.20 -6.36 -32.14
N ILE A 203 12.71 -5.34 -31.49
CA ILE A 203 13.38 -5.48 -30.20
C ILE A 203 12.40 -5.01 -29.14
N TRP A 204 11.98 -5.92 -28.26
CA TRP A 204 11.00 -5.56 -27.24
C TRP A 204 11.57 -4.61 -26.20
N ASN A 205 12.84 -4.77 -25.83
CA ASN A 205 13.48 -3.86 -24.90
C ASN A 205 13.53 -2.44 -25.46
N SER A 206 13.39 -1.45 -24.57
CA SER A 206 13.47 -0.04 -24.95
C SER A 206 14.92 0.39 -25.16
N GLN A 207 15.85 -0.22 -24.43
CA GLN A 207 17.28 -0.02 -24.65
C GLN A 207 17.94 -1.38 -24.54
N LEU A 208 19.09 -1.52 -25.23
CA LEU A 208 19.78 -2.81 -25.23
C LEU A 208 20.24 -3.19 -23.83
N VAL A 209 20.70 -2.21 -23.06
CA VAL A 209 21.15 -2.45 -21.69
C VAL A 209 20.19 -1.73 -20.75
N ARG A 210 19.52 -2.49 -19.88
CA ARG A 210 18.63 -1.92 -18.88
C ARG A 210 18.67 -2.80 -17.63
N TYR A 211 18.41 -2.17 -16.48
CA TYR A 211 18.39 -2.85 -15.19
C TYR A 211 16.97 -3.27 -14.83
N ALA A 212 16.81 -4.52 -14.41
CA ALA A 212 15.51 -5.06 -14.03
C ALA A 212 14.88 -4.24 -12.91
N GLY A 213 13.55 -4.35 -12.81
CA GLY A 213 12.81 -3.72 -11.73
C GLY A 213 11.75 -4.63 -11.14
N TYR A 214 12.07 -5.28 -10.02
CA TYR A 214 11.20 -6.30 -9.42
C TYR A 214 10.22 -5.64 -8.46
N ARG A 215 8.92 -5.79 -8.73
CA ARG A 215 7.90 -5.30 -7.81
C ARG A 215 7.95 -6.09 -6.51
N GLN A 216 7.95 -5.38 -5.38
CA GLN A 216 8.11 -6.01 -4.07
C GLN A 216 6.76 -6.21 -3.39
N GLN A 217 6.81 -6.85 -2.22
CA GLN A 217 5.59 -7.27 -1.53
C GLN A 217 4.68 -6.08 -1.20
N ASP A 218 5.26 -4.90 -0.97
CA ASP A 218 4.53 -3.76 -0.44
C ASP A 218 4.17 -2.71 -1.48
N GLY A 219 4.34 -3.02 -2.77
CA GLY A 219 3.97 -2.09 -3.82
C GLY A 219 5.08 -1.17 -4.28
N SER A 220 6.29 -1.32 -3.75
CA SER A 220 7.46 -0.57 -4.22
C SER A 220 8.33 -1.45 -5.10
N VAL A 221 9.30 -0.83 -5.76
CA VAL A 221 10.16 -1.51 -6.72
C VAL A 221 11.55 -1.64 -6.12
N ARG A 222 12.21 -2.77 -6.40
CA ARG A 222 13.64 -2.94 -6.21
C ARG A 222 14.29 -2.97 -7.59
N GLY A 223 15.26 -2.08 -7.81
CA GLY A 223 15.82 -1.87 -9.14
C GLY A 223 15.23 -0.67 -9.84
N ASP A 224 15.25 -0.69 -11.18
CA ASP A 224 14.81 0.46 -11.97
C ASP A 224 13.31 0.38 -12.14
N PRO A 225 12.53 1.31 -11.59
CA PRO A 225 11.07 1.22 -11.73
C PRO A 225 10.57 1.51 -13.12
N ALA A 226 11.42 2.10 -13.97
CA ALA A 226 11.04 2.42 -15.33
C ALA A 226 10.89 1.15 -16.17
N ASN A 227 11.14 -0.01 -15.57
CA ASN A 227 11.27 -1.23 -16.32
C ASN A 227 10.47 -2.38 -15.71
N VAL A 228 9.38 -2.07 -14.99
CA VAL A 228 8.58 -3.13 -14.38
C VAL A 228 7.93 -3.99 -15.46
N GLU A 229 7.32 -3.35 -16.47
CA GLU A 229 6.59 -4.12 -17.47
C GLU A 229 7.53 -4.99 -18.30
N ILE A 230 8.71 -4.47 -18.65
CA ILE A 230 9.62 -5.30 -19.44
C ILE A 230 10.21 -6.41 -18.58
N THR A 231 10.45 -6.15 -17.29
CA THR A 231 10.88 -7.22 -16.41
C THR A 231 9.80 -8.31 -16.30
N GLU A 232 8.53 -7.92 -16.19
CA GLU A 232 7.43 -8.88 -16.15
C GLU A 232 7.45 -9.80 -17.36
N LEU A 233 7.47 -9.20 -18.57
CA LEU A 233 7.46 -9.99 -19.80
C LEU A 233 8.63 -10.96 -19.84
N CYS A 234 9.78 -10.58 -19.29
CA CYS A 234 10.94 -11.47 -19.34
C CYS A 234 10.71 -12.71 -18.50
N ILE A 235 10.04 -12.59 -17.36
CA ILE A 235 9.84 -13.74 -16.50
C ILE A 235 8.78 -14.68 -17.08
N GLN A 236 7.69 -14.11 -17.65
CA GLN A 236 6.68 -14.94 -18.31
C GLN A 236 7.24 -15.66 -19.52
N HIS A 237 8.40 -15.24 -20.02
CA HIS A 237 9.07 -15.92 -21.12
C HIS A 237 10.30 -16.70 -20.63
N GLY A 238 10.27 -17.19 -19.40
CA GLY A 238 11.22 -18.18 -18.96
C GLY A 238 12.51 -17.67 -18.34
N TRP A 239 12.61 -16.38 -18.05
CA TRP A 239 13.82 -15.86 -17.43
C TRP A 239 13.77 -16.14 -15.93
N THR A 240 14.93 -16.50 -15.38
CA THR A 240 15.06 -16.64 -13.94
C THR A 240 15.50 -15.29 -13.37
N PRO A 241 14.66 -14.60 -12.62
CA PRO A 241 15.04 -13.27 -12.12
C PRO A 241 16.09 -13.35 -11.02
N GLY A 242 16.67 -12.18 -10.74
CA GLY A 242 17.50 -11.97 -9.58
C GLY A 242 16.81 -11.12 -8.53
N ASN A 243 17.62 -10.52 -7.67
CA ASN A 243 17.07 -9.62 -6.66
C ASN A 243 18.04 -8.47 -6.34
N GLY A 244 19.03 -8.22 -7.18
CA GLY A 244 19.86 -7.05 -7.02
C GLY A 244 19.20 -5.80 -7.55
N ARG A 245 19.81 -4.65 -7.24
CA ARG A 245 19.33 -3.39 -7.76
C ARG A 245 19.80 -3.11 -9.17
N PHE A 246 20.75 -3.87 -9.69
CA PHE A 246 21.40 -3.54 -10.94
C PHE A 246 21.59 -4.79 -11.79
N ASP A 247 20.51 -5.58 -11.92
CA ASP A 247 20.54 -6.79 -12.73
C ASP A 247 20.25 -6.44 -14.19
N VAL A 248 21.19 -6.75 -15.07
CA VAL A 248 21.00 -6.47 -16.50
C VAL A 248 19.98 -7.42 -17.08
N LEU A 249 18.98 -6.86 -17.78
CA LEU A 249 17.88 -7.62 -18.36
C LEU A 249 18.32 -8.42 -19.59
N PRO A 250 17.63 -9.52 -19.88
CA PRO A 250 17.87 -10.21 -21.15
C PRO A 250 17.20 -9.47 -22.31
N LEU A 251 17.51 -9.91 -23.51
CA LEU A 251 16.95 -9.35 -24.72
C LEU A 251 15.77 -10.20 -25.16
N LEU A 252 14.62 -9.56 -25.39
CA LEU A 252 13.45 -10.21 -25.97
C LEU A 252 13.41 -9.82 -27.45
N LEU A 253 13.79 -10.76 -28.32
CA LEU A 253 13.95 -10.50 -29.74
C LEU A 253 12.85 -11.20 -30.52
N GLN A 254 12.32 -10.54 -31.54
CA GLN A 254 11.17 -11.04 -32.28
C GLN A 254 11.47 -11.01 -33.78
N ALA A 255 11.60 -12.20 -34.37
CA ALA A 255 11.68 -12.38 -35.81
C ALA A 255 10.28 -12.39 -36.41
N PRO A 256 10.15 -12.12 -37.72
CA PRO A 256 8.80 -11.94 -38.30
C PRO A 256 7.90 -13.15 -38.07
N ASP A 257 6.76 -12.89 -37.42
CA ASP A 257 5.65 -13.83 -37.24
C ASP A 257 5.99 -14.95 -36.26
N GLU A 258 7.24 -15.00 -35.79
CA GLU A 258 7.72 -15.85 -34.70
C GLU A 258 7.62 -15.10 -33.37
N PRO A 259 7.27 -15.76 -32.28
CA PRO A 259 7.11 -15.06 -30.99
C PRO A 259 8.47 -14.66 -30.42
N PRO A 260 8.49 -13.79 -29.40
CA PRO A 260 9.78 -13.33 -28.86
C PRO A 260 10.58 -14.44 -28.20
N GLU A 261 11.89 -14.44 -28.49
CA GLU A 261 12.84 -15.42 -28.00
C GLU A 261 13.79 -14.75 -27.02
N LEU A 262 14.04 -15.39 -25.88
CA LEU A 262 14.87 -14.82 -24.83
C LEU A 262 16.35 -15.03 -25.14
N PHE A 263 17.15 -13.98 -24.95
CA PHE A 263 18.59 -14.07 -25.18
C PHE A 263 19.31 -13.35 -24.05
N LEU A 264 20.18 -14.07 -23.35
CA LEU A 264 21.02 -13.48 -22.32
C LEU A 264 22.21 -12.77 -22.95
N LEU A 265 22.49 -11.57 -22.47
CA LEU A 265 23.71 -10.86 -22.90
C LEU A 265 24.89 -11.31 -22.04
N PRO A 266 26.00 -11.75 -22.66
CA PRO A 266 27.20 -12.14 -21.88
C PRO A 266 27.67 -10.99 -21.01
N PRO A 267 27.98 -11.26 -19.73
CA PRO A 267 28.36 -10.15 -18.82
C PRO A 267 29.58 -9.37 -19.27
N GLU A 268 30.56 -10.02 -19.88
CA GLU A 268 31.77 -9.32 -20.33
C GLU A 268 31.47 -8.30 -21.42
N LEU A 269 30.30 -8.36 -22.04
CA LEU A 269 29.93 -7.46 -23.11
C LEU A 269 29.32 -6.15 -22.62
N VAL A 270 28.73 -6.14 -21.42
CA VAL A 270 28.09 -4.94 -20.86
C VAL A 270 29.10 -4.28 -19.94
N LEU A 271 29.70 -3.20 -20.41
CA LEU A 271 30.65 -2.44 -19.61
C LEU A 271 29.89 -1.58 -18.61
N GLU A 272 30.28 -1.67 -17.34
CA GLU A 272 29.62 -0.96 -16.26
C GLU A 272 30.64 -0.12 -15.49
N VAL A 273 30.14 0.93 -14.85
CA VAL A 273 30.96 1.93 -14.16
C VAL A 273 30.47 2.02 -12.72
N PRO A 274 31.30 1.69 -11.73
CA PRO A 274 30.91 1.93 -10.35
C PRO A 274 30.97 3.42 -10.07
N LEU A 275 30.05 3.91 -9.27
CA LEU A 275 30.00 5.35 -9.04
C LEU A 275 30.71 5.68 -7.73
N GLU A 276 31.67 6.59 -7.81
CA GLU A 276 32.42 7.05 -6.66
CA GLU A 276 32.43 7.05 -6.66
C GLU A 276 32.62 8.56 -6.80
N HIS A 277 32.85 9.21 -5.68
CA HIS A 277 32.99 10.66 -5.68
C HIS A 277 34.43 11.03 -5.36
N PRO A 278 34.98 12.08 -5.98
CA PRO A 278 36.40 12.40 -5.72
C PRO A 278 36.72 12.78 -4.28
N THR A 279 35.81 13.42 -3.54
CA THR A 279 36.15 13.86 -2.18
C THR A 279 35.28 13.27 -1.09
N LEU A 280 34.04 12.88 -1.38
CA LEU A 280 33.15 12.26 -0.40
C LEU A 280 33.42 10.76 -0.44
N GLU A 281 34.25 10.28 0.49
CA GLU A 281 34.71 8.90 0.42
C GLU A 281 33.56 7.91 0.61
N TRP A 282 32.48 8.32 1.27
CA TRP A 282 31.38 7.40 1.54
C TRP A 282 30.51 7.15 0.31
N PHE A 283 30.65 7.93 -0.75
CA PHE A 283 29.74 7.79 -1.90
C PHE A 283 29.86 6.40 -2.51
N ALA A 284 31.08 5.88 -2.61
CA ALA A 284 31.30 4.53 -3.11
C ALA A 284 30.44 3.50 -2.37
N ALA A 285 30.29 3.67 -1.05
CA ALA A 285 29.52 2.74 -0.23
C ALA A 285 28.02 2.66 -0.60
N LEU A 286 27.47 3.65 -1.29
CA LEU A 286 26.09 3.54 -1.73
C LEU A 286 25.90 2.37 -2.69
N GLY A 287 26.98 1.90 -3.30
CA GLY A 287 26.87 0.78 -4.20
C GLY A 287 26.20 1.08 -5.52
N LEU A 288 26.19 2.34 -5.94
CA LEU A 288 25.60 2.71 -7.21
C LEU A 288 26.54 2.37 -8.36
N ARG A 289 25.95 2.21 -9.54
CA ARG A 289 26.67 1.93 -10.79
C ARG A 289 25.74 2.22 -11.96
N TRP A 290 26.33 2.37 -13.14
CA TRP A 290 25.55 2.54 -14.35
C TRP A 290 26.33 1.95 -15.51
N TYR A 291 25.63 1.70 -16.62
CA TYR A 291 26.30 1.11 -17.77
C TYR A 291 26.86 2.19 -18.70
N ALA A 292 27.83 1.78 -19.53
CA ALA A 292 28.57 2.72 -20.36
C ALA A 292 27.80 3.19 -21.60
N LEU A 293 26.86 2.39 -22.08
CA LEU A 293 26.39 2.52 -23.46
C LEU A 293 24.90 2.80 -23.53
N PRO A 294 24.49 3.99 -23.94
CA PRO A 294 23.07 4.27 -24.18
C PRO A 294 22.67 3.83 -25.58
N ALA A 295 21.88 2.77 -25.66
CA ALA A 295 21.59 2.07 -26.91
C ALA A 295 20.07 1.92 -27.04
N VAL A 296 19.45 2.81 -27.77
CA VAL A 296 18.00 2.87 -27.86
C VAL A 296 17.50 1.90 -28.93
N SER A 297 16.51 1.08 -28.59
CA SER A 297 16.16 -0.04 -29.44
C SER A 297 14.67 -0.13 -29.77
N ASN A 298 13.86 0.87 -29.42
CA ASN A 298 12.42 0.82 -29.63
C ASN A 298 11.91 1.87 -30.62
N MET A 299 12.80 2.56 -31.34
CA MET A 299 12.37 3.55 -32.32
C MET A 299 12.38 2.98 -33.74
N LEU A 300 11.56 3.59 -34.59
CA LEU A 300 11.40 3.22 -35.98
C LEU A 300 12.15 4.23 -36.84
N LEU A 301 13.06 3.73 -37.68
CA LEU A 301 13.78 4.55 -38.64
C LEU A 301 12.99 4.63 -39.93
N GLU A 302 12.82 5.84 -40.45
CA GLU A 302 12.02 6.08 -41.64
C GLU A 302 12.90 6.76 -42.67
N ILE A 303 13.06 6.13 -43.83
CA ILE A 303 13.90 6.67 -44.88
C ILE A 303 13.15 6.52 -46.19
N GLY A 304 12.87 7.64 -46.86
CA GLY A 304 12.25 7.58 -48.18
C GLY A 304 11.01 6.72 -48.27
N GLY A 305 10.12 6.82 -47.28
CA GLY A 305 8.89 6.03 -47.27
C GLY A 305 9.04 4.60 -46.82
N LEU A 306 10.28 4.13 -46.63
CA LEU A 306 10.52 2.82 -46.05
C LEU A 306 10.64 2.95 -44.54
N GLU A 307 10.26 1.89 -43.84
CA GLU A 307 10.25 1.88 -42.39
C GLU A 307 11.06 0.70 -41.88
N PHE A 308 11.94 0.95 -40.92
CA PHE A 308 12.78 -0.09 -40.32
C PHE A 308 12.41 -0.14 -38.84
N PRO A 309 11.51 -1.04 -38.45
CA PRO A 309 11.05 -1.03 -37.04
C PRO A 309 12.10 -1.49 -36.04
N ALA A 310 13.15 -2.17 -36.49
CA ALA A 310 14.24 -2.61 -35.63
C ALA A 310 15.51 -1.96 -36.16
N ALA A 311 15.98 -0.93 -35.48
CA ALA A 311 17.17 -0.19 -35.91
C ALA A 311 17.83 0.43 -34.68
N PRO A 312 18.39 -0.39 -33.80
CA PRO A 312 18.99 0.13 -32.57
C PRO A 312 20.20 1.01 -32.87
N PHE A 313 20.35 2.08 -32.09
CA PHE A 313 21.44 3.01 -32.28
C PHE A 313 21.97 3.45 -30.94
N SER A 314 23.23 3.86 -30.92
CA SER A 314 23.86 4.19 -29.66
C SER A 314 24.92 5.27 -29.85
N GLY A 315 25.19 5.99 -28.77
CA GLY A 315 26.27 6.94 -28.73
C GLY A 315 26.93 6.84 -27.37
N TRP A 316 27.06 7.97 -26.69
CA TRP A 316 27.58 7.97 -25.33
C TRP A 316 26.77 8.97 -24.51
N TYR A 317 26.95 8.91 -23.21
CA TYR A 317 26.07 9.63 -22.30
C TYR A 317 26.49 11.06 -22.10
N MET A 318 25.49 11.91 -21.88
CA MET A 318 25.68 13.17 -21.21
C MET A 318 25.42 12.93 -19.71
N SER A 319 26.32 13.45 -18.86
CA SER A 319 26.28 13.13 -17.42
C SER A 319 24.90 13.36 -16.79
N THR A 320 24.24 14.48 -17.12
CA THR A 320 22.94 14.75 -16.51
C THR A 320 21.91 13.67 -16.83
N GLU A 321 22.06 12.93 -17.93
CA GLU A 321 21.13 11.82 -18.13
C GLU A 321 21.27 10.80 -17.00
N ILE A 322 22.50 10.50 -16.59
CA ILE A 322 22.69 9.51 -15.54
C ILE A 322 22.44 10.14 -14.19
N GLY A 323 23.07 11.28 -13.92
CA GLY A 323 23.02 11.85 -12.58
C GLY A 323 21.64 12.39 -12.23
N THR A 324 21.03 13.12 -13.15
CA THR A 324 19.77 13.76 -12.81
C THR A 324 18.56 12.89 -13.15
N ARG A 325 18.49 12.37 -14.38
CA ARG A 325 17.31 11.60 -14.75
C ARG A 325 17.30 10.23 -14.06
N ASN A 326 18.35 9.44 -14.25
CA ASN A 326 18.26 8.03 -13.89
C ASN A 326 18.43 7.80 -12.39
N LEU A 327 19.21 8.64 -11.72
CA LEU A 327 19.43 8.46 -10.29
C LEU A 327 18.58 9.36 -9.42
N CYS A 328 18.11 10.51 -9.92
CA CYS A 328 17.41 11.47 -9.07
C CYS A 328 15.91 11.58 -9.31
N ASP A 329 15.40 11.19 -10.48
CA ASP A 329 13.97 11.34 -10.72
C ASP A 329 13.19 10.51 -9.71
N PRO A 330 12.07 11.04 -9.16
CA PRO A 330 11.36 10.31 -8.09
C PRO A 330 10.80 8.98 -8.54
N HIS A 331 10.56 8.83 -9.84
CA HIS A 331 10.05 7.59 -10.40
C HIS A 331 11.16 6.68 -10.89
N ARG A 332 12.41 7.05 -10.69
CA ARG A 332 13.56 6.24 -11.06
C ARG A 332 14.24 5.75 -9.77
N TYR A 333 15.57 5.84 -9.64
CA TYR A 333 16.22 5.34 -8.45
C TYR A 333 16.02 6.24 -7.23
N ASN A 334 15.66 7.51 -7.43
CA ASN A 334 15.17 8.36 -6.33
C ASN A 334 16.14 8.38 -5.13
N ILE A 335 17.42 8.60 -5.43
CA ILE A 335 18.46 8.54 -4.40
C ILE A 335 18.71 9.88 -3.74
N LEU A 336 18.03 10.94 -4.15
CA LEU A 336 18.44 12.29 -3.78
C LEU A 336 18.41 12.48 -2.28
N GLU A 337 17.34 12.03 -1.63
CA GLU A 337 17.23 12.12 -0.19
C GLU A 337 18.35 11.36 0.52
N ASP A 338 18.67 10.15 0.04
CA ASP A 338 19.71 9.35 0.69
C ASP A 338 21.06 10.05 0.60
N VAL A 339 21.36 10.67 -0.54
CA VAL A 339 22.63 11.39 -0.66
C VAL A 339 22.66 12.61 0.24
N ALA A 340 21.52 13.30 0.38
CA ALA A 340 21.51 14.52 1.17
C ALA A 340 21.73 14.21 2.65
N VAL A 341 21.19 13.08 3.11
CA VAL A 341 21.47 12.63 4.47
C VAL A 341 22.96 12.41 4.67
N CYS A 342 23.61 11.69 3.73
CA CYS A 342 25.04 11.42 3.86
C CYS A 342 25.89 12.69 3.82
N MET A 343 25.38 13.77 3.22
CA MET A 343 26.10 15.05 3.19
C MET A 343 25.78 15.92 4.41
N ASP A 344 24.91 15.45 5.32
CA ASP A 344 24.54 16.19 6.53
C ASP A 344 23.85 17.51 6.21
N LEU A 345 23.09 17.55 5.12
CA LEU A 345 22.36 18.76 4.75
C LEU A 345 21.03 18.84 5.49
N ASP A 346 20.55 20.07 5.70
CA ASP A 346 19.26 20.31 6.35
C ASP A 346 18.15 20.04 5.35
N THR A 347 17.56 18.85 5.41
CA THR A 347 16.51 18.44 4.49
C THR A 347 15.11 18.73 5.03
N ARG A 348 14.99 19.58 6.05
CA ARG A 348 13.67 19.90 6.59
C ARG A 348 13.04 21.09 5.88
N THR A 349 13.82 21.92 5.22
CA THR A 349 13.34 23.11 4.52
C THR A 349 13.85 23.15 3.08
N THR A 350 12.96 23.47 2.14
CA THR A 350 13.38 23.56 0.75
C THR A 350 14.34 24.72 0.49
N SER A 351 14.40 25.72 1.39
CA SER A 351 15.18 26.92 1.11
C SER A 351 16.65 26.79 1.49
N SER A 352 17.10 25.67 2.04
CA SER A 352 18.54 25.46 2.13
C SER A 352 19.11 24.96 0.81
N LEU A 353 18.25 24.63 -0.16
CA LEU A 353 18.66 24.16 -1.48
C LEU A 353 19.41 22.83 -1.40
N TRP A 354 19.06 22.02 -0.40
CA TRP A 354 19.69 20.70 -0.27
C TRP A 354 19.47 19.84 -1.51
N LYS A 355 18.27 19.90 -2.11
CA LYS A 355 18.08 19.16 -3.36
C LYS A 355 19.11 19.57 -4.40
N ASP A 356 19.33 20.87 -4.54
CA ASP A 356 20.25 21.36 -5.58
C ASP A 356 21.68 20.96 -5.27
N LYS A 357 22.09 21.09 -4.00
CA LYS A 357 23.45 20.69 -3.63
C LYS A 357 23.67 19.20 -3.88
N ALA A 358 22.73 18.37 -3.43
CA ALA A 358 22.86 16.92 -3.60
C ALA A 358 22.89 16.55 -5.08
N ALA A 359 22.09 17.23 -5.90
CA ALA A 359 22.05 16.88 -7.32
C ALA A 359 23.39 17.15 -7.99
N VAL A 360 24.03 18.26 -7.65
CA VAL A 360 25.29 18.63 -8.29
C VAL A 360 26.38 17.63 -7.95
N GLU A 361 26.45 17.20 -6.68
CA GLU A 361 27.49 16.25 -6.29
C GLU A 361 27.27 14.88 -6.91
N ILE A 362 26.01 14.48 -7.10
CA ILE A 362 25.74 13.25 -7.84
C ILE A 362 26.28 13.36 -9.26
N ASN A 363 26.04 14.50 -9.93
CA ASN A 363 26.59 14.70 -11.25
C ASN A 363 28.11 14.80 -11.23
N VAL A 364 28.70 15.36 -10.18
CA VAL A 364 30.16 15.35 -10.11
C VAL A 364 30.67 13.91 -10.02
N ALA A 365 29.99 13.09 -9.24
CA ALA A 365 30.37 11.70 -9.09
C ALA A 365 30.27 10.95 -10.42
N VAL A 366 29.23 11.21 -11.20
CA VAL A 366 29.10 10.54 -12.49
C VAL A 366 30.29 10.89 -13.37
N LEU A 367 30.60 12.18 -13.50
CA LEU A 367 31.70 12.57 -14.39
C LEU A 367 33.01 11.95 -13.92
N HIS A 368 33.29 12.07 -12.61
CA HIS A 368 34.52 11.55 -12.07
C HIS A 368 34.62 10.04 -12.30
N SER A 369 33.53 9.31 -12.08
CA SER A 369 33.60 7.86 -12.21
C SER A 369 33.80 7.43 -13.67
N TYR A 370 33.15 8.11 -14.62
CA TYR A 370 33.34 7.70 -16.02
C TYR A 370 34.76 8.01 -16.49
N GLN A 371 35.28 9.19 -16.16
CA GLN A 371 36.64 9.54 -16.58
C GLN A 371 37.67 8.63 -15.91
N LEU A 372 37.50 8.35 -14.62
CA LEU A 372 38.41 7.41 -13.95
C LEU A 372 38.38 6.06 -14.62
N ALA A 373 37.20 5.59 -15.02
CA ALA A 373 37.08 4.28 -15.66
C ALA A 373 37.41 4.29 -17.15
N LYS A 374 37.82 5.45 -17.71
CA LYS A 374 38.15 5.57 -19.14
C LYS A 374 36.96 5.21 -20.04
N VAL A 375 35.77 5.61 -19.62
CA VAL A 375 34.57 5.45 -20.43
C VAL A 375 34.13 6.84 -20.85
N THR A 376 33.99 7.04 -22.16
CA THR A 376 33.59 8.33 -22.72
C THR A 376 32.30 8.85 -22.07
N ILE A 377 32.31 10.14 -21.73
CA ILE A 377 31.13 10.84 -21.22
C ILE A 377 31.34 12.32 -21.49
N VAL A 378 30.27 13.09 -21.50
CA VAL A 378 30.39 14.53 -21.72
C VAL A 378 29.48 15.27 -20.76
N ASP A 379 29.99 16.35 -20.18
CA ASP A 379 29.17 17.15 -19.28
C ASP A 379 28.24 18.05 -20.10
N HIS A 380 27.19 18.54 -19.44
CA HIS A 380 26.18 19.32 -20.16
C HIS A 380 26.72 20.67 -20.63
N HIS A 381 27.76 21.21 -20.00
CA HIS A 381 28.34 22.44 -20.53
C HIS A 381 29.10 22.21 -21.82
N ALA A 382 29.88 21.13 -21.89
CA ALA A 382 30.57 20.82 -23.13
C ALA A 382 29.59 20.42 -24.23
N ALA A 383 28.54 19.68 -23.86
CA ALA A 383 27.57 19.22 -24.84
C ALA A 383 26.84 20.40 -25.47
N THR A 384 26.34 21.34 -24.64
CA THR A 384 25.58 22.46 -25.18
C THR A 384 26.46 23.43 -25.96
N ALA A 385 27.70 23.64 -25.54
CA ALA A 385 28.64 24.43 -26.34
C ALA A 385 28.85 23.82 -27.73
N SER A 386 28.98 22.49 -27.81
CA SER A 386 29.13 21.85 -29.12
CA SER A 386 29.12 21.84 -29.11
C SER A 386 27.83 21.92 -29.92
N PHE A 387 26.68 21.86 -29.25
CA PHE A 387 25.42 22.05 -29.97
C PHE A 387 25.29 23.46 -30.51
N MET A 388 25.82 24.46 -29.82
CA MET A 388 25.79 25.81 -30.39
C MET A 388 26.63 25.88 -31.64
N LYS A 389 27.80 25.24 -31.64
CA LYS A 389 28.58 25.17 -32.87
C LYS A 389 27.84 24.43 -33.96
N HIS A 390 27.12 23.36 -33.61
CA HIS A 390 26.33 22.63 -34.59
C HIS A 390 25.27 23.52 -35.24
N LEU A 391 24.68 24.46 -34.47
CA LEU A 391 23.69 25.39 -35.04
C LEU A 391 24.32 26.32 -36.05
N GLU A 392 25.50 26.87 -35.72
CA GLU A 392 26.22 27.71 -36.68
C GLU A 392 26.56 26.94 -37.96
N ASN A 393 27.09 25.72 -37.83
CA ASN A 393 27.39 24.90 -38.99
C ASN A 393 26.15 24.64 -39.82
N GLU A 394 25.02 24.35 -39.16
CA GLU A 394 23.82 23.94 -39.86
C GLU A 394 23.19 25.09 -40.60
N GLN A 395 23.37 26.33 -40.09
CA GLN A 395 22.80 27.49 -40.76
C GLN A 395 23.45 27.70 -42.12
N LYS A 396 24.79 27.56 -42.20
CA LYS A 396 25.43 27.66 -43.51
C LYS A 396 25.03 26.51 -44.42
N ALA A 397 25.04 25.27 -43.89
CA ALA A 397 24.86 24.09 -44.72
C ALA A 397 23.43 23.98 -45.26
N ARG A 398 22.44 24.30 -44.43
CA ARG A 398 21.05 24.02 -44.76
C ARG A 398 20.09 25.18 -44.49
N GLY A 399 20.57 26.31 -43.96
CA GLY A 399 19.68 27.40 -43.63
C GLY A 399 18.83 27.20 -42.41
N GLY A 400 19.26 26.37 -41.47
CA GLY A 400 18.53 26.22 -40.23
C GLY A 400 18.80 24.87 -39.60
N CYS A 401 18.08 24.60 -38.53
CA CYS A 401 18.27 23.38 -37.76
C CYS A 401 17.07 23.17 -36.86
N PRO A 402 16.31 22.08 -37.02
CA PRO A 402 15.19 21.82 -36.11
C PRO A 402 15.69 21.44 -34.72
N ALA A 403 15.13 22.09 -33.70
CA ALA A 403 15.59 21.91 -32.33
C ALA A 403 14.43 22.14 -31.38
N ASP A 404 14.29 21.23 -30.42
CA ASP A 404 13.26 21.23 -29.40
C ASP A 404 13.85 21.79 -28.10
N TRP A 405 13.51 23.05 -27.79
CA TRP A 405 14.18 23.79 -26.73
C TRP A 405 14.06 23.11 -25.37
N ALA A 406 12.89 22.56 -25.05
CA ALA A 406 12.70 21.91 -23.76
C ALA A 406 13.57 20.67 -23.59
N TRP A 407 14.01 20.02 -24.67
CA TRP A 407 14.87 18.86 -24.52
C TRP A 407 16.33 19.19 -24.75
N ILE A 408 16.63 20.28 -25.47
CA ILE A 408 18.01 20.71 -25.65
C ILE A 408 18.58 21.34 -24.38
N VAL A 409 17.77 22.08 -23.64
CA VAL A 409 18.27 22.72 -22.41
C VAL A 409 18.45 21.63 -21.35
N PRO A 410 19.62 21.50 -20.72
CA PRO A 410 19.83 20.38 -19.78
C PRO A 410 18.93 20.52 -18.56
N PRO A 411 18.59 19.41 -17.90
CA PRO A 411 17.65 19.45 -16.79
C PRO A 411 18.20 20.00 -15.48
N ILE A 412 19.49 20.31 -15.39
CA ILE A 412 19.99 21.13 -14.29
C ILE A 412 20.85 22.22 -14.89
N SER A 413 20.94 23.35 -14.19
CA SER A 413 21.80 24.47 -14.58
C SER A 413 21.48 24.98 -15.98
N GLY A 414 20.20 24.92 -16.38
CA GLY A 414 19.74 25.42 -17.66
C GLY A 414 20.31 26.75 -18.11
N SER A 415 20.08 27.82 -17.35
CA SER A 415 20.46 29.14 -17.86
C SER A 415 21.96 29.40 -17.78
N LEU A 416 22.73 28.49 -17.20
CA LEU A 416 24.17 28.66 -17.19
C LEU A 416 24.83 28.11 -18.46
N THR A 417 24.07 27.48 -19.36
CA THR A 417 24.57 26.98 -20.64
C THR A 417 24.19 27.93 -21.76
N PRO A 418 24.93 27.91 -22.86
CA PRO A 418 24.65 28.84 -23.96
C PRO A 418 23.35 28.57 -24.73
N VAL A 419 22.69 27.42 -24.56
CA VAL A 419 21.47 27.18 -25.33
C VAL A 419 20.23 27.78 -24.67
N PHE A 420 20.31 28.15 -23.40
CA PHE A 420 19.14 28.65 -22.71
C PHE A 420 18.60 29.91 -23.39
N HIS A 421 19.48 30.83 -23.77
CA HIS A 421 19.10 32.10 -24.36
C HIS A 421 19.06 32.05 -25.88
N GLN A 422 19.16 30.86 -26.47
CA GLN A 422 19.08 30.67 -27.92
C GLN A 422 17.65 30.29 -28.30
N GLU A 423 16.98 31.16 -29.07
CA GLU A 423 15.69 30.80 -29.65
C GLU A 423 15.85 29.66 -30.65
N MET A 424 14.84 28.80 -30.70
CA MET A 424 14.90 27.58 -31.51
C MET A 424 13.57 27.35 -32.21
N VAL A 425 13.64 26.70 -33.37
CA VAL A 425 12.47 26.38 -34.18
C VAL A 425 12.38 24.86 -34.27
N ASN A 426 11.19 24.34 -34.03
CA ASN A 426 10.97 22.89 -34.01
C ASN A 426 10.04 22.49 -35.14
N TYR A 427 10.46 21.51 -35.93
CA TYR A 427 9.69 21.03 -37.07
C TYR A 427 10.24 19.65 -37.44
N PHE A 428 9.49 18.94 -38.26
CA PHE A 428 9.74 17.54 -38.56
C PHE A 428 10.30 17.42 -39.97
N LEU A 429 11.53 16.94 -40.07
CA LEU A 429 12.13 16.61 -41.35
C LEU A 429 12.29 15.11 -41.51
N SER A 430 12.35 14.66 -42.75
CA SER A 430 12.61 13.28 -43.13
C SER A 430 13.94 13.17 -43.87
N PRO A 431 14.71 12.09 -43.67
CA PRO A 431 14.58 10.90 -42.80
C PRO A 431 14.47 11.25 -41.32
N ALA A 432 13.91 10.35 -40.52
CA ALA A 432 13.58 10.63 -39.14
C ALA A 432 13.55 9.34 -38.31
N PHE A 433 13.86 9.46 -37.03
CA PHE A 433 13.46 8.49 -36.02
C PHE A 433 12.08 8.85 -35.45
N ARG A 434 11.24 7.85 -35.21
CA ARG A 434 9.87 8.06 -34.76
C ARG A 434 9.54 7.04 -33.68
N TYR A 435 8.65 7.43 -32.77
CA TYR A 435 8.17 6.46 -31.80
C TYR A 435 7.20 5.50 -32.49
N GLN A 436 6.99 4.36 -31.87
CA GLN A 436 6.10 3.37 -32.45
C GLN A 436 5.37 2.66 -31.33
N PRO A 437 4.18 2.11 -31.62
CA PRO A 437 3.48 1.33 -30.60
C PRO A 437 4.34 0.20 -30.07
N ASP A 438 4.03 -0.25 -28.87
CA ASP A 438 4.74 -1.39 -28.31
C ASP A 438 4.38 -2.66 -29.07
N PRO A 439 5.31 -3.62 -29.12
CA PRO A 439 5.03 -4.87 -29.85
C PRO A 439 4.08 -5.82 -29.13
N TRP A 440 3.57 -5.46 -27.96
CA TRP A 440 2.57 -6.26 -27.27
C TRP A 440 1.26 -5.49 -27.08
N LYS B 27 -10.03 16.25 -29.57
CA LYS B 27 -10.85 17.46 -29.66
C LYS B 27 -10.23 18.57 -28.81
N PHE B 28 -10.01 18.28 -27.54
CA PHE B 28 -9.30 19.18 -26.64
C PHE B 28 -7.95 18.59 -26.28
N PRO B 29 -6.92 19.42 -26.18
CA PRO B 29 -5.57 18.88 -25.90
C PRO B 29 -5.52 18.10 -24.59
N ARG B 30 -4.95 16.90 -24.67
CA ARG B 30 -4.72 16.04 -23.51
C ARG B 30 -3.35 16.38 -22.93
N VAL B 31 -3.29 16.55 -21.62
CA VAL B 31 -2.11 17.05 -20.92
C VAL B 31 -1.78 16.10 -19.79
N LYS B 32 -0.58 15.52 -19.82
CA LYS B 32 -0.21 14.49 -18.88
C LYS B 32 0.86 14.98 -17.91
N ASN B 33 0.76 14.58 -16.66
CA ASN B 33 1.85 14.76 -15.71
C ASN B 33 2.61 13.44 -15.59
N TRP B 34 3.86 13.44 -16.03
CA TRP B 34 4.61 12.20 -16.17
C TRP B 34 5.22 11.73 -14.86
N GLU B 35 5.13 12.51 -13.79
CA GLU B 35 5.61 12.11 -12.48
C GLU B 35 4.54 11.37 -11.69
N VAL B 36 3.27 11.68 -11.94
CA VAL B 36 2.15 11.05 -11.26
C VAL B 36 1.35 10.12 -12.17
N GLY B 37 1.28 10.41 -13.47
CA GLY B 37 0.47 9.64 -14.40
C GLY B 37 -0.90 10.23 -14.67
N SER B 38 -1.21 11.39 -14.10
CA SER B 38 -2.55 11.98 -14.21
C SER B 38 -2.73 12.73 -15.54
N ILE B 39 -3.98 12.75 -16.00
CA ILE B 39 -4.32 13.22 -17.33
C ILE B 39 -5.50 14.17 -17.23
N THR B 40 -5.35 15.36 -17.83
CA THR B 40 -6.45 16.30 -17.92
C THR B 40 -6.58 16.76 -19.37
N TYR B 41 -7.74 17.31 -19.70
CA TYR B 41 -8.03 17.82 -21.04
C TYR B 41 -8.30 19.32 -20.95
N ASP B 42 -7.54 20.11 -21.69
CA ASP B 42 -7.59 21.58 -21.58
C ASP B 42 -8.66 22.09 -22.52
N THR B 43 -9.82 22.40 -21.94
CA THR B 43 -10.94 22.92 -22.70
C THR B 43 -10.93 24.44 -22.79
N LEU B 44 -10.17 25.11 -21.91
CA LEU B 44 -10.17 26.56 -21.89
C LEU B 44 -9.45 27.14 -23.12
N SER B 45 -8.55 26.38 -23.73
CA SER B 45 -7.85 26.84 -24.91
C SER B 45 -8.81 27.17 -26.05
N ALA B 46 -10.01 26.58 -26.06
CA ALA B 46 -11.01 26.94 -27.05
C ALA B 46 -11.47 28.39 -26.94
N GLN B 47 -11.29 29.04 -25.79
CA GLN B 47 -11.54 30.47 -25.66
C GLN B 47 -10.40 31.34 -26.18
N ALA B 48 -9.33 30.76 -26.73
CA ALA B 48 -8.11 31.52 -26.99
C ALA B 48 -8.42 32.69 -27.91
N GLN B 49 -8.29 33.90 -27.39
CA GLN B 49 -8.76 35.12 -28.03
C GLN B 49 -7.71 35.77 -28.94
N GLN B 50 -6.63 35.06 -29.27
CA GLN B 50 -5.59 35.60 -30.12
C GLN B 50 -4.99 34.45 -30.92
N ASP B 51 -4.01 34.79 -31.75
CA ASP B 51 -3.24 33.79 -32.49
C ASP B 51 -1.76 33.95 -32.15
N GLY B 52 -1.16 32.86 -31.70
CA GLY B 52 0.26 32.84 -31.39
C GLY B 52 1.09 32.56 -32.62
N PRO B 53 2.39 32.33 -32.40
CA PRO B 53 3.33 32.19 -33.52
C PRO B 53 3.40 30.81 -34.13
N CYS B 54 2.84 29.79 -33.48
CA CYS B 54 3.03 28.43 -33.95
C CYS B 54 2.06 28.11 -35.09
N THR B 55 2.41 27.09 -35.86
CA THR B 55 1.60 26.52 -36.95
C THR B 55 1.78 25.00 -36.95
N PRO B 56 0.97 24.26 -37.69
CA PRO B 56 1.17 22.81 -37.74
C PRO B 56 2.52 22.41 -38.27
N ARG B 57 3.23 23.31 -38.95
CA ARG B 57 4.48 22.93 -39.61
C ARG B 57 5.72 23.36 -38.85
N ARG B 58 5.61 24.31 -37.91
CA ARG B 58 6.75 24.58 -37.05
C ARG B 58 6.32 25.32 -35.81
N CYS B 59 6.97 24.98 -34.70
CA CYS B 59 6.69 25.55 -33.39
C CYS B 59 7.70 26.65 -33.11
N LEU B 60 7.22 27.77 -32.58
CA LEU B 60 8.05 28.92 -32.24
C LEU B 60 7.82 29.30 -30.80
N GLY B 61 7.43 28.33 -29.97
CA GLY B 61 7.10 28.59 -28.59
C GLY B 61 8.26 29.07 -27.74
N SER B 62 9.49 29.09 -28.26
CA SER B 62 10.62 29.61 -27.51
C SER B 62 10.96 31.07 -27.86
N LEU B 63 10.27 31.70 -28.82
CA LEU B 63 10.48 33.10 -29.11
C LEU B 63 10.17 33.95 -27.87
N VAL B 64 11.00 34.95 -27.61
CA VAL B 64 10.79 35.81 -26.45
C VAL B 64 9.67 36.80 -26.72
N PHE B 65 9.69 37.44 -27.89
CA PHE B 65 8.68 38.44 -28.28
C PHE B 65 8.04 37.97 -29.56
N PRO B 66 6.97 37.16 -29.49
CA PRO B 66 6.25 36.74 -30.70
C PRO B 66 5.13 37.71 -31.11
N ALA B 79 -13.32 49.62 -36.45
CA ALA B 79 -12.87 50.02 -35.12
C ALA B 79 -13.98 49.87 -34.05
N PRO B 80 -15.18 50.45 -34.27
CA PRO B 80 -16.20 50.37 -33.20
C PRO B 80 -16.64 48.96 -32.86
N GLU B 81 -16.81 48.07 -33.84
CA GLU B 81 -17.27 46.71 -33.54
C GLU B 81 -16.12 45.80 -33.13
N GLN B 82 -14.88 46.17 -33.43
CA GLN B 82 -13.74 45.49 -32.83
C GLN B 82 -13.66 45.78 -31.33
N LEU B 83 -13.86 47.05 -30.95
CA LEU B 83 -13.92 47.39 -29.53
C LEU B 83 -15.16 46.79 -28.87
N LEU B 84 -16.32 46.95 -29.52
CA LEU B 84 -17.57 46.45 -28.94
C LEU B 84 -17.53 44.96 -28.70
N SER B 85 -16.92 44.21 -29.61
CA SER B 85 -16.87 42.77 -29.44
C SER B 85 -15.95 42.36 -28.29
N GLN B 86 -14.82 43.05 -28.13
CA GLN B 86 -13.93 42.76 -26.99
C GLN B 86 -14.57 43.17 -25.68
N ALA B 87 -15.28 44.31 -25.67
CA ALA B 87 -15.97 44.78 -24.47
C ALA B 87 -17.09 43.81 -24.05
N ARG B 88 -17.93 43.39 -25.01
CA ARG B 88 -18.99 42.45 -24.69
C ARG B 88 -18.43 41.13 -24.14
N ASP B 89 -17.33 40.62 -24.71
CA ASP B 89 -16.77 39.40 -24.15
C ASP B 89 -16.26 39.62 -22.73
N PHE B 90 -15.63 40.76 -22.46
CA PHE B 90 -15.19 41.04 -21.10
C PHE B 90 -16.38 41.17 -20.16
N ILE B 91 -17.43 41.90 -20.55
CA ILE B 91 -18.61 42.01 -19.69
C ILE B 91 -19.18 40.62 -19.40
N ASN B 92 -19.24 39.75 -20.42
CA ASN B 92 -19.76 38.41 -20.21
C ASN B 92 -18.92 37.64 -19.19
N GLN B 93 -17.58 37.78 -19.24
CA GLN B 93 -16.72 37.14 -18.26
C GLN B 93 -17.04 37.62 -16.86
N TYR B 94 -17.09 38.95 -16.68
CA TYR B 94 -17.35 39.50 -15.35
C TYR B 94 -18.66 38.98 -14.79
N TYR B 95 -19.73 39.00 -15.59
CA TYR B 95 -21.03 38.60 -15.05
C TYR B 95 -21.10 37.09 -14.86
N SER B 96 -20.37 36.33 -15.67
CA SER B 96 -20.30 34.90 -15.42
CA SER B 96 -20.27 34.89 -15.44
C SER B 96 -19.56 34.61 -14.12
N SER B 97 -18.54 35.40 -13.79
CA SER B 97 -17.73 35.14 -12.59
C SER B 97 -18.52 35.32 -11.30
N ILE B 98 -19.47 36.24 -11.27
CA ILE B 98 -20.26 36.48 -10.06
C ILE B 98 -21.56 35.68 -10.14
N LYS B 99 -21.60 34.70 -11.05
CA LYS B 99 -22.70 33.76 -11.22
C LYS B 99 -23.98 34.42 -11.71
N ARG B 100 -23.90 35.61 -12.29
CA ARG B 100 -25.08 36.41 -12.63
C ARG B 100 -25.28 36.59 -14.13
N SER B 101 -24.86 35.62 -14.93
CA SER B 101 -25.08 35.71 -16.37
CA SER B 101 -25.07 35.70 -16.37
C SER B 101 -26.57 35.75 -16.71
N GLY B 102 -26.90 36.51 -17.75
CA GLY B 102 -28.28 36.64 -18.19
C GLY B 102 -29.18 37.44 -17.27
N SER B 103 -28.67 37.87 -16.11
CA SER B 103 -29.46 38.70 -15.21
C SER B 103 -29.80 40.03 -15.86
N GLN B 104 -30.61 40.81 -15.17
CA GLN B 104 -30.98 42.12 -15.70
C GLN B 104 -29.77 43.06 -15.69
N ALA B 105 -28.99 43.02 -14.62
CA ALA B 105 -27.79 43.86 -14.55
C ALA B 105 -26.82 43.53 -15.67
N HIS B 106 -26.74 42.25 -16.04
CA HIS B 106 -25.89 41.86 -17.16
C HIS B 106 -26.43 42.41 -18.46
N GLU B 107 -27.74 42.33 -18.70
CA GLU B 107 -28.29 42.93 -19.91
C GLU B 107 -28.11 44.44 -19.89
N GLN B 108 -28.42 45.09 -18.76
CA GLN B 108 -28.37 46.55 -18.72
C GLN B 108 -26.95 47.06 -18.90
N ARG B 109 -25.97 46.34 -18.38
CA ARG B 109 -24.60 46.78 -18.53
C ARG B 109 -24.14 46.64 -19.99
N LEU B 110 -24.54 45.57 -20.67
CA LEU B 110 -24.25 45.44 -22.09
C LEU B 110 -24.83 46.61 -22.89
N GLN B 111 -26.08 46.98 -22.60
CA GLN B 111 -26.70 48.12 -23.28
C GLN B 111 -25.89 49.40 -23.05
N GLU B 112 -25.54 49.67 -21.80
CA GLU B 112 -24.81 50.89 -21.46
C GLU B 112 -23.51 51.00 -22.23
N VAL B 113 -22.75 49.90 -22.29
CA VAL B 113 -21.45 49.95 -22.95
C VAL B 113 -21.62 50.12 -24.45
N GLU B 114 -22.56 49.40 -25.06
CA GLU B 114 -22.90 49.62 -26.46
C GLU B 114 -23.18 51.10 -26.71
N ALA B 115 -24.02 51.71 -25.86
CA ALA B 115 -24.40 53.10 -26.05
C ALA B 115 -23.24 54.05 -25.87
N GLU B 116 -22.40 53.81 -24.85
CA GLU B 116 -21.27 54.70 -24.61
C GLU B 116 -20.31 54.66 -25.79
N VAL B 117 -20.01 53.47 -26.29
CA VAL B 117 -19.08 53.38 -27.41
C VAL B 117 -19.64 54.08 -28.64
N ALA B 118 -20.96 53.98 -28.86
CA ALA B 118 -21.60 54.64 -30.00
C ALA B 118 -21.48 56.17 -29.90
N ALA B 119 -21.69 56.72 -28.71
CA ALA B 119 -21.70 58.17 -28.54
C ALA B 119 -20.32 58.78 -28.38
N THR B 120 -19.32 57.98 -27.99
CA THR B 120 -18.03 58.57 -27.65
C THR B 120 -16.82 57.79 -28.13
N GLY B 121 -16.99 56.59 -28.70
CA GLY B 121 -15.86 55.82 -29.17
C GLY B 121 -15.18 55.00 -28.09
N THR B 122 -15.66 55.05 -26.86
CA THR B 122 -15.01 54.34 -25.78
C THR B 122 -15.98 54.26 -24.62
N TYR B 123 -15.57 53.59 -23.54
CA TYR B 123 -16.43 53.42 -22.38
C TYR B 123 -15.57 53.37 -21.13
N GLN B 124 -16.22 53.44 -19.98
CA GLN B 124 -15.55 53.46 -18.70
C GLN B 124 -15.84 52.17 -17.95
N LEU B 125 -14.80 51.59 -17.36
CA LEU B 125 -14.99 50.45 -16.48
C LEU B 125 -15.55 50.91 -15.16
N ARG B 126 -16.51 50.16 -14.63
CA ARG B 126 -16.84 50.31 -13.22
C ARG B 126 -15.64 49.84 -12.40
N GLU B 127 -15.54 50.37 -11.16
CA GLU B 127 -14.42 50.00 -10.30
C GLU B 127 -14.34 48.50 -10.11
N SER B 128 -15.49 47.85 -9.87
CA SER B 128 -15.49 46.40 -9.63
CA SER B 128 -15.47 46.41 -9.62
C SER B 128 -15.04 45.62 -10.87
N GLU B 129 -15.35 46.11 -12.07
CA GLU B 129 -14.90 45.42 -13.27
C GLU B 129 -13.41 45.61 -13.48
N LEU B 130 -12.90 46.79 -13.12
CA LEU B 130 -11.47 47.05 -13.25
C LEU B 130 -10.68 46.13 -12.32
N VAL B 131 -11.17 45.93 -11.09
CA VAL B 131 -10.54 44.99 -10.16
C VAL B 131 -10.57 43.58 -10.74
N PHE B 132 -11.74 43.12 -11.18
CA PHE B 132 -11.82 41.84 -11.84
C PHE B 132 -10.87 41.77 -13.03
N GLY B 133 -10.83 42.83 -13.84
CA GLY B 133 -10.00 42.82 -15.04
C GLY B 133 -8.51 42.68 -14.74
N ALA B 134 -8.02 43.36 -13.71
CA ALA B 134 -6.59 43.31 -13.40
C ALA B 134 -6.18 41.96 -12.83
N LYS B 135 -7.02 41.37 -11.96
CA LYS B 135 -6.76 40.03 -11.46
C LYS B 135 -6.77 38.99 -12.57
N GLN B 136 -7.68 39.13 -13.53
CA GLN B 136 -7.71 38.21 -14.65
C GLN B 136 -6.44 38.33 -15.49
N ALA B 137 -5.93 39.54 -15.66
CA ALA B 137 -4.73 39.69 -16.46
C ALA B 137 -3.56 38.96 -15.81
N TRP B 138 -3.46 39.02 -14.49
CA TRP B 138 -2.44 38.24 -13.79
C TRP B 138 -2.74 36.75 -13.94
N ARG B 139 -4.00 36.37 -13.71
CA ARG B 139 -4.37 34.96 -13.80
C ARG B 139 -4.10 34.38 -15.19
N ASN B 140 -4.07 35.22 -16.22
CA ASN B 140 -3.91 34.77 -17.59
C ASN B 140 -2.46 34.82 -18.08
N ALA B 141 -1.51 35.34 -17.29
CA ALA B 141 -0.14 35.51 -17.77
C ALA B 141 0.57 34.16 -17.87
N PRO B 142 0.80 33.63 -19.07
CA PRO B 142 1.27 32.24 -19.18
C PRO B 142 2.66 32.03 -18.59
N ARG B 143 3.49 33.07 -18.59
CA ARG B 143 4.85 32.99 -18.10
C ARG B 143 5.01 33.21 -16.60
N CYS B 144 3.94 33.48 -15.86
CA CYS B 144 4.06 33.79 -14.44
C CYS B 144 3.90 32.53 -13.58
N VAL B 145 4.92 32.25 -12.75
CA VAL B 145 4.88 31.07 -11.90
C VAL B 145 4.22 31.37 -10.57
N GLY B 146 4.02 32.64 -10.22
CA GLY B 146 3.44 32.96 -8.94
C GLY B 146 1.95 33.20 -8.91
N ARG B 147 1.19 32.61 -9.83
CA ARG B 147 -0.22 32.88 -10.01
C ARG B 147 -1.14 32.22 -8.98
N ILE B 148 -0.64 31.39 -8.07
CA ILE B 148 -1.52 30.85 -7.03
C ILE B 148 -2.20 31.99 -6.29
N GLN B 149 -1.53 33.15 -6.23
CA GLN B 149 -1.89 34.31 -5.42
C GLN B 149 -2.81 35.28 -6.16
N TRP B 150 -3.25 34.94 -7.38
CA TRP B 150 -3.84 35.93 -8.29
C TRP B 150 -5.06 36.61 -7.69
N GLY B 151 -5.86 35.90 -6.90
CA GLY B 151 -7.04 36.50 -6.31
C GLY B 151 -6.78 37.47 -5.18
N LYS B 152 -5.53 37.62 -4.74
CA LYS B 152 -5.21 38.52 -3.65
C LYS B 152 -4.47 39.77 -4.15
N LEU B 153 -4.71 40.16 -5.39
CA LEU B 153 -4.12 41.37 -5.93
C LEU B 153 -4.80 42.60 -5.31
N GLN B 154 -4.00 43.54 -4.83
CA GLN B 154 -4.52 44.82 -4.37
C GLN B 154 -4.53 45.80 -5.56
N VAL B 155 -5.70 46.28 -5.93
CA VAL B 155 -5.86 47.15 -7.10
C VAL B 155 -6.06 48.58 -6.63
N PHE B 156 -5.14 49.47 -7.00
CA PHE B 156 -5.28 50.90 -6.75
C PHE B 156 -5.78 51.61 -8.01
N ASP B 157 -6.84 52.38 -7.87
CA ASP B 157 -7.48 53.08 -8.98
C ASP B 157 -6.93 54.51 -9.08
N ALA B 158 -6.01 54.74 -10.01
CA ALA B 158 -5.44 56.06 -10.25
C ALA B 158 -5.98 56.69 -11.53
N ARG B 159 -7.14 56.25 -11.99
CA ARG B 159 -7.70 56.77 -13.23
C ARG B 159 -8.07 58.25 -13.18
N ASP B 160 -8.11 58.87 -12.00
CA ASP B 160 -8.34 60.31 -11.90
C ASP B 160 -7.05 61.13 -11.85
N CYS B 161 -5.90 60.49 -12.04
CA CYS B 161 -4.62 61.20 -12.08
C CYS B 161 -4.56 62.19 -13.23
N ARG B 162 -3.91 63.35 -13.01
CA ARG B 162 -3.92 64.41 -14.02
C ARG B 162 -2.55 64.98 -14.40
N SER B 163 -1.51 64.76 -13.62
CA SER B 163 -0.21 65.35 -13.91
C SER B 163 0.89 64.37 -13.50
N ALA B 164 2.14 64.70 -13.87
CA ALA B 164 3.25 63.80 -13.54
C ALA B 164 3.52 63.82 -12.04
N GLN B 165 3.40 65.00 -11.40
CA GLN B 165 3.56 65.04 -9.95
C GLN B 165 2.52 64.16 -9.25
N GLU B 166 1.26 64.24 -9.69
CA GLU B 166 0.22 63.34 -9.19
C GLU B 166 0.55 61.87 -9.47
N MET B 167 1.18 61.58 -10.62
CA MET B 167 1.64 60.23 -10.91
C MET B 167 2.63 59.74 -9.85
N PHE B 168 3.63 60.57 -9.56
CA PHE B 168 4.70 60.21 -8.63
C PHE B 168 4.14 59.93 -7.24
N THR B 169 3.12 60.70 -6.84
CA THR B 169 2.48 60.48 -5.55
C THR B 169 1.83 59.11 -5.48
N TYR B 170 1.04 58.75 -6.51
CA TYR B 170 0.45 57.42 -6.58
C TYR B 170 1.51 56.31 -6.60
N ILE B 171 2.64 56.55 -7.27
CA ILE B 171 3.68 55.51 -7.36
C ILE B 171 4.36 55.32 -6.02
N CYS B 172 4.71 56.42 -5.34
CA CYS B 172 5.29 56.32 -4.01
C CYS B 172 4.34 55.64 -3.03
N ASN B 173 3.03 55.82 -3.19
CA ASN B 173 2.12 55.10 -2.31
C ASN B 173 2.08 53.62 -2.67
N HIS B 174 2.15 53.32 -3.97
CA HIS B 174 2.22 51.93 -4.38
C HIS B 174 3.44 51.24 -3.76
N ILE B 175 4.61 51.87 -3.87
CA ILE B 175 5.84 51.25 -3.39
C ILE B 175 5.76 51.04 -1.89
N LYS B 176 5.23 52.02 -1.16
CA LYS B 176 5.14 51.87 0.29
C LYS B 176 4.13 50.79 0.67
N TYR B 177 2.99 50.71 -0.01
CA TYR B 177 2.02 49.66 0.28
C TYR B 177 2.58 48.28 -0.03
N ALA B 178 3.16 48.15 -1.21
CA ALA B 178 3.69 46.85 -1.65
C ALA B 178 4.84 46.38 -0.77
N THR B 179 5.73 47.29 -0.37
CA THR B 179 6.91 46.91 0.40
C THR B 179 6.51 46.49 1.80
N ASN B 180 5.66 47.28 2.45
CA ASN B 180 5.13 46.95 3.77
C ASN B 180 6.25 46.57 4.75
N ARG B 181 7.35 47.32 4.68
CA ARG B 181 8.51 47.13 5.57
C ARG B 181 9.06 45.71 5.51
N GLY B 182 8.92 45.03 4.37
CA GLY B 182 9.49 43.72 4.18
C GLY B 182 8.50 42.59 4.04
N ASN B 183 7.27 42.76 4.54
CA ASN B 183 6.23 41.75 4.36
C ASN B 183 5.46 42.10 3.09
N LEU B 184 5.93 41.58 1.96
CA LEU B 184 5.53 42.10 0.66
C LEU B 184 4.09 41.74 0.31
N ARG B 185 3.45 42.62 -0.48
CA ARG B 185 2.06 42.45 -0.87
C ARG B 185 1.89 42.78 -2.34
N SER B 186 1.15 41.95 -3.06
CA SER B 186 0.91 42.17 -4.47
C SER B 186 0.06 43.42 -4.72
N ALA B 187 0.42 44.21 -5.71
CA ALA B 187 -0.39 45.39 -6.00
C ALA B 187 -0.24 45.82 -7.45
N ILE B 188 -1.26 46.51 -7.94
CA ILE B 188 -1.23 47.17 -9.23
C ILE B 188 -1.89 48.53 -9.09
N THR B 189 -1.24 49.58 -9.61
CA THR B 189 -1.82 50.90 -9.75
C THR B 189 -2.15 51.12 -11.22
N VAL B 190 -3.39 51.47 -11.55
CA VAL B 190 -3.76 51.66 -12.95
C VAL B 190 -4.14 53.12 -13.18
N PHE B 191 -3.36 53.79 -14.03
CA PHE B 191 -3.54 55.18 -14.43
C PHE B 191 -4.55 55.28 -15.57
N PRO B 192 -4.91 56.48 -16.04
CA PRO B 192 -6.01 56.59 -17.02
C PRO B 192 -5.75 55.83 -18.30
N GLN B 193 -6.82 55.25 -18.84
CA GLN B 193 -6.72 54.49 -20.07
C GLN B 193 -6.29 55.39 -21.23
N ARG B 194 -5.70 54.76 -22.24
CA ARG B 194 -5.44 55.45 -23.50
C ARG B 194 -6.77 55.89 -24.10
N CYS B 195 -6.84 57.15 -24.54
CA CYS B 195 -8.04 57.61 -25.21
C CYS B 195 -7.66 58.49 -26.39
N PRO B 196 -8.39 58.39 -27.49
CA PRO B 196 -8.11 59.28 -28.63
C PRO B 196 -8.25 60.74 -28.20
N GLY B 197 -7.39 61.58 -28.76
CA GLY B 197 -7.44 63.00 -28.46
C GLY B 197 -6.57 63.44 -27.31
N ARG B 198 -5.85 62.52 -26.68
CA ARG B 198 -5.03 62.80 -25.53
C ARG B 198 -3.82 61.87 -25.57
N GLY B 199 -2.65 62.40 -25.24
CA GLY B 199 -1.48 61.55 -25.13
C GLY B 199 -1.61 60.53 -24.01
N ASP B 200 -0.76 59.51 -24.06
CA ASP B 200 -0.71 58.48 -23.04
C ASP B 200 0.03 58.95 -21.79
N PHE B 201 -0.39 58.40 -20.65
CA PHE B 201 0.50 58.35 -19.51
C PHE B 201 1.51 57.23 -19.73
N ARG B 202 2.78 57.49 -19.41
CA ARG B 202 3.79 56.45 -19.54
C ARG B 202 4.80 56.59 -18.42
N ILE B 203 5.32 55.43 -18.01
CA ILE B 203 6.50 55.34 -17.17
C ILE B 203 7.61 54.83 -18.08
N TRP B 204 8.64 55.65 -18.29
CA TRP B 204 9.74 55.27 -19.17
C TRP B 204 10.57 54.12 -18.59
N ASN B 205 10.67 54.02 -17.27
CA ASN B 205 11.44 52.95 -16.65
C ASN B 205 10.73 51.62 -16.77
N SER B 206 11.49 50.57 -17.04
CA SER B 206 10.91 49.23 -17.11
C SER B 206 10.59 48.66 -15.75
N GLN B 207 11.23 49.13 -14.69
CA GLN B 207 10.81 48.80 -13.34
C GLN B 207 10.88 50.06 -12.51
N LEU B 208 10.04 50.12 -11.47
CA LEU B 208 10.12 51.25 -10.56
C LEU B 208 11.48 51.34 -9.89
N VAL B 209 12.11 50.21 -9.62
CA VAL B 209 13.39 50.16 -8.92
C VAL B 209 14.38 49.44 -9.83
N ARG B 210 15.39 50.16 -10.30
CA ARG B 210 16.45 49.64 -11.15
C ARG B 210 17.75 50.30 -10.77
N TYR B 211 18.85 49.56 -10.91
CA TYR B 211 20.18 50.10 -10.70
C TYR B 211 20.74 50.65 -11.99
N ALA B 212 21.47 51.76 -11.87
CA ALA B 212 22.08 52.41 -13.00
C ALA B 212 23.16 51.52 -13.62
N GLY B 213 23.39 51.71 -14.90
CA GLY B 213 24.50 51.15 -15.62
C GLY B 213 25.28 52.26 -16.28
N TYR B 214 26.53 52.45 -15.88
CA TYR B 214 27.42 53.47 -16.44
C TYR B 214 28.46 52.80 -17.33
N ARG B 215 28.58 53.28 -18.57
CA ARG B 215 29.54 52.70 -19.50
C ARG B 215 30.93 53.27 -19.20
N GLN B 216 31.93 52.38 -19.14
CA GLN B 216 33.29 52.80 -18.81
C GLN B 216 34.10 52.99 -20.08
N GLN B 217 35.14 53.82 -20.00
CA GLN B 217 35.96 54.13 -21.18
C GLN B 217 36.60 52.87 -21.77
N ASP B 218 36.85 51.86 -20.95
CA ASP B 218 37.41 50.60 -21.43
C ASP B 218 36.37 49.68 -22.06
N GLY B 219 35.14 50.16 -22.27
CA GLY B 219 34.11 49.38 -22.92
C GLY B 219 33.19 48.60 -21.99
N SER B 220 33.58 48.43 -20.71
CA SER B 220 32.75 47.66 -19.79
C SER B 220 31.74 48.56 -19.08
N VAL B 221 30.94 47.96 -18.21
CA VAL B 221 29.83 48.64 -17.57
C VAL B 221 29.94 48.53 -16.06
N ARG B 222 29.87 49.66 -15.37
CA ARG B 222 29.70 49.70 -13.93
C ARG B 222 28.22 49.75 -13.61
N GLY B 223 27.75 48.80 -12.79
CA GLY B 223 26.35 48.70 -12.47
C GLY B 223 25.62 47.69 -13.33
N ASP B 224 24.32 47.87 -13.54
CA ASP B 224 23.52 46.90 -14.28
C ASP B 224 23.63 47.19 -15.78
N PRO B 225 24.26 46.31 -16.58
CA PRO B 225 24.35 46.56 -18.03
C PRO B 225 23.00 46.56 -18.74
N ALA B 226 21.98 45.91 -18.18
CA ALA B 226 20.67 45.96 -18.82
C ALA B 226 20.02 47.34 -18.77
N ASN B 227 20.59 48.31 -18.05
CA ASN B 227 19.95 49.60 -17.82
C ASN B 227 20.80 50.75 -18.33
N VAL B 228 21.75 50.50 -19.22
CA VAL B 228 22.60 51.56 -19.72
C VAL B 228 21.78 52.59 -20.49
N GLU B 229 20.76 52.15 -21.22
CA GLU B 229 19.97 53.05 -22.07
C GLU B 229 19.10 53.98 -21.22
N ILE B 230 18.35 53.43 -20.27
CA ILE B 230 17.54 54.30 -19.42
C ILE B 230 18.45 55.17 -18.54
N THR B 231 19.67 54.71 -18.21
CA THR B 231 20.57 55.55 -17.42
C THR B 231 20.98 56.77 -18.23
N GLU B 232 21.32 56.57 -19.50
CA GLU B 232 21.68 57.69 -20.35
C GLU B 232 20.54 58.69 -20.47
N LEU B 233 19.30 58.19 -20.56
CA LEU B 233 18.14 59.07 -20.69
C LEU B 233 17.94 59.90 -19.45
N CYS B 234 17.98 59.27 -18.28
CA CYS B 234 17.90 60.02 -17.03
C CYS B 234 18.97 61.11 -16.98
N ILE B 235 20.18 60.81 -17.49
CA ILE B 235 21.25 61.81 -17.47
C ILE B 235 20.91 62.98 -18.39
N GLN B 236 20.40 62.68 -19.59
CA GLN B 236 20.01 63.73 -20.53
C GLN B 236 18.91 64.62 -19.95
N HIS B 237 17.94 64.03 -19.26
CA HIS B 237 16.86 64.81 -18.67
C HIS B 237 17.21 65.38 -17.29
N GLY B 238 18.50 65.46 -16.93
CA GLY B 238 18.95 66.28 -15.82
C GLY B 238 19.46 65.56 -14.60
N TRP B 239 19.44 64.24 -14.56
CA TRP B 239 19.89 63.53 -13.38
C TRP B 239 21.39 63.67 -13.21
N THR B 240 21.83 63.98 -11.98
CA THR B 240 23.26 63.91 -11.67
C THR B 240 23.61 62.48 -11.32
N PRO B 241 24.40 61.82 -12.15
CA PRO B 241 24.69 60.40 -11.91
C PRO B 241 25.61 60.23 -10.71
N GLY B 242 25.59 59.01 -10.17
CA GLY B 242 26.60 58.55 -9.25
C GLY B 242 27.68 57.79 -10.00
N ASN B 243 28.43 56.99 -9.25
CA ASN B 243 29.43 56.15 -9.89
C ASN B 243 29.58 54.81 -9.16
N GLY B 244 28.49 54.31 -8.58
CA GLY B 244 28.50 53.07 -7.85
C GLY B 244 27.93 51.93 -8.66
N ARG B 245 27.95 50.76 -8.05
CA ARG B 245 27.46 49.58 -8.74
C ARG B 245 25.99 49.35 -8.49
N PHE B 246 25.44 49.99 -7.46
CA PHE B 246 24.02 49.84 -7.11
C PHE B 246 23.39 51.20 -6.82
N ASP B 247 23.46 52.13 -7.79
CA ASP B 247 22.75 53.41 -7.70
C ASP B 247 21.32 53.23 -8.23
N VAL B 248 20.33 53.57 -7.41
CA VAL B 248 18.93 53.48 -7.81
C VAL B 248 18.61 54.61 -8.77
N LEU B 249 17.96 54.30 -9.89
CA LEU B 249 17.67 55.33 -10.88
C LEU B 249 16.45 56.16 -10.48
N PRO B 250 16.38 57.42 -10.88
CA PRO B 250 15.14 58.19 -10.72
C PRO B 250 14.05 57.66 -11.66
N LEU B 251 12.83 58.13 -11.42
CA LEU B 251 11.72 57.81 -12.30
C LEU B 251 11.58 58.88 -13.38
N LEU B 252 11.28 58.43 -14.58
CA LEU B 252 10.96 59.30 -15.71
C LEU B 252 9.48 59.14 -16.02
N LEU B 253 8.68 60.14 -15.67
CA LEU B 253 7.22 60.06 -15.74
C LEU B 253 6.70 61.02 -16.78
N GLN B 254 5.79 60.53 -17.61
CA GLN B 254 5.26 61.30 -18.71
C GLN B 254 3.75 61.40 -18.54
N ALA B 255 3.26 62.62 -18.41
CA ALA B 255 1.88 63.06 -18.45
C ALA B 255 1.45 63.31 -19.90
N PRO B 256 0.14 63.14 -20.20
CA PRO B 256 -0.37 63.38 -21.57
C PRO B 256 0.18 64.62 -22.23
N ASP B 257 0.89 64.41 -23.33
CA ASP B 257 1.34 65.45 -24.26
C ASP B 257 2.32 66.41 -23.60
N GLU B 258 3.15 65.88 -22.69
CA GLU B 258 4.22 66.54 -21.97
C GLU B 258 5.52 65.79 -22.18
N PRO B 259 6.65 66.50 -22.19
CA PRO B 259 7.93 65.82 -22.08
C PRO B 259 8.08 65.18 -20.71
N PRO B 260 8.83 64.08 -20.60
CA PRO B 260 8.91 63.39 -19.31
C PRO B 260 9.64 64.22 -18.28
N GLU B 261 9.34 63.96 -17.00
CA GLU B 261 9.95 64.67 -15.88
C GLU B 261 10.60 63.67 -14.92
N LEU B 262 11.74 64.08 -14.34
CA LEU B 262 12.54 63.25 -13.43
C LEU B 262 12.06 63.37 -11.99
N PHE B 263 12.00 62.24 -11.29
CA PHE B 263 11.52 62.19 -9.90
C PHE B 263 12.39 61.23 -9.09
N LEU B 264 13.18 61.78 -8.16
CA LEU B 264 14.03 60.94 -7.33
C LEU B 264 13.19 60.19 -6.30
N LEU B 265 13.47 58.90 -6.16
CA LEU B 265 12.81 58.09 -5.14
C LEU B 265 13.48 58.36 -3.80
N PRO B 266 12.74 58.78 -2.78
CA PRO B 266 13.34 58.97 -1.44
C PRO B 266 14.01 57.69 -0.97
N PRO B 267 15.27 57.75 -0.56
CA PRO B 267 15.99 56.51 -0.25
C PRO B 267 15.31 55.61 0.76
N GLU B 268 14.58 56.18 1.74
CA GLU B 268 13.86 55.36 2.72
C GLU B 268 12.70 54.59 2.12
N LEU B 269 12.33 54.87 0.87
CA LEU B 269 11.26 54.17 0.20
C LEU B 269 11.72 52.87 -0.44
N VAL B 270 12.97 52.81 -0.88
CA VAL B 270 13.47 51.69 -1.64
C VAL B 270 14.19 50.77 -0.66
N LEU B 271 13.53 49.70 -0.27
CA LEU B 271 14.09 48.73 0.66
C LEU B 271 15.08 47.82 -0.08
N GLU B 272 16.30 47.72 0.45
CA GLU B 272 17.39 46.98 -0.17
C GLU B 272 17.96 45.96 0.81
N VAL B 273 18.44 44.84 0.27
CA VAL B 273 18.94 43.71 1.06
C VAL B 273 20.42 43.53 0.77
N PRO B 274 21.32 43.77 1.71
CA PRO B 274 22.72 43.39 1.49
C PRO B 274 22.83 41.87 1.42
N LEU B 275 23.66 41.38 0.50
CA LEU B 275 23.73 39.96 0.24
C LEU B 275 24.90 39.33 0.98
N GLU B 276 24.64 38.27 1.70
CA GLU B 276 25.67 37.59 2.45
C GLU B 276 25.44 36.09 2.39
N HIS B 277 26.43 35.31 2.78
CA HIS B 277 26.30 33.87 2.72
C HIS B 277 26.39 33.32 4.14
N PRO B 278 25.57 32.33 4.51
CA PRO B 278 25.57 31.88 5.92
C PRO B 278 26.92 31.33 6.37
N THR B 279 27.63 30.63 5.51
CA THR B 279 28.92 30.08 5.90
C THR B 279 30.10 30.59 5.07
N LEU B 280 29.91 31.40 4.03
CA LEU B 280 31.09 31.92 3.30
C LEU B 280 31.21 33.41 3.61
N GLU B 281 32.06 33.74 4.59
CA GLU B 281 32.12 35.10 5.13
C GLU B 281 32.68 36.10 4.15
N TRP B 282 33.45 35.64 3.17
CA TRP B 282 34.00 36.57 2.20
C TRP B 282 32.94 37.06 1.23
N PHE B 283 31.78 36.43 1.23
CA PHE B 283 30.73 36.77 0.26
C PHE B 283 30.25 38.21 0.49
N ALA B 284 30.12 38.62 1.75
CA ALA B 284 29.71 40.00 2.02
C ALA B 284 30.71 41.01 1.44
N ALA B 285 31.98 40.63 1.33
CA ALA B 285 32.98 41.53 0.77
C ALA B 285 32.76 41.82 -0.71
N LEU B 286 31.99 40.98 -1.42
CA LEU B 286 31.67 41.27 -2.81
C LEU B 286 30.86 42.54 -2.96
N GLY B 287 30.28 43.05 -1.88
CA GLY B 287 29.56 44.31 -1.94
C GLY B 287 28.21 44.22 -2.60
N LEU B 288 27.66 43.02 -2.76
CA LEU B 288 26.42 42.85 -3.49
C LEU B 288 25.20 43.18 -2.65
N ARG B 289 24.21 43.79 -3.30
CA ARG B 289 22.89 44.03 -2.73
C ARG B 289 21.86 43.88 -3.82
N TRP B 290 20.60 43.71 -3.43
CA TRP B 290 19.49 43.79 -4.38
C TRP B 290 18.32 44.46 -3.66
N TYR B 291 17.30 44.85 -4.42
CA TYR B 291 16.14 45.49 -3.81
C TYR B 291 15.04 44.48 -3.53
N ALA B 292 14.16 44.85 -2.60
CA ALA B 292 13.06 43.99 -2.14
C ALA B 292 11.98 43.81 -3.20
N LEU B 293 11.71 44.84 -3.99
CA LEU B 293 10.43 44.92 -4.69
C LEU B 293 10.60 44.86 -6.20
N PRO B 294 10.19 43.76 -6.84
CA PRO B 294 10.09 43.73 -8.31
C PRO B 294 8.79 44.36 -8.77
N ALA B 295 8.89 45.51 -9.45
CA ALA B 295 7.71 46.31 -9.83
C ALA B 295 7.81 46.65 -11.31
N VAL B 296 7.10 45.90 -12.15
CA VAL B 296 7.19 46.07 -13.59
C VAL B 296 6.30 47.24 -14.02
N SER B 297 6.88 48.18 -14.76
CA SER B 297 6.22 49.45 -15.02
C SER B 297 6.10 49.81 -16.50
N ASN B 298 6.43 48.92 -17.42
CA ASN B 298 6.38 49.24 -18.84
C ASN B 298 5.41 48.39 -19.63
N MET B 299 4.64 47.53 -18.99
CA MET B 299 3.69 46.75 -19.76
C MET B 299 2.35 47.48 -19.85
N LEU B 300 1.58 47.06 -20.84
CA LEU B 300 0.26 47.60 -21.10
C LEU B 300 -0.76 46.59 -20.59
N LEU B 301 -1.69 47.06 -19.78
CA LEU B 301 -2.80 46.24 -19.33
C LEU B 301 -3.99 46.43 -20.26
N GLU B 302 -4.56 45.33 -20.73
CA GLU B 302 -5.64 45.40 -21.71
C GLU B 302 -6.85 44.73 -21.11
N ILE B 303 -7.96 45.47 -21.03
CA ILE B 303 -9.19 45.00 -20.41
C ILE B 303 -10.37 45.37 -21.30
N GLY B 304 -11.05 44.36 -21.82
CA GLY B 304 -12.26 44.60 -22.61
C GLY B 304 -12.08 45.59 -23.74
N GLY B 305 -10.94 45.52 -24.43
CA GLY B 305 -10.67 46.46 -25.51
C GLY B 305 -10.20 47.83 -25.07
N LEU B 306 -10.09 48.06 -23.77
CA LEU B 306 -9.49 49.28 -23.26
C LEU B 306 -8.03 49.01 -22.95
N GLU B 307 -7.20 50.02 -23.15
CA GLU B 307 -5.78 49.86 -22.98
C GLU B 307 -5.30 50.84 -21.93
N PHE B 308 -4.56 50.34 -20.97
CA PHE B 308 -3.93 51.16 -19.94
C PHE B 308 -2.42 51.10 -20.13
N PRO B 309 -1.81 52.08 -20.78
CA PRO B 309 -0.36 52.01 -21.03
C PRO B 309 0.48 52.23 -19.80
N ALA B 310 -0.07 52.67 -18.69
CA ALA B 310 0.68 52.87 -17.46
C ALA B 310 -0.11 52.21 -16.35
N ALA B 311 0.38 51.08 -15.86
CA ALA B 311 -0.30 50.29 -14.86
C ALA B 311 0.74 49.44 -14.16
N PRO B 312 1.62 50.03 -13.37
CA PRO B 312 2.73 49.25 -12.79
C PRO B 312 2.18 48.25 -11.78
N PHE B 313 2.82 47.09 -11.73
CA PHE B 313 2.44 46.03 -10.80
C PHE B 313 3.69 45.42 -10.18
N SER B 314 3.51 44.85 -9.00
CA SER B 314 4.62 44.39 -8.21
C SER B 314 4.17 43.18 -7.42
N GLY B 315 5.11 42.29 -7.16
CA GLY B 315 4.88 41.15 -6.31
C GLY B 315 6.03 40.96 -5.33
N TRP B 316 6.63 39.77 -5.33
CA TRP B 316 7.85 39.54 -4.57
C TRP B 316 8.70 38.55 -5.36
N TYR B 317 9.99 38.53 -5.06
CA TYR B 317 10.91 37.78 -5.91
C TYR B 317 10.86 36.30 -5.62
N MET B 318 11.05 35.52 -6.67
CA MET B 318 11.56 34.16 -6.54
C MET B 318 13.09 34.25 -6.62
N SER B 319 13.76 33.46 -5.77
CA SER B 319 15.20 33.70 -5.52
C SER B 319 16.09 33.45 -6.74
N THR B 320 15.71 32.52 -7.62
CA THR B 320 16.52 32.30 -8.83
C THR B 320 16.53 33.53 -9.73
N GLU B 321 15.51 34.39 -9.65
CA GLU B 321 15.50 35.63 -10.43
C GLU B 321 16.66 36.54 -10.05
N ILE B 322 17.00 36.57 -8.76
CA ILE B 322 18.10 37.41 -8.34
C ILE B 322 19.43 36.70 -8.54
N GLY B 323 19.54 35.49 -7.97
CA GLY B 323 20.82 34.80 -7.95
C GLY B 323 21.25 34.34 -9.33
N THR B 324 20.33 33.73 -10.08
CA THR B 324 20.71 33.19 -11.38
C THR B 324 20.64 34.24 -12.48
N ARG B 325 19.50 34.91 -12.63
CA ARG B 325 19.34 35.84 -13.76
C ARG B 325 20.11 37.14 -13.55
N ASN B 326 19.81 37.88 -12.49
CA ASN B 326 20.36 39.23 -12.36
C ASN B 326 21.85 39.21 -12.05
N LEU B 327 22.32 38.27 -11.23
CA LEU B 327 23.72 38.32 -10.80
C LEU B 327 24.64 37.45 -11.62
N CYS B 328 24.14 36.41 -12.28
CA CYS B 328 25.00 35.46 -12.98
C CYS B 328 24.95 35.56 -14.50
N ASP B 329 23.89 36.13 -15.08
CA ASP B 329 23.81 36.17 -16.53
C ASP B 329 24.97 36.99 -17.08
N PRO B 330 25.57 36.57 -18.20
CA PRO B 330 26.80 37.23 -18.67
C PRO B 330 26.60 38.68 -19.05
N HIS B 331 25.40 39.09 -19.45
CA HIS B 331 25.12 40.48 -19.78
CA HIS B 331 25.14 40.50 -19.77
C HIS B 331 24.56 41.26 -18.59
N ARG B 332 24.63 40.68 -17.39
CA ARG B 332 24.20 41.36 -16.17
C ARG B 332 25.41 41.50 -15.26
N TYR B 333 25.27 41.33 -13.95
CA TYR B 333 26.43 41.63 -13.11
C TYR B 333 27.54 40.57 -13.22
N ASN B 334 27.23 39.38 -13.70
CA ASN B 334 28.23 38.42 -14.18
C ASN B 334 29.28 38.11 -13.10
N ILE B 335 28.84 37.54 -11.97
CA ILE B 335 29.75 37.27 -10.86
C ILE B 335 30.15 35.80 -10.76
N LEU B 336 29.66 34.94 -11.65
CA LEU B 336 29.77 33.50 -11.44
C LEU B 336 31.23 33.05 -11.26
N GLU B 337 32.13 33.53 -12.11
CA GLU B 337 33.49 33.00 -12.08
C GLU B 337 34.26 33.54 -10.89
N ASP B 338 34.00 34.78 -10.53
CA ASP B 338 34.68 35.36 -9.37
C ASP B 338 34.26 34.65 -8.09
N VAL B 339 32.98 34.28 -7.97
CA VAL B 339 32.57 33.46 -6.83
C VAL B 339 33.23 32.10 -6.90
N ALA B 340 33.37 31.54 -8.11
CA ALA B 340 33.92 30.21 -8.22
C ALA B 340 35.39 30.19 -7.84
N VAL B 341 36.14 31.22 -8.25
CA VAL B 341 37.53 31.34 -7.83
C VAL B 341 37.63 31.48 -6.32
N CYS B 342 36.73 32.27 -5.72
CA CYS B 342 36.77 32.51 -4.26
C CYS B 342 36.44 31.24 -3.47
N MET B 343 35.56 30.39 -4.00
CA MET B 343 35.34 29.07 -3.41
C MET B 343 36.46 28.09 -3.67
N ASP B 344 37.51 28.52 -4.40
CA ASP B 344 38.67 27.69 -4.73
C ASP B 344 38.28 26.48 -5.59
N LEU B 345 37.54 26.75 -6.67
CA LEU B 345 37.11 25.73 -7.61
C LEU B 345 37.97 25.75 -8.88
N ASP B 346 38.14 24.57 -9.48
CA ASP B 346 38.93 24.42 -10.70
C ASP B 346 38.12 24.95 -11.88
N THR B 347 38.46 26.16 -12.34
CA THR B 347 37.70 26.85 -13.38
C THR B 347 38.20 26.57 -14.80
N ARG B 348 39.32 25.90 -14.98
CA ARG B 348 39.83 25.69 -16.35
C ARG B 348 39.07 24.61 -17.11
N THR B 349 38.40 23.69 -16.41
CA THR B 349 37.64 22.62 -17.04
C THR B 349 36.17 22.73 -16.64
N THR B 350 35.28 22.36 -17.56
CA THR B 350 33.86 22.40 -17.23
C THR B 350 33.41 21.18 -16.43
N SER B 351 34.19 20.10 -16.45
CA SER B 351 33.70 18.88 -15.82
C SER B 351 33.81 18.91 -14.29
N SER B 352 34.49 19.90 -13.71
CA SER B 352 34.33 20.10 -12.27
C SER B 352 32.95 20.64 -11.90
N LEU B 353 32.16 21.08 -12.88
CA LEU B 353 30.85 21.68 -12.61
C LEU B 353 30.96 22.89 -11.67
N TRP B 354 32.07 23.63 -11.76
CA TRP B 354 32.24 24.81 -10.93
C TRP B 354 31.12 25.83 -11.17
N LYS B 355 30.63 25.96 -12.39
CA LYS B 355 29.56 26.92 -12.64
C LYS B 355 28.33 26.58 -11.82
N ASP B 356 27.96 25.30 -11.82
CA ASP B 356 26.75 24.84 -11.14
C ASP B 356 26.91 24.95 -9.63
N LYS B 357 28.11 24.62 -9.12
CA LYS B 357 28.33 24.75 -7.69
C LYS B 357 28.31 26.21 -7.26
N ALA B 358 28.88 27.11 -8.07
CA ALA B 358 28.89 28.52 -7.72
C ALA B 358 27.48 29.12 -7.80
N ALA B 359 26.68 28.71 -8.79
CA ALA B 359 25.32 29.25 -8.90
C ALA B 359 24.47 28.83 -7.72
N VAL B 360 24.63 27.59 -7.26
CA VAL B 360 23.85 27.15 -6.10
C VAL B 360 24.20 28.00 -4.88
N GLU B 361 25.48 28.25 -4.66
CA GLU B 361 25.86 29.03 -3.47
C GLU B 361 25.40 30.48 -3.58
N ILE B 362 25.36 31.04 -4.79
CA ILE B 362 24.83 32.41 -4.94
C ILE B 362 23.36 32.44 -4.56
N ASN B 363 22.59 31.45 -5.04
CA ASN B 363 21.18 31.35 -4.65
C ASN B 363 21.01 31.12 -3.16
N VAL B 364 21.84 30.27 -2.55
CA VAL B 364 21.79 30.10 -1.10
C VAL B 364 21.93 31.45 -0.40
N ALA B 365 22.93 32.23 -0.82
CA ALA B 365 23.15 33.55 -0.24
C ALA B 365 21.95 34.49 -0.41
N VAL B 366 21.26 34.41 -1.54
CA VAL B 366 20.10 35.27 -1.77
C VAL B 366 18.99 34.90 -0.80
N LEU B 367 18.67 33.62 -0.69
CA LEU B 367 17.58 33.22 0.18
C LEU B 367 17.91 33.54 1.64
N HIS B 368 19.14 33.25 2.05
CA HIS B 368 19.57 33.55 3.41
C HIS B 368 19.53 35.05 3.69
N SER B 369 19.93 35.89 2.73
CA SER B 369 20.00 37.32 2.96
C SER B 369 18.61 37.92 3.14
N TYR B 370 17.68 37.55 2.27
CA TYR B 370 16.31 38.06 2.37
C TYR B 370 15.65 37.59 3.67
N GLN B 371 15.87 36.35 4.06
CA GLN B 371 15.24 35.87 5.28
C GLN B 371 15.83 36.57 6.51
N LEU B 372 17.14 36.85 6.49
CA LEU B 372 17.77 37.59 7.58
C LEU B 372 17.19 39.00 7.70
N ALA B 373 17.02 39.69 6.58
CA ALA B 373 16.45 41.03 6.58
C ALA B 373 14.93 41.04 6.71
N LYS B 374 14.29 39.86 6.83
CA LYS B 374 12.84 39.75 6.94
C LYS B 374 12.13 40.40 5.76
N VAL B 375 12.62 40.11 4.55
CA VAL B 375 11.99 40.52 3.30
C VAL B 375 11.47 39.27 2.61
N THR B 376 10.21 39.31 2.20
CA THR B 376 9.57 38.16 1.57
C THR B 376 10.32 37.71 0.32
N ILE B 377 10.42 36.38 0.16
CA ILE B 377 11.10 35.77 -0.96
C ILE B 377 10.64 34.32 -0.97
N VAL B 378 10.56 33.72 -2.15
CA VAL B 378 10.16 32.32 -2.27
C VAL B 378 11.25 31.59 -3.04
N ASP B 379 11.57 30.37 -2.59
CA ASP B 379 12.51 29.61 -3.41
C ASP B 379 11.77 28.88 -4.55
N HIS B 380 12.53 28.47 -5.56
CA HIS B 380 11.91 27.86 -6.74
C HIS B 380 11.26 26.52 -6.43
N HIS B 381 11.68 25.82 -5.38
CA HIS B 381 10.98 24.59 -5.03
C HIS B 381 9.61 24.89 -4.45
N ALA B 382 9.52 25.88 -3.56
CA ALA B 382 8.21 26.23 -3.01
C ALA B 382 7.32 26.88 -4.08
N ALA B 383 7.90 27.75 -4.92
CA ALA B 383 7.09 28.43 -5.92
C ALA B 383 6.50 27.45 -6.93
N THR B 384 7.30 26.48 -7.41
CA THR B 384 6.76 25.53 -8.39
C THR B 384 5.76 24.57 -7.76
N ALA B 385 5.94 24.19 -6.49
CA ALA B 385 4.94 23.33 -5.87
C ALA B 385 3.60 24.06 -5.76
N SER B 386 3.63 25.36 -5.47
CA SER B 386 2.36 26.07 -5.38
C SER B 386 1.77 26.33 -6.77
N PHE B 387 2.61 26.49 -7.78
CA PHE B 387 2.10 26.53 -9.15
C PHE B 387 1.40 25.22 -9.52
N MET B 388 1.98 24.07 -9.16
CA MET B 388 1.26 22.82 -9.37
C MET B 388 -0.11 22.85 -8.70
N LYS B 389 -0.20 23.41 -7.49
CA LYS B 389 -1.51 23.54 -6.86
C LYS B 389 -2.42 24.44 -7.68
N HIS B 390 -1.85 25.50 -8.26
CA HIS B 390 -2.64 26.42 -9.07
C HIS B 390 -3.20 25.74 -10.30
N LEU B 391 -2.41 24.86 -10.94
CA LEU B 391 -2.92 24.14 -12.10
C LEU B 391 -4.13 23.29 -11.73
N GLU B 392 -4.09 22.66 -10.56
CA GLU B 392 -5.24 21.88 -10.10
C GLU B 392 -6.47 22.76 -9.87
N ASN B 393 -6.27 23.91 -9.18
CA ASN B 393 -7.37 24.85 -8.95
C ASN B 393 -8.00 25.32 -10.25
N GLU B 394 -7.17 25.64 -11.24
CA GLU B 394 -7.68 26.18 -12.49
C GLU B 394 -8.38 25.11 -13.32
N GLN B 395 -7.95 23.86 -13.21
CA GLN B 395 -8.66 22.80 -13.92
C GLN B 395 -10.09 22.68 -13.40
N LYS B 396 -10.27 22.81 -12.08
CA LYS B 396 -11.62 22.76 -11.53
C LYS B 396 -12.42 23.99 -11.92
N ALA B 397 -11.79 25.17 -11.89
CA ALA B 397 -12.50 26.41 -12.13
C ALA B 397 -12.82 26.62 -13.60
N ARG B 398 -11.80 26.65 -14.46
CA ARG B 398 -11.97 27.07 -15.86
C ARG B 398 -11.74 25.96 -16.88
N GLY B 399 -11.40 24.74 -16.46
CA GLY B 399 -11.08 23.72 -17.43
C GLY B 399 -9.73 23.90 -18.10
N GLY B 400 -8.79 24.55 -17.43
CA GLY B 400 -7.46 24.68 -18.00
C GLY B 400 -6.70 25.85 -17.42
N CYS B 401 -5.45 25.95 -17.86
CA CYS B 401 -4.57 27.03 -17.47
C CYS B 401 -3.50 27.22 -18.54
N PRO B 402 -3.34 28.44 -19.06
CA PRO B 402 -2.28 28.68 -20.04
C PRO B 402 -0.93 28.87 -19.37
N ALA B 403 0.09 28.21 -19.91
CA ALA B 403 1.39 28.19 -19.26
C ALA B 403 2.47 27.95 -20.29
N ASP B 404 3.54 28.75 -20.22
CA ASP B 404 4.69 28.66 -21.10
C ASP B 404 5.78 27.86 -20.39
N TRP B 405 5.85 26.55 -20.69
CA TRP B 405 6.78 25.65 -20.03
C TRP B 405 8.17 26.24 -19.87
N ALA B 406 8.73 26.78 -20.96
CA ALA B 406 10.09 27.32 -20.93
C ALA B 406 10.26 28.42 -19.89
N TRP B 407 9.20 29.09 -19.49
CA TRP B 407 9.32 30.20 -18.55
C TRP B 407 8.90 29.82 -17.15
N ILE B 408 8.14 28.74 -17.01
CA ILE B 408 7.65 28.28 -15.73
C ILE B 408 8.73 27.45 -15.02
N VAL B 409 9.52 26.72 -15.78
CA VAL B 409 10.58 25.86 -15.25
C VAL B 409 11.73 26.76 -14.84
N PRO B 410 12.16 26.73 -13.59
CA PRO B 410 13.19 27.68 -13.11
C PRO B 410 14.51 27.51 -13.85
N PRO B 411 15.36 28.55 -13.82
CA PRO B 411 16.61 28.52 -14.60
C PRO B 411 17.73 27.68 -14.01
N ILE B 412 17.59 27.11 -12.82
CA ILE B 412 18.49 26.08 -12.32
C ILE B 412 17.64 24.97 -11.75
N SER B 413 18.20 23.76 -11.74
CA SER B 413 17.58 22.60 -11.10
C SER B 413 16.19 22.31 -11.66
N GLY B 414 16.01 22.56 -12.95
CA GLY B 414 14.73 22.36 -13.59
C GLY B 414 14.04 21.05 -13.25
N SER B 415 14.71 19.92 -13.50
CA SER B 415 14.06 18.63 -13.32
C SER B 415 13.85 18.25 -11.86
N LEU B 416 14.41 18.99 -10.93
CA LEU B 416 14.15 18.68 -9.53
C LEU B 416 12.84 19.27 -9.03
N THR B 417 12.11 20.04 -9.86
CA THR B 417 10.82 20.58 -9.47
C THR B 417 9.67 19.85 -10.16
N PRO B 418 8.47 19.88 -9.60
CA PRO B 418 7.36 19.10 -10.18
C PRO B 418 6.80 19.66 -11.49
N VAL B 419 7.21 20.86 -11.92
CA VAL B 419 6.68 21.36 -13.18
C VAL B 419 7.45 20.83 -14.38
N PHE B 420 8.67 20.35 -14.17
CA PHE B 420 9.48 19.86 -15.29
C PHE B 420 8.76 18.76 -16.07
N HIS B 421 8.19 17.77 -15.37
CA HIS B 421 7.53 16.63 -16.00
C HIS B 421 6.03 16.85 -16.24
N GLN B 422 5.56 18.08 -16.10
CA GLN B 422 4.17 18.45 -16.32
C GLN B 422 4.03 19.08 -17.70
N GLU B 423 3.33 18.41 -18.60
CA GLU B 423 2.98 19.01 -19.89
C GLU B 423 2.10 20.24 -19.67
N MET B 424 2.19 21.20 -20.60
CA MET B 424 1.51 22.49 -20.45
C MET B 424 1.06 23.01 -21.81
N VAL B 425 -0.06 23.75 -21.82
CA VAL B 425 -0.63 24.34 -23.04
C VAL B 425 -0.50 25.85 -22.95
N ASN B 426 0.04 26.45 -23.99
CA ASN B 426 0.23 27.89 -24.03
C ASN B 426 -0.72 28.51 -25.05
N TYR B 427 -1.38 29.60 -24.66
CA TYR B 427 -2.34 30.33 -25.49
C TYR B 427 -2.69 31.64 -24.80
N PHE B 428 -3.23 32.58 -25.58
CA PHE B 428 -3.44 33.95 -25.13
C PHE B 428 -4.90 34.16 -24.76
N LEU B 429 -5.16 34.49 -23.50
CA LEU B 429 -6.47 34.90 -23.03
C LEU B 429 -6.46 36.39 -22.68
N SER B 430 -7.64 37.00 -22.72
CA SER B 430 -7.79 38.38 -22.31
C SER B 430 -8.82 38.48 -21.19
N PRO B 431 -8.68 39.45 -20.26
CA PRO B 431 -7.66 40.49 -20.01
C PRO B 431 -6.25 39.96 -19.96
N ALA B 432 -5.27 40.84 -20.15
CA ALA B 432 -3.90 40.39 -20.35
C ALA B 432 -2.95 41.55 -20.21
N PHE B 433 -1.74 41.25 -19.75
CA PHE B 433 -0.64 42.21 -19.85
C PHE B 433 0.08 41.94 -21.15
N ARG B 434 0.58 42.99 -21.77
CA ARG B 434 1.28 42.81 -23.03
C ARG B 434 2.40 43.83 -23.14
N TYR B 435 3.36 43.53 -24.01
CA TYR B 435 4.45 44.45 -24.26
C TYR B 435 4.00 45.58 -25.16
N GLN B 436 4.69 46.71 -25.07
CA GLN B 436 4.37 47.86 -25.90
C GLN B 436 5.67 48.55 -26.26
N PRO B 437 5.70 49.30 -27.36
CA PRO B 437 6.94 49.99 -27.76
C PRO B 437 7.38 51.02 -26.72
N ASP B 438 8.69 51.22 -26.64
CA ASP B 438 9.24 52.22 -25.75
C ASP B 438 8.79 53.61 -26.19
N PRO B 439 8.52 54.53 -25.26
CA PRO B 439 7.94 55.82 -25.62
C PRO B 439 8.89 56.79 -26.28
N TRP B 440 10.17 56.46 -26.39
CA TRP B 440 11.11 57.36 -27.05
C TRP B 440 11.54 56.85 -28.44
N PHE C 28 -30.91 -4.64 -33.83
CA PHE C 28 -29.70 -5.19 -33.23
C PHE C 28 -29.56 -4.80 -31.74
N PRO C 29 -29.36 -5.78 -30.86
CA PRO C 29 -29.32 -5.50 -29.41
C PRO C 29 -28.03 -4.83 -28.95
N ARG C 30 -28.18 -3.84 -28.09
CA ARG C 30 -27.04 -3.16 -27.48
C ARG C 30 -26.70 -3.83 -26.14
N VAL C 31 -25.44 -4.23 -25.97
CA VAL C 31 -25.01 -4.89 -24.74
C VAL C 31 -23.80 -4.15 -24.17
N LYS C 32 -23.95 -3.68 -22.94
CA LYS C 32 -22.98 -2.86 -22.24
C LYS C 32 -22.22 -3.69 -21.22
N ASN C 33 -20.91 -3.46 -21.12
CA ASN C 33 -20.14 -3.92 -19.97
C ASN C 33 -20.16 -2.79 -18.93
N TRP C 34 -20.91 -2.99 -17.84
CA TRP C 34 -21.16 -1.94 -16.87
C TRP C 34 -19.96 -1.65 -15.96
N GLU C 35 -18.96 -2.53 -15.93
CA GLU C 35 -17.74 -2.28 -15.18
C GLU C 35 -16.78 -1.39 -15.97
N VAL C 36 -16.62 -1.66 -17.27
CA VAL C 36 -15.78 -0.84 -18.13
C VAL C 36 -16.56 0.35 -18.69
N GLY C 37 -17.82 0.15 -19.05
CA GLY C 37 -18.59 1.15 -19.76
C GLY C 37 -18.64 0.95 -21.27
N SER C 38 -18.09 -0.13 -21.78
CA SER C 38 -18.02 -0.36 -23.22
C SER C 38 -19.35 -0.89 -23.78
N ILE C 39 -19.65 -0.50 -25.01
CA ILE C 39 -20.85 -0.91 -25.73
C ILE C 39 -20.45 -1.79 -26.91
N THR C 40 -21.27 -2.81 -27.19
CA THR C 40 -21.17 -3.59 -28.43
C THR C 40 -22.59 -3.89 -28.92
N TYR C 41 -22.68 -4.32 -30.18
CA TYR C 41 -23.95 -4.69 -30.80
C TYR C 41 -23.88 -6.15 -31.26
N ASP C 42 -24.90 -6.93 -30.93
CA ASP C 42 -24.88 -8.35 -31.28
C ASP C 42 -25.61 -8.52 -32.61
N THR C 43 -24.85 -8.63 -33.69
CA THR C 43 -25.41 -8.89 -35.01
C THR C 43 -25.45 -10.37 -35.36
N LEU C 44 -24.81 -11.21 -34.56
CA LEU C 44 -24.94 -12.64 -34.75
C LEU C 44 -26.33 -13.13 -34.34
N SER C 45 -26.98 -12.43 -33.43
CA SER C 45 -28.29 -12.90 -32.97
C SER C 45 -29.31 -12.92 -34.11
N ALA C 46 -29.10 -12.10 -35.14
CA ALA C 46 -30.04 -12.06 -36.26
C ALA C 46 -30.03 -13.36 -37.06
N GLN C 47 -28.93 -14.10 -37.00
CA GLN C 47 -28.83 -15.39 -37.67
C GLN C 47 -29.34 -16.54 -36.81
N ALA C 48 -30.22 -16.27 -35.84
CA ALA C 48 -30.63 -17.31 -34.92
C ALA C 48 -31.61 -18.27 -35.58
N GLN C 49 -31.41 -19.56 -35.36
CA GLN C 49 -32.21 -20.61 -35.97
C GLN C 49 -33.57 -20.77 -35.31
N GLN C 50 -33.62 -21.56 -34.25
CA GLN C 50 -34.86 -21.94 -33.60
C GLN C 50 -35.34 -20.83 -32.66
N ASP C 51 -36.50 -21.05 -32.06
CA ASP C 51 -37.12 -20.09 -31.17
C ASP C 51 -36.94 -20.51 -29.72
N GLY C 52 -36.52 -19.56 -28.89
CA GLY C 52 -36.41 -19.77 -27.47
C GLY C 52 -37.77 -19.66 -26.82
N PRO C 53 -37.78 -19.59 -25.49
CA PRO C 53 -39.04 -19.62 -24.73
C PRO C 53 -39.58 -18.27 -24.28
N CYS C 54 -38.87 -17.17 -24.53
CA CYS C 54 -39.34 -15.87 -24.08
C CYS C 54 -40.22 -15.22 -25.15
N THR C 55 -41.12 -14.36 -24.70
CA THR C 55 -41.92 -13.49 -25.56
C THR C 55 -41.85 -12.07 -25.01
N PRO C 56 -42.37 -11.09 -25.75
CA PRO C 56 -42.44 -9.72 -25.20
C PRO C 56 -43.22 -9.60 -23.88
N ARG C 57 -44.12 -10.52 -23.60
CA ARG C 57 -44.94 -10.42 -22.39
C ARG C 57 -44.32 -11.08 -21.16
N ARG C 58 -43.40 -12.04 -21.31
CA ARG C 58 -42.71 -12.55 -20.13
C ARG C 58 -41.43 -13.27 -20.53
N CYS C 59 -40.40 -13.12 -19.70
CA CYS C 59 -39.10 -13.74 -19.89
C CYS C 59 -39.06 -15.07 -19.14
N LEU C 60 -38.69 -16.14 -19.85
CA LEU C 60 -38.50 -17.47 -19.26
C LEU C 60 -37.04 -17.91 -19.31
N GLY C 61 -36.11 -16.95 -19.27
CA GLY C 61 -34.70 -17.27 -19.44
C GLY C 61 -34.08 -18.11 -18.33
N SER C 62 -34.71 -18.15 -17.14
CA SER C 62 -34.16 -18.96 -16.06
C SER C 62 -34.60 -20.41 -16.08
N LEU C 63 -35.46 -20.80 -17.00
CA LEU C 63 -35.90 -22.18 -17.06
C LEU C 63 -34.75 -23.06 -17.53
N VAL C 64 -34.62 -24.24 -16.91
CA VAL C 64 -33.52 -25.13 -17.21
C VAL C 64 -33.74 -25.83 -18.55
N PHE C 65 -34.92 -26.40 -18.75
CA PHE C 65 -35.28 -27.11 -19.98
C PHE C 65 -36.46 -26.39 -20.62
N PRO C 66 -36.22 -25.46 -21.56
CA PRO C 66 -37.31 -24.80 -22.30
C PRO C 66 -38.29 -25.78 -22.94
N ALA C 79 -39.63 -34.64 -42.77
CA ALA C 79 -38.90 -33.42 -43.12
C ALA C 79 -37.75 -33.71 -44.10
N PRO C 80 -38.09 -34.04 -45.36
CA PRO C 80 -37.03 -34.36 -46.34
C PRO C 80 -36.38 -33.13 -46.95
N GLU C 81 -37.20 -32.14 -47.32
CA GLU C 81 -36.68 -30.86 -47.78
C GLU C 81 -36.02 -30.07 -46.67
N GLN C 82 -36.15 -30.52 -45.42
CA GLN C 82 -35.56 -29.80 -44.30
C GLN C 82 -34.08 -30.11 -44.13
N LEU C 83 -33.70 -31.39 -44.26
CA LEU C 83 -32.28 -31.72 -44.25
C LEU C 83 -31.54 -30.98 -45.37
N LEU C 84 -32.14 -30.93 -46.55
CA LEU C 84 -31.50 -30.22 -47.66
C LEU C 84 -31.31 -28.74 -47.34
N SER C 85 -32.26 -28.14 -46.62
CA SER C 85 -32.16 -26.73 -46.29
C SER C 85 -31.02 -26.46 -45.31
N GLN C 86 -30.98 -27.26 -44.23
CA GLN C 86 -29.98 -27.07 -43.18
C GLN C 86 -28.59 -27.46 -43.66
N ALA C 87 -28.49 -28.55 -44.42
CA ALA C 87 -27.20 -29.01 -44.90
C ALA C 87 -26.53 -27.93 -45.73
N ARG C 88 -27.29 -27.24 -46.57
CA ARG C 88 -26.73 -26.21 -47.44
C ARG C 88 -26.11 -25.08 -46.61
N ASP C 89 -26.82 -24.64 -45.57
CA ASP C 89 -26.29 -23.57 -44.72
C ASP C 89 -25.03 -24.02 -43.99
N PHE C 90 -24.99 -25.28 -43.54
CA PHE C 90 -23.80 -25.77 -42.85
C PHE C 90 -22.62 -25.86 -43.80
N ILE C 91 -22.82 -26.42 -44.99
CA ILE C 91 -21.75 -26.50 -45.99
C ILE C 91 -21.21 -25.12 -46.31
N ASN C 92 -22.07 -24.10 -46.39
CA ASN C 92 -21.61 -22.75 -46.71
C ASN C 92 -20.88 -22.13 -45.52
N GLN C 93 -21.33 -22.42 -44.30
CA GLN C 93 -20.56 -22.03 -43.12
C GLN C 93 -19.16 -22.63 -43.17
N TYR C 94 -19.07 -23.91 -43.52
CA TYR C 94 -17.78 -24.58 -43.54
C TYR C 94 -16.85 -23.99 -44.59
N TYR C 95 -17.34 -23.85 -45.82
CA TYR C 95 -16.45 -23.35 -46.86
C TYR C 95 -16.12 -21.87 -46.69
N SER C 96 -16.97 -21.10 -46.00
CA SER C 96 -16.58 -19.74 -45.62
CA SER C 96 -16.59 -19.73 -45.62
C SER C 96 -15.53 -19.75 -44.53
N SER C 97 -15.58 -20.72 -43.62
CA SER C 97 -14.59 -20.83 -42.57
C SER C 97 -13.19 -21.08 -43.13
N ILE C 98 -13.07 -21.94 -44.15
CA ILE C 98 -11.77 -22.26 -44.71
C ILE C 98 -11.43 -21.30 -45.85
N LYS C 99 -12.10 -20.15 -45.90
CA LYS C 99 -11.78 -19.08 -46.85
C LYS C 99 -11.83 -19.57 -48.29
N ARG C 100 -12.84 -20.39 -48.59
CA ARG C 100 -12.96 -21.02 -49.88
C ARG C 100 -14.39 -20.90 -50.38
N SER C 101 -14.97 -19.70 -50.23
CA SER C 101 -16.35 -19.47 -50.64
C SER C 101 -16.43 -19.18 -52.13
N GLY C 102 -17.36 -19.86 -52.81
CA GLY C 102 -17.55 -19.70 -54.24
C GLY C 102 -16.61 -20.51 -55.11
N SER C 103 -15.59 -21.16 -54.55
CA SER C 103 -14.65 -21.96 -55.32
C SER C 103 -15.32 -23.21 -55.86
N GLN C 104 -14.69 -23.83 -56.86
CA GLN C 104 -15.26 -25.04 -57.44
C GLN C 104 -15.23 -26.21 -56.45
N ALA C 105 -14.31 -26.20 -55.49
CA ALA C 105 -14.41 -27.13 -54.36
C ALA C 105 -15.70 -26.94 -53.58
N HIS C 106 -16.11 -25.67 -53.39
CA HIS C 106 -17.35 -25.36 -52.70
C HIS C 106 -18.57 -25.79 -53.52
N GLU C 107 -18.62 -25.38 -54.79
CA GLU C 107 -19.74 -25.77 -55.65
C GLU C 107 -19.86 -27.29 -55.76
N GLN C 108 -18.71 -27.98 -55.87
CA GLN C 108 -18.72 -29.44 -55.97
C GLN C 108 -19.37 -30.08 -54.74
N ARG C 109 -19.00 -29.63 -53.54
CA ARG C 109 -19.50 -30.26 -52.34
C ARG C 109 -21.01 -30.11 -52.20
N LEU C 110 -21.54 -28.94 -52.58
CA LEU C 110 -22.99 -28.72 -52.48
C LEU C 110 -23.77 -29.70 -53.35
N GLN C 111 -23.30 -29.96 -54.56
CA GLN C 111 -24.00 -30.90 -55.44
C GLN C 111 -23.91 -32.33 -54.93
N GLU C 112 -22.79 -32.71 -54.29
CA GLU C 112 -22.68 -34.05 -53.74
C GLU C 112 -23.73 -34.31 -52.66
N VAL C 113 -23.98 -33.31 -51.81
CA VAL C 113 -24.93 -33.47 -50.70
C VAL C 113 -26.35 -33.65 -51.24
N GLU C 114 -26.75 -32.83 -52.23
CA GLU C 114 -28.09 -32.98 -52.81
C GLU C 114 -28.30 -34.39 -53.34
N ALA C 115 -27.30 -34.94 -54.04
CA ALA C 115 -27.40 -36.28 -54.62
C ALA C 115 -27.58 -37.33 -53.53
N GLU C 116 -26.69 -37.33 -52.53
CA GLU C 116 -26.82 -38.30 -51.45
C GLU C 116 -28.20 -38.22 -50.79
N VAL C 117 -28.74 -37.01 -50.62
CA VAL C 117 -30.09 -36.85 -50.07
C VAL C 117 -31.11 -37.48 -51.01
N ALA C 118 -31.07 -37.10 -52.29
CA ALA C 118 -31.98 -37.67 -53.29
C ALA C 118 -32.05 -39.18 -53.20
N ALA C 119 -30.89 -39.84 -53.12
CA ALA C 119 -30.81 -41.29 -53.25
C ALA C 119 -30.87 -42.07 -51.93
N THR C 120 -30.82 -41.39 -50.77
CA THR C 120 -30.85 -42.11 -49.49
C THR C 120 -31.79 -41.53 -48.44
N GLY C 121 -32.22 -40.28 -48.54
CA GLY C 121 -32.98 -39.66 -47.46
C GLY C 121 -32.11 -39.18 -46.32
N THR C 122 -30.82 -38.97 -46.56
CA THR C 122 -29.84 -38.57 -45.55
C THR C 122 -28.57 -38.18 -46.31
N TYR C 123 -27.50 -37.90 -45.57
CA TYR C 123 -26.18 -37.75 -46.16
C TYR C 123 -25.15 -37.99 -45.07
N GLN C 124 -23.88 -38.09 -45.49
CA GLN C 124 -22.76 -38.41 -44.63
C GLN C 124 -21.78 -37.24 -44.65
N LEU C 125 -21.30 -36.84 -43.47
CA LEU C 125 -20.31 -35.76 -43.40
C LEU C 125 -18.91 -36.29 -43.71
N ARG C 126 -18.11 -35.45 -44.38
CA ARG C 126 -16.68 -35.69 -44.45
C ARG C 126 -16.06 -35.45 -43.08
N GLU C 127 -14.92 -36.09 -42.81
CA GLU C 127 -14.30 -35.99 -41.50
C GLU C 127 -14.03 -34.54 -41.11
N SER C 128 -13.49 -33.74 -42.04
CA SER C 128 -13.17 -32.36 -41.71
C SER C 128 -14.43 -31.53 -41.41
N GLU C 129 -15.55 -31.83 -42.07
CA GLU C 129 -16.82 -31.19 -41.75
C GLU C 129 -17.33 -31.63 -40.36
N LEU C 130 -17.14 -32.90 -40.01
CA LEU C 130 -17.50 -33.37 -38.67
C LEU C 130 -16.64 -32.71 -37.59
N VAL C 131 -15.36 -32.46 -37.87
CA VAL C 131 -14.52 -31.78 -36.89
C VAL C 131 -14.95 -30.33 -36.73
N PHE C 132 -15.08 -29.61 -37.85
CA PHE C 132 -15.61 -28.24 -37.81
C PHE C 132 -16.97 -28.19 -37.15
N GLY C 133 -17.82 -29.16 -37.45
CA GLY C 133 -19.15 -29.18 -36.86
C GLY C 133 -19.13 -29.26 -35.35
N ALA C 134 -18.30 -30.14 -34.80
CA ALA C 134 -18.27 -30.32 -33.35
C ALA C 134 -17.69 -29.11 -32.64
N LYS C 135 -16.66 -28.47 -33.21
CA LYS C 135 -16.12 -27.27 -32.58
C LYS C 135 -17.14 -26.15 -32.56
N GLN C 136 -17.85 -25.97 -33.68
CA GLN C 136 -18.89 -24.94 -33.73
C GLN C 136 -19.98 -25.21 -32.70
N ALA C 137 -20.38 -26.47 -32.53
CA ALA C 137 -21.41 -26.78 -31.54
C ALA C 137 -20.95 -26.33 -30.15
N TRP C 138 -19.69 -26.65 -29.80
CA TRP C 138 -19.10 -26.15 -28.57
C TRP C 138 -19.10 -24.63 -28.54
N ARG C 139 -18.61 -24.01 -29.61
CA ARG C 139 -18.53 -22.56 -29.67
C ARG C 139 -19.90 -21.90 -29.50
N ASN C 140 -20.96 -22.59 -29.94
CA ASN C 140 -22.29 -22.04 -29.88
C ASN C 140 -23.00 -22.26 -28.53
N ALA C 141 -22.44 -23.08 -27.64
CA ALA C 141 -23.17 -23.48 -26.44
C ALA C 141 -23.34 -22.31 -25.47
N PRO C 142 -24.56 -21.81 -25.27
CA PRO C 142 -24.74 -20.58 -24.49
C PRO C 142 -24.32 -20.73 -23.05
N ARG C 143 -24.37 -21.93 -22.48
CA ARG C 143 -24.21 -22.11 -21.04
C ARG C 143 -22.80 -22.47 -20.64
N CYS C 144 -21.85 -22.54 -21.59
CA CYS C 144 -20.49 -23.00 -21.32
C CYS C 144 -19.56 -21.81 -21.15
N VAL C 145 -18.99 -21.68 -19.95
CA VAL C 145 -18.01 -20.64 -19.65
C VAL C 145 -16.63 -20.97 -20.19
N GLY C 146 -16.42 -22.20 -20.69
CA GLY C 146 -15.08 -22.61 -21.09
C GLY C 146 -14.73 -22.43 -22.56
N ARG C 147 -15.49 -21.64 -23.29
CA ARG C 147 -15.40 -21.69 -24.75
C ARG C 147 -14.17 -21.00 -25.34
N ILE C 148 -13.36 -20.30 -24.53
CA ILE C 148 -12.09 -19.75 -25.02
C ILE C 148 -11.27 -20.87 -25.65
N GLN C 149 -11.56 -22.10 -25.23
CA GLN C 149 -10.85 -23.29 -25.64
C GLN C 149 -11.41 -23.94 -26.91
N TRP C 150 -12.44 -23.34 -27.53
CA TRP C 150 -13.24 -24.09 -28.51
C TRP C 150 -12.41 -24.54 -29.73
N GLY C 151 -11.40 -23.78 -30.13
CA GLY C 151 -10.65 -24.19 -31.29
C GLY C 151 -9.71 -25.38 -31.09
N LYS C 152 -9.55 -25.84 -29.85
CA LYS C 152 -8.67 -26.96 -29.53
C LYS C 152 -9.54 -28.08 -28.97
N LEU C 153 -10.03 -28.93 -29.86
CA LEU C 153 -10.92 -30.04 -29.50
C LEU C 153 -10.54 -31.27 -30.31
N GLN C 154 -10.29 -32.38 -29.64
CA GLN C 154 -9.93 -33.61 -30.31
C GLN C 154 -11.20 -34.40 -30.64
N VAL C 155 -11.40 -34.69 -31.93
CA VAL C 155 -12.59 -35.35 -32.43
C VAL C 155 -12.22 -36.77 -32.84
N PHE C 156 -12.87 -37.75 -32.22
CA PHE C 156 -12.74 -39.15 -32.60
C PHE C 156 -13.95 -39.58 -33.42
N ASP C 157 -13.71 -40.06 -34.63
CA ASP C 157 -14.77 -40.53 -35.52
C ASP C 157 -15.07 -41.99 -35.24
N ALA C 158 -16.22 -42.26 -34.63
CA ALA C 158 -16.69 -43.62 -34.38
C ALA C 158 -17.96 -43.91 -35.18
N ARG C 159 -18.15 -43.20 -36.30
CA ARG C 159 -19.31 -43.39 -37.16
C ARG C 159 -19.30 -44.73 -37.89
N ASP C 160 -18.27 -45.55 -37.73
CA ASP C 160 -18.25 -46.92 -38.25
C ASP C 160 -18.52 -47.95 -37.17
N CYS C 161 -18.77 -47.51 -35.94
CA CYS C 161 -19.01 -48.42 -34.82
C CYS C 161 -20.21 -49.33 -35.10
N ARG C 162 -20.10 -50.59 -34.69
CA ARG C 162 -21.15 -51.57 -34.88
C ARG C 162 -21.70 -52.11 -33.56
N SER C 163 -20.88 -52.77 -32.76
CA SER C 163 -21.38 -53.47 -31.59
C SER C 163 -21.62 -52.49 -30.43
N ALA C 164 -22.38 -52.96 -29.45
CA ALA C 164 -22.38 -52.31 -28.15
C ALA C 164 -21.11 -52.62 -27.37
N GLN C 165 -20.28 -53.54 -27.86
CA GLN C 165 -18.96 -53.79 -27.30
C GLN C 165 -17.89 -52.91 -27.93
N GLU C 166 -17.93 -52.75 -29.25
CA GLU C 166 -17.04 -51.80 -29.92
C GLU C 166 -17.24 -50.39 -29.40
N MET C 167 -18.49 -50.03 -29.12
CA MET C 167 -18.78 -48.72 -28.55
C MET C 167 -18.07 -48.53 -27.21
N PHE C 168 -18.03 -49.58 -26.38
CA PHE C 168 -17.32 -49.51 -25.12
C PHE C 168 -15.83 -49.25 -25.34
N THR C 169 -15.25 -49.80 -26.41
CA THR C 169 -13.82 -49.61 -26.65
C THR C 169 -13.52 -48.19 -27.09
N TYR C 170 -14.37 -47.61 -27.94
CA TYR C 170 -14.21 -46.20 -28.28
C TYR C 170 -14.31 -45.32 -27.05
N ILE C 171 -15.26 -45.60 -26.16
CA ILE C 171 -15.38 -44.82 -24.93
C ILE C 171 -14.12 -44.95 -24.11
N CYS C 172 -13.58 -46.17 -24.02
CA CYS C 172 -12.38 -46.37 -23.21
C CYS C 172 -11.19 -45.64 -23.82
N ASN C 173 -11.07 -45.63 -25.14
CA ASN C 173 -10.03 -44.84 -25.77
C ASN C 173 -10.25 -43.34 -25.55
N HIS C 174 -11.51 -42.89 -25.56
CA HIS C 174 -11.82 -41.50 -25.28
C HIS C 174 -11.35 -41.11 -23.87
N ILE C 175 -11.85 -41.82 -22.86
CA ILE C 175 -11.46 -41.57 -21.47
C ILE C 175 -9.94 -41.56 -21.32
N LYS C 176 -9.28 -42.57 -21.89
CA LYS C 176 -7.83 -42.66 -21.82
C LYS C 176 -7.15 -41.43 -22.42
N TYR C 177 -7.54 -41.04 -23.63
CA TYR C 177 -6.91 -39.90 -24.27
C TYR C 177 -7.15 -38.61 -23.50
N ALA C 178 -8.38 -38.38 -23.06
CA ALA C 178 -8.74 -37.09 -22.45
C ALA C 178 -8.16 -36.95 -21.06
N THR C 179 -7.99 -38.07 -20.35
CA THR C 179 -7.45 -38.00 -18.99
C THR C 179 -5.95 -37.76 -19.01
N ASN C 180 -5.20 -38.53 -19.82
CA ASN C 180 -3.81 -38.21 -20.14
C ASN C 180 -2.99 -37.98 -18.86
N ARG C 181 -3.10 -38.93 -17.93
CA ARG C 181 -2.35 -38.90 -16.66
C ARG C 181 -2.61 -37.62 -15.88
N GLY C 182 -3.81 -37.05 -16.03
CA GLY C 182 -4.15 -35.86 -15.29
C GLY C 182 -3.88 -34.56 -16.01
N ASN C 183 -3.35 -34.61 -17.23
CA ASN C 183 -3.12 -33.39 -18.02
C ASN C 183 -4.21 -33.31 -19.09
N LEU C 184 -5.36 -32.76 -18.71
CA LEU C 184 -6.59 -33.06 -19.42
C LEU C 184 -6.66 -32.38 -20.79
N ARG C 185 -7.30 -33.06 -21.74
CA ARG C 185 -7.47 -32.57 -23.11
C ARG C 185 -8.93 -32.71 -23.54
N SER C 186 -9.48 -31.65 -24.14
CA SER C 186 -10.86 -31.70 -24.57
C SER C 186 -11.06 -32.70 -25.70
N ALA C 187 -12.17 -33.45 -25.65
CA ALA C 187 -12.37 -34.48 -26.65
C ALA C 187 -13.84 -34.81 -26.79
N ILE C 188 -14.21 -35.28 -27.97
CA ILE C 188 -15.56 -35.72 -28.26
C ILE C 188 -15.44 -36.94 -29.18
N THR C 189 -16.24 -37.96 -28.88
CA THR C 189 -16.30 -39.17 -29.68
C THR C 189 -17.68 -39.25 -30.30
N VAL C 190 -17.75 -39.31 -31.64
CA VAL C 190 -19.02 -39.22 -32.35
C VAL C 190 -19.41 -40.61 -32.84
N PHE C 191 -20.53 -41.10 -32.35
CA PHE C 191 -21.11 -42.38 -32.73
C PHE C 191 -22.09 -42.17 -33.88
N PRO C 192 -22.48 -43.24 -34.60
CA PRO C 192 -23.15 -43.04 -35.89
C PRO C 192 -24.46 -42.27 -35.77
N GLN C 193 -24.73 -41.46 -36.78
CA GLN C 193 -25.93 -40.64 -36.79
C GLN C 193 -27.18 -41.50 -36.83
N ARG C 194 -28.30 -40.87 -36.50
CA ARG C 194 -29.59 -41.53 -36.49
C ARG C 194 -30.16 -41.56 -37.91
N CYS C 195 -30.64 -42.72 -38.34
CA CYS C 195 -31.25 -42.82 -39.65
C CYS C 195 -32.61 -43.51 -39.52
N PRO C 196 -33.55 -43.22 -40.42
CA PRO C 196 -34.88 -43.84 -40.31
C PRO C 196 -34.81 -45.35 -40.46
N GLY C 197 -35.80 -46.03 -39.89
CA GLY C 197 -35.87 -47.47 -39.97
C GLY C 197 -34.88 -48.20 -39.10
N ARG C 198 -34.20 -47.52 -38.20
CA ARG C 198 -33.18 -48.11 -37.35
C ARG C 198 -33.05 -47.27 -36.09
N GLY C 199 -32.89 -47.94 -34.95
CA GLY C 199 -32.81 -47.25 -33.67
C GLY C 199 -31.51 -46.50 -33.49
N ASP C 200 -31.45 -45.72 -32.41
CA ASP C 200 -30.31 -44.85 -32.16
C ASP C 200 -29.26 -45.57 -31.30
N PHE C 201 -28.02 -45.12 -31.44
CA PHE C 201 -27.02 -45.37 -30.41
C PHE C 201 -27.31 -44.43 -29.24
N ARG C 202 -27.33 -44.97 -28.02
CA ARG C 202 -27.51 -44.15 -26.84
C ARG C 202 -26.64 -44.66 -25.70
N ILE C 203 -25.98 -43.74 -25.01
CA ILE C 203 -25.37 -43.99 -23.72
C ILE C 203 -26.39 -43.62 -22.66
N TRP C 204 -26.66 -44.54 -21.73
CA TRP C 204 -27.71 -44.29 -20.75
C TRP C 204 -27.25 -43.38 -19.61
N ASN C 205 -26.01 -43.53 -19.14
CA ASN C 205 -25.52 -42.67 -18.06
C ASN C 205 -25.49 -41.22 -18.52
N SER C 206 -25.78 -40.32 -17.58
CA SER C 206 -25.72 -38.90 -17.91
C SER C 206 -24.28 -38.43 -18.09
N GLN C 207 -23.35 -39.03 -17.37
CA GLN C 207 -21.92 -38.80 -17.57
C GLN C 207 -21.22 -40.15 -17.64
N LEU C 208 -19.98 -40.12 -18.14
CA LEU C 208 -19.21 -41.36 -18.22
C LEU C 208 -18.78 -41.84 -16.84
N VAL C 209 -18.38 -40.92 -15.96
CA VAL C 209 -18.00 -41.24 -14.58
C VAL C 209 -19.04 -40.63 -13.65
N ARG C 210 -19.73 -41.48 -12.89
CA ARG C 210 -20.78 -41.06 -11.97
C ARG C 210 -20.72 -41.96 -10.74
N TYR C 211 -20.89 -41.36 -9.56
CA TYR C 211 -20.95 -42.15 -8.34
C TYR C 211 -22.35 -42.64 -8.11
N ALA C 212 -22.47 -43.88 -7.65
CA ALA C 212 -23.78 -44.47 -7.45
C ALA C 212 -24.46 -43.83 -6.24
N GLY C 213 -25.78 -43.67 -6.33
CA GLY C 213 -26.59 -43.28 -5.19
C GLY C 213 -27.55 -44.37 -4.77
N TYR C 214 -27.37 -44.91 -3.57
CA TYR C 214 -28.15 -46.04 -3.07
C TYR C 214 -29.29 -45.56 -2.18
N ARG C 215 -30.46 -46.13 -2.38
CA ARG C 215 -31.63 -45.84 -1.54
C ARG C 215 -31.59 -46.74 -0.31
N GLN C 216 -31.80 -46.15 0.86
CA GLN C 216 -31.75 -46.90 2.12
C GLN C 216 -33.15 -47.26 2.58
N GLN C 217 -33.21 -48.22 3.53
CA GLN C 217 -34.50 -48.62 4.09
C GLN C 217 -35.22 -47.44 4.73
N ASP C 218 -34.47 -46.50 5.30
CA ASP C 218 -35.04 -45.27 5.85
C ASP C 218 -35.73 -44.46 4.77
N GLY C 219 -34.97 -43.59 4.11
CA GLY C 219 -35.47 -42.76 3.03
C GLY C 219 -34.30 -41.99 2.45
N SER C 220 -33.17 -42.05 3.15
CA SER C 220 -31.96 -41.33 2.80
C SER C 220 -31.21 -42.05 1.68
N VAL C 221 -30.19 -41.37 1.16
CA VAL C 221 -29.39 -41.86 0.05
C VAL C 221 -27.94 -41.88 0.49
N ARG C 222 -27.28 -43.03 0.30
CA ARG C 222 -25.83 -43.14 0.41
C ARG C 222 -25.24 -43.01 -0.99
N GLY C 223 -24.30 -42.08 -1.15
CA GLY C 223 -23.79 -41.75 -2.46
C GLY C 223 -24.39 -40.48 -3.02
N ASP C 224 -24.36 -40.38 -4.34
CA ASP C 224 -24.89 -39.19 -5.01
C ASP C 224 -26.40 -39.34 -5.17
N PRO C 225 -27.20 -38.47 -4.52
CA PRO C 225 -28.66 -38.57 -4.68
C PRO C 225 -29.13 -38.22 -6.08
N ALA C 226 -28.30 -37.59 -6.90
CA ALA C 226 -28.70 -37.26 -8.26
C ALA C 226 -28.64 -38.45 -9.20
N ASN C 227 -28.05 -39.57 -8.77
CA ASN C 227 -27.88 -40.72 -9.64
C ASN C 227 -28.69 -41.92 -9.17
N VAL C 228 -29.78 -41.70 -8.43
CA VAL C 228 -30.53 -42.82 -7.88
C VAL C 228 -31.17 -43.63 -9.00
N GLU C 229 -31.81 -42.95 -9.95
CA GLU C 229 -32.55 -43.65 -10.99
C GLU C 229 -31.63 -44.41 -11.93
N ILE C 230 -30.53 -43.79 -12.36
CA ILE C 230 -29.54 -44.48 -13.19
C ILE C 230 -28.90 -45.63 -12.42
N THR C 231 -28.88 -45.57 -11.09
CA THR C 231 -28.35 -46.67 -10.31
C THR C 231 -29.33 -47.83 -10.23
N GLU C 232 -30.61 -47.54 -10.01
CA GLU C 232 -31.61 -48.61 -9.96
C GLU C 232 -31.68 -49.36 -11.27
N LEU C 233 -31.48 -48.67 -12.39
CA LEU C 233 -31.42 -49.33 -13.68
C LEU C 233 -30.27 -50.33 -13.73
N CYS C 234 -29.07 -49.90 -13.35
CA CYS C 234 -27.90 -50.77 -13.40
C CYS C 234 -28.06 -52.00 -12.52
N ILE C 235 -28.77 -51.87 -11.40
CA ILE C 235 -28.98 -53.01 -10.51
C ILE C 235 -29.85 -54.06 -11.18
N GLN C 236 -30.96 -53.62 -11.80
CA GLN C 236 -31.92 -54.51 -12.45
C GLN C 236 -31.49 -54.91 -13.85
N HIS C 237 -30.27 -54.55 -14.28
CA HIS C 237 -29.69 -55.04 -15.52
C HIS C 237 -28.45 -55.89 -15.27
N GLY C 238 -28.27 -56.40 -14.05
CA GLY C 238 -27.27 -57.40 -13.75
C GLY C 238 -26.12 -56.93 -12.87
N TRP C 239 -25.91 -55.62 -12.75
CA TRP C 239 -24.77 -55.13 -11.97
C TRP C 239 -25.02 -55.33 -10.49
N THR C 240 -24.06 -55.96 -9.81
CA THR C 240 -24.16 -56.07 -8.36
C THR C 240 -23.57 -54.83 -7.69
N PRO C 241 -24.27 -54.23 -6.73
CA PRO C 241 -23.85 -52.92 -6.22
C PRO C 241 -22.75 -52.99 -5.17
N GLY C 242 -22.46 -51.84 -4.57
CA GLY C 242 -21.52 -51.74 -3.47
C GLY C 242 -22.09 -51.02 -2.27
N ASN C 243 -21.22 -50.63 -1.35
CA ASN C 243 -21.64 -50.00 -0.10
C ASN C 243 -21.05 -48.61 0.09
N GLY C 244 -20.35 -48.07 -0.91
CA GLY C 244 -19.54 -46.89 -0.73
C GLY C 244 -20.21 -45.62 -1.20
N ARG C 245 -19.75 -44.49 -0.63
CA ARG C 245 -20.25 -43.20 -1.09
C ARG C 245 -19.69 -42.82 -2.45
N PHE C 246 -18.58 -43.43 -2.87
CA PHE C 246 -17.90 -43.06 -4.12
C PHE C 246 -17.62 -44.30 -4.96
N ASP C 247 -18.66 -45.07 -5.24
CA ASP C 247 -18.59 -46.22 -6.13
C ASP C 247 -18.91 -45.76 -7.55
N VAL C 248 -17.96 -45.96 -8.46
CA VAL C 248 -18.19 -45.59 -9.85
C VAL C 248 -19.23 -46.51 -10.46
N LEU C 249 -20.19 -45.93 -11.19
CA LEU C 249 -21.23 -46.69 -11.85
C LEU C 249 -20.67 -47.40 -13.08
N PRO C 250 -21.33 -48.47 -13.52
CA PRO C 250 -21.03 -49.06 -14.83
C PRO C 250 -21.67 -48.25 -15.96
N LEU C 251 -21.28 -48.58 -17.18
CA LEU C 251 -21.85 -47.95 -18.37
C LEU C 251 -22.99 -48.79 -18.90
N LEU C 252 -24.04 -48.11 -19.35
CA LEU C 252 -25.19 -48.75 -20.00
C LEU C 252 -25.20 -48.29 -21.45
N LEU C 253 -24.66 -49.13 -22.34
CA LEU C 253 -24.48 -48.81 -23.75
C LEU C 253 -25.52 -49.54 -24.58
N GLN C 254 -26.36 -48.77 -25.27
CA GLN C 254 -27.44 -49.33 -26.07
C GLN C 254 -27.06 -49.29 -27.54
N ALA C 255 -26.92 -50.47 -28.14
CA ALA C 255 -26.82 -50.60 -29.59
C ALA C 255 -28.21 -50.45 -30.20
N PRO C 256 -28.29 -50.08 -31.48
CA PRO C 256 -29.60 -49.82 -32.10
C PRO C 256 -30.56 -51.00 -32.00
N ASP C 257 -31.78 -50.71 -31.51
CA ASP C 257 -32.89 -51.66 -31.42
C ASP C 257 -32.60 -52.83 -30.49
N GLU C 258 -31.41 -52.88 -29.93
CA GLU C 258 -31.06 -53.86 -28.92
C GLU C 258 -31.43 -53.34 -27.54
N PRO C 259 -31.58 -54.24 -26.55
CA PRO C 259 -31.57 -53.81 -25.16
C PRO C 259 -30.21 -53.26 -24.80
N PRO C 260 -30.10 -52.49 -23.71
CA PRO C 260 -28.80 -51.95 -23.32
C PRO C 260 -27.91 -53.02 -22.69
N GLU C 261 -26.60 -52.80 -22.80
CA GLU C 261 -25.60 -53.72 -22.28
C GLU C 261 -24.78 -53.03 -21.21
N LEU C 262 -24.21 -53.84 -20.31
CA LEU C 262 -23.65 -53.38 -19.03
C LEU C 262 -22.15 -53.67 -19.00
N PHE C 263 -21.33 -52.62 -19.03
CA PHE C 263 -19.88 -52.71 -19.07
C PHE C 263 -19.26 -51.99 -17.89
N LEU C 264 -18.39 -52.70 -17.17
CA LEU C 264 -17.60 -52.07 -16.10
C LEU C 264 -16.48 -51.24 -16.70
N LEU C 265 -15.93 -50.34 -15.87
CA LEU C 265 -14.81 -49.50 -16.26
C LEU C 265 -13.56 -49.93 -15.53
N PRO C 266 -12.45 -50.16 -16.23
CA PRO C 266 -11.18 -50.48 -15.54
C PRO C 266 -10.85 -49.44 -14.48
N PRO C 267 -10.60 -49.87 -13.25
CA PRO C 267 -10.38 -48.89 -12.17
C PRO C 267 -9.27 -47.89 -12.48
N GLU C 268 -8.16 -48.33 -13.07
CA GLU C 268 -7.08 -47.42 -13.44
C GLU C 268 -7.45 -46.52 -14.61
N LEU C 269 -8.58 -46.76 -15.26
CA LEU C 269 -9.06 -45.83 -16.27
C LEU C 269 -9.71 -44.58 -15.66
N VAL C 270 -10.24 -44.68 -14.45
CA VAL C 270 -10.99 -43.58 -13.83
C VAL C 270 -10.07 -42.93 -12.81
N LEU C 271 -9.46 -41.81 -13.19
CA LEU C 271 -8.55 -41.10 -12.30
C LEU C 271 -9.35 -40.31 -11.27
N GLU C 272 -9.12 -40.59 -9.99
CA GLU C 272 -9.79 -39.90 -8.89
C GLU C 272 -8.79 -39.05 -8.11
N VAL C 273 -9.35 -38.08 -7.37
CA VAL C 273 -8.56 -37.09 -6.66
C VAL C 273 -9.06 -37.07 -5.21
N PRO C 274 -8.24 -37.41 -4.24
CA PRO C 274 -8.66 -37.25 -2.85
C PRO C 274 -8.52 -35.79 -2.42
N LEU C 275 -9.46 -35.33 -1.61
CA LEU C 275 -9.53 -33.93 -1.25
C LEU C 275 -8.88 -33.69 0.10
N GLU C 276 -7.90 -32.79 0.12
CA GLU C 276 -7.22 -32.35 1.32
CA GLU C 276 -7.25 -32.35 1.33
C GLU C 276 -7.26 -30.83 1.36
N HIS C 277 -7.07 -30.28 2.54
CA HIS C 277 -7.03 -28.82 2.59
C HIS C 277 -5.61 -28.38 2.88
N PRO C 278 -5.16 -27.24 2.35
CA PRO C 278 -3.75 -26.83 2.61
C PRO C 278 -3.45 -26.52 4.07
N THR C 279 -4.39 -25.99 4.85
CA THR C 279 -4.10 -25.69 6.27
C THR C 279 -5.01 -26.43 7.26
N LEU C 280 -6.23 -26.81 6.87
CA LEU C 280 -7.14 -27.56 7.73
C LEU C 280 -6.78 -29.05 7.62
N GLU C 281 -6.09 -29.58 8.63
CA GLU C 281 -5.53 -30.94 8.55
C GLU C 281 -6.62 -32.00 8.61
N TRP C 282 -7.74 -31.71 9.28
CA TRP C 282 -8.81 -32.69 9.46
C TRP C 282 -9.61 -32.93 8.18
N PHE C 283 -9.43 -32.11 7.14
CA PHE C 283 -10.28 -32.20 5.97
C PHE C 283 -10.10 -33.53 5.24
N ALA C 284 -8.86 -34.02 5.14
CA ALA C 284 -8.64 -35.32 4.49
C ALA C 284 -9.45 -36.43 5.16
N ALA C 285 -9.58 -36.38 6.49
CA ALA C 285 -10.33 -37.39 7.22
C ALA C 285 -11.81 -37.45 6.85
N LEU C 286 -12.39 -36.39 6.28
CA LEU C 286 -13.78 -36.51 5.81
C LEU C 286 -13.91 -37.60 4.73
N GLY C 287 -12.80 -37.99 4.10
CA GLY C 287 -12.83 -39.04 3.11
C GLY C 287 -13.35 -38.62 1.76
N LEU C 288 -13.36 -37.33 1.44
CA LEU C 288 -13.97 -36.91 0.19
C LEU C 288 -13.01 -37.11 -0.97
N ARG C 289 -13.58 -37.31 -2.15
CA ARG C 289 -12.82 -37.45 -3.38
C ARG C 289 -13.73 -37.08 -4.54
N TRP C 290 -13.14 -36.65 -5.64
CA TRP C 290 -13.89 -36.51 -6.87
C TRP C 290 -13.09 -37.12 -8.02
N TYR C 291 -13.74 -37.24 -9.17
CA TYR C 291 -13.07 -37.75 -10.34
C TYR C 291 -12.51 -36.60 -11.18
N ALA C 292 -11.52 -36.94 -12.00
CA ALA C 292 -10.77 -35.95 -12.76
C ALA C 292 -11.54 -35.43 -13.97
N LEU C 293 -12.36 -36.27 -14.60
CA LEU C 293 -12.83 -36.04 -15.96
C LEU C 293 -14.32 -35.79 -16.02
N PRO C 294 -14.79 -34.57 -16.35
CA PRO C 294 -16.23 -34.36 -16.59
C PRO C 294 -16.60 -34.63 -18.04
N ALA C 295 -17.36 -35.70 -18.29
CA ALA C 295 -17.62 -36.17 -19.65
C ALA C 295 -19.12 -36.43 -19.80
N VAL C 296 -19.83 -35.46 -20.38
CA VAL C 296 -21.27 -35.57 -20.56
C VAL C 296 -21.59 -36.46 -21.75
N SER C 297 -22.49 -37.41 -21.53
CA SER C 297 -22.82 -38.45 -22.52
C SER C 297 -24.29 -38.50 -22.91
N ASN C 298 -25.11 -37.51 -22.54
CA ASN C 298 -26.54 -37.63 -22.81
C ASN C 298 -27.09 -36.53 -23.72
N MET C 299 -26.24 -35.72 -24.34
CA MET C 299 -26.70 -34.64 -25.20
C MET C 299 -26.62 -35.05 -26.68
N LEU C 300 -27.43 -34.36 -27.49
CA LEU C 300 -27.54 -34.65 -28.91
C LEU C 300 -26.74 -33.64 -29.72
N LEU C 301 -25.87 -34.14 -30.58
CA LEU C 301 -25.07 -33.27 -31.44
C LEU C 301 -25.79 -33.12 -32.78
N GLU C 302 -26.04 -31.88 -33.16
CA GLU C 302 -26.78 -31.58 -34.38
C GLU C 302 -25.87 -30.77 -35.29
N ILE C 303 -25.60 -31.31 -36.48
CA ILE C 303 -24.75 -30.66 -37.47
C ILE C 303 -25.48 -30.71 -38.81
N GLY C 304 -25.77 -29.54 -39.38
CA GLY C 304 -26.23 -29.47 -40.76
C GLY C 304 -27.45 -30.29 -41.07
N GLY C 305 -28.37 -30.42 -40.12
CA GLY C 305 -29.56 -31.24 -40.28
C GLY C 305 -29.39 -32.67 -39.84
N LEU C 306 -28.16 -33.12 -39.66
CA LEU C 306 -27.90 -34.45 -39.12
C LEU C 306 -27.87 -34.39 -37.60
N GLU C 307 -28.17 -35.52 -36.97
CA GLU C 307 -28.43 -35.56 -35.53
C GLU C 307 -27.70 -36.75 -34.94
N PHE C 308 -26.83 -36.51 -33.96
CA PHE C 308 -25.98 -37.57 -33.40
C PHE C 308 -26.38 -37.88 -31.97
N PRO C 309 -27.21 -38.89 -31.74
CA PRO C 309 -27.73 -39.12 -30.38
C PRO C 309 -26.70 -39.55 -29.37
N ALA C 310 -25.53 -40.02 -29.81
CA ALA C 310 -24.50 -40.49 -28.89
C ALA C 310 -23.17 -39.87 -29.33
N ALA C 311 -22.72 -38.88 -28.58
CA ALA C 311 -21.50 -38.14 -28.89
C ALA C 311 -20.92 -37.57 -27.61
N PRO C 312 -20.40 -38.42 -26.72
CA PRO C 312 -19.92 -37.92 -25.43
C PRO C 312 -18.70 -37.02 -25.60
N PHE C 313 -18.65 -35.95 -24.81
CA PHE C 313 -17.57 -34.99 -24.86
C PHE C 313 -17.08 -34.71 -23.45
N SER C 314 -15.83 -34.27 -23.35
CA SER C 314 -15.23 -34.06 -22.05
C SER C 314 -14.27 -32.89 -22.12
N GLY C 315 -14.13 -32.20 -21.00
CA GLY C 315 -13.17 -31.13 -20.83
C GLY C 315 -12.43 -31.31 -19.52
N TRP C 316 -12.23 -30.22 -18.80
CA TRP C 316 -11.75 -30.29 -17.41
C TRP C 316 -12.64 -29.44 -16.51
N TYR C 317 -12.52 -29.64 -15.20
CA TYR C 317 -13.47 -29.07 -14.26
C TYR C 317 -13.15 -27.62 -13.95
N MET C 318 -14.21 -26.83 -13.76
CA MET C 318 -14.11 -25.59 -13.02
C MET C 318 -14.37 -25.93 -11.55
N SER C 319 -13.55 -25.37 -10.65
CA SER C 319 -13.54 -25.83 -9.25
C SER C 319 -14.90 -25.70 -8.57
N THR C 320 -15.64 -24.60 -8.83
CA THR C 320 -16.93 -24.44 -8.19
C THR C 320 -17.94 -25.51 -8.60
N GLU C 321 -17.78 -26.15 -9.77
CA GLU C 321 -18.68 -27.26 -10.09
C GLU C 321 -18.51 -28.39 -9.11
N ILE C 322 -17.28 -28.63 -8.65
CA ILE C 322 -17.06 -29.69 -7.69
C ILE C 322 -17.39 -29.21 -6.27
N GLY C 323 -16.75 -28.13 -5.84
CA GLY C 323 -16.89 -27.73 -4.44
C GLY C 323 -18.27 -27.18 -4.12
N THR C 324 -18.79 -26.33 -4.98
CA THR C 324 -20.06 -25.69 -4.65
C THR C 324 -21.26 -26.56 -5.06
N ARG C 325 -21.27 -27.06 -6.30
CA ARG C 325 -22.47 -27.78 -6.74
C ARG C 325 -22.49 -29.20 -6.21
N ASN C 326 -21.51 -30.02 -6.63
CA ASN C 326 -21.58 -31.45 -6.32
C ASN C 326 -21.53 -31.70 -4.81
N LEU C 327 -20.73 -30.92 -4.09
CA LEU C 327 -20.50 -31.24 -2.69
C LEU C 327 -21.38 -30.47 -1.73
N CYS C 328 -21.87 -29.29 -2.09
CA CYS C 328 -22.68 -28.48 -1.18
C CYS C 328 -24.15 -28.35 -1.54
N ASP C 329 -24.55 -28.57 -2.79
CA ASP C 329 -25.97 -28.54 -3.12
C ASP C 329 -26.71 -29.40 -2.08
N PRO C 330 -27.77 -28.89 -1.46
CA PRO C 330 -28.47 -29.69 -0.42
C PRO C 330 -29.03 -30.98 -0.96
N HIS C 331 -29.38 -31.01 -2.24
CA HIS C 331 -29.87 -32.23 -2.88
C HIS C 331 -28.75 -33.08 -3.47
N ARG C 332 -27.50 -32.78 -3.15
CA ARG C 332 -26.37 -33.60 -3.58
C ARG C 332 -25.68 -34.20 -2.37
N TYR C 333 -24.36 -34.05 -2.26
CA TYR C 333 -23.66 -34.64 -1.12
C TYR C 333 -23.90 -33.86 0.17
N ASN C 334 -24.21 -32.56 0.08
CA ASN C 334 -24.77 -31.81 1.23
C ASN C 334 -23.85 -31.85 2.46
N ILE C 335 -22.57 -31.50 2.27
CA ILE C 335 -21.59 -31.62 3.35
C ILE C 335 -21.32 -30.28 4.04
N LEU C 336 -22.00 -29.21 3.63
CA LEU C 336 -21.68 -27.88 4.12
C LEU C 336 -21.71 -27.83 5.64
N GLU C 337 -22.80 -28.32 6.26
CA GLU C 337 -22.88 -28.25 7.71
C GLU C 337 -21.83 -29.13 8.40
N ASP C 338 -21.46 -30.26 7.80
CA ASP C 338 -20.38 -31.07 8.36
C ASP C 338 -19.07 -30.30 8.40
N VAL C 339 -18.73 -29.62 7.29
CA VAL C 339 -17.49 -28.89 7.23
C VAL C 339 -17.51 -27.71 8.21
N ALA C 340 -18.66 -27.04 8.34
CA ALA C 340 -18.74 -25.90 9.24
C ALA C 340 -18.57 -26.31 10.70
N VAL C 341 -19.11 -27.46 11.08
CA VAL C 341 -18.90 -27.98 12.43
C VAL C 341 -17.41 -28.20 12.70
N CYS C 342 -16.67 -28.73 11.70
CA CYS C 342 -15.25 -28.97 11.91
C CYS C 342 -14.46 -27.67 11.97
N MET C 343 -14.96 -26.61 11.36
CA MET C 343 -14.31 -25.30 11.38
C MET C 343 -14.64 -24.51 12.63
N ASP C 344 -15.40 -25.10 13.55
CA ASP C 344 -15.89 -24.44 14.76
C ASP C 344 -16.56 -23.11 14.47
N LEU C 345 -17.49 -23.15 13.50
CA LEU C 345 -18.35 -22.02 13.19
C LEU C 345 -19.67 -22.14 13.94
N ASP C 346 -20.23 -20.99 14.34
CA ASP C 346 -21.52 -20.97 15.00
C ASP C 346 -22.62 -21.17 13.96
N THR C 347 -23.25 -22.34 13.98
CA THR C 347 -24.27 -22.67 13.00
C THR C 347 -25.70 -22.49 13.49
N ARG C 348 -25.93 -21.97 14.69
CA ARG C 348 -27.33 -21.73 15.04
C ARG C 348 -27.86 -20.40 14.48
N THR C 349 -27.07 -19.72 13.66
CA THR C 349 -27.39 -18.37 13.22
C THR C 349 -26.86 -18.16 11.81
N THR C 350 -27.76 -17.81 10.87
CA THR C 350 -27.32 -17.59 9.49
C THR C 350 -26.42 -16.36 9.36
N SER C 351 -26.45 -15.43 10.30
CA SER C 351 -25.73 -14.16 10.13
C SER C 351 -24.26 -14.24 10.52
N SER C 352 -23.77 -15.35 11.04
CA SER C 352 -22.33 -15.56 11.10
C SER C 352 -21.75 -15.90 9.73
N LEU C 353 -22.62 -16.20 8.75
CA LEU C 353 -22.23 -16.58 7.40
C LEU C 353 -21.35 -17.84 7.42
N TRP C 354 -21.68 -18.76 8.33
CA TRP C 354 -20.98 -20.02 8.35
C TRP C 354 -21.11 -20.76 7.03
N LYS C 355 -22.28 -20.68 6.38
CA LYS C 355 -22.44 -21.34 5.09
C LYS C 355 -21.43 -20.83 4.08
N ASP C 356 -21.30 -19.51 3.95
CA ASP C 356 -20.36 -18.95 3.00
C ASP C 356 -18.91 -19.27 3.38
N LYS C 357 -18.60 -19.21 4.67
CA LYS C 357 -17.25 -19.53 5.12
C LYS C 357 -16.87 -20.98 4.79
N ALA C 358 -17.76 -21.93 5.05
CA ALA C 358 -17.48 -23.32 4.75
C ALA C 358 -17.35 -23.55 3.25
N ALA C 359 -18.20 -22.92 2.45
CA ALA C 359 -18.18 -23.17 1.01
C ALA C 359 -16.90 -22.66 0.39
N VAL C 360 -16.38 -21.53 0.88
CA VAL C 360 -15.11 -21.02 0.37
C VAL C 360 -14.00 -22.04 0.63
N GLU C 361 -13.95 -22.61 1.84
CA GLU C 361 -12.86 -23.53 2.18
C GLU C 361 -12.96 -24.86 1.45
N ILE C 362 -14.17 -25.32 1.15
CA ILE C 362 -14.32 -26.51 0.31
C ILE C 362 -13.75 -26.25 -1.08
N ASN C 363 -14.02 -25.05 -1.64
CA ASN C 363 -13.45 -24.69 -2.93
C ASN C 363 -11.93 -24.56 -2.88
N VAL C 364 -11.38 -23.97 -1.81
CA VAL C 364 -9.92 -23.95 -1.63
C VAL C 364 -9.37 -25.38 -1.65
N ALA C 365 -10.06 -26.29 -0.98
CA ALA C 365 -9.60 -27.68 -0.90
C ALA C 365 -9.66 -28.36 -2.25
N VAL C 366 -10.72 -28.14 -3.03
CA VAL C 366 -10.81 -28.74 -4.35
C VAL C 366 -9.64 -28.29 -5.23
N LEU C 367 -9.35 -26.99 -5.22
CA LEU C 367 -8.30 -26.44 -6.08
C LEU C 367 -6.94 -26.95 -5.64
N HIS C 368 -6.71 -27.02 -4.33
CA HIS C 368 -5.42 -27.43 -3.80
C HIS C 368 -5.17 -28.91 -4.01
N SER C 369 -6.23 -29.72 -3.96
CA SER C 369 -6.09 -31.16 -4.14
C SER C 369 -5.85 -31.50 -5.61
N TYR C 370 -6.58 -30.85 -6.52
CA TYR C 370 -6.35 -31.12 -7.94
C TYR C 370 -4.98 -30.65 -8.37
N GLN C 371 -4.51 -29.54 -7.81
CA GLN C 371 -3.21 -29.03 -8.21
C GLN C 371 -2.08 -29.91 -7.69
N LEU C 372 -2.19 -30.38 -6.46
CA LEU C 372 -1.16 -31.25 -5.90
C LEU C 372 -1.13 -32.61 -6.58
N ALA C 373 -2.29 -33.11 -7.05
CA ALA C 373 -2.35 -34.34 -7.81
C ALA C 373 -2.06 -34.13 -9.28
N LYS C 374 -1.70 -32.91 -9.69
CA LYS C 374 -1.35 -32.58 -11.08
C LYS C 374 -2.49 -32.93 -12.05
N VAL C 375 -3.73 -32.63 -11.63
CA VAL C 375 -4.90 -32.81 -12.49
C VAL C 375 -5.43 -31.43 -12.87
N THR C 376 -5.62 -31.20 -14.17
CA THR C 376 -6.01 -29.90 -14.68
C THR C 376 -7.31 -29.42 -14.05
N ILE C 377 -7.33 -28.14 -13.65
CA ILE C 377 -8.52 -27.54 -13.07
C ILE C 377 -8.40 -26.03 -13.20
N VAL C 378 -9.54 -25.32 -13.22
CA VAL C 378 -9.51 -23.87 -13.32
C VAL C 378 -10.40 -23.27 -12.23
N ASP C 379 -9.92 -22.23 -11.56
CA ASP C 379 -10.78 -21.54 -10.62
C ASP C 379 -11.73 -20.60 -11.35
N HIS C 380 -12.80 -20.19 -10.66
CA HIS C 380 -13.86 -19.46 -11.36
C HIS C 380 -13.44 -18.03 -11.72
N HIS C 381 -12.44 -17.46 -11.06
CA HIS C 381 -11.93 -16.14 -11.47
C HIS C 381 -11.18 -16.21 -12.78
N ALA C 382 -10.34 -17.24 -12.96
CA ALA C 382 -9.59 -17.37 -14.21
C ALA C 382 -10.51 -17.77 -15.36
N ALA C 383 -11.44 -18.70 -15.09
CA ALA C 383 -12.35 -19.12 -16.15
C ALA C 383 -13.24 -17.97 -16.63
N THR C 384 -13.72 -17.13 -15.73
CA THR C 384 -14.60 -16.06 -16.19
C THR C 384 -13.81 -14.94 -16.85
N ALA C 385 -12.59 -14.67 -16.35
CA ALA C 385 -11.71 -13.76 -17.07
C ALA C 385 -11.39 -14.28 -18.48
N SER C 386 -11.24 -15.59 -18.64
CA SER C 386 -10.96 -16.08 -19.98
C SER C 386 -12.20 -16.01 -20.85
N PHE C 387 -13.38 -16.10 -20.23
CA PHE C 387 -14.59 -15.99 -21.01
C PHE C 387 -14.82 -14.55 -21.48
N MET C 388 -14.40 -13.55 -20.67
CA MET C 388 -14.43 -12.16 -21.12
C MET C 388 -13.55 -11.93 -22.34
N LYS C 389 -12.35 -12.51 -22.35
CA LYS C 389 -11.53 -12.49 -23.54
C LYS C 389 -12.23 -13.16 -24.71
N HIS C 390 -12.89 -14.29 -24.48
CA HIS C 390 -13.60 -14.96 -25.56
C HIS C 390 -14.69 -14.06 -26.14
N LEU C 391 -15.40 -13.32 -25.29
CA LEU C 391 -16.41 -12.39 -25.80
C LEU C 391 -15.77 -11.33 -26.68
N GLU C 392 -14.60 -10.82 -26.27
CA GLU C 392 -13.90 -9.84 -27.09
C GLU C 392 -13.55 -10.41 -28.47
N ASN C 393 -13.16 -11.69 -28.52
CA ASN C 393 -12.79 -12.31 -29.79
C ASN C 393 -14.01 -12.55 -30.66
N GLU C 394 -15.10 -13.04 -30.06
CA GLU C 394 -16.26 -13.36 -30.87
C GLU C 394 -16.88 -12.11 -31.44
N GLN C 395 -16.76 -10.99 -30.75
CA GLN C 395 -17.29 -9.74 -31.26
C GLN C 395 -16.56 -9.28 -32.51
N LYS C 396 -15.29 -9.64 -32.65
CA LYS C 396 -14.56 -9.37 -33.88
C LYS C 396 -14.83 -10.47 -34.91
N ALA C 397 -14.76 -11.73 -34.49
CA ALA C 397 -14.89 -12.84 -35.43
C ALA C 397 -16.28 -12.92 -36.04
N ARG C 398 -17.33 -12.83 -35.22
CA ARG C 398 -18.69 -13.07 -35.69
C ARG C 398 -19.65 -11.93 -35.39
N GLY C 399 -19.26 -10.95 -34.58
CA GLY C 399 -20.17 -9.88 -34.23
C GLY C 399 -21.14 -10.23 -33.13
N GLY C 400 -20.78 -11.18 -32.27
CA GLY C 400 -21.61 -11.50 -31.13
C GLY C 400 -21.19 -12.83 -30.54
N CYS C 401 -21.87 -13.19 -29.46
CA CYS C 401 -21.63 -14.48 -28.82
C CYS C 401 -22.83 -14.82 -27.95
N PRO C 402 -23.57 -15.87 -28.28
CA PRO C 402 -24.67 -16.28 -27.41
C PRO C 402 -24.15 -16.71 -26.06
N ALA C 403 -24.85 -16.29 -25.00
CA ALA C 403 -24.38 -16.49 -23.63
C ALA C 403 -25.57 -16.43 -22.69
N ASP C 404 -25.66 -17.40 -21.79
CA ASP C 404 -26.79 -17.53 -20.86
C ASP C 404 -26.28 -17.05 -19.50
N TRP C 405 -26.64 -15.81 -19.14
CA TRP C 405 -25.99 -15.14 -18.01
C TRP C 405 -26.11 -15.97 -16.73
N ALA C 406 -27.30 -16.54 -16.49
CA ALA C 406 -27.53 -17.27 -15.26
C ALA C 406 -26.60 -18.48 -15.12
N TRP C 407 -26.03 -18.98 -16.20
CA TRP C 407 -25.14 -20.12 -16.14
C TRP C 407 -23.68 -19.76 -16.29
N ILE C 408 -23.39 -18.61 -16.88
CA ILE C 408 -22.02 -18.14 -17.01
C ILE C 408 -21.52 -17.57 -15.69
N VAL C 409 -22.39 -16.90 -14.95
CA VAL C 409 -21.99 -16.33 -13.66
C VAL C 409 -21.80 -17.48 -12.68
N PRO C 410 -20.63 -17.59 -12.06
CA PRO C 410 -20.35 -18.74 -11.18
C PRO C 410 -21.29 -18.79 -9.98
N PRO C 411 -21.47 -19.96 -9.36
CA PRO C 411 -22.46 -20.08 -8.28
C PRO C 411 -21.99 -19.59 -6.91
N ILE C 412 -20.72 -19.21 -6.75
CA ILE C 412 -20.30 -18.43 -5.59
C ILE C 412 -19.47 -17.27 -6.12
N SER C 413 -19.45 -16.18 -5.35
CA SER C 413 -18.65 -15.00 -5.61
C SER C 413 -19.04 -14.27 -6.90
N GLY C 414 -20.27 -14.46 -7.36
CA GLY C 414 -20.76 -13.94 -8.63
C GLY C 414 -20.26 -12.57 -9.02
N SER C 415 -20.55 -11.56 -8.21
CA SER C 415 -20.20 -10.19 -8.60
C SER C 415 -18.73 -9.87 -8.41
N LEU C 416 -17.93 -10.77 -7.84
CA LEU C 416 -16.50 -10.57 -7.78
C LEU C 416 -15.81 -10.95 -9.09
N THR C 417 -16.52 -11.58 -10.01
CA THR C 417 -15.99 -11.95 -11.31
C THR C 417 -16.42 -10.93 -12.36
N PRO C 418 -15.71 -10.83 -13.48
CA PRO C 418 -16.03 -9.78 -14.46
C PRO C 418 -17.29 -10.03 -15.29
N VAL C 419 -17.78 -11.26 -15.41
CA VAL C 419 -18.98 -11.54 -16.19
C VAL C 419 -20.26 -11.01 -15.53
N PHE C 420 -20.22 -10.69 -14.23
CA PHE C 420 -21.44 -10.32 -13.52
C PHE C 420 -22.06 -9.06 -14.11
N HIS C 421 -21.23 -8.04 -14.35
CA HIS C 421 -21.68 -6.75 -14.86
C HIS C 421 -21.67 -6.70 -16.39
N GLN C 422 -21.56 -7.83 -17.07
CA GLN C 422 -21.59 -7.89 -18.52
C GLN C 422 -22.99 -8.32 -18.95
N GLU C 423 -23.71 -7.42 -19.60
CA GLU C 423 -24.96 -7.81 -20.24
C GLU C 423 -24.68 -8.84 -21.34
N MET C 424 -25.62 -9.76 -21.55
CA MET C 424 -25.43 -10.88 -22.47
C MET C 424 -26.73 -11.20 -23.19
N VAL C 425 -26.63 -11.63 -24.45
CA VAL C 425 -27.76 -12.04 -25.25
C VAL C 425 -27.74 -13.56 -25.40
N ASN C 426 -28.89 -14.20 -25.22
CA ASN C 426 -28.98 -15.64 -25.34
C ASN C 426 -29.84 -16.02 -26.53
N TYR C 427 -29.27 -16.80 -27.45
CA TYR C 427 -30.00 -17.23 -28.63
C TYR C 427 -29.36 -18.54 -29.08
N PHE C 428 -30.06 -19.24 -29.97
CA PHE C 428 -29.67 -20.57 -30.40
C PHE C 428 -29.10 -20.50 -31.82
N LEU C 429 -27.89 -21.02 -32.00
CA LEU C 429 -27.27 -21.15 -33.31
C LEU C 429 -27.06 -22.62 -33.65
N SER C 430 -26.85 -22.88 -34.93
CA SER C 430 -26.46 -24.21 -35.34
C SER C 430 -25.08 -24.18 -36.00
N PRO C 431 -24.29 -25.24 -35.89
CA PRO C 431 -24.45 -26.51 -35.14
C PRO C 431 -24.60 -26.32 -33.65
N ALA C 432 -25.21 -27.30 -32.96
CA ALA C 432 -25.51 -27.16 -31.55
C ALA C 432 -25.55 -28.51 -30.85
N PHE C 433 -25.27 -28.49 -29.55
CA PHE C 433 -25.65 -29.55 -28.62
C PHE C 433 -27.05 -29.28 -28.05
N ARG C 434 -27.89 -30.32 -27.99
CA ARG C 434 -29.25 -30.23 -27.48
C ARG C 434 -29.50 -31.31 -26.45
N TYR C 435 -30.38 -31.00 -25.48
CA TYR C 435 -30.88 -32.06 -24.61
C TYR C 435 -31.85 -32.94 -25.38
N GLN C 436 -31.95 -34.18 -24.95
CA GLN C 436 -32.82 -35.13 -25.62
C GLN C 436 -33.56 -35.93 -24.57
N PRO C 437 -34.73 -36.46 -24.91
CA PRO C 437 -35.44 -37.37 -23.99
C PRO C 437 -34.52 -38.50 -23.53
N ASP C 438 -34.77 -38.96 -22.32
CA ASP C 438 -34.06 -40.14 -21.84
C ASP C 438 -34.38 -41.32 -22.76
N PRO C 439 -33.40 -42.20 -23.00
CA PRO C 439 -33.70 -43.38 -23.83
C PRO C 439 -34.84 -44.22 -23.28
N TRP C 440 -34.88 -44.42 -21.96
CA TRP C 440 -35.93 -45.22 -21.34
C TRP C 440 -37.15 -44.35 -20.96
N LYS D 27 -50.29 -23.25 -22.17
CA LYS D 27 -50.69 -21.84 -22.21
C LYS D 27 -49.95 -21.05 -21.14
N PHE D 28 -49.81 -21.66 -19.97
CA PHE D 28 -49.20 -21.02 -18.82
C PHE D 28 -47.83 -21.62 -18.53
N PRO D 29 -46.84 -20.79 -18.20
CA PRO D 29 -45.47 -21.30 -18.03
C PRO D 29 -45.37 -22.23 -16.81
N ARG D 30 -44.76 -23.41 -17.02
CA ARG D 30 -44.47 -24.34 -15.93
C ARG D 30 -43.18 -23.92 -15.22
N VAL D 31 -43.23 -23.91 -13.89
CA VAL D 31 -42.21 -23.26 -13.06
C VAL D 31 -41.80 -24.26 -11.97
N LYS D 32 -40.56 -24.68 -11.98
CA LYS D 32 -40.10 -25.76 -11.13
C LYS D 32 -39.10 -25.25 -10.11
N ASN D 33 -39.17 -25.78 -8.90
CA ASN D 33 -38.09 -25.64 -7.94
C ASN D 33 -37.26 -26.92 -8.00
N TRP D 34 -35.99 -26.78 -8.36
CA TRP D 34 -35.17 -27.97 -8.59
C TRP D 34 -34.55 -28.54 -7.33
N GLU D 35 -34.73 -27.88 -6.19
CA GLU D 35 -34.25 -28.45 -4.94
C GLU D 35 -35.26 -29.44 -4.41
N VAL D 36 -36.51 -29.01 -4.31
CA VAL D 36 -37.57 -29.83 -3.73
C VAL D 36 -38.30 -30.65 -4.79
N GLY D 37 -38.35 -30.18 -6.03
CA GLY D 37 -39.08 -30.84 -7.08
C GLY D 37 -40.47 -30.31 -7.34
N SER D 38 -40.91 -29.28 -6.60
CA SER D 38 -42.28 -28.83 -6.73
C SER D 38 -42.46 -28.06 -8.04
N ILE D 39 -43.70 -28.06 -8.52
CA ILE D 39 -44.04 -27.48 -9.81
C ILE D 39 -45.29 -26.63 -9.63
N THR D 40 -45.25 -25.41 -10.16
CA THR D 40 -46.42 -24.55 -10.24
C THR D 40 -46.51 -23.97 -11.64
N TYR D 41 -47.65 -23.35 -11.92
CA TYR D 41 -47.94 -22.70 -13.18
C TYR D 41 -48.23 -21.24 -12.91
N ASP D 42 -47.58 -20.35 -13.65
CA ASP D 42 -47.72 -18.91 -13.46
C ASP D 42 -48.87 -18.42 -14.33
N THR D 43 -50.09 -18.43 -13.78
CA THR D 43 -51.22 -17.89 -14.52
C THR D 43 -51.26 -16.37 -14.47
N LEU D 44 -50.63 -15.76 -13.47
CA LEU D 44 -50.64 -14.30 -13.36
C LEU D 44 -49.96 -13.62 -14.55
N SER D 45 -48.96 -14.24 -15.15
CA SER D 45 -48.22 -13.58 -16.22
C SER D 45 -49.08 -13.34 -17.47
N ALA D 46 -50.20 -14.05 -17.60
CA ALA D 46 -51.08 -13.82 -18.74
C ALA D 46 -51.71 -12.44 -18.74
N GLN D 47 -51.42 -11.61 -17.74
CA GLN D 47 -51.99 -10.28 -17.59
C GLN D 47 -50.92 -9.19 -17.58
N ALA D 48 -49.68 -9.52 -17.97
CA ALA D 48 -48.63 -8.52 -18.07
C ALA D 48 -49.08 -7.37 -18.97
N GLN D 49 -49.08 -6.18 -18.41
CA GLN D 49 -49.71 -5.00 -19.00
C GLN D 49 -48.78 -4.21 -19.91
N GLN D 50 -47.47 -4.47 -19.86
CA GLN D 50 -46.47 -3.89 -20.75
C GLN D 50 -45.71 -5.02 -21.45
N ASP D 51 -44.74 -4.65 -22.28
CA ASP D 51 -43.95 -5.61 -23.02
C ASP D 51 -42.47 -5.40 -22.76
N GLY D 52 -41.77 -6.49 -22.41
CA GLY D 52 -40.36 -6.44 -22.11
C GLY D 52 -39.50 -6.56 -23.35
N PRO D 53 -38.22 -6.87 -23.17
CA PRO D 53 -37.27 -6.85 -24.28
C PRO D 53 -37.07 -8.19 -24.97
N CYS D 54 -37.57 -9.28 -24.42
CA CYS D 54 -37.31 -10.58 -25.02
C CYS D 54 -38.23 -10.85 -26.19
N THR D 55 -37.75 -11.65 -27.13
CA THR D 55 -38.54 -12.21 -28.22
C THR D 55 -38.22 -13.70 -28.34
N PRO D 56 -38.97 -14.47 -29.15
CA PRO D 56 -38.61 -15.89 -29.32
C PRO D 56 -37.24 -16.09 -29.96
N ARG D 57 -36.68 -15.06 -30.60
CA ARG D 57 -35.38 -15.22 -31.26
C ARG D 57 -34.21 -15.05 -30.32
N ARG D 58 -34.33 -14.23 -29.27
CA ARG D 58 -33.20 -13.98 -28.38
C ARG D 58 -33.70 -13.43 -27.06
N CYS D 59 -33.16 -13.97 -25.96
CA CYS D 59 -33.46 -13.49 -24.63
C CYS D 59 -32.53 -12.32 -24.28
N LEU D 60 -33.11 -11.25 -23.77
CA LEU D 60 -32.39 -10.08 -23.27
C LEU D 60 -32.63 -9.87 -21.77
N GLY D 61 -32.86 -10.96 -21.05
CA GLY D 61 -33.15 -10.92 -19.64
C GLY D 61 -32.17 -10.15 -18.76
N SER D 62 -30.91 -10.05 -19.17
CA SER D 62 -29.89 -9.49 -18.30
C SER D 62 -29.58 -8.01 -18.55
N LEU D 63 -30.30 -7.34 -19.45
CA LEU D 63 -30.12 -5.90 -19.62
C LEU D 63 -30.52 -5.17 -18.34
N VAL D 64 -29.74 -4.17 -17.96
CA VAL D 64 -30.08 -3.43 -16.74
C VAL D 64 -31.27 -2.48 -16.96
N PHE D 65 -31.34 -1.83 -18.12
CA PHE D 65 -32.42 -0.90 -18.43
C PHE D 65 -33.09 -1.35 -19.74
N PRO D 66 -34.09 -2.22 -19.67
CA PRO D 66 -34.90 -2.58 -20.86
C PRO D 66 -35.84 -1.46 -21.31
N ALA D 79 -54.10 10.34 -24.86
CA ALA D 79 -54.29 10.25 -23.41
C ALA D 79 -55.65 9.64 -22.97
N PRO D 80 -56.79 10.24 -23.40
CA PRO D 80 -58.06 9.97 -22.70
C PRO D 80 -58.46 8.50 -22.53
N GLU D 81 -58.32 7.68 -23.57
CA GLU D 81 -58.85 6.32 -23.55
C GLU D 81 -57.89 5.29 -23.00
N GLN D 82 -56.58 5.46 -23.21
CA GLN D 82 -55.61 4.60 -22.55
C GLN D 82 -55.51 4.93 -21.07
N LEU D 83 -55.62 6.22 -20.72
CA LEU D 83 -55.66 6.60 -19.30
C LEU D 83 -56.89 6.00 -18.62
N LEU D 84 -58.05 6.09 -19.28
CA LEU D 84 -59.27 5.52 -18.73
C LEU D 84 -59.14 4.01 -18.50
N SER D 85 -58.61 3.28 -19.48
CA SER D 85 -58.54 1.84 -19.34
C SER D 85 -57.55 1.44 -18.24
N GLN D 86 -56.37 2.07 -18.21
CA GLN D 86 -55.47 1.88 -17.08
C GLN D 86 -56.17 2.19 -15.75
N ALA D 87 -57.00 3.25 -15.72
CA ALA D 87 -57.72 3.61 -14.51
C ALA D 87 -58.76 2.55 -14.12
N ARG D 88 -59.55 2.07 -15.08
CA ARG D 88 -60.50 0.99 -14.83
C ARG D 88 -59.83 -0.25 -14.22
N ASP D 89 -58.76 -0.73 -14.87
CA ASP D 89 -58.11 -1.95 -14.39
C ASP D 89 -57.64 -1.79 -12.94
N PHE D 90 -57.13 -0.61 -12.59
CA PHE D 90 -56.69 -0.39 -11.21
C PHE D 90 -57.87 -0.37 -10.25
N ILE D 91 -58.90 0.40 -10.57
CA ILE D 91 -60.11 0.43 -9.74
C ILE D 91 -60.62 -1.00 -9.50
N ASN D 92 -60.57 -1.84 -10.54
CA ASN D 92 -60.98 -3.24 -10.41
C ASN D 92 -60.09 -3.99 -9.43
N GLN D 93 -58.78 -3.81 -9.53
CA GLN D 93 -57.87 -4.44 -8.58
C GLN D 93 -58.21 -4.04 -7.15
N TYR D 94 -58.39 -2.74 -6.91
CA TYR D 94 -58.67 -2.26 -5.56
C TYR D 94 -59.92 -2.92 -5.00
N TYR D 95 -61.03 -2.83 -5.72
CA TYR D 95 -62.25 -3.42 -5.20
C TYR D 95 -62.18 -4.94 -5.10
N SER D 96 -61.32 -5.58 -5.88
CA SER D 96 -61.10 -7.03 -5.73
CA SER D 96 -61.13 -7.03 -5.73
C SER D 96 -60.39 -7.34 -4.43
N SER D 97 -59.43 -6.51 -4.05
CA SER D 97 -58.67 -6.74 -2.83
C SER D 97 -59.56 -6.62 -1.59
N ILE D 98 -60.51 -5.69 -1.59
CA ILE D 98 -61.34 -5.47 -0.42
C ILE D 98 -62.57 -6.37 -0.51
N LYS D 99 -62.56 -7.30 -1.47
CA LYS D 99 -63.56 -8.35 -1.59
C LYS D 99 -64.93 -7.83 -2.01
N ARG D 100 -65.11 -6.52 -2.00
CA ARG D 100 -66.39 -5.94 -2.41
C ARG D 100 -66.42 -5.69 -3.91
N SER D 101 -66.18 -6.76 -4.67
CA SER D 101 -66.16 -6.66 -6.11
CA SER D 101 -66.16 -6.68 -6.12
C SER D 101 -67.57 -6.54 -6.66
N GLY D 102 -67.68 -5.90 -7.84
CA GLY D 102 -68.92 -5.72 -8.55
C GLY D 102 -70.10 -5.21 -7.74
N SER D 103 -69.82 -4.53 -6.63
CA SER D 103 -70.85 -4.10 -5.70
C SER D 103 -71.28 -2.67 -6.05
N GLN D 104 -71.97 -2.00 -5.13
CA GLN D 104 -72.46 -0.64 -5.37
C GLN D 104 -71.30 0.33 -5.60
N ALA D 105 -70.47 0.52 -4.56
CA ALA D 105 -69.43 1.53 -4.63
C ALA D 105 -68.45 1.26 -5.78
N HIS D 106 -68.27 -0.01 -6.16
CA HIS D 106 -67.41 -0.32 -7.28
C HIS D 106 -67.93 0.31 -8.58
N GLU D 107 -69.20 0.06 -8.90
CA GLU D 107 -69.79 0.65 -10.11
C GLU D 107 -69.76 2.16 -10.05
N GLN D 108 -70.17 2.73 -8.91
CA GLN D 108 -70.02 4.15 -8.66
C GLN D 108 -68.67 4.70 -9.08
N ARG D 109 -67.60 4.11 -8.54
CA ARG D 109 -66.28 4.73 -8.64
C ARG D 109 -65.80 4.75 -10.08
N LEU D 110 -66.04 3.65 -10.82
CA LEU D 110 -65.74 3.67 -12.26
C LEU D 110 -66.45 4.82 -12.95
N GLN D 111 -67.75 4.99 -12.67
CA GLN D 111 -68.51 6.06 -13.32
C GLN D 111 -67.99 7.43 -12.91
N GLU D 112 -67.67 7.59 -11.63
CA GLU D 112 -67.09 8.86 -11.18
C GLU D 112 -65.76 9.14 -11.85
N VAL D 113 -64.97 8.09 -12.18
CA VAL D 113 -63.66 8.31 -12.79
C VAL D 113 -63.79 8.61 -14.26
N GLU D 114 -64.60 7.82 -14.98
CA GLU D 114 -65.01 8.16 -16.33
C GLU D 114 -65.38 9.63 -16.44
N ALA D 115 -66.22 10.09 -15.52
CA ALA D 115 -66.73 11.46 -15.58
C ALA D 115 -65.64 12.47 -15.29
N GLU D 116 -64.80 12.20 -14.29
CA GLU D 116 -63.70 13.11 -13.98
C GLU D 116 -62.73 13.22 -15.14
N VAL D 117 -62.39 12.09 -15.78
CA VAL D 117 -61.47 12.13 -16.91
C VAL D 117 -62.11 12.87 -18.08
N ALA D 118 -63.41 12.66 -18.30
CA ALA D 118 -64.11 13.38 -19.37
C ALA D 118 -64.03 14.90 -19.19
N ALA D 119 -64.13 15.38 -17.96
CA ALA D 119 -64.17 16.83 -17.74
C ALA D 119 -62.80 17.45 -17.51
N THR D 120 -61.84 16.71 -16.94
CA THR D 120 -60.56 17.29 -16.58
C THR D 120 -59.36 16.65 -17.27
N GLY D 121 -59.54 15.51 -17.94
CA GLY D 121 -58.42 14.78 -18.49
C GLY D 121 -57.55 14.06 -17.48
N THR D 122 -57.93 14.05 -16.21
CA THR D 122 -57.24 13.26 -15.19
C THR D 122 -58.23 13.02 -14.05
N TYR D 123 -57.76 12.37 -12.99
CA TYR D 123 -58.62 12.10 -11.84
C TYR D 123 -57.76 12.02 -10.60
N GLN D 124 -58.43 11.84 -9.45
CA GLN D 124 -57.80 11.88 -8.14
C GLN D 124 -58.03 10.53 -7.46
N LEU D 125 -56.96 9.94 -6.93
CA LEU D 125 -57.11 8.76 -6.09
C LEU D 125 -57.65 9.16 -4.71
N ARG D 126 -58.54 8.35 -4.18
CA ARG D 126 -58.79 8.44 -2.75
C ARG D 126 -57.55 7.96 -2.00
N GLU D 127 -57.47 8.36 -0.72
CA GLU D 127 -56.31 7.98 0.08
C GLU D 127 -56.17 6.46 0.19
N SER D 128 -57.29 5.76 0.37
CA SER D 128 -57.22 4.31 0.51
CA SER D 128 -57.25 4.31 0.50
C SER D 128 -56.77 3.63 -0.78
N GLU D 129 -57.17 4.15 -1.94
CA GLU D 129 -56.66 3.62 -3.20
C GLU D 129 -55.17 3.92 -3.36
N LEU D 130 -54.73 5.06 -2.86
CA LEU D 130 -53.31 5.40 -2.93
C LEU D 130 -52.48 4.47 -2.06
N VAL D 131 -52.97 4.14 -0.85
CA VAL D 131 -52.24 3.21 0.01
C VAL D 131 -52.14 1.84 -0.68
N PHE D 132 -53.28 1.30 -1.11
CA PHE D 132 -53.31 0.03 -1.84
C PHE D 132 -52.40 0.10 -3.06
N GLY D 133 -52.36 1.25 -3.72
CA GLY D 133 -51.58 1.40 -4.93
C GLY D 133 -50.08 1.32 -4.70
N ALA D 134 -49.56 2.07 -3.73
CA ALA D 134 -48.13 1.97 -3.40
C ALA D 134 -47.73 0.55 -3.02
N LYS D 135 -48.55 -0.16 -2.23
CA LYS D 135 -48.20 -1.51 -1.81
C LYS D 135 -48.16 -2.47 -3.00
N GLN D 136 -49.12 -2.34 -3.91
CA GLN D 136 -49.10 -3.14 -5.12
C GLN D 136 -47.85 -2.87 -5.94
N ALA D 137 -47.45 -1.60 -6.06
CA ALA D 137 -46.23 -1.29 -6.82
C ALA D 137 -45.03 -2.03 -6.24
N TRP D 138 -44.95 -2.10 -4.92
CA TRP D 138 -43.87 -2.84 -4.27
C TRP D 138 -44.03 -4.32 -4.53
N ARG D 139 -45.24 -4.83 -4.30
CA ARG D 139 -45.54 -6.23 -4.53
C ARG D 139 -45.23 -6.67 -5.96
N ASN D 140 -45.34 -5.76 -6.95
CA ASN D 140 -45.11 -6.06 -8.36
C ASN D 140 -43.65 -5.90 -8.80
N ALA D 141 -42.74 -5.45 -7.92
CA ALA D 141 -41.36 -5.13 -8.31
C ALA D 141 -40.53 -6.40 -8.46
N PRO D 142 -40.18 -6.79 -9.69
CA PRO D 142 -39.58 -8.13 -9.90
C PRO D 142 -38.17 -8.27 -9.36
N ARG D 143 -37.43 -7.18 -9.17
CA ARG D 143 -36.07 -7.24 -8.70
C ARG D 143 -35.94 -7.13 -7.18
N CYS D 144 -37.05 -7.08 -6.44
CA CYS D 144 -36.99 -6.89 -4.98
C CYS D 144 -37.11 -8.23 -4.29
N VAL D 145 -36.07 -8.57 -3.51
CA VAL D 145 -36.11 -9.78 -2.69
C VAL D 145 -36.84 -9.56 -1.37
N GLY D 146 -37.18 -8.32 -1.01
CA GLY D 146 -37.76 -8.11 0.31
C GLY D 146 -39.27 -8.00 0.35
N ARG D 147 -39.94 -8.57 -0.66
CA ARG D 147 -41.36 -8.34 -0.84
C ARG D 147 -42.25 -9.10 0.14
N ILE D 148 -41.73 -10.04 0.93
CA ILE D 148 -42.57 -10.70 1.94
C ILE D 148 -43.27 -9.66 2.82
N GLN D 149 -42.62 -8.50 3.00
CA GLN D 149 -43.06 -7.40 3.84
C GLN D 149 -44.07 -6.47 3.15
N TRP D 150 -44.46 -6.75 1.89
CA TRP D 150 -45.15 -5.76 1.06
C TRP D 150 -46.44 -5.22 1.69
N GLY D 151 -47.18 -6.06 2.42
CA GLY D 151 -48.38 -5.61 3.09
C GLY D 151 -48.15 -4.63 4.24
N LYS D 152 -46.91 -4.53 4.71
CA LYS D 152 -46.64 -3.74 5.90
C LYS D 152 -45.89 -2.46 5.56
N LEU D 153 -46.41 -1.69 4.62
CA LEU D 153 -45.77 -0.47 4.13
C LEU D 153 -46.49 0.73 4.70
N GLN D 154 -45.74 1.71 5.22
CA GLN D 154 -46.35 2.92 5.75
C GLN D 154 -46.41 3.99 4.66
N VAL D 155 -47.61 4.44 4.32
CA VAL D 155 -47.81 5.36 3.21
C VAL D 155 -48.12 6.74 3.75
N PHE D 156 -47.24 7.70 3.47
CA PHE D 156 -47.45 9.09 3.84
C PHE D 156 -47.98 9.87 2.64
N ASP D 157 -49.13 10.49 2.80
CA ASP D 157 -49.80 11.20 1.71
C ASP D 157 -49.34 12.65 1.77
N ALA D 158 -48.46 13.04 0.85
CA ALA D 158 -47.99 14.42 0.80
C ALA D 158 -48.53 15.14 -0.42
N ARG D 159 -49.73 14.77 -0.89
CA ARG D 159 -50.23 15.29 -2.16
C ARG D 159 -50.71 16.73 -2.06
N ASP D 160 -50.75 17.33 -0.87
CA ASP D 160 -51.07 18.74 -0.74
C ASP D 160 -49.83 19.64 -0.74
N CYS D 161 -48.64 19.06 -0.82
CA CYS D 161 -47.41 19.82 -0.77
C CYS D 161 -47.37 20.88 -1.88
N ARG D 162 -46.72 22.01 -1.59
CA ARG D 162 -46.73 23.12 -2.55
C ARG D 162 -45.40 23.82 -2.75
N SER D 163 -44.39 23.63 -1.89
CA SER D 163 -43.13 24.33 -2.02
C SER D 163 -41.99 23.37 -1.72
N ALA D 164 -40.76 23.77 -2.08
CA ALA D 164 -39.64 22.89 -1.77
C ALA D 164 -39.39 22.86 -0.27
N GLN D 165 -39.76 23.93 0.43
CA GLN D 165 -39.65 23.98 1.88
C GLN D 165 -40.60 22.96 2.55
N GLU D 166 -41.86 22.87 2.10
CA GLU D 166 -42.73 21.81 2.61
C GLU D 166 -42.23 20.44 2.20
N MET D 167 -41.65 20.34 1.02
CA MET D 167 -41.12 19.06 0.58
C MET D 167 -40.06 18.57 1.56
N PHE D 168 -39.18 19.47 2.01
CA PHE D 168 -38.12 19.06 2.93
C PHE D 168 -38.69 18.61 4.28
N THR D 169 -39.73 19.29 4.77
CA THR D 169 -40.39 18.87 6.00
C THR D 169 -40.96 17.46 5.87
N TYR D 170 -41.61 17.15 4.73
CA TYR D 170 -42.14 15.81 4.54
C TYR D 170 -41.02 14.77 4.43
N ILE D 171 -39.90 15.13 3.81
CA ILE D 171 -38.81 14.17 3.69
C ILE D 171 -38.21 13.89 5.07
N CYS D 172 -37.97 14.93 5.87
CA CYS D 172 -37.45 14.72 7.22
C CYS D 172 -38.42 13.90 8.07
N ASN D 173 -39.72 14.15 7.95
CA ASN D 173 -40.68 13.25 8.62
C ASN D 173 -40.47 11.81 8.19
N HIS D 174 -40.33 11.58 6.88
CA HIS D 174 -40.11 10.24 6.36
C HIS D 174 -38.87 9.61 7.00
N ILE D 175 -37.74 10.31 6.93
CA ILE D 175 -36.48 9.76 7.44
C ILE D 175 -36.61 9.41 8.91
N LYS D 176 -37.17 10.34 9.70
CA LYS D 176 -37.35 10.10 11.13
C LYS D 176 -38.25 8.92 11.39
N TYR D 177 -39.30 8.75 10.58
CA TYR D 177 -40.21 7.65 10.83
C TYR D 177 -39.60 6.33 10.40
N ALA D 178 -38.95 6.32 9.24
CA ALA D 178 -38.40 5.09 8.72
C ALA D 178 -37.21 4.63 9.55
N THR D 179 -36.40 5.57 10.03
CA THR D 179 -35.22 5.21 10.81
C THR D 179 -35.61 4.68 12.18
N ASN D 180 -36.42 5.45 12.92
CA ASN D 180 -36.99 4.99 14.19
C ASN D 180 -35.88 4.48 15.11
N ARG D 181 -34.83 5.29 15.25
CA ARG D 181 -33.67 5.02 16.08
C ARG D 181 -33.02 3.65 15.79
N GLY D 182 -33.18 3.13 14.58
CA GLY D 182 -32.54 1.89 14.22
C GLY D 182 -33.48 0.71 14.06
N ASN D 183 -34.68 0.78 14.63
CA ASN D 183 -35.67 -0.27 14.36
C ASN D 183 -36.48 0.13 13.13
N LEU D 184 -35.89 -0.15 11.95
CA LEU D 184 -36.30 0.46 10.70
C LEU D 184 -37.70 0.02 10.26
N ARG D 185 -38.42 0.92 9.60
CA ARG D 185 -39.78 0.64 9.13
C ARG D 185 -39.91 1.07 7.68
N SER D 186 -40.54 0.21 6.88
CA SER D 186 -40.84 0.53 5.49
C SER D 186 -41.75 1.74 5.37
N ALA D 187 -41.47 2.60 4.40
CA ALA D 187 -42.32 3.76 4.22
C ALA D 187 -42.15 4.32 2.83
N ILE D 188 -43.21 4.95 2.34
CA ILE D 188 -43.20 5.74 1.12
C ILE D 188 -43.93 7.05 1.40
N THR D 189 -43.41 8.16 0.85
CA THR D 189 -44.05 9.45 0.88
C THR D 189 -44.35 9.84 -0.56
N VAL D 190 -45.61 10.13 -0.88
CA VAL D 190 -45.95 10.38 -2.28
C VAL D 190 -46.36 11.84 -2.44
N PHE D 191 -45.60 12.55 -3.25
CA PHE D 191 -45.82 13.96 -3.50
C PHE D 191 -46.85 14.10 -4.64
N PRO D 192 -47.29 15.33 -4.96
CA PRO D 192 -48.41 15.46 -5.90
C PRO D 192 -48.13 14.80 -7.24
N GLN D 193 -49.19 14.23 -7.82
CA GLN D 193 -49.08 13.57 -9.11
C GLN D 193 -48.69 14.56 -10.21
N ARG D 194 -48.15 14.01 -11.31
CA ARG D 194 -47.86 14.78 -12.51
C ARG D 194 -49.15 15.34 -13.08
N CYS D 195 -49.09 16.61 -13.49
CA CYS D 195 -50.25 17.34 -14.02
C CYS D 195 -49.77 18.23 -15.16
N PRO D 196 -50.44 18.21 -16.32
CA PRO D 196 -50.13 19.20 -17.36
C PRO D 196 -50.49 20.60 -16.85
N GLY D 197 -49.68 21.57 -17.26
CA GLY D 197 -49.90 22.94 -16.83
C GLY D 197 -49.24 23.33 -15.52
N ARG D 198 -48.34 22.49 -15.01
CA ARG D 198 -47.59 22.72 -13.78
C ARG D 198 -46.45 21.70 -13.78
N GLY D 199 -45.22 22.13 -13.44
CA GLY D 199 -44.08 21.22 -13.50
C GLY D 199 -44.11 20.15 -12.42
N ASP D 200 -43.17 19.21 -12.54
CA ASP D 200 -43.11 18.08 -11.60
C ASP D 200 -42.39 18.46 -10.32
N PHE D 201 -42.85 17.90 -9.20
CA PHE D 201 -41.97 17.76 -8.05
C PHE D 201 -40.88 16.75 -8.38
N ARG D 202 -39.62 17.09 -8.15
CA ARG D 202 -38.55 16.11 -8.31
C ARG D 202 -37.54 16.20 -7.17
N ILE D 203 -37.03 15.05 -6.78
CA ILE D 203 -35.83 14.93 -5.95
C ILE D 203 -34.67 14.59 -6.87
N TRP D 204 -33.68 15.48 -6.98
CA TRP D 204 -32.57 15.20 -7.87
C TRP D 204 -31.69 14.06 -7.37
N ASN D 205 -31.54 13.90 -6.05
CA ASN D 205 -30.70 12.82 -5.51
C ASN D 205 -31.31 11.45 -5.83
N SER D 206 -30.45 10.47 -6.12
CA SER D 206 -30.97 9.12 -6.36
C SER D 206 -31.43 8.46 -5.07
N GLN D 207 -30.85 8.87 -3.93
CA GLN D 207 -31.24 8.37 -2.62
C GLN D 207 -31.25 9.54 -1.66
N LEU D 208 -32.00 9.40 -0.56
CA LEU D 208 -32.05 10.49 0.41
C LEU D 208 -30.72 10.64 1.15
N VAL D 209 -30.01 9.53 1.38
CA VAL D 209 -28.71 9.57 2.04
C VAL D 209 -27.66 9.06 1.06
N ARG D 210 -26.75 9.93 0.65
CA ARG D 210 -25.68 9.53 -0.26
C ARG D 210 -24.37 10.16 0.20
N TYR D 211 -23.27 9.44 -0.03
CA TYR D 211 -21.96 10.02 0.25
C TYR D 211 -21.40 10.74 -0.96
N ALA D 212 -20.81 11.90 -0.72
CA ALA D 212 -20.20 12.68 -1.79
C ALA D 212 -19.02 11.93 -2.41
N GLY D 213 -18.83 12.18 -3.70
CA GLY D 213 -17.64 11.77 -4.42
C GLY D 213 -16.90 12.96 -4.99
N TYR D 214 -15.64 13.13 -4.60
CA TYR D 214 -14.81 14.20 -5.10
C TYR D 214 -13.77 13.59 -6.01
N ARG D 215 -13.76 13.97 -7.28
CA ARG D 215 -12.73 13.49 -8.18
C ARG D 215 -11.41 14.17 -7.85
N GLN D 216 -10.32 13.40 -7.90
CA GLN D 216 -8.99 13.90 -7.60
C GLN D 216 -8.24 14.14 -8.90
N GLN D 217 -7.02 14.69 -8.78
CA GLN D 217 -6.23 14.99 -9.96
C GLN D 217 -5.90 13.74 -10.77
N ASP D 218 -5.49 12.67 -10.09
CA ASP D 218 -5.03 11.45 -10.78
C ASP D 218 -6.16 10.48 -11.07
N GLY D 219 -7.33 10.98 -11.47
CA GLY D 219 -8.44 10.12 -11.88
C GLY D 219 -9.11 9.35 -10.76
N SER D 220 -8.53 9.33 -9.56
CA SER D 220 -9.14 8.67 -8.42
C SER D 220 -10.28 9.51 -7.84
N VAL D 221 -11.08 8.88 -7.00
CA VAL D 221 -12.21 9.52 -6.36
C VAL D 221 -12.06 9.37 -4.86
N ARG D 222 -12.25 10.46 -4.14
CA ARG D 222 -12.32 10.44 -2.68
C ARG D 222 -13.80 10.39 -2.31
N GLY D 223 -14.24 9.28 -1.73
CA GLY D 223 -15.65 9.10 -1.44
C GLY D 223 -16.29 8.07 -2.32
N ASP D 224 -17.58 8.24 -2.64
CA ASP D 224 -18.31 7.24 -3.39
C ASP D 224 -18.24 7.60 -4.87
N PRO D 225 -17.59 6.78 -5.71
CA PRO D 225 -17.44 7.18 -7.13
C PRO D 225 -18.76 7.21 -7.88
N ALA D 226 -19.76 6.47 -7.42
CA ALA D 226 -21.06 6.51 -8.08
C ALA D 226 -21.75 7.87 -7.95
N ASN D 227 -21.33 8.71 -7.00
CA ASN D 227 -22.03 9.96 -6.71
C ASN D 227 -21.26 11.18 -7.18
N VAL D 228 -20.32 11.01 -8.11
CA VAL D 228 -19.47 12.11 -8.51
C VAL D 228 -20.26 13.17 -9.29
N GLU D 229 -21.25 12.75 -10.08
CA GLU D 229 -22.01 13.72 -10.88
C GLU D 229 -22.92 14.57 -9.99
N ILE D 230 -23.65 13.92 -9.07
CA ILE D 230 -24.54 14.67 -8.18
C ILE D 230 -23.73 15.56 -7.22
N THR D 231 -22.48 15.19 -6.92
CA THR D 231 -21.66 16.01 -6.03
C THR D 231 -21.32 17.36 -6.66
N GLU D 232 -20.94 17.37 -7.94
CA GLU D 232 -20.65 18.63 -8.62
C GLU D 232 -21.92 19.48 -8.75
N LEU D 233 -23.06 18.84 -8.98
CA LEU D 233 -24.31 19.60 -9.09
C LEU D 233 -24.63 20.29 -7.77
N CYS D 234 -24.38 19.61 -6.65
CA CYS D 234 -24.56 20.26 -5.35
C CYS D 234 -23.61 21.44 -5.19
N ILE D 235 -22.34 21.27 -5.58
CA ILE D 235 -21.38 22.36 -5.49
C ILE D 235 -21.77 23.51 -6.42
N GLN D 236 -22.35 23.20 -7.58
CA GLN D 236 -22.82 24.25 -8.49
C GLN D 236 -23.95 25.05 -7.86
N HIS D 237 -24.73 24.43 -6.98
CA HIS D 237 -25.91 25.07 -6.40
C HIS D 237 -25.65 25.62 -4.99
N GLY D 238 -24.39 25.91 -4.65
CA GLY D 238 -24.09 26.62 -3.43
C GLY D 238 -23.51 25.80 -2.31
N TRP D 239 -23.44 24.48 -2.45
CA TRP D 239 -22.94 23.64 -1.36
C TRP D 239 -21.44 23.84 -1.19
N THR D 240 -21.03 24.12 0.04
CA THR D 240 -19.60 24.07 0.37
C THR D 240 -19.20 22.63 0.65
N PRO D 241 -18.32 22.05 -0.16
CA PRO D 241 -17.95 20.64 0.04
C PRO D 241 -16.94 20.48 1.16
N GLY D 242 -16.91 19.27 1.71
CA GLY D 242 -15.81 18.80 2.53
C GLY D 242 -14.79 18.11 1.66
N ASN D 243 -13.98 17.26 2.28
CA ASN D 243 -13.15 16.35 1.50
C ASN D 243 -12.88 15.07 2.28
N GLY D 244 -13.90 14.60 3.01
CA GLY D 244 -13.86 13.28 3.59
C GLY D 244 -14.35 12.23 2.61
N ARG D 245 -14.29 10.98 3.06
CA ARG D 245 -14.77 9.86 2.26
C ARG D 245 -16.22 9.51 2.55
N PHE D 246 -16.83 10.10 3.58
CA PHE D 246 -18.20 9.75 3.96
C PHE D 246 -18.99 11.01 4.29
N ASP D 247 -18.85 12.05 3.46
CA ASP D 247 -19.59 13.30 3.62
C ASP D 247 -21.02 13.10 3.12
N VAL D 248 -22.01 13.34 3.96
CA VAL D 248 -23.39 13.17 3.49
C VAL D 248 -23.77 14.36 2.61
N LEU D 249 -24.36 14.06 1.46
CA LEU D 249 -24.74 15.05 0.47
C LEU D 249 -26.02 15.78 0.88
N PRO D 250 -26.15 17.04 0.49
CA PRO D 250 -27.42 17.74 0.69
C PRO D 250 -28.45 17.31 -0.34
N LEU D 251 -29.73 17.43 0.04
CA LEU D 251 -30.83 17.22 -0.91
C LEU D 251 -30.98 18.39 -1.87
N LEU D 252 -31.18 18.06 -3.16
CA LEU D 252 -31.56 19.03 -4.17
C LEU D 252 -33.04 18.78 -4.47
N LEU D 253 -33.90 19.71 -4.06
CA LEU D 253 -35.34 19.52 -4.15
C LEU D 253 -35.90 20.51 -5.15
N GLN D 254 -36.68 20.01 -6.10
CA GLN D 254 -37.25 20.83 -7.15
C GLN D 254 -38.76 20.89 -6.98
N ALA D 255 -39.27 22.05 -6.77
CA ALA D 255 -40.70 22.30 -6.76
C ALA D 255 -41.14 22.71 -8.16
N PRO D 256 -42.46 22.61 -8.47
CA PRO D 256 -42.92 22.88 -9.85
C PRO D 256 -42.39 24.17 -10.47
N ASP D 257 -41.66 24.01 -11.58
CA ASP D 257 -41.16 25.10 -12.42
C ASP D 257 -40.16 26.00 -11.69
N GLU D 258 -39.49 25.46 -10.67
CA GLU D 258 -38.46 26.16 -9.93
C GLU D 258 -37.12 25.48 -10.14
N PRO D 259 -36.03 26.23 -10.16
CA PRO D 259 -34.71 25.61 -10.06
C PRO D 259 -34.60 24.83 -8.76
N PRO D 260 -33.75 23.82 -8.70
CA PRO D 260 -33.63 23.02 -7.47
C PRO D 260 -33.10 23.87 -6.33
N GLU D 261 -33.55 23.54 -5.12
CA GLU D 261 -33.14 24.22 -3.90
C GLU D 261 -32.36 23.26 -3.01
N LEU D 262 -31.28 23.74 -2.43
CA LEU D 262 -30.38 22.97 -1.59
C LEU D 262 -30.86 22.90 -0.14
N PHE D 263 -30.94 21.69 0.39
CA PHE D 263 -31.28 21.48 1.79
C PHE D 263 -30.26 20.53 2.41
N LEU D 264 -29.70 20.94 3.54
CA LEU D 264 -28.74 20.11 4.26
C LEU D 264 -29.50 19.19 5.20
N LEU D 265 -29.21 17.91 5.15
CA LEU D 265 -29.76 17.01 6.14
C LEU D 265 -29.10 17.30 7.49
N PRO D 266 -29.86 17.60 8.54
CA PRO D 266 -29.23 17.77 9.84
C PRO D 266 -28.56 16.46 10.25
N PRO D 267 -27.30 16.52 10.68
CA PRO D 267 -26.58 15.27 10.99
C PRO D 267 -27.30 14.34 11.96
N GLU D 268 -28.04 14.87 12.93
CA GLU D 268 -28.77 14.00 13.85
C GLU D 268 -29.90 13.24 13.17
N LEU D 269 -30.24 13.60 11.94
CA LEU D 269 -31.25 12.86 11.20
C LEU D 269 -30.68 11.64 10.49
N VAL D 270 -29.41 11.67 10.13
CA VAL D 270 -28.80 10.61 9.32
C VAL D 270 -28.08 9.65 10.25
N LEU D 271 -28.73 8.55 10.59
CA LEU D 271 -28.12 7.51 11.42
C LEU D 271 -27.07 6.74 10.62
N GLU D 272 -25.84 6.72 11.13
CA GLU D 272 -24.72 6.03 10.52
C GLU D 272 -24.16 4.94 11.45
N VAL D 273 -23.47 3.99 10.84
CA VAL D 273 -22.94 2.79 11.51
C VAL D 273 -21.45 2.69 11.21
N PRO D 274 -20.56 2.85 12.18
CA PRO D 274 -19.15 2.52 11.95
C PRO D 274 -18.97 1.02 11.74
N LEU D 275 -18.11 0.67 10.78
CA LEU D 275 -17.89 -0.73 10.44
C LEU D 275 -16.70 -1.27 11.24
N GLU D 276 -16.94 -2.34 11.99
CA GLU D 276 -15.86 -3.06 12.65
C GLU D 276 -16.12 -4.55 12.53
N HIS D 277 -15.10 -5.35 12.85
CA HIS D 277 -15.17 -6.79 12.65
C HIS D 277 -15.12 -7.51 13.99
N PRO D 278 -15.95 -8.54 14.19
CA PRO D 278 -16.01 -9.18 15.52
C PRO D 278 -14.66 -9.72 15.99
N THR D 279 -13.78 -10.11 15.08
CA THR D 279 -12.47 -10.55 15.47
C THR D 279 -11.31 -9.87 14.77
N LEU D 280 -11.50 -9.06 13.74
CA LEU D 280 -10.32 -8.42 13.15
C LEU D 280 -10.29 -6.97 13.61
N GLU D 281 -9.45 -6.68 14.62
CA GLU D 281 -9.48 -5.36 15.27
C GLU D 281 -8.90 -4.29 14.38
N TRP D 282 -7.96 -4.66 13.50
CA TRP D 282 -7.46 -3.70 12.53
C TRP D 282 -8.54 -3.20 11.57
N PHE D 283 -9.67 -3.90 11.48
CA PHE D 283 -10.69 -3.51 10.50
C PHE D 283 -11.28 -2.15 10.86
N ALA D 284 -11.46 -1.89 12.15
CA ALA D 284 -11.91 -0.58 12.61
C ALA D 284 -11.06 0.54 12.04
N ALA D 285 -9.76 0.31 11.86
CA ALA D 285 -8.83 1.32 11.38
C ALA D 285 -9.02 1.67 9.90
N LEU D 286 -9.80 0.90 9.15
CA LEU D 286 -10.12 1.34 7.79
C LEU D 286 -10.96 2.60 7.80
N GLY D 287 -11.60 2.92 8.93
CA GLY D 287 -12.49 4.08 9.04
C GLY D 287 -13.72 3.99 8.16
N LEU D 288 -14.26 2.80 8.01
CA LEU D 288 -15.39 2.67 7.12
C LEU D 288 -16.69 2.90 7.90
N ARG D 289 -17.72 3.30 7.16
CA ARG D 289 -19.06 3.43 7.74
C ARG D 289 -20.08 3.40 6.62
N TRP D 290 -21.33 3.08 6.98
CA TRP D 290 -22.45 3.19 6.07
C TRP D 290 -23.64 3.77 6.85
N TYR D 291 -24.66 4.16 6.10
CA TYR D 291 -25.86 4.70 6.73
C TYR D 291 -26.91 3.61 6.91
N ALA D 292 -27.80 3.87 7.87
CA ALA D 292 -28.85 2.91 8.22
C ALA D 292 -29.88 2.73 7.10
N LEU D 293 -30.22 3.80 6.40
CA LEU D 293 -31.49 3.81 5.69
C LEU D 293 -31.30 3.85 4.18
N PRO D 294 -31.66 2.81 3.45
CA PRO D 294 -31.70 2.90 1.97
C PRO D 294 -33.03 3.48 1.52
N ALA D 295 -33.00 4.70 1.01
CA ALA D 295 -34.23 5.42 0.68
C ALA D 295 -34.14 5.92 -0.77
N VAL D 296 -34.78 5.21 -1.68
CA VAL D 296 -34.66 5.52 -3.11
C VAL D 296 -35.63 6.64 -3.47
N SER D 297 -35.15 7.67 -4.15
CA SER D 297 -35.92 8.88 -4.30
C SER D 297 -36.05 9.37 -5.74
N ASN D 298 -35.56 8.60 -6.71
CA ASN D 298 -35.51 9.06 -8.09
C ASN D 298 -36.41 8.27 -9.02
N MET D 299 -37.18 7.33 -8.50
CA MET D 299 -38.04 6.52 -9.34
C MET D 299 -39.44 7.13 -9.39
N LEU D 300 -40.19 6.73 -10.41
CA LEU D 300 -41.52 7.23 -10.67
C LEU D 300 -42.52 6.15 -10.30
N LEU D 301 -43.48 6.49 -9.49
CA LEU D 301 -44.54 5.58 -9.05
C LEU D 301 -45.73 5.76 -9.97
N GLU D 302 -46.14 4.70 -10.63
CA GLU D 302 -47.22 4.74 -11.61
C GLU D 302 -48.40 3.96 -11.05
N ILE D 303 -49.57 4.60 -11.00
CA ILE D 303 -50.78 3.98 -10.44
C ILE D 303 -51.99 4.36 -11.29
N GLY D 304 -52.62 3.35 -11.89
CA GLY D 304 -53.84 3.58 -12.65
C GLY D 304 -53.73 4.69 -13.67
N GLY D 305 -52.58 4.78 -14.34
CA GLY D 305 -52.36 5.83 -15.31
C GLY D 305 -51.97 7.18 -14.75
N LEU D 306 -51.97 7.36 -13.44
CA LEU D 306 -51.39 8.55 -12.83
C LEU D 306 -49.91 8.32 -12.60
N GLU D 307 -49.13 9.39 -12.72
CA GLU D 307 -47.69 9.33 -12.50
C GLU D 307 -47.35 10.22 -11.32
N PHE D 308 -46.52 9.70 -10.42
CA PHE D 308 -46.01 10.40 -9.24
C PHE D 308 -44.50 10.49 -9.34
N PRO D 309 -43.95 11.56 -9.93
CA PRO D 309 -42.51 11.60 -10.18
C PRO D 309 -41.67 11.76 -8.93
N ALA D 310 -42.27 12.10 -7.80
CA ALA D 310 -41.55 12.22 -6.53
C ALA D 310 -42.31 11.35 -5.54
N ALA D 311 -41.74 10.17 -5.22
CA ALA D 311 -42.35 9.27 -4.24
C ALA D 311 -41.25 8.42 -3.58
N PRO D 312 -40.38 9.03 -2.80
CA PRO D 312 -39.26 8.29 -2.21
C PRO D 312 -39.76 7.18 -1.29
N PHE D 313 -39.06 6.03 -1.32
CA PHE D 313 -39.47 4.90 -0.48
C PHE D 313 -38.24 4.30 0.17
N SER D 314 -38.45 3.63 1.30
CA SER D 314 -37.28 3.15 2.00
C SER D 314 -37.61 1.85 2.72
N GLY D 315 -36.58 1.02 2.88
CA GLY D 315 -36.75 -0.20 3.63
C GLY D 315 -35.63 -0.38 4.63
N TRP D 316 -34.99 -1.54 4.64
CA TRP D 316 -33.73 -1.71 5.35
C TRP D 316 -32.83 -2.56 4.47
N TYR D 317 -31.54 -2.57 4.80
CA TYR D 317 -30.54 -3.16 3.93
C TYR D 317 -30.49 -4.68 4.01
N MET D 318 -30.13 -5.29 2.89
CA MET D 318 -29.61 -6.64 2.90
C MET D 318 -28.09 -6.50 2.90
N SER D 319 -27.42 -7.29 3.75
CA SER D 319 -26.00 -7.05 4.07
C SER D 319 -25.09 -7.06 2.85
N THR D 320 -25.38 -7.91 1.86
CA THR D 320 -24.55 -7.95 0.65
C THR D 320 -24.61 -6.66 -0.16
N GLU D 321 -25.66 -5.85 -0.04
CA GLU D 321 -25.68 -4.60 -0.80
C GLU D 321 -24.62 -3.64 -0.29
N ILE D 322 -24.44 -3.57 1.02
CA ILE D 322 -23.36 -2.77 1.59
C ILE D 322 -22.01 -3.44 1.35
N GLY D 323 -21.88 -4.69 1.81
CA GLY D 323 -20.59 -5.36 1.80
C GLY D 323 -20.05 -5.58 0.41
N THR D 324 -20.81 -6.30 -0.41
CA THR D 324 -20.29 -6.67 -1.72
C THR D 324 -20.39 -5.54 -2.74
N ARG D 325 -21.55 -4.93 -2.91
CA ARG D 325 -21.71 -3.92 -3.96
C ARG D 325 -21.02 -2.61 -3.59
N ASN D 326 -21.43 -1.98 -2.49
CA ASN D 326 -20.97 -0.61 -2.23
C ASN D 326 -19.49 -0.57 -1.87
N LEU D 327 -19.01 -1.55 -1.12
CA LEU D 327 -17.64 -1.52 -0.65
C LEU D 327 -16.67 -2.30 -1.52
N CYS D 328 -17.11 -3.37 -2.21
CA CYS D 328 -16.15 -4.21 -2.93
C CYS D 328 -16.10 -3.96 -4.43
N ASP D 329 -17.20 -3.50 -5.04
CA ASP D 329 -17.22 -3.32 -6.47
C ASP D 329 -16.11 -2.36 -6.89
N PRO D 330 -15.44 -2.62 -8.01
CA PRO D 330 -14.25 -1.81 -8.38
C PRO D 330 -14.59 -0.38 -8.73
N HIS D 331 -15.81 -0.08 -9.10
CA HIS D 331 -16.15 1.31 -9.39
C HIS D 331 -16.72 2.01 -8.18
N ARG D 332 -16.71 1.36 -7.02
CA ARG D 332 -17.13 2.01 -5.79
C ARG D 332 -15.95 2.22 -4.85
N TYR D 333 -16.13 1.96 -3.56
CA TYR D 333 -15.04 2.16 -2.61
C TYR D 333 -13.90 1.14 -2.75
N ASN D 334 -14.15 -0.02 -3.37
CA ASN D 334 -13.10 -0.93 -3.88
C ASN D 334 -12.01 -1.22 -2.84
N ILE D 335 -12.42 -1.85 -1.73
CA ILE D 335 -11.50 -2.12 -0.62
C ILE D 335 -10.99 -3.56 -0.58
N LEU D 336 -11.44 -4.41 -1.50
CA LEU D 336 -11.21 -5.85 -1.42
C LEU D 336 -9.73 -6.21 -1.27
N GLU D 337 -8.90 -5.64 -2.14
CA GLU D 337 -7.48 -6.02 -2.10
C GLU D 337 -6.85 -5.55 -0.80
N ASP D 338 -7.23 -4.36 -0.34
CA ASP D 338 -6.68 -3.83 0.91
C ASP D 338 -7.03 -4.76 2.08
N VAL D 339 -8.29 -5.17 2.18
CA VAL D 339 -8.67 -6.12 3.21
C VAL D 339 -7.88 -7.42 3.07
N ALA D 340 -7.67 -7.89 1.84
CA ALA D 340 -7.00 -9.18 1.68
C ALA D 340 -5.54 -9.09 2.09
N VAL D 341 -4.89 -7.98 1.77
CA VAL D 341 -3.50 -7.82 2.18
C VAL D 341 -3.41 -7.78 3.70
N CYS D 342 -4.30 -7.03 4.35
CA CYS D 342 -4.34 -6.98 5.81
C CYS D 342 -4.62 -8.36 6.41
N MET D 343 -5.38 -9.21 5.72
CA MET D 343 -5.61 -10.58 6.17
C MET D 343 -4.40 -11.48 5.94
N ASP D 344 -3.39 -10.99 5.23
CA ASP D 344 -2.18 -11.72 4.88
C ASP D 344 -2.45 -12.83 3.86
N LEU D 345 -3.46 -12.64 3.02
CA LEU D 345 -3.72 -13.58 1.94
C LEU D 345 -2.75 -13.35 0.79
N ASP D 346 -2.58 -14.39 -0.02
CA ASP D 346 -1.70 -14.32 -1.19
C ASP D 346 -2.52 -13.81 -2.37
N THR D 347 -2.39 -12.53 -2.68
CA THR D 347 -3.18 -11.89 -3.71
C THR D 347 -2.53 -11.94 -5.09
N ARG D 348 -1.40 -12.63 -5.22
CA ARG D 348 -0.73 -12.74 -6.50
C ARG D 348 -1.31 -13.85 -7.35
N THR D 349 -2.08 -14.76 -6.76
CA THR D 349 -2.76 -15.82 -7.49
C THR D 349 -4.26 -15.76 -7.20
N THR D 350 -5.07 -16.00 -8.23
CA THR D 350 -6.51 -16.08 -8.02
C THR D 350 -6.95 -17.40 -7.41
N SER D 351 -6.16 -18.46 -7.56
CA SER D 351 -6.60 -19.76 -7.09
C SER D 351 -6.47 -19.92 -5.57
N SER D 352 -5.95 -18.92 -4.86
CA SER D 352 -6.11 -18.90 -3.42
C SER D 352 -7.52 -18.50 -2.98
N LEU D 353 -8.34 -17.97 -3.88
CA LEU D 353 -9.68 -17.48 -3.54
C LEU D 353 -9.61 -16.39 -2.46
N TRP D 354 -8.54 -15.58 -2.54
CA TRP D 354 -8.42 -14.42 -1.65
C TRP D 354 -9.56 -13.43 -1.87
N LYS D 355 -10.04 -13.29 -3.10
CA LYS D 355 -11.16 -12.38 -3.34
C LYS D 355 -12.39 -12.82 -2.58
N ASP D 356 -12.69 -14.13 -2.63
CA ASP D 356 -13.88 -14.63 -1.96
C ASP D 356 -13.74 -14.55 -0.44
N LYS D 357 -12.55 -14.90 0.09
CA LYS D 357 -12.34 -14.86 1.53
C LYS D 357 -12.51 -13.44 2.07
N ALA D 358 -11.81 -12.47 1.49
CA ALA D 358 -11.94 -11.09 1.94
C ALA D 358 -13.39 -10.60 1.89
N ALA D 359 -14.13 -11.01 0.85
CA ALA D 359 -15.50 -10.52 0.69
C ALA D 359 -16.43 -11.08 1.75
N VAL D 360 -16.24 -12.36 2.11
CA VAL D 360 -17.02 -12.91 3.22
C VAL D 360 -16.75 -12.14 4.50
N GLU D 361 -15.47 -11.85 4.79
CA GLU D 361 -15.17 -11.16 6.04
C GLU D 361 -15.73 -9.75 6.06
N ILE D 362 -15.76 -9.05 4.91
CA ILE D 362 -16.38 -7.73 4.88
C ILE D 362 -17.87 -7.85 5.20
N ASN D 363 -18.55 -8.81 4.59
CA ASN D 363 -19.97 -9.00 4.86
C ASN D 363 -20.21 -9.40 6.31
N VAL D 364 -19.29 -10.15 6.92
CA VAL D 364 -19.39 -10.46 8.34
C VAL D 364 -19.31 -9.16 9.15
N ALA D 365 -18.35 -8.29 8.79
CA ALA D 365 -18.17 -7.04 9.51
C ALA D 365 -19.42 -6.16 9.41
N VAL D 366 -20.08 -6.19 8.25
CA VAL D 366 -21.29 -5.38 8.08
C VAL D 366 -22.41 -5.90 8.97
N LEU D 367 -22.66 -7.21 8.95
CA LEU D 367 -23.69 -7.79 9.81
C LEU D 367 -23.38 -7.57 11.29
N HIS D 368 -22.12 -7.71 11.68
CA HIS D 368 -21.77 -7.52 13.08
C HIS D 368 -21.90 -6.06 13.48
N SER D 369 -21.56 -5.14 12.59
CA SER D 369 -21.60 -3.74 12.95
C SER D 369 -23.04 -3.24 13.09
N TYR D 370 -23.94 -3.65 12.19
CA TYR D 370 -25.34 -3.25 12.31
C TYR D 370 -26.00 -3.88 13.53
N GLN D 371 -25.71 -5.15 13.83
CA GLN D 371 -26.31 -5.74 15.03
C GLN D 371 -25.78 -5.09 16.29
N LEU D 372 -24.52 -4.65 16.26
CA LEU D 372 -23.91 -3.92 17.37
C LEU D 372 -24.57 -2.55 17.56
N ALA D 373 -24.72 -1.79 16.48
CA ALA D 373 -25.39 -0.51 16.56
C ALA D 373 -26.91 -0.61 16.77
N LYS D 374 -27.47 -1.82 16.83
CA LYS D 374 -28.92 -2.05 16.92
C LYS D 374 -29.69 -1.40 15.77
N VAL D 375 -29.14 -1.51 14.56
CA VAL D 375 -29.80 -1.10 13.33
C VAL D 375 -30.22 -2.32 12.54
N THR D 376 -31.51 -2.39 12.20
CA THR D 376 -32.07 -3.47 11.43
C THR D 376 -31.26 -3.77 10.19
N ILE D 377 -31.00 -5.07 9.97
CA ILE D 377 -30.35 -5.53 8.75
C ILE D 377 -30.71 -7.01 8.59
N VAL D 378 -30.71 -7.47 7.35
CA VAL D 378 -31.01 -8.88 7.09
C VAL D 378 -29.89 -9.46 6.25
N ASP D 379 -29.47 -10.69 6.60
CA ASP D 379 -28.46 -11.32 5.76
C ASP D 379 -29.14 -11.98 4.56
N HIS D 380 -28.33 -12.32 3.55
CA HIS D 380 -28.94 -12.84 2.33
C HIS D 380 -29.51 -14.25 2.49
N HIS D 381 -29.08 -15.02 3.49
CA HIS D 381 -29.76 -16.31 3.71
C HIS D 381 -31.17 -16.08 4.26
N ALA D 382 -31.32 -15.18 5.22
CA ALA D 382 -32.64 -14.92 5.77
C ALA D 382 -33.56 -14.29 4.74
N ALA D 383 -33.03 -13.36 3.94
CA ALA D 383 -33.84 -12.66 2.95
C ALA D 383 -34.34 -13.61 1.87
N THR D 384 -33.45 -14.46 1.35
CA THR D 384 -33.86 -15.36 0.28
C THR D 384 -34.84 -16.42 0.80
N ALA D 385 -34.65 -16.91 2.01
CA ALA D 385 -35.62 -17.83 2.61
C ALA D 385 -37.02 -17.20 2.66
N SER D 386 -37.11 -15.95 3.10
CA SER D 386 -38.43 -15.36 3.21
C SER D 386 -38.99 -15.02 1.84
N PHE D 387 -38.14 -14.74 0.85
CA PHE D 387 -38.67 -14.59 -0.51
C PHE D 387 -39.29 -15.88 -1.00
N MET D 388 -38.72 -17.04 -0.65
CA MET D 388 -39.38 -18.29 -1.02
C MET D 388 -40.77 -18.40 -0.39
N LYS D 389 -40.89 -17.98 0.87
CA LYS D 389 -42.21 -17.97 1.51
C LYS D 389 -43.15 -17.01 0.77
N HIS D 390 -42.62 -15.87 0.32
CA HIS D 390 -43.44 -14.94 -0.45
C HIS D 390 -43.91 -15.55 -1.77
N LEU D 391 -43.03 -16.28 -2.46
CA LEU D 391 -43.42 -16.93 -3.71
C LEU D 391 -44.53 -17.92 -3.49
N GLU D 392 -44.51 -18.58 -2.33
CA GLU D 392 -45.58 -19.49 -1.98
C GLU D 392 -46.88 -18.72 -1.66
N ASN D 393 -46.80 -17.63 -0.92
CA ASN D 393 -48.02 -16.85 -0.64
C ASN D 393 -48.63 -16.31 -1.94
N GLU D 394 -47.79 -15.80 -2.84
CA GLU D 394 -48.27 -15.18 -4.07
C GLU D 394 -48.88 -16.20 -5.02
N GLN D 395 -48.44 -17.45 -4.94
CA GLN D 395 -49.02 -18.48 -5.79
C GLN D 395 -50.46 -18.77 -5.37
N LYS D 396 -50.74 -18.78 -4.06
CA LYS D 396 -52.12 -18.92 -3.60
C LYS D 396 -52.95 -17.68 -3.91
N ALA D 397 -52.39 -16.50 -3.67
CA ALA D 397 -53.20 -15.28 -3.75
C ALA D 397 -53.48 -14.88 -5.19
N ARG D 398 -52.47 -14.92 -6.06
CA ARG D 398 -52.55 -14.37 -7.40
C ARG D 398 -52.23 -15.36 -8.51
N GLY D 399 -51.72 -16.53 -8.19
CA GLY D 399 -51.39 -17.48 -9.21
C GLY D 399 -50.03 -17.25 -9.82
N GLY D 400 -49.20 -16.44 -9.20
CA GLY D 400 -47.84 -16.27 -9.66
C GLY D 400 -47.18 -15.11 -8.96
N CYS D 401 -45.97 -14.81 -9.42
CA CYS D 401 -45.17 -13.73 -8.86
C CYS D 401 -44.09 -13.33 -9.85
N PRO D 402 -44.10 -12.09 -10.35
CA PRO D 402 -43.01 -11.64 -11.21
C PRO D 402 -41.71 -11.54 -10.42
N ALA D 403 -40.65 -12.17 -10.95
CA ALA D 403 -39.37 -12.18 -10.27
C ALA D 403 -38.26 -12.22 -11.31
N ASP D 404 -37.19 -11.51 -11.03
CA ASP D 404 -36.07 -11.34 -11.94
C ASP D 404 -34.88 -12.10 -11.34
N TRP D 405 -34.64 -13.32 -11.84
CA TRP D 405 -33.70 -14.25 -11.20
C TRP D 405 -32.32 -13.62 -10.99
N ALA D 406 -31.80 -12.94 -12.02
CA ALA D 406 -30.48 -12.34 -11.95
C ALA D 406 -30.36 -11.30 -10.85
N TRP D 407 -31.48 -10.69 -10.43
CA TRP D 407 -31.45 -9.73 -9.34
C TRP D 407 -31.88 -10.32 -8.01
N ILE D 408 -32.68 -11.40 -8.01
CA ILE D 408 -33.11 -11.97 -6.74
C ILE D 408 -31.99 -12.78 -6.09
N VAL D 409 -31.18 -13.49 -6.87
CA VAL D 409 -30.05 -14.29 -6.40
C VAL D 409 -28.98 -13.34 -5.85
N PRO D 410 -28.56 -13.51 -4.60
CA PRO D 410 -27.59 -12.58 -4.03
C PRO D 410 -26.27 -12.62 -4.77
N PRO D 411 -25.50 -11.53 -4.73
CA PRO D 411 -24.25 -11.46 -5.50
C PRO D 411 -23.05 -12.19 -4.89
N ILE D 412 -23.15 -12.73 -3.68
CA ILE D 412 -22.18 -13.71 -3.23
C ILE D 412 -22.95 -14.93 -2.75
N SER D 413 -22.34 -16.09 -2.87
CA SER D 413 -22.91 -17.35 -2.34
C SER D 413 -24.27 -17.70 -2.95
N GLY D 414 -24.49 -17.35 -4.22
CA GLY D 414 -25.77 -17.60 -4.89
C GLY D 414 -26.38 -18.98 -4.67
N SER D 415 -25.65 -20.06 -5.02
CA SER D 415 -26.27 -21.37 -4.94
C SER D 415 -26.40 -21.88 -3.51
N LEU D 416 -25.85 -21.18 -2.53
CA LEU D 416 -26.14 -21.56 -1.15
C LEU D 416 -27.53 -21.09 -0.70
N THR D 417 -28.23 -20.29 -1.54
CA THR D 417 -29.55 -19.79 -1.15
C THR D 417 -30.63 -20.55 -1.90
N PRO D 418 -31.83 -20.70 -1.33
CA PRO D 418 -32.87 -21.47 -2.01
C PRO D 418 -33.41 -20.84 -3.31
N VAL D 419 -33.14 -19.56 -3.58
CA VAL D 419 -33.73 -18.96 -4.78
C VAL D 419 -32.95 -19.35 -6.00
N PHE D 420 -31.70 -19.79 -5.82
CA PHE D 420 -30.85 -20.15 -6.95
C PHE D 420 -31.49 -21.25 -7.80
N HIS D 421 -32.03 -22.28 -7.16
CA HIS D 421 -32.59 -23.43 -7.87
C HIS D 421 -34.08 -23.26 -8.17
N GLN D 422 -34.62 -22.06 -8.00
CA GLN D 422 -36.02 -21.75 -8.26
C GLN D 422 -36.13 -21.07 -9.63
N GLU D 423 -36.74 -21.74 -10.59
CA GLU D 423 -37.07 -21.04 -11.83
C GLU D 423 -38.05 -19.91 -11.55
N MET D 424 -37.95 -18.82 -12.31
CA MET D 424 -38.78 -17.65 -12.10
C MET D 424 -39.26 -17.11 -13.45
N VAL D 425 -40.32 -16.31 -13.40
CA VAL D 425 -40.94 -15.73 -14.59
C VAL D 425 -40.95 -14.22 -14.43
N ASN D 426 -40.32 -13.53 -15.36
CA ASN D 426 -40.20 -12.09 -15.24
C ASN D 426 -41.20 -11.42 -16.18
N TYR D 427 -42.00 -10.51 -15.64
CA TYR D 427 -42.96 -9.77 -16.46
C TYR D 427 -43.39 -8.53 -15.70
N PHE D 428 -44.08 -7.63 -16.42
CA PHE D 428 -44.39 -6.30 -15.90
C PHE D 428 -45.88 -6.21 -15.55
N LEU D 429 -46.18 -5.89 -14.29
CA LEU D 429 -47.54 -5.59 -13.84
C LEU D 429 -47.61 -4.14 -13.38
N SER D 430 -48.81 -3.56 -13.43
CA SER D 430 -49.02 -2.23 -12.87
C SER D 430 -50.06 -2.30 -11.76
N PRO D 431 -49.96 -1.48 -10.70
CA PRO D 431 -49.04 -0.39 -10.35
C PRO D 431 -47.57 -0.81 -10.29
N ALA D 432 -46.67 0.12 -10.53
CA ALA D 432 -45.27 -0.23 -10.67
C ALA D 432 -44.42 0.98 -10.32
N PHE D 433 -43.20 0.71 -9.87
CA PHE D 433 -42.13 1.69 -9.87
C PHE D 433 -41.35 1.54 -11.17
N ARG D 434 -40.92 2.67 -11.71
CA ARG D 434 -40.20 2.72 -12.97
C ARG D 434 -39.10 3.76 -12.88
N TYR D 435 -38.09 3.60 -13.73
CA TYR D 435 -37.12 4.67 -13.85
C TYR D 435 -37.67 5.79 -14.73
N GLN D 436 -37.02 6.95 -14.64
CA GLN D 436 -37.39 8.14 -15.40
C GLN D 436 -36.13 8.93 -15.66
N PRO D 437 -36.13 9.78 -16.68
CA PRO D 437 -34.90 10.52 -17.00
C PRO D 437 -34.45 11.39 -15.83
N ASP D 438 -33.15 11.67 -15.79
CA ASP D 438 -32.63 12.59 -14.79
C ASP D 438 -33.12 14.01 -15.11
N PRO D 439 -33.42 14.81 -14.09
CA PRO D 439 -34.03 16.13 -14.32
C PRO D 439 -33.05 17.21 -14.79
N TRP D 440 -31.78 16.89 -15.04
CA TRP D 440 -30.81 17.89 -15.51
C TRP D 440 -30.23 17.51 -16.89
N PHE E 28 30.54 -7.97 52.89
CA PHE E 28 29.88 -6.87 52.19
C PHE E 28 29.97 -7.04 50.67
N PRO E 29 28.83 -7.24 50.02
CA PRO E 29 28.82 -7.49 48.56
C PRO E 29 29.38 -6.31 47.77
N ARG E 30 30.26 -6.61 46.82
CA ARG E 30 30.80 -5.65 45.88
C ARG E 30 29.87 -5.51 44.67
N VAL E 31 29.62 -4.27 44.25
CA VAL E 31 28.60 -3.94 43.25
C VAL E 31 29.20 -3.02 42.20
N LYS E 32 29.13 -3.41 40.93
CA LYS E 32 29.79 -2.68 39.86
C LYS E 32 28.77 -2.13 38.88
N ASN E 33 28.98 -0.86 38.47
CA ASN E 33 28.37 -0.30 37.27
C ASN E 33 29.33 -0.56 36.13
N TRP E 34 28.88 -1.31 35.12
CA TRP E 34 29.78 -1.74 34.05
C TRP E 34 29.94 -0.72 32.93
N GLU E 35 29.06 0.28 32.86
CA GLU E 35 29.24 1.39 31.92
C GLU E 35 30.29 2.36 32.43
N VAL E 36 30.19 2.76 33.69
CA VAL E 36 31.11 3.74 34.26
C VAL E 36 32.37 3.09 34.84
N GLY E 37 32.27 1.85 35.32
CA GLY E 37 33.36 1.21 36.00
C GLY E 37 33.41 1.44 37.51
N SER E 38 32.47 2.21 38.05
CA SER E 38 32.49 2.54 39.47
C SER E 38 31.99 1.38 40.33
N ILE E 39 32.47 1.35 41.57
CA ILE E 39 32.26 0.21 42.44
C ILE E 39 31.77 0.70 43.80
N THR E 40 30.70 0.10 44.31
CA THR E 40 30.24 0.38 45.66
C THR E 40 30.13 -0.92 46.45
N TYR E 41 30.05 -0.78 47.77
CA TYR E 41 29.86 -1.92 48.65
C TYR E 41 28.53 -1.73 49.39
N ASP E 42 27.68 -2.74 49.36
CA ASP E 42 26.35 -2.62 49.96
C ASP E 42 26.45 -3.08 51.40
N THR E 43 26.65 -2.13 52.32
CA THR E 43 26.68 -2.46 53.73
C THR E 43 25.28 -2.56 54.32
N LEU E 44 24.30 -1.97 53.64
CA LEU E 44 22.93 -2.00 54.14
C LEU E 44 22.37 -3.42 54.17
N SER E 45 22.83 -4.28 53.24
CA SER E 45 22.27 -5.63 53.17
C SER E 45 22.45 -6.40 54.47
N ALA E 46 23.45 -6.02 55.27
CA ALA E 46 23.65 -6.66 56.58
C ALA E 46 22.50 -6.41 57.54
N GLN E 47 21.57 -5.50 57.23
CA GLN E 47 20.39 -5.28 58.05
C GLN E 47 19.16 -6.05 57.56
N ALA E 48 19.32 -6.98 56.63
CA ALA E 48 18.15 -7.61 56.03
C ALA E 48 17.37 -8.39 57.07
N GLN E 49 16.11 -8.00 57.28
CA GLN E 49 15.24 -8.54 58.31
C GLN E 49 14.99 -10.04 58.12
N GLN E 50 14.12 -10.40 57.18
CA GLN E 50 13.82 -11.81 56.97
C GLN E 50 14.58 -12.32 55.74
N ASP E 51 14.24 -13.55 55.33
CA ASP E 51 15.02 -14.31 54.37
C ASP E 51 14.29 -14.45 53.04
N GLY E 52 15.01 -14.26 51.94
CA GLY E 52 14.49 -14.51 50.62
C GLY E 52 14.56 -15.96 50.21
N PRO E 53 14.25 -16.24 48.94
CA PRO E 53 14.16 -17.63 48.47
C PRO E 53 15.45 -18.24 47.96
N CYS E 54 16.54 -17.49 47.88
CA CYS E 54 17.78 -18.04 47.34
C CYS E 54 18.58 -18.75 48.43
N THR E 55 19.40 -19.70 47.99
CA THR E 55 20.39 -20.40 48.81
C THR E 55 21.67 -20.53 48.01
N PRO E 56 22.79 -20.91 48.63
CA PRO E 56 24.01 -21.15 47.84
C PRO E 56 23.84 -22.23 46.77
N ARG E 57 22.87 -23.14 46.94
CA ARG E 57 22.62 -24.21 45.96
C ARG E 57 22.00 -23.69 44.67
N ARG E 58 21.05 -22.75 44.77
CA ARG E 58 20.33 -22.30 43.58
C ARG E 58 19.70 -20.93 43.83
N CYS E 59 19.83 -20.04 42.86
CA CYS E 59 19.21 -18.72 42.92
C CYS E 59 17.77 -18.81 42.43
N LEU E 60 16.84 -18.32 43.24
CA LEU E 60 15.43 -18.23 42.86
C LEU E 60 14.96 -16.79 42.66
N GLY E 61 15.84 -15.93 42.14
CA GLY E 61 15.56 -14.50 42.14
C GLY E 61 14.51 -14.06 41.14
N SER E 62 14.18 -14.90 40.17
CA SER E 62 13.17 -14.54 39.17
C SER E 62 11.75 -14.94 39.56
N LEU E 63 11.55 -15.62 40.70
CA LEU E 63 10.21 -15.97 41.14
C LEU E 63 9.41 -14.74 41.52
N VAL E 64 8.15 -14.68 41.06
CA VAL E 64 7.32 -13.51 41.33
C VAL E 64 6.92 -13.47 42.81
N PHE E 65 6.32 -14.55 43.29
CA PHE E 65 5.92 -14.66 44.68
C PHE E 65 6.84 -15.66 45.38
N PRO E 66 7.80 -15.20 46.21
CA PRO E 66 8.58 -16.14 47.02
C PRO E 66 7.73 -16.87 48.06
N ALA E 79 2.77 -14.62 69.32
CA ALA E 79 4.00 -14.35 70.07
C ALA E 79 4.19 -12.86 70.31
N PRO E 80 4.22 -12.44 71.58
CA PRO E 80 4.55 -11.05 71.89
C PRO E 80 6.04 -10.76 71.78
N GLU E 81 6.89 -11.76 71.99
CA GLU E 81 8.32 -11.52 71.89
C GLU E 81 8.71 -11.08 70.48
N GLN E 82 8.09 -11.67 69.45
CA GLN E 82 8.43 -11.27 68.09
C GLN E 82 7.92 -9.86 67.81
N LEU E 83 6.70 -9.55 68.26
CA LEU E 83 6.15 -8.22 68.04
C LEU E 83 7.05 -7.15 68.63
N LEU E 84 7.45 -7.33 69.90
CA LEU E 84 8.25 -6.32 70.59
C LEU E 84 9.60 -6.13 69.92
N SER E 85 10.24 -7.23 69.54
CA SER E 85 11.52 -7.14 68.87
C SER E 85 11.41 -6.30 67.60
N GLN E 86 10.35 -6.53 66.81
CA GLN E 86 10.16 -5.70 65.62
C GLN E 86 9.79 -4.27 65.99
N ALA E 87 8.95 -4.09 67.02
CA ALA E 87 8.54 -2.75 67.39
C ALA E 87 9.76 -1.93 67.81
N ARG E 88 10.58 -2.48 68.71
CA ARG E 88 11.79 -1.78 69.14
C ARG E 88 12.70 -1.48 67.95
N ASP E 89 12.87 -2.45 67.05
CA ASP E 89 13.64 -2.21 65.84
C ASP E 89 13.14 -0.95 65.13
N PHE E 90 11.82 -0.84 64.94
CA PHE E 90 11.29 0.25 64.16
C PHE E 90 11.43 1.58 64.90
N ILE E 91 11.14 1.58 66.20
CA ILE E 91 11.27 2.78 67.01
C ILE E 91 12.71 3.29 66.99
N ASN E 92 13.69 2.39 67.07
CA ASN E 92 15.09 2.81 66.97
C ASN E 92 15.39 3.40 65.59
N GLN E 93 14.88 2.78 64.52
CA GLN E 93 15.01 3.35 63.18
C GLN E 93 14.46 4.78 63.14
N TYR E 94 13.26 4.99 63.70
CA TYR E 94 12.65 6.30 63.64
C TYR E 94 13.52 7.33 64.36
N TYR E 95 13.94 7.04 65.60
CA TYR E 95 14.68 8.05 66.35
C TYR E 95 16.07 8.28 65.76
N SER E 96 16.66 7.26 65.12
CA SER E 96 17.94 7.46 64.45
CA SER E 96 17.94 7.47 64.45
C SER E 96 17.79 8.37 63.24
N SER E 97 16.75 8.16 62.42
CA SER E 97 16.50 9.00 61.26
C SER E 97 16.34 10.47 61.61
N ILE E 98 15.96 10.79 62.85
CA ILE E 98 15.81 12.18 63.22
C ILE E 98 16.89 12.61 64.20
N LYS E 99 17.96 11.82 64.31
CA LYS E 99 19.13 12.18 65.12
C LYS E 99 18.78 12.42 66.59
N ARG E 100 17.91 11.59 67.15
CA ARG E 100 17.52 11.70 68.56
C ARG E 100 17.65 10.35 69.27
N SER E 101 18.53 9.47 68.75
CA SER E 101 18.82 8.21 69.42
C SER E 101 19.25 8.45 70.85
N GLY E 102 18.62 7.74 71.78
CA GLY E 102 18.93 7.83 73.18
C GLY E 102 18.28 8.97 73.92
N SER E 103 17.59 9.88 73.22
CA SER E 103 17.01 11.04 73.88
C SER E 103 15.93 10.61 74.86
N GLN E 104 15.49 11.57 75.66
CA GLN E 104 14.36 11.34 76.56
C GLN E 104 13.14 10.84 75.80
N ALA E 105 12.80 11.48 74.68
CA ALA E 105 11.68 11.00 73.88
C ALA E 105 11.87 9.55 73.44
N HIS E 106 13.09 9.18 73.02
CA HIS E 106 13.33 7.83 72.52
C HIS E 106 13.01 6.79 73.60
N GLU E 107 13.61 6.96 74.78
CA GLU E 107 13.37 6.02 75.87
C GLU E 107 11.90 5.99 76.28
N GLN E 108 11.25 7.13 76.32
CA GLN E 108 9.85 7.16 76.73
C GLN E 108 8.97 6.40 75.74
N ARG E 109 9.19 6.60 74.44
CA ARG E 109 8.42 5.88 73.44
C ARG E 109 8.63 4.36 73.56
N LEU E 110 9.87 3.94 73.81
CA LEU E 110 10.15 2.51 73.95
C LEU E 110 9.38 1.92 75.13
N GLN E 111 9.31 2.64 76.25
CA GLN E 111 8.60 2.13 77.40
C GLN E 111 7.08 2.15 77.17
N GLU E 112 6.56 3.19 76.51
CA GLU E 112 5.16 3.19 76.10
C GLU E 112 4.80 1.92 75.34
N VAL E 113 5.61 1.57 74.35
CA VAL E 113 5.29 0.41 73.53
C VAL E 113 5.35 -0.88 74.35
N GLU E 114 6.31 -0.98 75.26
CA GLU E 114 6.39 -2.19 76.04
C GLU E 114 5.17 -2.34 76.94
N ALA E 115 4.72 -1.23 77.53
CA ALA E 115 3.50 -1.24 78.35
C ALA E 115 2.26 -1.59 77.52
N GLU E 116 2.10 -0.96 76.34
CA GLU E 116 0.94 -1.26 75.51
C GLU E 116 0.91 -2.73 75.14
N VAL E 117 2.05 -3.25 74.69
CA VAL E 117 2.10 -4.64 74.22
C VAL E 117 1.84 -5.61 75.38
N ALA E 118 2.41 -5.35 76.56
CA ALA E 118 2.13 -6.22 77.71
C ALA E 118 0.64 -6.19 78.08
N ALA E 119 -0.01 -5.03 77.98
CA ALA E 119 -1.41 -4.91 78.40
C ALA E 119 -2.37 -5.55 77.40
N THR E 120 -2.13 -5.36 76.10
CA THR E 120 -3.15 -5.56 75.07
C THR E 120 -2.72 -6.50 73.96
N GLY E 121 -1.45 -6.88 73.90
CA GLY E 121 -0.91 -7.69 72.82
C GLY E 121 -0.53 -6.92 71.58
N THR E 122 -0.74 -5.61 71.56
CA THR E 122 -0.37 -4.83 70.39
C THR E 122 -0.17 -3.39 70.84
N TYR E 123 0.10 -2.50 69.88
CA TYR E 123 0.30 -1.10 70.22
C TYR E 123 -0.16 -0.21 69.06
N GLN E 124 -0.10 1.10 69.30
CA GLN E 124 -0.54 2.11 68.36
C GLN E 124 0.64 2.94 67.87
N LEU E 125 0.73 3.15 66.57
CA LEU E 125 1.68 4.08 66.00
C LEU E 125 1.22 5.53 66.17
N ARG E 126 2.15 6.42 66.52
CA ARG E 126 1.88 7.84 66.38
C ARG E 126 1.85 8.18 64.90
N GLU E 127 1.14 9.27 64.57
CA GLU E 127 0.94 9.60 63.17
C GLU E 127 2.28 9.89 62.47
N SER E 128 3.18 10.62 63.11
CA SER E 128 4.48 10.88 62.50
C SER E 128 5.27 9.59 62.26
N GLU E 129 5.13 8.59 63.15
CA GLU E 129 5.77 7.29 62.93
C GLU E 129 5.10 6.55 61.77
N LEU E 130 3.77 6.69 61.67
CA LEU E 130 3.05 6.13 60.54
C LEU E 130 3.54 6.74 59.24
N VAL E 131 3.73 8.06 59.22
CA VAL E 131 4.20 8.73 58.01
C VAL E 131 5.61 8.26 57.66
N PHE E 132 6.51 8.25 58.65
CA PHE E 132 7.86 7.74 58.41
C PHE E 132 7.83 6.30 57.92
N GLY E 133 6.95 5.48 58.51
CA GLY E 133 6.89 4.07 58.15
C GLY E 133 6.43 3.83 56.72
N ALA E 134 5.38 4.55 56.29
CA ALA E 134 4.90 4.39 54.91
C ALA E 134 5.96 4.82 53.90
N LYS E 135 6.61 5.95 54.14
CA LYS E 135 7.70 6.38 53.28
C LYS E 135 8.85 5.37 53.24
N GLN E 136 9.22 4.80 54.40
CA GLN E 136 10.30 3.83 54.42
C GLN E 136 9.92 2.56 53.66
N ALA E 137 8.65 2.14 53.76
CA ALA E 137 8.22 0.95 53.03
C ALA E 137 8.37 1.15 51.54
N TRP E 138 8.08 2.35 51.05
CA TRP E 138 8.27 2.67 49.64
C TRP E 138 9.77 2.69 49.31
N ARG E 139 10.55 3.44 50.08
CA ARG E 139 12.00 3.47 49.93
C ARG E 139 12.62 2.07 49.92
N ASN E 140 12.05 1.13 50.65
CA ASN E 140 12.59 -0.22 50.74
C ASN E 140 12.05 -1.17 49.66
N ALA E 141 11.20 -0.69 48.74
CA ALA E 141 10.52 -1.57 47.79
C ALA E 141 11.46 -1.97 46.65
N PRO E 142 12.02 -3.18 46.68
CA PRO E 142 13.08 -3.53 45.70
C PRO E 142 12.60 -3.52 44.25
N ARG E 143 11.31 -3.70 44.00
CA ARG E 143 10.84 -3.77 42.62
C ARG E 143 10.39 -2.43 42.06
N CYS E 144 10.48 -1.35 42.83
CA CYS E 144 9.95 -0.06 42.39
C CYS E 144 11.07 0.79 41.81
N VAL E 145 10.95 1.13 40.52
CA VAL E 145 11.87 2.04 39.86
C VAL E 145 11.60 3.49 40.17
N GLY E 146 10.42 3.82 40.71
CA GLY E 146 10.10 5.24 40.93
C GLY E 146 10.56 5.80 42.28
N ARG E 147 11.53 5.16 42.91
CA ARG E 147 11.80 5.50 44.31
C ARG E 147 12.52 6.82 44.52
N ILE E 148 13.02 7.50 43.47
CA ILE E 148 13.59 8.84 43.67
C ILE E 148 12.59 9.78 44.36
N GLN E 149 11.30 9.44 44.31
CA GLN E 149 10.24 10.29 44.83
C GLN E 149 9.87 9.96 46.28
N TRP E 150 10.62 9.07 46.94
CA TRP E 150 10.09 8.42 48.14
C TRP E 150 9.81 9.40 49.26
N GLY E 151 10.60 10.48 49.39
CA GLY E 151 10.34 11.45 50.43
C GLY E 151 9.09 12.30 50.24
N LYS E 152 8.53 12.33 49.03
CA LYS E 152 7.32 13.11 48.73
C LYS E 152 6.16 12.13 48.55
N LEU E 153 5.52 11.79 49.66
CA LEU E 153 4.40 10.87 49.69
C LEU E 153 3.37 11.46 50.63
N GLN E 154 2.12 11.58 50.16
CA GLN E 154 1.04 12.10 50.99
C GLN E 154 0.39 10.93 51.72
N VAL E 155 0.33 11.00 53.05
CA VAL E 155 -0.15 9.89 53.85
C VAL E 155 -1.48 10.28 54.48
N PHE E 156 -2.53 9.51 54.20
CA PHE E 156 -3.86 9.78 54.76
C PHE E 156 -4.13 8.78 55.86
N ASP E 157 -4.42 9.28 57.05
CA ASP E 157 -4.63 8.44 58.22
C ASP E 157 -6.12 8.10 58.29
N ALA E 158 -6.47 6.87 57.91
CA ALA E 158 -7.85 6.38 57.96
C ALA E 158 -8.03 5.32 59.03
N ARG E 159 -7.19 5.34 60.06
CA ARG E 159 -7.19 4.27 61.06
C ARG E 159 -8.39 4.34 62.00
N ASP E 160 -9.19 5.40 61.94
CA ASP E 160 -10.44 5.45 62.70
C ASP E 160 -11.64 4.97 61.89
N CYS E 161 -11.44 4.56 60.63
CA CYS E 161 -12.54 4.17 59.77
C CYS E 161 -13.33 3.00 60.36
N ARG E 162 -14.64 3.04 60.23
CA ARG E 162 -15.51 2.12 60.94
C ARG E 162 -16.30 1.16 60.05
N SER E 163 -16.70 1.58 58.86
CA SER E 163 -17.64 0.82 58.05
C SER E 163 -17.20 0.83 56.59
N ALA E 164 -17.83 -0.04 55.80
CA ALA E 164 -17.50 -0.11 54.38
C ALA E 164 -17.79 1.22 53.69
N GLN E 165 -18.89 1.86 54.07
CA GLN E 165 -19.26 3.15 53.49
C GLN E 165 -18.21 4.20 53.76
N GLU E 166 -17.75 4.31 55.01
CA GLU E 166 -16.72 5.30 55.33
C GLU E 166 -15.40 4.95 54.65
N MET E 167 -15.13 3.67 54.47
CA MET E 167 -13.98 3.27 53.67
C MET E 167 -14.11 3.78 52.24
N PHE E 168 -15.31 3.67 51.65
CA PHE E 168 -15.48 4.13 50.28
C PHE E 168 -15.22 5.62 50.17
N THR E 169 -15.61 6.39 51.18
CA THR E 169 -15.39 7.82 51.20
C THR E 169 -13.90 8.16 51.29
N TYR E 170 -13.15 7.43 52.11
CA TYR E 170 -11.71 7.67 52.17
C TYR E 170 -11.05 7.36 50.84
N ILE E 171 -11.51 6.33 50.15
CA ILE E 171 -10.90 5.96 48.88
C ILE E 171 -11.17 7.04 47.83
N CYS E 172 -12.41 7.52 47.74
CA CYS E 172 -12.70 8.56 46.76
C CYS E 172 -11.89 9.82 47.06
N ASN E 173 -11.78 10.19 48.33
CA ASN E 173 -10.91 11.31 48.70
C ASN E 173 -9.47 11.06 48.28
N HIS E 174 -8.98 9.82 48.46
CA HIS E 174 -7.65 9.45 47.95
C HIS E 174 -7.56 9.63 46.44
N ILE E 175 -8.50 9.03 45.69
CA ILE E 175 -8.46 9.12 44.23
C ILE E 175 -8.52 10.57 43.77
N LYS E 176 -9.38 11.39 44.39
CA LYS E 176 -9.46 12.78 43.99
C LYS E 176 -8.17 13.55 44.30
N TYR E 177 -7.60 13.37 45.50
CA TYR E 177 -6.34 14.06 45.82
C TYR E 177 -5.21 13.62 44.90
N ALA E 178 -5.08 12.31 44.68
CA ALA E 178 -3.95 11.80 43.91
C ALA E 178 -4.06 12.17 42.44
N THR E 179 -5.27 12.23 41.88
CA THR E 179 -5.41 12.53 40.46
C THR E 179 -5.17 14.00 40.18
N ASN E 180 -5.80 14.89 40.97
CA ASN E 180 -5.48 16.32 40.92
C ASN E 180 -5.57 16.86 39.49
N ARG E 181 -6.63 16.47 38.77
CA ARG E 181 -6.94 16.91 37.39
C ARG E 181 -5.84 16.55 36.38
N GLY E 182 -5.02 15.53 36.65
CA GLY E 182 -3.95 15.15 35.76
C GLY E 182 -2.55 15.50 36.25
N ASN E 183 -2.43 16.29 37.30
CA ASN E 183 -1.12 16.63 37.86
C ASN E 183 -0.86 15.73 39.08
N LEU E 184 -0.56 14.47 38.79
CA LEU E 184 -0.72 13.41 39.78
C LEU E 184 0.24 13.57 40.96
N ARG E 185 -0.22 13.12 42.12
CA ARG E 185 0.55 13.24 43.35
C ARG E 185 0.55 11.88 44.02
N SER E 186 1.73 11.42 44.45
CA SER E 186 1.80 10.13 45.13
C SER E 186 1.09 10.20 46.47
N ALA E 187 0.39 9.14 46.84
CA ALA E 187 -0.32 9.15 48.12
C ALA E 187 -0.59 7.75 48.59
N ILE E 188 -0.79 7.62 49.90
CA ILE E 188 -1.26 6.38 50.49
C ILE E 188 -2.32 6.71 51.53
N THR E 189 -3.33 5.85 51.60
CA THR E 189 -4.33 5.86 52.64
C THR E 189 -4.19 4.60 53.48
N VAL E 190 -4.10 4.76 54.79
CA VAL E 190 -3.88 3.63 55.69
C VAL E 190 -5.15 3.39 56.51
N PHE E 191 -5.73 2.22 56.38
CA PHE E 191 -6.90 1.84 57.15
C PHE E 191 -6.48 1.13 58.43
N PRO E 192 -7.43 0.81 59.33
CA PRO E 192 -7.05 0.29 60.64
C PRO E 192 -6.19 -0.97 60.56
N GLN E 193 -5.28 -1.09 61.51
CA GLN E 193 -4.42 -2.27 61.53
C GLN E 193 -5.21 -3.50 61.95
N ARG E 194 -4.71 -4.65 61.52
CA ARG E 194 -5.19 -5.95 61.96
C ARG E 194 -5.01 -6.10 63.46
N CYS E 195 -5.89 -6.89 64.09
CA CYS E 195 -5.78 -7.23 65.49
C CYS E 195 -6.52 -8.54 65.69
N PRO E 196 -6.04 -9.42 66.56
CA PRO E 196 -6.75 -10.69 66.79
C PRO E 196 -8.13 -10.44 67.40
N GLY E 197 -9.02 -11.38 67.17
CA GLY E 197 -10.39 -11.21 67.63
C GLY E 197 -11.22 -10.26 66.81
N ARG E 198 -10.93 -10.17 65.51
CA ARG E 198 -11.56 -9.21 64.60
C ARG E 198 -11.03 -9.42 63.19
N GLY E 199 -11.90 -9.27 62.18
CA GLY E 199 -11.51 -9.46 60.81
C GLY E 199 -10.88 -8.22 60.21
N ASP E 200 -10.13 -8.43 59.12
CA ASP E 200 -9.43 -7.28 58.54
C ASP E 200 -10.38 -6.42 57.70
N PHE E 201 -9.96 -5.17 57.51
CA PHE E 201 -10.40 -4.41 56.35
C PHE E 201 -9.65 -4.90 55.13
N ARG E 202 -10.37 -5.22 54.07
CA ARG E 202 -9.74 -5.61 52.83
C ARG E 202 -10.38 -4.85 51.68
N ILE E 203 -9.60 -4.60 50.64
CA ILE E 203 -10.13 -4.20 49.34
C ILE E 203 -9.92 -5.40 48.43
N TRP E 204 -11.02 -5.92 47.87
CA TRP E 204 -10.90 -7.11 47.05
C TRP E 204 -10.22 -6.82 45.72
N ASN E 205 -10.51 -5.68 45.11
CA ASN E 205 -9.82 -5.29 43.88
C ASN E 205 -8.33 -5.17 44.13
N SER E 206 -7.53 -5.57 43.14
CA SER E 206 -6.10 -5.42 43.25
C SER E 206 -5.64 -4.02 42.90
N GLN E 207 -6.47 -3.25 42.20
CA GLN E 207 -6.25 -1.82 41.99
C GLN E 207 -7.58 -1.09 42.09
N LEU E 208 -7.52 0.18 42.48
CA LEU E 208 -8.77 0.94 42.61
C LEU E 208 -9.43 1.15 41.25
N VAL E 209 -8.65 1.26 40.18
CA VAL E 209 -9.17 1.44 38.83
C VAL E 209 -8.73 0.25 38.00
N ARG E 210 -9.68 -0.61 37.62
CA ARG E 210 -9.38 -1.69 36.70
C ARG E 210 -10.54 -1.83 35.73
N TYR E 211 -10.23 -2.37 34.55
CA TYR E 211 -11.24 -2.62 33.53
C TYR E 211 -11.79 -4.03 33.67
N ALA E 212 -13.09 -4.18 33.44
CA ALA E 212 -13.74 -5.48 33.50
C ALA E 212 -13.22 -6.41 32.40
N GLY E 213 -13.45 -7.70 32.61
CA GLY E 213 -13.00 -8.74 31.69
C GLY E 213 -14.02 -9.86 31.62
N TYR E 214 -14.94 -9.75 30.65
CA TYR E 214 -16.05 -10.67 30.52
C TYR E 214 -15.65 -11.87 29.67
N ARG E 215 -15.89 -13.08 30.18
CA ARG E 215 -15.69 -14.26 29.37
C ARG E 215 -16.80 -14.36 28.32
N GLN E 216 -16.43 -14.81 27.13
CA GLN E 216 -17.34 -14.94 26.00
C GLN E 216 -17.70 -16.40 25.76
N GLN E 217 -18.71 -16.60 24.92
CA GLN E 217 -19.11 -17.95 24.54
C GLN E 217 -17.93 -18.74 24.01
N ASP E 218 -17.29 -18.24 22.95
CA ASP E 218 -16.21 -18.92 22.23
C ASP E 218 -14.90 -19.00 23.03
N GLY E 219 -14.93 -18.63 24.30
CA GLY E 219 -13.76 -18.81 25.16
C GLY E 219 -12.79 -17.64 25.21
N SER E 220 -12.97 -16.62 24.35
CA SER E 220 -12.14 -15.43 24.41
C SER E 220 -12.68 -14.48 25.48
N VAL E 221 -11.89 -13.45 25.80
CA VAL E 221 -12.26 -12.46 26.80
C VAL E 221 -12.43 -11.11 26.14
N ARG E 222 -13.53 -10.43 26.48
CA ARG E 222 -13.78 -9.05 26.11
C ARG E 222 -13.35 -8.17 27.28
N GLY E 223 -12.40 -7.28 27.01
CA GLY E 223 -11.86 -6.46 28.08
C GLY E 223 -10.51 -6.96 28.52
N ASP E 224 -10.24 -6.86 29.81
CA ASP E 224 -8.93 -7.16 30.37
C ASP E 224 -8.92 -8.57 30.92
N PRO E 225 -8.24 -9.51 30.29
CA PRO E 225 -8.26 -10.89 30.79
C PRO E 225 -7.69 -11.05 32.18
N ALA E 226 -6.89 -10.09 32.66
CA ALA E 226 -6.33 -10.22 34.00
C ALA E 226 -7.41 -10.15 35.07
N ASN E 227 -8.54 -9.53 34.76
CA ASN E 227 -9.56 -9.19 35.73
C ASN E 227 -10.81 -10.07 35.57
N VAL E 228 -10.63 -11.30 35.08
CA VAL E 228 -11.80 -12.14 34.87
C VAL E 228 -12.38 -12.62 36.19
N GLU E 229 -11.53 -13.06 37.11
CA GLU E 229 -12.08 -13.56 38.38
C GLU E 229 -12.78 -12.45 39.15
N ILE E 230 -12.10 -11.30 39.31
CA ILE E 230 -12.69 -10.21 40.08
C ILE E 230 -13.97 -9.69 39.42
N THR E 231 -14.04 -9.74 38.08
CA THR E 231 -15.28 -9.36 37.39
C THR E 231 -16.41 -10.33 37.73
N GLU E 232 -16.12 -11.63 37.73
CA GLU E 232 -17.12 -12.63 38.15
C GLU E 232 -17.63 -12.35 39.56
N LEU E 233 -16.71 -12.10 40.50
CA LEU E 233 -17.11 -11.82 41.87
C LEU E 233 -17.98 -10.57 41.98
N CYS E 234 -17.74 -9.57 41.13
CA CYS E 234 -18.60 -8.40 41.14
C CYS E 234 -20.00 -8.75 40.71
N ILE E 235 -20.15 -9.68 39.76
CA ILE E 235 -21.47 -10.10 39.30
C ILE E 235 -22.14 -10.97 40.36
N GLN E 236 -21.41 -11.93 40.94
CA GLN E 236 -21.94 -12.75 42.02
C GLN E 236 -22.38 -11.92 43.21
N HIS E 237 -21.91 -10.68 43.32
CA HIS E 237 -22.32 -9.76 44.38
C HIS E 237 -23.24 -8.67 43.84
N GLY E 238 -23.96 -8.94 42.77
CA GLY E 238 -25.00 -8.04 42.33
C GLY E 238 -24.55 -6.81 41.56
N TRP E 239 -23.59 -6.94 40.66
CA TRP E 239 -23.26 -5.87 39.73
C TRP E 239 -23.88 -6.20 38.38
N THR E 240 -24.33 -5.15 37.68
CA THR E 240 -24.85 -5.32 36.33
C THR E 240 -23.71 -5.10 35.36
N PRO E 241 -23.22 -6.13 34.68
CA PRO E 241 -22.03 -5.97 33.85
C PRO E 241 -22.36 -5.23 32.57
N GLY E 242 -21.33 -4.58 32.01
CA GLY E 242 -21.41 -4.02 30.70
C GLY E 242 -21.04 -5.06 29.66
N ASN E 243 -20.63 -4.57 28.49
CA ASN E 243 -20.09 -5.45 27.47
C ASN E 243 -19.01 -4.75 26.66
N GLY E 244 -18.34 -3.76 27.23
CA GLY E 244 -17.32 -3.01 26.54
C GLY E 244 -15.93 -3.50 26.90
N ARG E 245 -14.95 -2.97 26.19
CA ARG E 245 -13.57 -3.38 26.41
C ARG E 245 -12.95 -2.66 27.57
N PHE E 246 -13.52 -1.54 27.99
CA PHE E 246 -12.91 -0.67 28.99
C PHE E 246 -13.95 -0.24 30.02
N ASP E 247 -14.74 -1.19 30.54
CA ASP E 247 -15.70 -0.87 31.59
C ASP E 247 -15.00 -0.89 32.94
N VAL E 248 -15.06 0.24 33.64
CA VAL E 248 -14.41 0.34 34.95
C VAL E 248 -15.19 -0.48 35.97
N LEU E 249 -14.47 -1.33 36.69
CA LEU E 249 -15.07 -2.23 37.67
C LEU E 249 -15.53 -1.45 38.91
N PRO E 250 -16.54 -1.95 39.62
CA PRO E 250 -16.86 -1.39 40.92
C PRO E 250 -15.92 -1.91 41.99
N LEU E 251 -15.82 -1.16 43.08
CA LEU E 251 -15.03 -1.60 44.21
C LEU E 251 -15.82 -2.58 45.04
N LEU E 252 -15.13 -3.60 45.55
CA LEU E 252 -15.68 -4.54 46.52
C LEU E 252 -14.93 -4.31 47.82
N LEU E 253 -15.56 -3.61 48.76
CA LEU E 253 -14.93 -3.24 50.03
C LEU E 253 -15.50 -4.10 51.14
N GLN E 254 -14.64 -4.49 52.08
CA GLN E 254 -15.01 -5.43 53.14
C GLN E 254 -14.63 -4.85 54.49
N ALA E 255 -15.63 -4.59 55.32
CA ALA E 255 -15.44 -4.23 56.71
C ALA E 255 -15.25 -5.49 57.56
N PRO E 256 -14.71 -5.37 58.77
CA PRO E 256 -14.44 -6.56 59.58
C PRO E 256 -15.68 -7.40 59.82
N ASP E 257 -15.57 -8.69 59.51
CA ASP E 257 -16.58 -9.70 59.82
C ASP E 257 -17.88 -9.48 59.08
N GLU E 258 -17.88 -8.66 58.04
CA GLU E 258 -19.05 -8.47 57.21
C GLU E 258 -18.70 -8.83 55.76
N PRO E 259 -19.68 -9.22 54.95
CA PRO E 259 -19.38 -9.59 53.57
C PRO E 259 -19.12 -8.36 52.73
N PRO E 260 -18.32 -8.49 51.66
CA PRO E 260 -17.95 -7.30 50.87
C PRO E 260 -19.18 -6.61 50.31
N GLU E 261 -19.06 -5.28 50.15
CA GLU E 261 -20.16 -4.43 49.72
C GLU E 261 -19.75 -3.71 48.45
N LEU E 262 -20.61 -3.75 47.43
CA LEU E 262 -20.31 -3.15 46.13
C LEU E 262 -20.48 -1.62 46.17
N PHE E 263 -19.46 -0.91 45.70
CA PHE E 263 -19.52 0.54 45.56
C PHE E 263 -19.10 0.93 44.14
N LEU E 264 -19.89 1.77 43.49
CA LEU E 264 -19.58 2.24 42.14
C LEU E 264 -18.81 3.54 42.22
N LEU E 265 -17.70 3.60 41.49
CA LEU E 265 -16.95 4.85 41.39
C LEU E 265 -17.71 5.83 40.51
N PRO E 266 -17.96 7.06 40.96
CA PRO E 266 -18.49 8.09 40.07
C PRO E 266 -17.61 8.24 38.84
N PRO E 267 -18.21 8.35 37.64
CA PRO E 267 -17.41 8.31 36.40
C PRO E 267 -16.42 9.45 36.25
N GLU E 268 -16.73 10.65 36.76
CA GLU E 268 -15.84 11.81 36.71
C GLU E 268 -14.79 11.80 37.80
N LEU E 269 -14.85 10.85 38.72
CA LEU E 269 -13.74 10.64 39.63
C LEU E 269 -12.58 9.92 38.94
N VAL E 270 -12.85 9.19 37.88
CA VAL E 270 -11.89 8.26 37.27
C VAL E 270 -11.40 8.89 35.97
N LEU E 271 -10.25 9.54 36.02
CA LEU E 271 -9.74 10.21 34.82
C LEU E 271 -9.24 9.17 33.83
N GLU E 272 -9.63 9.33 32.56
CA GLU E 272 -9.23 8.40 31.50
C GLU E 272 -8.65 9.17 30.32
N VAL E 273 -7.89 8.44 29.50
CA VAL E 273 -7.06 9.03 28.47
C VAL E 273 -7.26 8.27 27.16
N PRO E 274 -7.86 8.88 26.14
CA PRO E 274 -7.94 8.22 24.82
C PRO E 274 -6.58 8.18 24.16
N LEU E 275 -6.26 7.05 23.54
CA LEU E 275 -4.95 6.87 22.94
C LEU E 275 -4.99 7.29 21.47
N GLU E 276 -4.11 8.22 21.12
CA GLU E 276 -3.93 8.64 19.74
CA GLU E 276 -3.93 8.69 19.76
C GLU E 276 -2.43 8.69 19.46
N HIS E 277 -2.09 8.76 18.19
CA HIS E 277 -0.69 8.74 17.84
C HIS E 277 -0.34 10.02 17.08
N PRO E 278 0.83 10.62 17.33
CA PRO E 278 1.16 11.91 16.69
C PRO E 278 1.06 11.91 15.17
N THR E 279 1.48 10.84 14.49
CA THR E 279 1.49 10.87 13.03
C THR E 279 0.68 9.76 12.38
N LEU E 280 0.27 8.74 13.13
CA LEU E 280 -0.52 7.64 12.58
C LEU E 280 -1.99 7.89 12.92
N GLU E 281 -2.73 8.43 11.94
CA GLU E 281 -4.08 8.93 12.21
C GLU E 281 -5.07 7.82 12.51
N TRP E 282 -4.84 6.61 11.97
CA TRP E 282 -5.75 5.50 12.22
C TRP E 282 -5.69 5.00 13.65
N PHE E 283 -4.63 5.33 14.41
CA PHE E 283 -4.46 4.73 15.73
C PHE E 283 -5.66 5.04 16.63
N ALA E 284 -6.10 6.30 16.62
CA ALA E 284 -7.29 6.66 17.38
C ALA E 284 -8.46 5.73 17.10
N ALA E 285 -8.58 5.25 15.86
CA ALA E 285 -9.73 4.42 15.47
C ALA E 285 -9.71 3.05 16.09
N LEU E 286 -8.57 2.60 16.61
CA LEU E 286 -8.56 1.38 17.41
C LEU E 286 -9.37 1.52 18.69
N GLY E 287 -9.71 2.74 19.10
CA GLY E 287 -10.58 2.94 20.25
C GLY E 287 -9.94 2.62 21.59
N LEU E 288 -8.62 2.71 21.70
CA LEU E 288 -7.93 2.32 22.93
C LEU E 288 -7.93 3.46 23.94
N ARG E 289 -7.85 3.09 25.21
CA ARG E 289 -7.76 4.08 26.27
C ARG E 289 -7.14 3.42 27.50
N TRP E 290 -6.69 4.25 28.42
CA TRP E 290 -6.22 3.77 29.70
C TRP E 290 -6.54 4.85 30.74
N TYR E 291 -6.30 4.53 32.00
CA TYR E 291 -6.63 5.45 33.07
C TYR E 291 -5.37 6.11 33.61
N ALA E 292 -5.57 7.16 34.37
CA ALA E 292 -4.45 8.01 34.78
C ALA E 292 -3.70 7.41 35.96
N LEU E 293 -4.42 6.76 36.87
CA LEU E 293 -3.91 6.55 38.23
C LEU E 293 -3.61 5.07 38.47
N PRO E 294 -2.35 4.68 38.58
CA PRO E 294 -2.02 3.34 39.11
C PRO E 294 -2.12 3.36 40.63
N ALA E 295 -3.09 2.62 41.16
CA ALA E 295 -3.41 2.62 42.58
C ALA E 295 -3.54 1.19 43.06
N VAL E 296 -2.48 0.65 43.65
CA VAL E 296 -2.49 -0.74 44.12
C VAL E 296 -3.22 -0.83 45.44
N SER E 297 -4.10 -1.83 45.59
CA SER E 297 -4.91 -1.92 46.80
C SER E 297 -4.96 -3.31 47.40
N ASN E 298 -4.07 -4.21 47.02
CA ASN E 298 -4.16 -5.59 47.51
C ASN E 298 -2.94 -6.01 48.31
N MET E 299 -2.05 -5.08 48.63
CA MET E 299 -0.82 -5.37 49.36
C MET E 299 -0.95 -5.04 50.85
N LEU E 300 -0.13 -5.69 51.65
CA LEU E 300 -0.11 -5.49 53.08
C LEU E 300 1.03 -4.55 53.44
N LEU E 301 0.73 -3.48 54.19
CA LEU E 301 1.75 -2.58 54.71
C LEU E 301 2.14 -3.04 56.10
N GLU E 302 3.43 -3.16 56.34
CA GLU E 302 3.93 -3.78 57.57
C GLU E 302 4.91 -2.82 58.22
N ILE E 303 4.58 -2.33 59.41
CA ILE E 303 5.43 -1.35 60.09
C ILE E 303 5.67 -1.81 61.51
N GLY E 304 6.94 -2.04 61.85
CA GLY E 304 7.32 -2.37 63.23
C GLY E 304 6.51 -3.47 63.87
N GLY E 305 6.14 -4.50 63.12
CA GLY E 305 5.38 -5.61 63.65
C GLY E 305 3.89 -5.52 63.40
N LEU E 306 3.37 -4.32 63.15
CA LEU E 306 1.95 -4.14 62.91
C LEU E 306 1.66 -4.32 61.41
N GLU E 307 0.51 -4.87 61.11
CA GLU E 307 0.13 -5.13 59.72
C GLU E 307 -1.10 -4.31 59.39
N PHE E 308 -1.09 -3.69 58.21
CA PHE E 308 -2.21 -2.91 57.70
C PHE E 308 -2.66 -3.59 56.42
N PRO E 309 -3.65 -4.49 56.49
CA PRO E 309 -4.07 -5.24 55.30
C PRO E 309 -4.72 -4.39 54.24
N ALA E 310 -5.13 -3.16 54.57
CA ALA E 310 -5.78 -2.26 53.64
C ALA E 310 -4.99 -0.96 53.70
N ALA E 311 -4.18 -0.70 52.67
CA ALA E 311 -3.39 0.53 52.61
C ALA E 311 -3.12 0.89 51.15
N PRO E 312 -4.16 1.24 50.40
CA PRO E 312 -3.97 1.51 48.96
C PRO E 312 -3.03 2.68 48.75
N PHE E 313 -2.16 2.54 47.75
CA PHE E 313 -1.20 3.58 47.45
C PHE E 313 -1.15 3.77 45.95
N SER E 314 -0.80 4.98 45.53
CA SER E 314 -0.80 5.29 44.11
C SER E 314 0.32 6.27 43.78
N GLY E 315 0.73 6.23 42.52
CA GLY E 315 1.76 7.11 41.99
C GLY E 315 1.36 7.67 40.65
N TRP E 316 2.23 7.53 39.66
CA TRP E 316 1.86 7.77 38.27
C TRP E 316 2.58 6.74 37.41
N TYR E 317 2.11 6.58 36.17
CA TYR E 317 2.59 5.51 35.30
C TYR E 317 3.93 5.83 34.68
N MET E 318 4.72 4.78 34.50
CA MET E 318 5.77 4.72 33.48
C MET E 318 5.11 4.18 32.21
N SER E 319 5.47 4.76 31.06
CA SER E 319 4.71 4.49 29.84
C SER E 319 4.75 3.00 29.44
N THR E 320 5.89 2.34 29.62
CA THR E 320 6.00 0.92 29.25
C THR E 320 5.05 0.03 30.03
N GLU E 321 4.55 0.47 31.19
CA GLU E 321 3.53 -0.31 31.88
C GLU E 321 2.25 -0.36 31.08
N ILE E 322 1.90 0.75 30.45
CA ILE E 322 0.65 0.78 29.69
C ILE E 322 0.88 0.22 28.30
N GLY E 323 1.87 0.76 27.60
CA GLY E 323 2.04 0.40 26.20
C GLY E 323 2.48 -1.04 26.08
N THR E 324 3.47 -1.44 26.88
CA THR E 324 4.08 -2.74 26.68
C THR E 324 3.37 -3.86 27.43
N ARG E 325 3.15 -3.70 28.73
CA ARG E 325 2.54 -4.79 29.49
C ARG E 325 1.03 -4.84 29.30
N ASN E 326 0.32 -3.72 29.53
CA ASN E 326 -1.13 -3.82 29.64
C ASN E 326 -1.79 -4.06 28.28
N LEU E 327 -1.24 -3.47 27.22
CA LEU E 327 -1.82 -3.57 25.88
C LEU E 327 -1.16 -4.62 24.99
N CYS E 328 0.12 -4.95 25.22
CA CYS E 328 0.86 -5.85 24.33
C CYS E 328 1.10 -7.23 24.88
N ASP E 329 0.87 -7.49 26.16
CA ASP E 329 1.13 -8.82 26.66
C ASP E 329 0.13 -9.79 26.02
N PRO E 330 0.57 -10.97 25.58
CA PRO E 330 -0.34 -11.88 24.87
C PRO E 330 -1.53 -12.29 25.70
N HIS E 331 -1.40 -12.27 27.03
CA HIS E 331 -2.49 -12.63 27.93
C HIS E 331 -3.23 -11.40 28.47
N ARG E 332 -2.92 -10.20 28.01
CA ARG E 332 -3.67 -8.99 28.35
C ARG E 332 -4.45 -8.57 27.09
N TYR E 333 -4.45 -7.30 26.70
CA TYR E 333 -5.24 -6.87 25.54
C TYR E 333 -4.68 -7.39 24.22
N ASN E 334 -3.38 -7.69 24.12
CA ASN E 334 -2.84 -8.47 23.01
C ASN E 334 -3.11 -7.80 21.65
N ILE E 335 -2.69 -6.53 21.54
CA ILE E 335 -3.02 -5.71 20.37
C ILE E 335 -1.91 -5.65 19.36
N LEU E 336 -0.79 -6.34 19.59
CA LEU E 336 0.43 -6.07 18.82
C LEU E 336 0.20 -6.33 17.34
N GLU E 337 -0.41 -7.46 17.02
CA GLU E 337 -0.51 -7.84 15.61
C GLU E 337 -1.51 -6.95 14.86
N ASP E 338 -2.59 -6.54 15.52
CA ASP E 338 -3.52 -5.59 14.90
C ASP E 338 -2.82 -4.29 14.59
N VAL E 339 -2.04 -3.77 15.55
CA VAL E 339 -1.28 -2.54 15.28
C VAL E 339 -0.27 -2.77 14.17
N ALA E 340 0.38 -3.94 14.17
CA ALA E 340 1.40 -4.24 13.13
C ALA E 340 0.79 -4.27 11.74
N VAL E 341 -0.38 -4.90 11.61
CA VAL E 341 -1.10 -4.93 10.33
C VAL E 341 -1.44 -3.52 9.87
N CYS E 342 -1.89 -2.67 10.79
CA CYS E 342 -2.21 -1.29 10.42
C CYS E 342 -0.98 -0.52 9.97
N MET E 343 0.20 -0.91 10.44
CA MET E 343 1.43 -0.24 10.02
C MET E 343 1.97 -0.77 8.69
N ASP E 344 1.28 -1.73 8.06
CA ASP E 344 1.74 -2.37 6.82
C ASP E 344 3.04 -3.13 7.03
N LEU E 345 3.23 -3.70 8.22
CA LEU E 345 4.38 -4.54 8.47
C LEU E 345 4.10 -5.97 8.03
N ASP E 346 5.15 -6.66 7.61
CA ASP E 346 5.04 -8.08 7.27
C ASP E 346 5.08 -8.93 8.54
N THR E 347 4.00 -9.67 8.80
CA THR E 347 3.88 -10.47 10.01
C THR E 347 4.06 -11.97 9.79
N ARG E 348 4.44 -12.43 8.59
CA ARG E 348 4.64 -13.86 8.46
C ARG E 348 6.01 -14.32 8.97
N THR E 349 7.02 -13.44 9.00
CA THR E 349 8.33 -13.79 9.56
C THR E 349 8.63 -12.93 10.78
N THR E 350 9.30 -13.53 11.78
CA THR E 350 9.68 -12.72 12.93
C THR E 350 10.94 -11.91 12.71
N SER E 351 11.67 -12.13 11.63
CA SER E 351 12.92 -11.40 11.43
C SER E 351 12.73 -10.01 10.82
N SER E 352 11.51 -9.65 10.43
CA SER E 352 11.25 -8.24 10.13
C SER E 352 11.16 -7.37 11.39
N LEU E 353 11.13 -7.99 12.57
CA LEU E 353 10.97 -7.31 13.86
C LEU E 353 9.73 -6.43 13.86
N TRP E 354 8.65 -6.93 13.28
CA TRP E 354 7.40 -6.18 13.31
C TRP E 354 6.89 -6.03 14.73
N LYS E 355 7.07 -7.07 15.56
CA LYS E 355 6.69 -6.96 16.97
C LYS E 355 7.38 -5.80 17.65
N ASP E 356 8.67 -5.64 17.39
CA ASP E 356 9.41 -4.57 18.06
C ASP E 356 8.98 -3.21 17.55
N LYS E 357 8.75 -3.08 16.24
CA LYS E 357 8.37 -1.78 15.69
C LYS E 357 6.98 -1.37 16.14
N ALA E 358 6.06 -2.34 16.24
CA ALA E 358 4.70 -2.08 16.69
C ALA E 358 4.68 -1.67 18.17
N ALA E 359 5.43 -2.39 19.00
CA ALA E 359 5.47 -2.09 20.43
C ALA E 359 6.03 -0.69 20.69
N VAL E 360 7.04 -0.28 19.92
CA VAL E 360 7.60 1.05 20.13
C VAL E 360 6.60 2.13 19.73
N GLU E 361 5.83 1.89 18.67
CA GLU E 361 4.85 2.91 18.29
C GLU E 361 3.69 2.97 19.28
N ILE E 362 3.31 1.84 19.88
CA ILE E 362 2.26 1.90 20.90
C ILE E 362 2.72 2.75 22.06
N ASN E 363 4.01 2.64 22.42
CA ASN E 363 4.57 3.43 23.52
C ASN E 363 4.64 4.92 23.15
N VAL E 364 5.04 5.25 21.92
CA VAL E 364 4.98 6.64 21.50
C VAL E 364 3.57 7.18 21.61
N ALA E 365 2.58 6.35 21.27
CA ALA E 365 1.19 6.79 21.38
C ALA E 365 0.80 7.05 22.83
N VAL E 366 1.23 6.17 23.75
CA VAL E 366 0.91 6.36 25.16
C VAL E 366 1.50 7.66 25.67
N LEU E 367 2.81 7.85 25.51
CA LEU E 367 3.46 9.07 25.95
C LEU E 367 2.79 10.30 25.35
N HIS E 368 2.60 10.29 24.02
CA HIS E 368 2.01 11.43 23.36
C HIS E 368 0.62 11.73 23.91
N SER E 369 -0.19 10.69 24.12
CA SER E 369 -1.58 10.92 24.51
C SER E 369 -1.66 11.47 25.94
N TYR E 370 -0.86 10.91 26.85
CA TYR E 370 -0.89 11.42 28.22
C TYR E 370 -0.40 12.86 28.28
N GLN E 371 0.66 13.19 27.53
CA GLN E 371 1.15 14.57 27.53
C GLN E 371 0.13 15.52 26.93
N LEU E 372 -0.61 15.06 25.92
CA LEU E 372 -1.60 15.90 25.27
C LEU E 372 -2.80 16.16 26.18
N ALA E 373 -3.19 15.16 26.96
CA ALA E 373 -4.24 15.29 27.95
C ALA E 373 -3.74 15.85 29.28
N LYS E 374 -2.47 16.28 29.36
CA LYS E 374 -1.92 16.88 30.57
C LYS E 374 -2.04 15.96 31.78
N VAL E 375 -1.71 14.69 31.59
CA VAL E 375 -1.73 13.72 32.67
C VAL E 375 -0.30 13.24 32.87
N THR E 376 0.17 13.29 34.11
CA THR E 376 1.55 12.94 34.43
C THR E 376 1.90 11.55 33.92
N ILE E 377 3.04 11.44 33.25
CA ILE E 377 3.54 10.18 32.74
C ILE E 377 5.06 10.31 32.63
N VAL E 378 5.78 9.22 32.89
CA VAL E 378 7.23 9.22 32.71
C VAL E 378 7.62 8.10 31.75
N ASP E 379 8.52 8.41 30.81
CA ASP E 379 9.01 7.33 29.97
C ASP E 379 10.16 6.57 30.64
N HIS E 380 10.42 5.35 30.14
CA HIS E 380 11.38 4.48 30.81
C HIS E 380 12.79 5.01 30.79
N HIS E 381 13.15 5.91 29.86
CA HIS E 381 14.50 6.48 29.88
C HIS E 381 14.67 7.44 31.05
N ALA E 382 13.75 8.38 31.23
CA ALA E 382 13.89 9.33 32.31
C ALA E 382 13.73 8.65 33.67
N ALA E 383 12.84 7.67 33.76
CA ALA E 383 12.65 6.96 35.03
C ALA E 383 13.90 6.16 35.41
N THR E 384 14.59 5.54 34.45
CA THR E 384 15.76 4.76 34.84
C THR E 384 16.94 5.67 35.12
N ALA E 385 17.02 6.82 34.45
CA ALA E 385 18.05 7.78 34.83
C ALA E 385 17.82 8.32 36.23
N SER E 386 16.55 8.42 36.66
CA SER E 386 16.32 8.95 38.00
C SER E 386 16.57 7.88 39.05
N PHE E 387 16.26 6.62 38.75
CA PHE E 387 16.63 5.54 39.65
C PHE E 387 18.15 5.48 39.86
N MET E 388 18.95 5.71 38.80
CA MET E 388 20.40 5.76 38.98
C MET E 388 20.79 6.88 39.95
N LYS E 389 20.15 8.03 39.87
CA LYS E 389 20.40 9.08 40.84
C LYS E 389 19.99 8.64 42.23
N HIS E 390 18.85 7.96 42.34
CA HIS E 390 18.42 7.42 43.62
C HIS E 390 19.45 6.45 44.19
N LEU E 391 19.99 5.56 43.35
CA LEU E 391 21.01 4.62 43.81
C LEU E 391 22.21 5.37 44.39
N GLU E 392 22.62 6.45 43.74
CA GLU E 392 23.73 7.24 44.25
C GLU E 392 23.35 7.96 45.55
N ASN E 393 22.12 8.47 45.65
CA ASN E 393 21.67 9.09 46.89
C ASN E 393 21.66 8.09 48.03
N GLU E 394 21.14 6.89 47.78
CA GLU E 394 20.98 5.91 48.85
C GLU E 394 22.33 5.37 49.32
N GLN E 395 23.31 5.29 48.42
CA GLN E 395 24.62 4.84 48.83
C GLN E 395 25.24 5.80 49.84
N LYS E 396 25.07 7.11 49.63
CA LYS E 396 25.56 8.08 50.61
C LYS E 396 24.75 8.03 51.90
N ALA E 397 23.42 7.83 51.80
CA ALA E 397 22.58 8.02 52.97
C ALA E 397 22.54 6.78 53.86
N ARG E 398 22.53 5.59 53.25
CA ARG E 398 22.27 4.34 53.95
C ARG E 398 23.30 3.24 53.71
N GLY E 399 24.23 3.40 52.76
CA GLY E 399 25.18 2.35 52.43
C GLY E 399 24.71 1.32 51.44
N GLY E 400 23.62 1.57 50.73
CA GLY E 400 23.14 0.59 49.77
C GLY E 400 21.69 0.86 49.42
N CYS E 401 21.20 0.05 48.50
CA CYS E 401 19.81 0.17 48.08
C CYS E 401 19.36 -1.19 47.54
N PRO E 402 18.31 -1.78 48.11
CA PRO E 402 17.83 -3.06 47.57
C PRO E 402 17.10 -2.82 46.26
N ALA E 403 17.41 -3.66 45.28
CA ALA E 403 16.88 -3.50 43.93
C ALA E 403 16.81 -4.86 43.29
N ASP E 404 15.72 -5.12 42.61
CA ASP E 404 15.45 -6.37 41.95
C ASP E 404 15.67 -6.11 40.46
N TRP E 405 16.82 -6.53 39.95
CA TRP E 405 17.22 -6.12 38.59
C TRP E 405 16.14 -6.44 37.56
N ALA E 406 15.54 -7.63 37.65
CA ALA E 406 14.57 -8.09 36.66
C ALA E 406 13.33 -7.21 36.57
N TRP E 407 13.03 -6.43 37.61
CA TRP E 407 11.88 -5.53 37.64
C TRP E 407 12.26 -4.07 37.42
N ILE E 408 13.50 -3.68 37.75
CA ILE E 408 13.95 -2.32 37.50
C ILE E 408 14.22 -2.09 36.03
N VAL E 409 14.83 -3.07 35.36
CA VAL E 409 15.09 -2.98 33.91
C VAL E 409 13.77 -2.96 33.14
N PRO E 410 13.50 -1.93 32.34
CA PRO E 410 12.18 -1.80 31.64
C PRO E 410 11.90 -2.95 30.68
N PRO E 411 10.63 -3.23 30.38
CA PRO E 411 10.29 -4.41 29.56
C PRO E 411 10.61 -4.29 28.07
N ILE E 412 10.93 -3.10 27.57
CA ILE E 412 11.47 -2.93 26.22
C ILE E 412 12.71 -2.06 26.33
N SER E 413 13.61 -2.22 25.36
CA SER E 413 14.78 -1.35 25.24
C SER E 413 15.69 -1.43 26.45
N GLY E 414 15.69 -2.58 27.14
CA GLY E 414 16.42 -2.77 28.38
C GLY E 414 17.83 -2.21 28.39
N SER E 415 18.69 -2.73 27.53
CA SER E 415 20.10 -2.37 27.56
C SER E 415 20.39 -0.96 27.05
N LEU E 416 19.40 -0.27 26.49
CA LEU E 416 19.58 1.15 26.18
C LEU E 416 19.38 2.05 27.39
N THR E 417 18.95 1.51 28.54
CA THR E 417 18.82 2.29 29.75
C THR E 417 20.01 2.04 30.67
N PRO E 418 20.34 3.02 31.51
CA PRO E 418 21.53 2.89 32.37
C PRO E 418 21.43 1.85 33.46
N VAL E 419 20.25 1.35 33.80
CA VAL E 419 20.21 0.35 34.87
C VAL E 419 20.63 -1.03 34.39
N PHE E 420 20.68 -1.25 33.07
CA PHE E 420 20.92 -2.58 32.56
C PHE E 420 22.27 -3.13 33.04
N HIS E 421 23.32 -2.32 32.91
CA HIS E 421 24.70 -2.66 33.26
C HIS E 421 25.04 -2.37 34.72
N GLN E 422 24.03 -2.09 35.54
CA GLN E 422 24.21 -1.85 36.97
C GLN E 422 23.91 -3.14 37.72
N GLU E 423 24.92 -3.70 38.37
CA GLU E 423 24.68 -4.82 39.26
C GLU E 423 23.84 -4.34 40.45
N MET E 424 22.96 -5.22 40.95
CA MET E 424 22.04 -4.84 42.02
C MET E 424 21.92 -5.98 43.03
N VAL E 425 21.72 -5.58 44.29
CA VAL E 425 21.54 -6.53 45.39
C VAL E 425 20.09 -6.46 45.87
N ASN E 426 19.46 -7.61 46.03
CA ASN E 426 18.08 -7.67 46.44
C ASN E 426 17.96 -8.29 47.83
N TYR E 427 17.29 -7.59 48.75
CA TYR E 427 17.04 -8.10 50.10
C TYR E 427 15.82 -7.39 50.69
N PHE E 428 15.28 -7.97 51.76
CA PHE E 428 14.05 -7.50 52.38
C PHE E 428 14.37 -6.68 53.62
N LEU E 429 14.12 -5.38 53.54
CA LEU E 429 14.16 -4.50 54.70
C LEU E 429 12.74 -4.23 55.18
N SER E 430 12.63 -3.82 56.45
CA SER E 430 11.39 -3.40 57.07
C SER E 430 11.52 -1.94 57.52
N PRO E 431 10.43 -1.12 57.48
CA PRO E 431 9.06 -1.29 56.99
C PRO E 431 8.97 -1.82 55.54
N ALA E 432 7.87 -2.50 55.19
CA ALA E 432 7.76 -3.11 53.87
C ALA E 432 6.29 -3.20 53.43
N PHE E 433 6.10 -3.18 52.10
CA PHE E 433 4.90 -3.67 51.45
C PHE E 433 5.11 -5.15 51.08
N ARG E 434 4.16 -6.01 51.46
CA ARG E 434 4.22 -7.44 51.15
C ARG E 434 2.95 -7.89 50.45
N TYR E 435 3.03 -9.05 49.79
CA TYR E 435 1.83 -9.63 49.22
C TYR E 435 1.03 -10.40 50.26
N GLN E 436 -0.25 -10.60 49.99
CA GLN E 436 -1.10 -11.30 50.93
C GLN E 436 -2.10 -12.14 50.14
N PRO E 437 -2.67 -13.17 50.77
CA PRO E 437 -3.64 -13.99 50.06
C PRO E 437 -4.90 -13.20 49.76
N ASP E 438 -5.51 -13.52 48.63
CA ASP E 438 -6.79 -12.93 48.29
C ASP E 438 -7.81 -13.22 49.39
N PRO E 439 -8.72 -12.29 49.68
CA PRO E 439 -9.67 -12.48 50.78
C PRO E 439 -10.80 -13.45 50.49
N TRP E 440 -10.96 -13.93 49.26
CA TRP E 440 -11.99 -14.92 48.98
C TRP E 440 -11.43 -16.34 49.14
N LYS F 27 10.18 -28.72 49.12
CA LYS F 27 11.63 -28.54 49.01
C LYS F 27 12.14 -28.72 47.57
N PHE F 28 11.22 -28.83 46.61
CA PHE F 28 11.54 -28.66 45.21
C PHE F 28 10.95 -27.34 44.74
N PRO F 29 11.75 -26.42 44.20
CA PRO F 29 11.21 -25.11 43.80
C PRO F 29 10.10 -25.25 42.77
N ARG F 30 9.00 -24.54 43.00
CA ARG F 30 7.93 -24.47 42.02
C ARG F 30 8.22 -23.33 41.03
N VAL F 31 8.13 -23.66 39.74
CA VAL F 31 8.53 -22.80 38.65
C VAL F 31 7.27 -22.57 37.82
N LYS F 32 6.91 -21.31 37.58
CA LYS F 32 5.67 -20.99 36.89
C LYS F 32 5.93 -20.18 35.64
N ASN F 33 5.21 -20.50 34.57
CA ASN F 33 5.13 -19.66 33.38
C ASN F 33 3.87 -18.80 33.50
N TRP F 34 4.06 -17.50 33.63
CA TRP F 34 2.92 -16.63 33.89
C TRP F 34 2.16 -16.27 32.62
N GLU F 35 2.67 -16.61 31.43
CA GLU F 35 1.90 -16.40 30.22
C GLU F 35 0.85 -17.49 30.05
N VAL F 36 1.20 -18.73 30.40
CA VAL F 36 0.36 -19.91 30.19
C VAL F 36 -0.35 -20.38 31.46
N GLY F 37 0.16 -20.04 32.64
CA GLY F 37 -0.37 -20.59 33.88
C GLY F 37 0.18 -21.93 34.27
N SER F 38 1.15 -22.46 33.52
CA SER F 38 1.63 -23.81 33.71
C SER F 38 2.75 -23.86 34.75
N ILE F 39 2.85 -25.00 35.43
CA ILE F 39 3.67 -25.15 36.63
C ILE F 39 4.51 -26.42 36.51
N THR F 40 5.80 -26.33 36.82
CA THR F 40 6.65 -27.50 36.98
C THR F 40 7.45 -27.37 38.27
N TYR F 41 8.03 -28.49 38.70
CA TYR F 41 8.95 -28.53 39.83
C TYR F 41 10.35 -28.90 39.35
N ASP F 42 11.33 -28.10 39.74
CA ASP F 42 12.71 -28.30 39.30
C ASP F 42 13.39 -29.24 40.29
N THR F 43 13.46 -30.52 39.93
CA THR F 43 14.12 -31.51 40.78
C THR F 43 15.60 -31.63 40.48
N LEU F 44 16.06 -31.12 39.33
CA LEU F 44 17.44 -31.19 38.93
C LEU F 44 18.35 -30.33 39.79
N SER F 45 17.84 -29.23 40.35
CA SER F 45 18.68 -28.35 41.14
C SER F 45 19.25 -29.05 42.37
N ALA F 46 18.68 -30.19 42.76
CA ALA F 46 19.21 -30.93 43.91
C ALA F 46 20.60 -31.50 43.66
N GLN F 47 20.99 -31.71 42.40
CA GLN F 47 22.32 -32.19 42.07
C GLN F 47 23.32 -31.08 41.84
N ALA F 48 23.03 -29.87 42.30
CA ALA F 48 23.89 -28.72 41.98
C ALA F 48 25.22 -28.89 42.71
N GLN F 49 26.31 -28.68 41.98
CA GLN F 49 27.63 -29.12 42.42
C GLN F 49 28.51 -28.00 42.96
N GLN F 50 28.23 -26.75 42.62
CA GLN F 50 28.99 -25.63 43.15
C GLN F 50 28.05 -24.73 43.95
N ASP F 51 28.65 -23.87 44.76
CA ASP F 51 27.91 -22.86 45.48
C ASP F 51 27.83 -21.58 44.66
N GLY F 52 26.63 -21.02 44.55
CA GLY F 52 26.43 -19.74 43.94
C GLY F 52 26.61 -18.62 44.95
N PRO F 53 26.42 -17.38 44.51
CA PRO F 53 26.66 -16.22 45.36
C PRO F 53 25.47 -15.78 46.22
N CYS F 54 24.32 -16.41 46.06
CA CYS F 54 23.13 -16.00 46.78
C CYS F 54 23.06 -16.70 48.12
N THR F 55 22.41 -16.04 49.11
CA THR F 55 22.10 -16.63 50.41
C THR F 55 20.68 -16.25 50.78
N PRO F 56 20.12 -16.82 51.85
CA PRO F 56 18.79 -16.37 52.29
C PRO F 56 18.71 -14.90 52.65
N ARG F 57 19.82 -14.24 52.99
CA ARG F 57 19.72 -12.84 53.36
C ARG F 57 19.73 -11.91 52.15
N ARG F 58 20.49 -12.22 51.09
CA ARG F 58 20.51 -11.31 49.94
C ARG F 58 20.82 -12.05 48.65
N CYS F 59 20.18 -11.63 47.58
CA CYS F 59 20.33 -12.24 46.26
C CYS F 59 21.33 -11.41 45.46
N LEU F 60 22.28 -12.09 44.84
CA LEU F 60 23.32 -11.50 44.00
C LEU F 60 23.24 -12.06 42.58
N GLY F 61 22.04 -12.41 42.12
CA GLY F 61 21.88 -13.03 40.82
C GLY F 61 22.24 -12.14 39.63
N SER F 62 22.34 -10.83 39.84
CA SER F 62 22.71 -9.94 38.73
C SER F 62 24.21 -9.70 38.60
N LEU F 63 25.03 -10.22 39.53
CA LEU F 63 26.48 -10.09 39.44
C LEU F 63 27.01 -10.77 38.20
N VAL F 64 27.92 -10.11 37.48
CA VAL F 64 28.44 -10.68 36.23
C VAL F 64 29.42 -11.82 36.51
N PHE F 65 30.38 -11.59 37.41
CA PHE F 65 31.42 -12.55 37.78
C PHE F 65 31.24 -12.91 39.24
N PRO F 66 30.38 -13.87 39.57
CA PRO F 66 30.18 -14.29 40.96
C PRO F 66 31.24 -15.28 41.47
N ALA F 79 44.65 -33.11 45.98
CA ALA F 79 43.56 -33.33 45.03
C ALA F 79 42.87 -34.69 45.17
N PRO F 80 43.63 -35.83 45.00
CA PRO F 80 43.02 -37.12 44.65
C PRO F 80 41.57 -37.38 45.07
N GLU F 81 41.25 -37.26 46.38
CA GLU F 81 39.92 -37.69 46.83
C GLU F 81 38.82 -36.72 46.40
N GLN F 82 39.11 -35.42 46.33
CA GLN F 82 38.15 -34.48 45.75
C GLN F 82 38.02 -34.68 44.23
N LEU F 83 39.12 -35.05 43.56
CA LEU F 83 39.04 -35.35 42.13
C LEU F 83 38.25 -36.62 41.87
N LEU F 84 38.31 -37.59 42.79
CA LEU F 84 37.62 -38.87 42.57
C LEU F 84 36.10 -38.70 42.57
N SER F 85 35.57 -37.85 43.46
CA SER F 85 34.12 -37.77 43.53
C SER F 85 33.54 -37.05 42.31
N GLN F 86 34.26 -36.06 41.78
CA GLN F 86 33.85 -35.44 40.53
C GLN F 86 33.91 -36.43 39.38
N ALA F 87 34.92 -37.30 39.38
CA ALA F 87 35.09 -38.28 38.31
C ALA F 87 33.99 -39.34 38.35
N ARG F 88 33.72 -39.89 39.54
CA ARG F 88 32.61 -40.82 39.71
C ARG F 88 31.31 -40.22 39.19
N ASP F 89 31.05 -38.97 39.54
CA ASP F 89 29.79 -38.37 39.11
C ASP F 89 29.75 -38.20 37.60
N PHE F 90 30.85 -37.76 37.00
CA PHE F 90 30.86 -37.68 35.54
C PHE F 90 30.67 -39.05 34.89
N ILE F 91 31.33 -40.09 35.42
CA ILE F 91 31.24 -41.41 34.80
C ILE F 91 29.80 -41.93 34.91
N ASN F 92 29.14 -41.69 36.05
CA ASN F 92 27.73 -42.09 36.21
C ASN F 92 26.85 -41.41 35.18
N GLN F 93 27.10 -40.11 34.94
CA GLN F 93 26.33 -39.39 33.94
C GLN F 93 26.54 -40.00 32.57
N TYR F 94 27.80 -40.29 32.23
CA TYR F 94 28.08 -40.87 30.93
C TYR F 94 27.31 -42.17 30.74
N TYR F 95 27.37 -43.06 31.73
CA TYR F 95 26.74 -44.36 31.53
C TYR F 95 25.22 -44.26 31.57
N SER F 96 24.68 -43.29 32.29
CA SER F 96 23.25 -43.01 32.18
CA SER F 96 23.26 -43.00 32.18
C SER F 96 22.89 -42.58 30.76
N SER F 97 23.72 -41.74 30.14
CA SER F 97 23.41 -41.22 28.79
C SER F 97 23.35 -42.30 27.72
N ILE F 98 24.18 -43.34 27.83
CA ILE F 98 24.10 -44.43 26.86
C ILE F 98 23.22 -45.57 27.36
N LYS F 99 22.47 -45.36 28.45
CA LYS F 99 21.51 -46.34 28.97
C LYS F 99 22.21 -47.65 29.37
N ARG F 100 23.42 -47.53 29.90
CA ARG F 100 24.12 -48.69 30.42
C ARG F 100 24.47 -48.48 31.88
N SER F 101 23.57 -47.85 32.63
CA SER F 101 23.84 -47.53 34.02
C SER F 101 23.72 -48.77 34.87
N GLY F 102 24.72 -49.01 35.71
CA GLY F 102 24.81 -50.24 36.47
C GLY F 102 25.38 -51.44 35.73
N SER F 103 25.74 -51.30 34.45
CA SER F 103 26.35 -52.40 33.70
C SER F 103 27.75 -52.73 34.23
N GLN F 104 28.32 -53.84 33.75
CA GLN F 104 29.66 -54.19 34.18
C GLN F 104 30.69 -53.20 33.66
N ALA F 105 30.56 -52.76 32.40
CA ALA F 105 31.45 -51.74 31.85
C ALA F 105 31.46 -50.49 32.70
N HIS F 106 30.30 -50.13 33.25
CA HIS F 106 30.20 -48.96 34.14
C HIS F 106 30.96 -49.20 35.43
N GLU F 107 30.80 -50.38 36.02
CA GLU F 107 31.53 -50.66 37.24
C GLU F 107 33.03 -50.76 37.00
N GLN F 108 33.46 -51.26 35.85
CA GLN F 108 34.88 -51.36 35.58
C GLN F 108 35.48 -49.99 35.29
N ARG F 109 34.76 -49.13 34.59
CA ARG F 109 35.28 -47.81 34.34
C ARG F 109 35.50 -47.04 35.64
N LEU F 110 34.54 -47.12 36.57
CA LEU F 110 34.71 -46.48 37.87
C LEU F 110 35.99 -47.00 38.55
N GLN F 111 36.17 -48.31 38.57
CA GLN F 111 37.39 -48.88 39.14
C GLN F 111 38.64 -48.40 38.42
N GLU F 112 38.59 -48.36 37.08
CA GLU F 112 39.76 -48.02 36.29
C GLU F 112 40.20 -46.58 36.56
N VAL F 113 39.25 -45.64 36.62
CA VAL F 113 39.57 -44.26 36.96
C VAL F 113 40.13 -44.17 38.38
N GLU F 114 39.43 -44.77 39.35
CA GLU F 114 39.94 -44.83 40.72
C GLU F 114 41.40 -45.28 40.75
N ALA F 115 41.72 -46.33 40.00
CA ALA F 115 43.09 -46.85 39.98
C ALA F 115 44.04 -45.88 39.28
N GLU F 116 43.60 -45.26 38.18
CA GLU F 116 44.45 -44.29 37.50
C GLU F 116 44.78 -43.10 38.40
N VAL F 117 43.79 -42.58 39.14
CA VAL F 117 44.04 -41.46 40.03
C VAL F 117 45.08 -41.83 41.09
N ALA F 118 44.95 -43.00 41.70
CA ALA F 118 45.89 -43.38 42.75
C ALA F 118 47.30 -43.55 42.19
N ALA F 119 47.42 -44.06 40.97
CA ALA F 119 48.75 -44.37 40.44
C ALA F 119 49.43 -43.15 39.84
N THR F 120 48.67 -42.19 39.30
CA THR F 120 49.26 -41.06 38.60
C THR F 120 48.76 -39.69 39.08
N GLY F 121 47.82 -39.66 40.03
CA GLY F 121 47.19 -38.41 40.45
C GLY F 121 46.14 -37.86 39.49
N THR F 122 46.00 -38.41 38.29
CA THR F 122 45.08 -37.89 37.30
C THR F 122 44.54 -39.06 36.48
N TYR F 123 43.65 -38.75 35.54
CA TYR F 123 43.14 -39.79 34.65
C TYR F 123 42.85 -39.20 33.29
N GLN F 124 42.60 -40.07 32.32
CA GLN F 124 42.37 -39.70 30.93
C GLN F 124 40.94 -40.01 30.52
N LEU F 125 40.30 -39.10 29.80
CA LEU F 125 38.98 -39.39 29.27
C LEU F 125 39.10 -40.20 27.99
N ARG F 126 38.25 -41.21 27.85
CA ARG F 126 37.99 -41.81 26.55
C ARG F 126 37.33 -40.78 25.64
N GLU F 127 37.53 -40.93 24.33
CA GLU F 127 37.05 -39.92 23.39
C GLU F 127 35.54 -39.78 23.42
N SER F 128 34.80 -40.89 23.55
CA SER F 128 33.34 -40.79 23.66
CA SER F 128 33.35 -40.79 23.66
C SER F 128 32.93 -40.01 24.91
N GLU F 129 33.68 -40.14 26.00
CA GLU F 129 33.38 -39.38 27.21
C GLU F 129 33.71 -37.89 27.01
N LEU F 130 34.75 -37.57 26.24
CA LEU F 130 35.06 -36.18 25.97
C LEU F 130 33.95 -35.51 25.17
N VAL F 131 33.48 -36.20 24.14
CA VAL F 131 32.40 -35.71 23.31
C VAL F 131 31.17 -35.47 24.15
N PHE F 132 30.81 -36.47 24.96
CA PHE F 132 29.64 -36.32 25.81
C PHE F 132 29.83 -35.17 26.80
N GLY F 133 31.01 -35.07 27.40
CA GLY F 133 31.29 -34.01 28.36
C GLY F 133 31.18 -32.61 27.78
N ALA F 134 31.70 -32.40 26.56
CA ALA F 134 31.65 -31.08 25.93
C ALA F 134 30.20 -30.67 25.62
N LYS F 135 29.37 -31.61 25.16
CA LYS F 135 27.95 -31.33 24.96
C LYS F 135 27.23 -31.06 26.28
N GLN F 136 27.58 -31.80 27.34
CA GLN F 136 26.91 -31.57 28.62
C GLN F 136 27.23 -30.18 29.15
N ALA F 137 28.47 -29.72 28.96
CA ALA F 137 28.88 -28.42 29.44
C ALA F 137 28.06 -27.31 28.78
N TRP F 138 27.80 -27.44 27.47
CA TRP F 138 26.92 -26.50 26.77
C TRP F 138 25.50 -26.61 27.30
N ARG F 139 25.02 -27.85 27.44
CA ARG F 139 23.69 -28.09 27.96
C ARG F 139 23.49 -27.50 29.35
N ASN F 140 24.56 -27.42 30.15
CA ASN F 140 24.52 -26.95 31.52
C ASN F 140 24.77 -25.44 31.69
N ALA F 141 25.11 -24.71 30.59
CA ALA F 141 25.46 -23.28 30.63
C ALA F 141 24.20 -22.43 30.82
N PRO F 142 24.03 -21.83 32.00
CA PRO F 142 22.73 -21.19 32.33
C PRO F 142 22.46 -19.90 31.55
N ARG F 143 23.49 -19.21 31.08
CA ARG F 143 23.32 -17.95 30.40
C ARG F 143 23.14 -18.09 28.89
N CYS F 144 23.05 -19.31 28.37
CA CYS F 144 23.05 -19.50 26.93
C CYS F 144 21.63 -19.77 26.47
N VAL F 145 21.12 -18.89 25.60
CA VAL F 145 19.77 -19.05 25.05
C VAL F 145 19.72 -20.04 23.90
N GLY F 146 20.84 -20.37 23.27
CA GLY F 146 20.78 -21.29 22.14
C GLY F 146 20.93 -22.76 22.45
N ARG F 147 20.60 -23.20 23.67
CA ARG F 147 20.90 -24.59 24.01
C ARG F 147 19.98 -25.61 23.36
N ILE F 148 18.98 -25.23 22.57
CA ILE F 148 18.17 -26.27 21.91
C ILE F 148 19.07 -27.16 21.05
N GLN F 149 20.17 -26.61 20.55
CA GLN F 149 21.12 -27.23 19.63
C GLN F 149 22.15 -28.14 20.31
N TRP F 150 22.05 -28.37 21.63
CA TRP F 150 23.22 -28.83 22.39
C TRP F 150 23.70 -30.20 21.95
N GLY F 151 22.79 -31.05 21.51
CA GLY F 151 23.14 -32.37 21.04
C GLY F 151 23.88 -32.41 19.72
N LYS F 152 23.89 -31.32 18.97
CA LYS F 152 24.50 -31.27 17.64
C LYS F 152 25.94 -30.75 17.64
N LEU F 153 26.55 -30.56 18.80
CA LEU F 153 27.90 -30.00 18.85
C LEU F 153 28.92 -30.93 18.19
N GLN F 154 29.68 -30.40 17.23
CA GLN F 154 30.79 -31.14 16.64
C GLN F 154 32.06 -30.93 17.49
N VAL F 155 32.63 -32.03 18.01
CA VAL F 155 33.71 -31.94 18.99
C VAL F 155 35.01 -32.41 18.34
N PHE F 156 36.01 -31.54 18.27
CA PHE F 156 37.32 -31.90 17.71
C PHE F 156 38.31 -32.22 18.83
N ASP F 157 38.89 -33.42 18.77
CA ASP F 157 39.83 -33.86 19.81
C ASP F 157 41.23 -33.42 19.40
N ALA F 158 41.72 -32.33 20.01
CA ALA F 158 43.08 -31.86 19.81
C ALA F 158 43.99 -32.19 21.00
N ARG F 159 43.65 -33.23 21.76
CA ARG F 159 44.37 -33.53 23.00
C ARG F 159 45.79 -34.01 22.77
N ASP F 160 46.18 -34.27 21.53
CA ASP F 160 47.55 -34.67 21.22
C ASP F 160 48.39 -33.52 20.66
N CYS F 161 47.81 -32.32 20.57
CA CYS F 161 48.54 -31.14 20.13
C CYS F 161 49.81 -30.91 20.95
N ARG F 162 50.87 -30.39 20.29
CA ARG F 162 52.20 -30.34 20.90
C ARG F 162 52.93 -29.00 20.82
N SER F 163 52.41 -27.99 20.13
CA SER F 163 53.16 -26.78 19.86
C SER F 163 52.20 -25.68 19.41
N ALA F 164 52.70 -24.44 19.39
CA ALA F 164 51.86 -23.32 19.00
C ALA F 164 51.42 -23.43 17.55
N GLN F 165 52.29 -23.95 16.68
CA GLN F 165 51.97 -24.10 15.27
C GLN F 165 50.86 -25.13 15.05
N GLU F 166 50.99 -26.32 15.65
CA GLU F 166 49.90 -27.29 15.60
C GLU F 166 48.61 -26.67 16.12
N MET F 167 48.72 -25.84 17.16
CA MET F 167 47.56 -25.17 17.73
C MET F 167 46.85 -24.34 16.68
N PHE F 168 47.63 -23.54 15.95
CA PHE F 168 47.09 -22.67 14.91
C PHE F 168 46.36 -23.47 13.84
N THR F 169 46.92 -24.62 13.44
CA THR F 169 46.29 -25.46 12.45
C THR F 169 44.96 -26.02 12.96
N TYR F 170 44.91 -26.46 14.21
CA TYR F 170 43.64 -26.92 14.75
C TYR F 170 42.59 -25.82 14.76
N ILE F 171 43.01 -24.58 15.04
CA ILE F 171 42.05 -23.48 15.14
C ILE F 171 41.55 -23.09 13.75
N CYS F 172 42.43 -23.08 12.75
CA CYS F 172 42.00 -22.80 11.39
C CYS F 172 41.03 -23.86 10.90
N ASN F 173 41.32 -25.13 11.19
CA ASN F 173 40.37 -26.20 10.89
C ASN F 173 39.02 -25.93 11.54
N HIS F 174 39.03 -25.60 12.83
CA HIS F 174 37.79 -25.23 13.53
C HIS F 174 37.05 -24.13 12.76
N ILE F 175 37.75 -23.04 12.42
CA ILE F 175 37.08 -21.91 11.80
C ILE F 175 36.54 -22.28 10.41
N LYS F 176 37.33 -23.02 9.62
CA LYS F 176 36.83 -23.49 8.31
C LYS F 176 35.60 -24.37 8.48
N TYR F 177 35.63 -25.31 9.42
CA TYR F 177 34.49 -26.19 9.62
C TYR F 177 33.25 -25.43 10.07
N ALA F 178 33.40 -24.56 11.08
CA ALA F 178 32.27 -23.89 11.70
C ALA F 178 31.66 -22.84 10.77
N THR F 179 32.50 -22.12 10.02
CA THR F 179 32.03 -21.08 9.10
C THR F 179 31.26 -21.69 7.94
N ASN F 180 31.88 -22.68 7.26
CA ASN F 180 31.19 -23.50 6.28
C ASN F 180 30.50 -22.64 5.20
N ARG F 181 31.23 -21.62 4.75
CA ARG F 181 30.78 -20.67 3.73
C ARG F 181 29.45 -20.01 4.09
N GLY F 182 29.22 -19.78 5.39
CA GLY F 182 28.05 -19.09 5.84
C GLY F 182 26.96 -19.97 6.42
N ASN F 183 27.01 -21.28 6.15
CA ASN F 183 26.05 -22.20 6.77
C ASN F 183 26.69 -22.76 8.06
N LEU F 184 26.61 -21.94 9.11
CA LEU F 184 27.47 -22.10 10.29
C LEU F 184 27.12 -23.35 11.07
N ARG F 185 28.13 -23.95 11.70
CA ARG F 185 27.95 -25.19 12.45
C ARG F 185 28.60 -25.05 13.82
N SER F 186 27.88 -25.47 14.85
CA SER F 186 28.44 -25.46 16.20
C SER F 186 29.67 -26.36 16.29
N ALA F 187 30.71 -25.88 16.96
CA ALA F 187 31.91 -26.71 17.06
C ALA F 187 32.67 -26.35 18.32
N ILE F 188 33.42 -27.30 18.83
CA ILE F 188 34.37 -27.04 19.91
C ILE F 188 35.64 -27.82 19.61
N THR F 189 36.78 -27.21 19.88
CA THR F 189 38.07 -27.91 19.77
C THR F 189 38.69 -27.97 21.15
N VAL F 190 39.05 -29.16 21.62
CA VAL F 190 39.55 -29.27 22.99
C VAL F 190 41.01 -29.69 22.96
N PHE F 191 41.86 -28.80 23.45
CA PHE F 191 43.31 -28.97 23.54
C PHE F 191 43.69 -29.69 24.81
N PRO F 192 44.96 -30.06 24.99
CA PRO F 192 45.33 -30.94 26.09
C PRO F 192 44.94 -30.40 27.47
N GLN F 193 44.55 -31.32 28.34
CA GLN F 193 44.10 -30.92 29.67
C GLN F 193 45.26 -30.39 30.52
N ARG F 194 44.88 -29.69 31.57
CA ARG F 194 45.85 -29.24 32.56
C ARG F 194 46.38 -30.45 33.30
N CYS F 195 47.70 -30.55 33.43
CA CYS F 195 48.29 -31.67 34.14
C CYS F 195 49.49 -31.18 34.92
N PRO F 196 49.89 -31.91 35.96
CA PRO F 196 51.04 -31.47 36.75
C PRO F 196 52.35 -31.62 36.00
N GLY F 197 53.22 -30.65 36.18
CA GLY F 197 54.57 -30.68 35.63
C GLY F 197 54.72 -29.98 34.30
N ARG F 198 53.68 -29.29 33.85
CA ARG F 198 53.62 -28.82 32.48
C ARG F 198 52.66 -27.65 32.46
N GLY F 199 53.01 -26.60 31.71
CA GLY F 199 52.16 -25.44 31.59
C GLY F 199 50.83 -25.75 30.90
N ASP F 200 50.02 -24.71 30.80
CA ASP F 200 48.75 -24.78 30.10
C ASP F 200 48.92 -24.40 28.63
N PHE F 201 48.10 -25.00 27.78
CA PHE F 201 47.75 -24.36 26.51
C PHE F 201 46.77 -23.25 26.83
N ARG F 202 47.04 -22.03 26.33
CA ARG F 202 46.09 -20.93 26.44
C ARG F 202 45.99 -20.22 25.11
N ILE F 203 44.80 -19.67 24.84
CA ILE F 203 44.60 -18.71 23.78
C ILE F 203 44.38 -17.36 24.45
N TRP F 204 45.25 -16.40 24.17
CA TRP F 204 45.15 -15.13 24.88
C TRP F 204 43.92 -14.32 24.45
N ASN F 205 43.52 -14.38 23.16
CA ASN F 205 42.35 -13.66 22.70
C ASN F 205 41.07 -14.19 23.33
N SER F 206 40.16 -13.27 23.69
CA SER F 206 38.88 -13.68 24.26
C SER F 206 37.98 -14.31 23.19
N GLN F 207 38.17 -13.95 21.93
CA GLN F 207 37.45 -14.57 20.83
C GLN F 207 38.42 -14.81 19.69
N LEU F 208 38.13 -15.83 18.89
CA LEU F 208 38.98 -16.14 17.73
C LEU F 208 38.98 -15.01 16.70
N VAL F 209 37.87 -14.29 16.56
CA VAL F 209 37.79 -13.17 15.61
C VAL F 209 37.39 -11.94 16.41
N ARG F 210 38.26 -10.93 16.43
CA ARG F 210 37.93 -9.66 17.07
C ARG F 210 38.58 -8.53 16.29
N TYR F 211 37.96 -7.35 16.40
CA TYR F 211 38.50 -6.14 15.76
C TYR F 211 39.42 -5.40 16.71
N ALA F 212 40.48 -4.84 16.13
CA ALA F 212 41.45 -4.02 16.84
C ALA F 212 40.82 -2.75 17.38
N GLY F 213 41.38 -2.25 18.48
CA GLY F 213 41.01 -0.96 19.01
C GLY F 213 42.26 -0.15 19.22
N TYR F 214 42.42 0.92 18.44
CA TYR F 214 43.59 1.80 18.49
C TYR F 214 43.19 3.11 19.18
N ARG F 215 43.77 3.38 20.35
CA ARG F 215 43.54 4.68 21.00
C ARG F 215 44.17 5.81 20.19
N GLN F 216 43.52 6.97 20.21
CA GLN F 216 43.92 8.11 19.39
C GLN F 216 44.58 9.19 20.24
N GLN F 217 44.93 10.30 19.58
CA GLN F 217 45.60 11.43 20.24
C GLN F 217 44.76 12.05 21.36
N ASP F 218 43.49 11.71 21.48
CA ASP F 218 42.58 12.48 22.32
C ASP F 218 41.54 11.59 22.99
N GLY F 219 41.98 10.48 23.59
CA GLY F 219 41.09 9.61 24.33
C GLY F 219 40.06 8.86 23.52
N SER F 220 39.85 9.21 22.25
CA SER F 220 38.92 8.46 21.42
C SER F 220 39.54 7.14 20.96
N VAL F 221 38.70 6.16 20.72
CA VAL F 221 39.12 4.83 20.29
C VAL F 221 38.65 4.57 18.87
N ARG F 222 39.60 4.40 17.96
CA ARG F 222 39.31 3.92 16.60
C ARG F 222 39.17 2.39 16.62
N GLY F 223 38.02 1.88 16.18
CA GLY F 223 37.82 0.45 16.20
C GLY F 223 37.00 0.01 17.39
N ASP F 224 37.23 -1.21 17.90
CA ASP F 224 36.44 -1.75 18.99
C ASP F 224 37.07 -1.38 20.34
N PRO F 225 36.47 -0.49 21.13
CA PRO F 225 37.10 -0.07 22.39
C PRO F 225 37.19 -1.17 23.44
N ALA F 226 36.40 -2.24 23.33
CA ALA F 226 36.51 -3.37 24.25
C ALA F 226 37.80 -4.17 24.07
N ASN F 227 38.61 -3.85 23.06
CA ASN F 227 39.74 -4.67 22.65
C ASN F 227 41.04 -3.89 22.71
N VAL F 228 41.04 -2.74 23.38
CA VAL F 228 42.26 -1.92 23.47
C VAL F 228 43.38 -2.70 24.14
N GLU F 229 43.04 -3.49 25.15
CA GLU F 229 44.06 -4.23 25.90
C GLU F 229 44.76 -5.24 25.00
N ILE F 230 44.00 -6.11 24.33
CA ILE F 230 44.61 -7.17 23.53
C ILE F 230 45.29 -6.58 22.29
N THR F 231 44.80 -5.45 21.78
CA THR F 231 45.46 -4.76 20.68
C THR F 231 46.84 -4.28 21.09
N GLU F 232 46.96 -3.73 22.30
CA GLU F 232 48.26 -3.32 22.84
C GLU F 232 49.21 -4.49 22.97
N LEU F 233 48.71 -5.62 23.48
CA LEU F 233 49.55 -6.80 23.66
C LEU F 233 50.05 -7.33 22.32
N CYS F 234 49.14 -7.46 21.34
CA CYS F 234 49.56 -7.92 20.00
C CYS F 234 50.70 -7.08 19.47
N ILE F 235 50.62 -5.76 19.63
CA ILE F 235 51.66 -4.88 19.12
C ILE F 235 52.97 -5.10 19.89
N GLN F 236 52.89 -5.32 21.21
CA GLN F 236 54.10 -5.57 21.98
C GLN F 236 54.86 -6.80 21.47
N HIS F 237 54.12 -7.81 21.02
CA HIS F 237 54.72 -9.04 20.48
C HIS F 237 54.95 -8.97 18.97
N GLY F 238 55.09 -7.76 18.40
CA GLY F 238 55.61 -7.62 17.05
C GLY F 238 54.59 -7.38 15.96
N TRP F 239 53.30 -7.27 16.29
CA TRP F 239 52.30 -7.07 15.25
C TRP F 239 52.38 -5.67 14.69
N THR F 240 52.29 -5.55 13.37
CA THR F 240 52.21 -4.25 12.73
C THR F 240 50.76 -3.80 12.69
N PRO F 241 50.42 -2.68 13.31
CA PRO F 241 49.02 -2.27 13.38
C PRO F 241 48.60 -1.44 12.17
N GLY F 242 47.30 -1.41 11.95
CA GLY F 242 46.68 -0.43 11.08
C GLY F 242 46.03 0.67 11.86
N ASN F 243 45.09 1.35 11.21
CA ASN F 243 44.21 2.27 11.91
C ASN F 243 42.82 2.23 11.29
N GLY F 244 42.41 1.06 10.85
CA GLY F 244 41.05 0.85 10.40
C GLY F 244 40.10 0.66 11.54
N ARG F 245 38.82 0.64 11.22
CA ARG F 245 37.82 0.44 12.25
C ARG F 245 37.44 -1.01 12.41
N PHE F 246 37.81 -1.86 11.45
CA PHE F 246 37.45 -3.27 11.46
C PHE F 246 38.63 -4.15 11.03
N ASP F 247 39.82 -3.86 11.52
CA ASP F 247 40.97 -4.75 11.31
C ASP F 247 40.89 -5.94 12.25
N VAL F 248 41.10 -7.14 11.71
CA VAL F 248 41.01 -8.35 12.50
C VAL F 248 42.31 -8.56 13.27
N LEU F 249 42.18 -8.96 14.54
CA LEU F 249 43.36 -9.13 15.35
C LEU F 249 44.04 -10.48 15.08
N PRO F 250 45.36 -10.56 15.23
CA PRO F 250 46.03 -11.86 15.17
C PRO F 250 45.79 -12.64 16.44
N LEU F 251 46.05 -13.95 16.37
CA LEU F 251 45.94 -14.83 17.52
C LEU F 251 47.24 -14.84 18.32
N LEU F 252 47.12 -14.81 19.65
CA LEU F 252 48.23 -14.99 20.57
C LEU F 252 48.07 -16.36 21.19
N LEU F 253 48.90 -17.31 20.75
CA LEU F 253 48.75 -18.71 21.13
C LEU F 253 49.90 -19.09 22.03
N GLN F 254 49.56 -19.64 23.20
CA GLN F 254 50.53 -20.03 24.21
C GLN F 254 50.55 -21.55 24.25
N ALA F 255 51.69 -22.11 23.97
CA ALA F 255 52.03 -23.49 24.19
C ALA F 255 52.63 -23.65 25.58
N PRO F 256 52.59 -24.86 26.16
CA PRO F 256 53.08 -25.04 27.53
C PRO F 256 54.48 -24.52 27.77
N ASP F 257 54.59 -23.60 28.74
CA ASP F 257 55.84 -23.07 29.26
C ASP F 257 56.59 -22.23 28.22
N GLU F 258 55.85 -21.57 27.34
CA GLU F 258 56.41 -20.78 26.26
C GLU F 258 55.80 -19.39 26.28
N PRO F 259 56.53 -18.37 25.81
CA PRO F 259 55.89 -17.09 25.56
C PRO F 259 54.86 -17.25 24.46
N PRO F 260 53.85 -16.38 24.44
CA PRO F 260 52.84 -16.44 23.37
C PRO F 260 53.46 -16.14 22.01
N GLU F 261 52.90 -16.76 20.97
CA GLU F 261 53.38 -16.60 19.61
C GLU F 261 52.25 -16.06 18.74
N LEU F 262 52.61 -15.18 17.82
CA LEU F 262 51.66 -14.40 17.04
C LEU F 262 51.34 -15.13 15.73
N PHE F 263 50.05 -15.24 15.40
CA PHE F 263 49.60 -15.88 14.18
C PHE F 263 48.52 -15.04 13.51
N LEU F 264 48.78 -14.58 12.29
CA LEU F 264 47.79 -13.84 11.53
C LEU F 264 46.77 -14.80 10.95
N LEU F 265 45.51 -14.47 11.10
CA LEU F 265 44.47 -15.24 10.46
C LEU F 265 44.41 -14.87 8.98
N PRO F 266 44.45 -15.84 8.07
CA PRO F 266 44.32 -15.53 6.65
C PRO F 266 42.98 -14.90 6.35
N PRO F 267 42.96 -13.79 5.60
CA PRO F 267 41.69 -13.07 5.38
C PRO F 267 40.61 -13.88 4.69
N GLU F 268 40.99 -14.86 3.86
CA GLU F 268 40.00 -15.70 3.21
C GLU F 268 39.26 -16.60 4.19
N LEU F 269 39.79 -16.74 5.39
CA LEU F 269 39.25 -17.61 6.42
C LEU F 269 38.25 -16.92 7.33
N VAL F 270 38.23 -15.59 7.36
CA VAL F 270 37.39 -14.81 8.27
C VAL F 270 36.26 -14.21 7.44
N LEU F 271 35.10 -14.84 7.49
CA LEU F 271 33.95 -14.36 6.73
C LEU F 271 33.30 -13.18 7.44
N GLU F 272 33.16 -12.06 6.71
CA GLU F 272 32.58 -10.84 7.21
C GLU F 272 31.33 -10.46 6.42
N VAL F 273 30.44 -9.73 7.08
CA VAL F 273 29.16 -9.32 6.53
C VAL F 273 29.12 -7.79 6.50
N PRO F 274 29.07 -7.15 5.34
CA PRO F 274 28.85 -5.69 5.34
C PRO F 274 27.40 -5.39 5.67
N LEU F 275 27.20 -4.29 6.40
CA LEU F 275 25.89 -4.01 6.97
C LEU F 275 25.18 -2.97 6.12
N GLU F 276 23.92 -3.25 5.79
CA GLU F 276 23.07 -2.28 5.11
C GLU F 276 21.65 -2.51 5.57
N HIS F 277 20.81 -1.56 5.29
CA HIS F 277 19.43 -1.57 5.69
C HIS F 277 18.53 -1.82 4.48
N PRO F 278 17.44 -2.56 4.62
CA PRO F 278 16.64 -2.88 3.42
C PRO F 278 15.92 -1.69 2.82
N THR F 279 15.61 -0.67 3.61
CA THR F 279 14.92 0.49 3.09
C THR F 279 15.55 1.82 3.47
N LEU F 280 16.71 1.85 4.11
CA LEU F 280 17.38 3.13 4.39
C LEU F 280 18.74 3.06 3.70
N GLU F 281 18.83 3.65 2.50
CA GLU F 281 19.99 3.43 1.65
C GLU F 281 21.23 4.09 2.23
N TRP F 282 21.10 5.22 2.91
CA TRP F 282 22.28 5.85 3.49
C TRP F 282 22.96 4.96 4.54
N PHE F 283 22.26 3.95 5.05
CA PHE F 283 22.83 3.12 6.12
C PHE F 283 24.12 2.46 5.69
N ALA F 284 24.19 2.01 4.42
CA ALA F 284 25.42 1.37 3.97
C ALA F 284 26.61 2.33 3.98
N ALA F 285 26.36 3.64 3.92
CA ALA F 285 27.44 4.62 3.92
C ALA F 285 28.13 4.79 5.27
N LEU F 286 27.57 4.24 6.34
CA LEU F 286 28.27 4.15 7.62
C LEU F 286 29.52 3.28 7.56
N GLY F 287 29.64 2.43 6.54
CA GLY F 287 30.81 1.59 6.42
C GLY F 287 30.90 0.49 7.45
N LEU F 288 29.77 0.09 8.03
CA LEU F 288 29.77 -0.89 9.10
C LEU F 288 29.87 -2.31 8.56
N ARG F 289 30.54 -3.17 9.31
CA ARG F 289 30.58 -4.60 9.02
C ARG F 289 30.73 -5.35 10.34
N TRP F 290 30.46 -6.65 10.29
CA TRP F 290 30.73 -7.54 11.41
C TRP F 290 31.10 -8.91 10.85
N TYR F 291 31.65 -9.78 11.70
CA TYR F 291 32.09 -11.10 11.25
C TYR F 291 31.02 -12.17 11.51
N ALA F 292 31.14 -13.30 10.79
CA ALA F 292 30.10 -14.32 10.82
C ALA F 292 30.10 -15.14 12.10
N LEU F 293 31.26 -15.32 12.74
CA LEU F 293 31.48 -16.44 13.67
C LEU F 293 31.81 -15.96 15.08
N PRO F 294 30.92 -16.14 16.08
CA PRO F 294 31.31 -15.89 17.48
C PRO F 294 31.97 -17.14 18.06
N ALA F 295 33.26 -17.03 18.41
CA ALA F 295 34.06 -18.20 18.80
C ALA F 295 34.80 -17.82 20.06
N VAL F 296 34.22 -18.15 21.20
CA VAL F 296 34.80 -17.77 22.49
C VAL F 296 35.97 -18.69 22.78
N SER F 297 37.10 -18.11 23.13
CA SER F 297 38.34 -18.86 23.21
C SER F 297 39.04 -18.68 24.55
N ASN F 298 38.42 -18.01 25.53
CA ASN F 298 39.09 -17.75 26.80
C ASN F 298 38.46 -18.47 27.99
N MET F 299 37.47 -19.31 27.79
CA MET F 299 36.87 -20.01 28.92
C MET F 299 37.54 -21.35 29.20
N LEU F 300 37.33 -21.85 30.41
CA LEU F 300 37.85 -23.15 30.83
C LEU F 300 36.74 -24.19 30.77
N LEU F 301 37.00 -25.31 30.11
CA LEU F 301 36.10 -26.45 30.10
C LEU F 301 36.48 -27.41 31.21
N GLU F 302 35.50 -27.82 32.02
CA GLU F 302 35.74 -28.70 33.16
C GLU F 302 34.87 -29.94 33.00
N ILE F 303 35.51 -31.11 32.98
CA ILE F 303 34.82 -32.37 32.76
C ILE F 303 35.32 -33.37 33.79
N GLY F 304 34.45 -33.80 34.68
CA GLY F 304 34.81 -34.85 35.62
C GLY F 304 36.05 -34.54 36.43
N GLY F 305 36.19 -33.28 36.88
CA GLY F 305 37.33 -32.88 37.65
C GLY F 305 38.55 -32.52 36.85
N LEU F 306 38.57 -32.85 35.56
CA LEU F 306 39.67 -32.48 34.68
C LEU F 306 39.41 -31.10 34.12
N GLU F 307 40.48 -30.42 33.76
CA GLU F 307 40.39 -29.03 33.34
C GLU F 307 41.11 -28.87 32.02
N PHE F 308 40.44 -28.20 31.08
CA PHE F 308 40.94 -27.92 29.74
C PHE F 308 40.97 -26.40 29.60
N PRO F 309 42.10 -25.76 29.91
CA PRO F 309 42.15 -24.28 29.84
C PRO F 309 42.04 -23.73 28.43
N ALA F 310 42.16 -24.55 27.40
CA ALA F 310 42.08 -24.10 26.02
C ALA F 310 41.10 -25.00 25.30
N ALA F 311 39.93 -24.47 24.99
CA ALA F 311 38.90 -25.23 24.30
C ALA F 311 37.91 -24.27 23.64
N PRO F 312 38.31 -23.62 22.55
CA PRO F 312 37.42 -22.62 21.92
C PRO F 312 36.16 -23.26 21.35
N PHE F 313 35.03 -22.61 21.53
CA PHE F 313 33.81 -23.12 20.98
C PHE F 313 33.10 -22.03 20.20
N SER F 314 32.28 -22.43 19.25
CA SER F 314 31.63 -21.45 18.41
C SER F 314 30.22 -21.89 18.04
N GLY F 315 29.36 -20.91 17.79
CA GLY F 315 28.04 -21.16 17.27
C GLY F 315 27.65 -20.18 16.17
N TRP F 316 26.48 -19.56 16.25
CA TRP F 316 26.13 -18.50 15.33
C TRP F 316 25.46 -17.39 16.12
N TYR F 317 25.37 -16.21 15.53
CA TYR F 317 24.93 -15.04 16.27
C TYR F 317 23.42 -14.96 16.41
N MET F 318 22.97 -14.50 17.56
CA MET F 318 21.68 -13.86 17.69
C MET F 318 21.85 -12.38 17.32
N SER F 319 20.94 -11.84 16.51
CA SER F 319 21.14 -10.51 15.93
C SER F 319 21.23 -9.39 16.98
N THR F 320 20.56 -9.52 18.12
CA THR F 320 20.73 -8.51 19.16
C THR F 320 22.15 -8.44 19.70
N GLU F 321 22.98 -9.49 19.55
CA GLU F 321 24.35 -9.38 20.02
C GLU F 321 25.13 -8.40 19.17
N ILE F 322 24.84 -8.36 17.87
CA ILE F 322 25.57 -7.42 17.02
C ILE F 322 24.93 -6.04 17.08
N GLY F 323 23.62 -5.97 16.97
CA GLY F 323 22.97 -4.69 16.78
C GLY F 323 22.91 -3.86 18.05
N THR F 324 22.59 -4.51 19.17
CA THR F 324 22.39 -3.80 20.42
C THR F 324 23.69 -3.72 21.20
N ARG F 325 24.26 -4.87 21.55
CA ARG F 325 25.47 -4.87 22.38
C ARG F 325 26.66 -4.28 21.62
N ASN F 326 26.99 -4.83 20.45
CA ASN F 326 28.28 -4.51 19.83
C ASN F 326 28.26 -3.13 19.16
N LEU F 327 27.16 -2.79 18.47
CA LEU F 327 27.13 -1.52 17.76
C LEU F 327 26.56 -0.37 18.58
N CYS F 328 25.65 -0.63 19.53
CA CYS F 328 24.95 0.45 20.25
C CYS F 328 25.47 0.75 21.64
N ASP F 329 26.22 -0.15 22.27
CA ASP F 329 26.65 0.13 23.63
C ASP F 329 27.62 1.30 23.64
N PRO F 330 27.53 2.18 24.64
CA PRO F 330 28.34 3.42 24.59
C PRO F 330 29.83 3.17 24.64
N HIS F 331 30.28 2.19 25.40
CA HIS F 331 31.69 1.83 25.45
C HIS F 331 32.12 0.96 24.27
N ARG F 332 31.25 0.79 23.27
CA ARG F 332 31.59 0.05 22.05
C ARG F 332 31.54 0.99 20.83
N TYR F 333 31.02 0.51 19.69
CA TYR F 333 31.09 1.33 18.48
C TYR F 333 30.17 2.55 18.54
N ASN F 334 29.06 2.48 19.28
CA ASN F 334 28.35 3.68 19.77
C ASN F 334 27.82 4.55 18.61
N ILE F 335 26.92 3.96 17.83
CA ILE F 335 26.41 4.58 16.60
C ILE F 335 24.96 5.03 16.74
N LEU F 336 24.35 4.91 17.93
CA LEU F 336 22.90 5.02 18.06
C LEU F 336 22.40 6.41 17.73
N GLU F 337 23.07 7.44 18.25
CA GLU F 337 22.60 8.80 18.01
C GLU F 337 22.91 9.24 16.58
N ASP F 338 24.01 8.74 16.02
CA ASP F 338 24.31 9.04 14.62
C ASP F 338 23.24 8.47 13.70
N VAL F 339 22.87 7.20 13.91
CA VAL F 339 21.77 6.62 13.15
C VAL F 339 20.48 7.43 13.38
N ALA F 340 20.25 7.87 14.62
CA ALA F 340 18.96 8.47 14.93
C ALA F 340 18.79 9.79 14.20
N VAL F 341 19.89 10.53 14.04
CA VAL F 341 19.85 11.82 13.36
C VAL F 341 19.62 11.64 11.87
N CYS F 342 20.31 10.67 11.26
CA CYS F 342 20.06 10.37 9.86
C CYS F 342 18.63 9.93 9.61
N MET F 343 17.98 9.35 10.62
CA MET F 343 16.57 8.99 10.50
C MET F 343 15.63 10.18 10.63
N ASP F 344 16.19 11.36 10.97
CA ASP F 344 15.44 12.57 11.30
C ASP F 344 14.45 12.35 12.44
N LEU F 345 14.93 11.72 13.51
CA LEU F 345 14.19 11.63 14.77
C LEU F 345 14.53 12.82 15.65
N ASP F 346 13.60 13.18 16.55
CA ASP F 346 13.83 14.31 17.45
C ASP F 346 14.69 13.82 18.62
N THR F 347 15.97 14.17 18.62
CA THR F 347 16.91 13.64 19.59
C THR F 347 17.10 14.53 20.82
N ARG F 348 16.29 15.57 20.99
CA ARG F 348 16.47 16.46 22.14
C ARG F 348 15.67 16.02 23.36
N THR F 349 14.80 15.02 23.22
CA THR F 349 13.95 14.56 24.31
C THR F 349 13.83 13.05 24.27
N THR F 350 13.89 12.42 25.43
CA THR F 350 13.76 10.97 25.49
C THR F 350 12.34 10.52 25.16
N SER F 351 11.33 11.37 25.39
CA SER F 351 9.94 10.96 25.18
C SER F 351 9.59 10.70 23.73
N SER F 352 10.41 11.12 22.77
CA SER F 352 10.18 10.66 21.40
C SER F 352 10.61 9.21 21.18
N LEU F 353 11.29 8.58 22.17
CA LEU F 353 11.75 7.20 22.04
C LEU F 353 12.66 7.03 20.81
N TRP F 354 13.46 8.04 20.53
CA TRP F 354 14.41 7.97 19.42
C TRP F 354 15.44 6.86 19.64
N LYS F 355 15.87 6.64 20.87
CA LYS F 355 16.83 5.55 21.11
C LYS F 355 16.20 4.22 20.75
N ASP F 356 14.95 4.00 21.16
CA ASP F 356 14.32 2.72 20.86
C ASP F 356 14.09 2.55 19.37
N LYS F 357 13.76 3.64 18.67
CA LYS F 357 13.49 3.51 17.25
C LYS F 357 14.77 3.22 16.48
N ALA F 358 15.86 3.91 16.82
CA ALA F 358 17.11 3.69 16.10
C ALA F 358 17.67 2.29 16.36
N ALA F 359 17.55 1.80 17.60
CA ALA F 359 18.04 0.46 17.90
C ALA F 359 17.32 -0.61 17.09
N VAL F 360 16.00 -0.48 16.94
CA VAL F 360 15.25 -1.46 16.17
C VAL F 360 15.72 -1.44 14.71
N GLU F 361 15.94 -0.24 14.15
CA GLU F 361 16.40 -0.19 12.75
C GLU F 361 17.81 -0.74 12.58
N ILE F 362 18.70 -0.52 13.55
CA ILE F 362 20.03 -1.14 13.48
C ILE F 362 19.90 -2.65 13.49
N ASN F 363 18.99 -3.18 14.30
CA ASN F 363 18.84 -4.63 14.37
C ASN F 363 18.21 -5.17 13.10
N VAL F 364 17.29 -4.41 12.48
CA VAL F 364 16.74 -4.82 11.20
C VAL F 364 17.85 -4.87 10.15
N ALA F 365 18.74 -3.89 10.17
CA ALA F 365 19.86 -3.90 9.22
C ALA F 365 20.72 -5.15 9.41
N VAL F 366 20.99 -5.53 10.66
CA VAL F 366 21.83 -6.71 10.90
C VAL F 366 21.20 -7.97 10.31
N LEU F 367 19.91 -8.22 10.61
CA LEU F 367 19.24 -9.41 10.10
C LEU F 367 19.20 -9.42 8.59
N HIS F 368 18.82 -8.30 8.00
CA HIS F 368 18.77 -8.24 6.55
C HIS F 368 20.13 -8.51 5.94
N SER F 369 21.18 -7.91 6.49
CA SER F 369 22.52 -8.04 5.92
C SER F 369 23.04 -9.48 6.00
N TYR F 370 22.83 -10.15 7.14
CA TYR F 370 23.26 -11.55 7.22
C TYR F 370 22.43 -12.44 6.28
N GLN F 371 21.12 -12.20 6.19
CA GLN F 371 20.33 -12.99 5.25
C GLN F 371 20.76 -12.72 3.82
N LEU F 372 21.07 -11.46 3.50
CA LEU F 372 21.58 -11.12 2.18
C LEU F 372 22.89 -11.84 1.89
N ALA F 373 23.79 -11.83 2.86
CA ALA F 373 25.08 -12.47 2.71
C ALA F 373 24.99 -14.01 2.82
N LYS F 374 23.81 -14.56 3.09
CA LYS F 374 23.63 -16.00 3.30
C LYS F 374 24.51 -16.53 4.44
N VAL F 375 24.58 -15.78 5.53
CA VAL F 375 25.26 -16.21 6.75
C VAL F 375 24.22 -16.46 7.85
N THR F 376 24.30 -17.62 8.48
CA THR F 376 23.39 -18.01 9.56
C THR F 376 23.29 -16.95 10.65
N ILE F 377 22.06 -16.65 11.06
CA ILE F 377 21.80 -15.71 12.13
C ILE F 377 20.39 -15.98 12.61
N VAL F 378 20.14 -15.72 13.88
CA VAL F 378 18.80 -15.97 14.43
C VAL F 378 18.33 -14.70 15.15
N ASP F 379 17.06 -14.35 14.97
CA ASP F 379 16.58 -13.18 15.71
C ASP F 379 16.10 -13.60 17.10
N HIS F 380 15.98 -12.61 17.99
CA HIS F 380 15.69 -12.93 19.38
C HIS F 380 14.32 -13.55 19.57
N HIS F 381 13.34 -13.31 18.67
CA HIS F 381 12.06 -14.01 18.80
C HIS F 381 12.17 -15.49 18.48
N ALA F 382 12.92 -15.84 17.44
CA ALA F 382 13.09 -17.26 17.16
C ALA F 382 13.95 -17.94 18.23
N ALA F 383 15.06 -17.31 18.60
CA ALA F 383 15.96 -17.88 19.60
C ALA F 383 15.24 -18.18 20.90
N THR F 384 14.48 -17.22 21.42
CA THR F 384 13.82 -17.44 22.70
C THR F 384 12.68 -18.46 22.58
N ALA F 385 12.00 -18.50 21.43
CA ALA F 385 10.99 -19.54 21.26
C ALA F 385 11.61 -20.94 21.29
N SER F 386 12.78 -21.08 20.69
CA SER F 386 13.45 -22.37 20.71
C SER F 386 13.93 -22.70 22.11
N PHE F 387 14.38 -21.69 22.85
CA PHE F 387 14.73 -21.94 24.23
C PHE F 387 13.53 -22.46 25.01
N MET F 388 12.34 -21.86 24.84
CA MET F 388 11.17 -22.41 25.52
C MET F 388 10.99 -23.90 25.22
N LYS F 389 11.23 -24.30 23.96
CA LYS F 389 11.15 -25.71 23.62
C LYS F 389 12.22 -26.51 24.38
N HIS F 390 13.40 -25.94 24.53
CA HIS F 390 14.46 -26.61 25.28
C HIS F 390 14.04 -26.82 26.73
N LEU F 391 13.37 -25.83 27.31
CA LEU F 391 12.94 -25.94 28.70
C LEU F 391 11.97 -27.11 28.89
N GLU F 392 11.04 -27.28 27.96
CA GLU F 392 10.14 -28.41 28.04
C GLU F 392 10.88 -29.74 27.78
N ASN F 393 11.84 -29.75 26.85
CA ASN F 393 12.60 -30.97 26.62
C ASN F 393 13.37 -31.37 27.87
N GLU F 394 14.01 -30.40 28.52
CA GLU F 394 14.85 -30.71 29.66
C GLU F 394 14.03 -31.02 30.90
N GLN F 395 12.80 -30.51 30.98
CA GLN F 395 11.90 -30.88 32.06
C GLN F 395 11.55 -32.36 31.97
N LYS F 396 11.37 -32.88 30.75
CA LYS F 396 11.10 -34.30 30.58
C LYS F 396 12.35 -35.15 30.83
N ALA F 397 13.52 -34.73 30.35
CA ALA F 397 14.72 -35.56 30.39
C ALA F 397 15.35 -35.59 31.77
N ARG F 398 15.56 -34.42 32.37
CA ARG F 398 16.30 -34.30 33.60
C ARG F 398 15.52 -33.72 34.75
N GLY F 399 14.29 -33.27 34.53
CA GLY F 399 13.53 -32.67 35.60
C GLY F 399 13.87 -31.21 35.87
N GLY F 400 14.64 -30.57 35.01
CA GLY F 400 14.84 -29.15 35.15
C GLY F 400 15.90 -28.67 34.18
N CYS F 401 16.21 -27.41 34.32
CA CYS F 401 17.14 -26.78 33.41
C CYS F 401 17.70 -25.55 34.11
N PRO F 402 19.02 -25.43 34.27
CA PRO F 402 19.56 -24.22 34.91
C PRO F 402 19.54 -23.08 33.92
N ALA F 403 19.00 -21.93 34.33
CA ALA F 403 18.87 -20.81 33.42
C ALA F 403 18.99 -19.50 34.18
N ASP F 404 19.72 -18.53 33.59
CA ASP F 404 19.95 -17.23 34.21
C ASP F 404 19.04 -16.20 33.52
N TRP F 405 17.90 -15.90 34.16
CA TRP F 405 16.86 -15.06 33.57
C TRP F 405 17.42 -13.77 32.97
N ALA F 406 18.30 -13.09 33.71
CA ALA F 406 18.84 -11.81 33.27
C ALA F 406 19.66 -11.91 31.99
N TRP F 407 20.07 -13.09 31.60
CA TRP F 407 20.89 -13.27 30.41
C TRP F 407 20.16 -13.99 29.31
N ILE F 408 19.07 -14.70 29.63
CA ILE F 408 18.26 -15.37 28.64
C ILE F 408 17.28 -14.37 28.00
N VAL F 409 16.83 -13.38 28.76
CA VAL F 409 15.93 -12.35 28.26
C VAL F 409 16.74 -11.44 27.35
N PRO F 410 16.32 -11.28 26.10
CA PRO F 410 17.08 -10.45 25.14
C PRO F 410 17.21 -9.02 25.62
N PRO F 411 18.25 -8.31 25.19
CA PRO F 411 18.49 -6.94 25.68
C PRO F 411 17.62 -5.86 25.06
N ILE F 412 16.83 -6.17 24.03
CA ILE F 412 15.73 -5.31 23.61
C ILE F 412 14.47 -6.16 23.54
N SER F 413 13.31 -5.52 23.75
CA SER F 413 12.00 -6.16 23.56
C SER F 413 11.78 -7.35 24.49
N GLY F 414 12.43 -7.35 25.66
CA GLY F 414 12.32 -8.43 26.62
C GLY F 414 10.95 -9.05 26.79
N SER F 415 9.94 -8.25 27.18
CA SER F 415 8.62 -8.84 27.45
C SER F 415 7.87 -9.24 26.20
N LEU F 416 8.38 -8.89 25.01
CA LEU F 416 7.78 -9.38 23.79
C LEU F 416 8.14 -10.84 23.52
N THR F 417 9.17 -11.38 24.19
CA THR F 417 9.53 -12.78 23.96
C THR F 417 8.89 -13.67 25.01
N PRO F 418 8.76 -14.98 24.72
CA PRO F 418 8.11 -15.87 25.69
C PRO F 418 8.93 -16.21 26.94
N VAL F 419 10.24 -15.91 26.97
CA VAL F 419 11.01 -16.25 28.18
C VAL F 419 10.79 -15.21 29.28
N PHE F 420 10.32 -14.01 28.94
CA PHE F 420 10.20 -12.94 29.92
C PHE F 420 9.31 -13.38 31.07
N HIS F 421 8.23 -14.09 30.76
CA HIS F 421 7.23 -14.45 31.74
C HIS F 421 7.47 -15.83 32.33
N GLN F 422 8.60 -16.45 32.02
CA GLN F 422 9.00 -17.77 32.51
C GLN F 422 9.90 -17.61 33.74
N GLU F 423 9.41 -18.01 34.90
CA GLU F 423 10.30 -18.12 36.06
C GLU F 423 11.39 -19.14 35.77
N MET F 424 12.60 -18.88 36.29
CA MET F 424 13.77 -19.73 36.04
C MET F 424 14.55 -20.00 37.33
N VAL F 425 15.25 -21.13 37.37
CA VAL F 425 16.09 -21.52 38.50
C VAL F 425 17.54 -21.58 38.02
N ASN F 426 18.43 -20.85 38.68
CA ASN F 426 19.83 -20.80 38.28
C ASN F 426 20.71 -21.52 39.29
N TYR F 427 21.48 -22.49 38.81
CA TYR F 427 22.40 -23.28 39.63
C TYR F 427 23.51 -23.78 38.74
N PHE F 428 24.54 -24.35 39.36
CA PHE F 428 25.77 -24.73 38.67
C PHE F 428 25.83 -26.25 38.63
N LEU F 429 25.77 -26.80 37.43
CA LEU F 429 26.01 -28.23 37.22
C LEU F 429 27.34 -28.38 36.49
N SER F 430 27.94 -29.55 36.65
CA SER F 430 29.16 -29.94 35.96
C SER F 430 28.89 -31.17 35.09
N PRO F 431 29.57 -31.31 33.92
CA PRO F 431 30.59 -30.49 33.27
C PRO F 431 30.14 -29.05 33.03
N ALA F 432 31.09 -28.13 32.92
CA ALA F 432 30.71 -26.74 32.83
C ALA F 432 31.77 -25.97 32.07
N PHE F 433 31.37 -24.82 31.53
CA PHE F 433 32.33 -23.78 31.13
C PHE F 433 32.48 -22.77 32.25
N ARG F 434 33.69 -22.29 32.44
CA ARG F 434 34.01 -21.39 33.56
C ARG F 434 34.96 -20.30 33.09
N TYR F 435 34.85 -19.12 33.73
CA TYR F 435 35.83 -18.10 33.49
C TYR F 435 37.14 -18.47 34.19
N GLN F 436 38.23 -17.99 33.63
CA GLN F 436 39.55 -18.24 34.20
C GLN F 436 40.35 -16.95 34.10
N PRO F 437 41.33 -16.76 34.97
CA PRO F 437 42.13 -15.54 34.91
C PRO F 437 42.84 -15.40 33.58
N ASP F 438 43.00 -14.15 33.13
CA ASP F 438 43.82 -13.86 31.97
C ASP F 438 45.25 -14.34 32.20
N PRO F 439 45.94 -14.79 31.14
CA PRO F 439 47.30 -15.31 31.27
C PRO F 439 48.38 -14.25 31.11
N TRP F 440 48.22 -13.14 31.81
CA TRP F 440 49.22 -12.06 31.79
C TRP F 440 49.05 -11.14 32.99
CHA HEM G . 17.98 12.32 -27.56
CHB HEM G . 22.62 13.04 -26.39
CHC HEM G . 24.04 10.21 -30.04
CHD HEM G . 19.49 10.24 -31.65
C1A HEM G . 19.12 12.67 -26.88
C2A HEM G . 19.16 13.32 -25.57
C3A HEM G . 20.45 13.52 -25.28
C4A HEM G . 21.24 12.99 -26.36
CMA HEM G . 21.05 14.17 -24.00
CAA HEM G . 17.93 13.72 -24.74
CBA HEM G . 17.86 12.96 -23.41
CGA HEM G . 16.53 13.15 -22.74
O1A HEM G . 16.06 14.32 -22.61
O2A HEM G . 15.94 12.12 -22.33
C1B HEM G . 23.39 12.34 -27.27
C2B HEM G . 24.82 12.24 -27.19
C3B HEM G . 25.25 11.48 -28.18
C4B HEM G . 24.07 11.06 -28.94
CMB HEM G . 25.68 12.93 -26.12
CAB HEM G . 26.74 11.13 -28.42
CBB HEM G . 27.19 10.61 -29.58
C1C HEM G . 22.92 9.93 -30.79
C2C HEM G . 22.86 9.05 -31.93
C3C HEM G . 21.60 9.06 -32.39
C4C HEM G . 20.84 9.96 -31.53
CMC HEM G . 24.09 8.27 -32.46
CAC HEM G . 20.98 8.33 -33.59
CBC HEM G . 21.73 7.92 -34.62
C1D HEM G . 18.69 10.77 -30.67
C2D HEM G . 17.25 10.86 -30.74
C3D HEM G . 16.82 11.42 -29.61
C4D HEM G . 17.99 11.72 -28.80
CMD HEM G . 16.37 10.36 -31.90
CAD HEM G . 15.35 11.73 -29.24
CBD HEM G . 14.72 10.51 -28.58
CGD HEM G . 13.30 10.79 -28.14
O1D HEM G . 12.72 11.83 -28.54
O2D HEM G . 12.73 9.95 -27.38
NA HEM G . 20.41 12.49 -27.33
NB HEM G . 22.95 11.60 -28.34
NC HEM G . 21.67 10.46 -30.56
ND HEM G . 19.12 11.32 -29.47
FE HEM G . 21.05 11.78 -29.15
N29 M16 H . 10.81 9.70 -24.50
C28 M16 H . 11.41 8.83 -23.47
C27 M16 H . 12.51 9.56 -22.69
C24 M16 H . 13.84 9.43 -23.42
C23 M16 H . 14.96 8.98 -22.75
C22 M16 H . 16.18 8.85 -23.42
C25 M16 H . 13.95 9.75 -24.75
C26 M16 H . 15.15 9.62 -25.44
C21 M16 H . 16.28 9.18 -24.77
C08 M16 H . 17.59 9.01 -25.44
C09 M16 H . 18.75 9.45 -24.81
C07 M16 H . 17.68 8.39 -26.68
C06 M16 H . 18.93 8.22 -27.29
C05 M16 H . 20.09 8.66 -26.65
C04 M16 H . 21.35 8.51 -27.23
C11 M16 H . 21.52 7.83 -28.57
C03 M16 H . 22.47 8.98 -26.58
C02 M16 H . 22.33 9.60 -25.35
N02 M16 H . 23.42 10.06 -24.68
N01 M16 H . 21.10 9.74 -24.82
C10 M16 H . 19.99 9.29 -25.42
N29 M16 I . 8.72 6.92 -21.36
C28 M16 I . 8.06 7.21 -20.07
C27 M16 I . 9.07 7.76 -19.05
C24 M16 I . 9.18 9.26 -19.22
C23 M16 I . 9.29 9.79 -20.50
C22 M16 I . 9.40 11.17 -20.68
C25 M16 I . 9.19 10.10 -18.11
C26 M16 I . 9.31 11.48 -18.29
C21 M16 I . 9.41 12.01 -19.58
C08 M16 I . 9.52 13.47 -19.85
C09 M16 I . 10.74 14.01 -20.24
C07 M16 I . 8.39 14.29 -19.77
C06 M16 I . 8.47 15.65 -20.05
C05 M16 I . 9.70 16.19 -20.42
C04 M16 I . 9.80 17.53 -20.71
C11 M16 I . 8.56 18.39 -20.61
C03 M16 I . 11.06 18.04 -21.08
C02 M16 I . 12.16 17.18 -21.15
N02 M16 I . 13.40 17.59 -21.49
N01 M16 I . 12.01 15.87 -20.88
C10 M16 I . 10.82 15.37 -20.52
C1 BTB J . 26.53 9.00 6.00
O1 BTB J . 25.65 7.98 6.47
C2 BTB J . 27.03 9.82 7.19
C3 BTB J . 26.48 11.25 7.17
O3 BTB J . 26.56 11.94 8.43
C4 BTB J . 26.47 9.11 8.42
O4 BTB J . 27.21 9.27 9.62
N BTB J . 28.52 9.83 7.08
C5 BTB J . 28.92 10.67 5.93
C6 BTB J . 30.14 11.55 6.24
O6 BTB J . 29.75 12.76 6.89
C7 BTB J . 29.08 8.47 6.98
C8 BTB J . 30.52 8.36 7.50
O8 BTB J . 30.65 9.02 8.77
C1 BTB K . 10.21 13.63 3.59
O1 BTB K . 11.36 13.95 2.78
C2 BTB K . 10.61 13.27 5.03
C3 BTB K . 9.39 12.65 5.72
O3 BTB K . 9.80 11.48 6.43
C4 BTB K . 11.71 12.20 5.04
O4 BTB K . 11.40 11.14 4.13
N BTB K . 11.03 14.43 5.87
C5 BTB K . 10.84 15.74 5.23
C6 BTB K . 9.46 16.31 5.52
O6 BTB K . 8.82 16.49 4.25
C7 BTB K . 12.45 14.33 6.26
C8 BTB K . 12.69 15.16 7.51
O8 BTB K . 13.12 16.48 7.21
ZN ZN L . 4.39 25.50 -30.35
GD GD M . 29.09 11.23 9.51
GD GD N . 15.25 -5.40 -55.09
C1 BTB O . 18.78 -5.33 -58.35
O1 BTB O . 18.91 -6.33 -59.36
C2 BTB O . 17.45 -5.46 -57.58
C3 BTB O . 16.30 -4.80 -58.32
O3 BTB O . 15.06 -5.22 -57.73
C4 BTB O . 17.13 -6.94 -57.42
O4 BTB O . 16.88 -7.33 -56.07
N BTB O . 17.61 -4.78 -56.27
C5 BTB O . 17.93 -3.36 -56.53
C6 BTB O . 17.32 -2.41 -55.51
O6 BTB O . 15.96 -2.78 -55.25
C7 BTB O . 18.69 -5.47 -55.54
C8 BTB O . 18.68 -5.15 -54.05
O8 BTB O . 17.44 -5.53 -53.46
ZN ZN P . 13.13 13.38 -15.86
CHA HEM Q . 6.62 36.75 -14.86
CHB HEM Q . 7.10 35.31 -10.27
CHC HEM Q . 3.53 38.33 -9.04
CHD HEM Q . 2.62 39.19 -13.72
C1A HEM Q . 7.11 36.17 -13.73
C2A HEM Q . 8.31 35.34 -13.65
C3A HEM Q . 8.44 34.94 -12.38
C4A HEM Q . 7.34 35.50 -11.62
CMA HEM Q . 9.56 34.06 -11.81
CAA HEM Q . 9.23 35.01 -14.84
CBA HEM Q . 10.35 36.03 -14.92
CGA HEM Q . 11.53 35.47 -15.67
O1A HEM Q . 11.50 34.25 -16.01
O2A HEM Q . 12.50 36.22 -15.94
C1B HEM Q . 6.16 36.00 -9.51
C2B HEM Q . 5.95 35.87 -8.09
C3B HEM Q . 4.97 36.69 -7.74
C4B HEM Q . 4.51 37.38 -8.94
CMB HEM Q . 6.74 34.95 -7.14
CAB HEM Q . 4.49 36.84 -6.28
CBB HEM Q . 3.29 37.32 -5.96
C1C HEM Q . 2.99 38.87 -10.20
C2C HEM Q . 1.95 39.87 -10.27
C3C HEM Q . 1.70 40.11 -11.57
C4C HEM Q . 2.57 39.26 -12.34
CMC HEM Q . 1.31 40.51 -9.03
CAC HEM Q . 0.67 41.06 -12.22
CBC HEM Q . -0.42 41.51 -11.57
C1D HEM Q . 3.64 38.61 -14.44
C2D HEM Q . 3.79 38.66 -15.86
C3D HEM Q . 4.91 37.98 -16.17
C4D HEM Q . 5.48 37.49 -14.95
CMD HEM Q . 2.83 39.36 -16.85
CAD HEM Q . 5.48 37.72 -17.56
CBD HEM Q . 6.14 38.94 -18.18
CGD HEM Q . 6.55 38.49 -19.57
O1D HEM Q . 5.71 37.93 -20.32
O2D HEM Q . 7.73 38.72 -19.92
NA HEM Q . 6.54 36.26 -12.47
NB HEM Q . 5.25 36.92 -10.01
NC HEM Q . 3.35 38.51 -11.49
ND HEM Q . 4.69 37.89 -13.89
FE HEM Q . 4.68 37.06 -12.05
N29 M16 R . 10.80 39.62 -21.21
C28 M16 R . 11.72 40.40 -20.38
C27 M16 R . 12.32 39.54 -19.27
C24 M16 R . 11.44 39.57 -18.04
C23 M16 R . 11.99 39.64 -16.77
C22 M16 R . 11.16 39.68 -15.66
C25 M16 R . 10.05 39.57 -18.18
C26 M16 R . 9.23 39.61 -17.06
C21 M16 R . 9.78 39.63 -15.79
C08 M16 R . 8.97 39.72 -14.54
C09 M16 R . 9.40 39.07 -13.39
C07 M16 R . 7.81 40.49 -14.49
C06 M16 R . 7.09 40.59 -13.30
C05 M16 R . 7.54 39.93 -12.15
C04 M16 R . 6.84 40.04 -10.96
C11 M16 R . 5.59 40.87 -10.86
C03 M16 R . 7.30 39.37 -9.84
C02 M16 R . 8.46 38.59 -9.92
N02 M16 R . 8.89 37.95 -8.80
N01 M16 R . 9.12 38.52 -11.08
C10 M16 R . 8.69 39.16 -12.19
N29 M16 S . 15.59 42.46 -22.94
C28 M16 S . 16.94 41.88 -23.12
C27 M16 S . 17.34 41.03 -21.91
C24 M16 S . 16.89 39.59 -22.07
C23 M16 S . 15.62 39.30 -22.54
C22 M16 S . 15.24 37.98 -22.68
C25 M16 S . 17.77 38.55 -21.74
C26 M16 S . 17.38 37.22 -21.88
C21 M16 S . 16.11 36.95 -22.36
C08 M16 S . 15.61 35.55 -22.53
C09 M16 S . 14.99 34.95 -21.46
C07 M16 S . 15.73 34.88 -23.73
C06 M16 S . 15.23 33.59 -23.88
C05 M16 S . 14.62 32.98 -22.80
C04 M16 S . 14.11 31.69 -22.92
C11 M16 S . 14.23 30.97 -24.23
C03 M16 S . 13.49 31.10 -21.81
C02 M16 S . 13.42 31.83 -20.63
N02 M16 S . 12.85 31.32 -19.52
N01 M16 S . 13.90 33.08 -20.54
C10 M16 S . 14.50 33.65 -21.60
C1 BTB T . 32.78 27.97 11.24
O1 BTB T . 33.19 26.60 11.24
C2 BTB T . 32.63 28.47 9.81
C3 BTB T . 32.05 27.37 8.92
O3 BTB T . 32.08 27.73 7.53
C4 BTB T . 31.63 29.64 9.86
O4 BTB T . 31.71 30.45 8.69
N BTB T . 33.93 29.01 9.31
C5 BTB T . 35.00 28.03 8.96
C6 BTB T . 35.05 27.58 7.48
O6 BTB T . 35.73 28.52 6.60
C7 BTB T . 34.45 30.05 10.21
C8 BTB T . 35.52 30.85 9.47
O8 BTB T . 34.99 31.42 8.27
C1 BTB U . 0.16 71.56 -18.00
O1 BTB U . 0.32 72.59 -17.03
C2 BTB U . 0.88 71.98 -19.30
C3 BTB U . 0.46 71.04 -20.42
O3 BTB U . -0.64 70.21 -20.00
C4 BTB U . 0.39 73.36 -19.71
O4 BTB U . -0.36 73.92 -18.62
N BTB U . 2.36 72.07 -19.08
C5 BTB U . 3.11 71.95 -20.35
C6 BTB U . 4.33 72.87 -20.46
O6 BTB U . 4.25 74.03 -19.62
C7 BTB U . 2.87 71.23 -17.94
C8 BTB U . 4.23 71.61 -17.35
O8 BTB U . 4.23 72.91 -16.74
C1 BTB V . 38.10 35.14 -16.74
O1 BTB V . 39.27 35.91 -16.36
C2 BTB V . 38.29 34.40 -18.07
C3 BTB V . 36.93 34.32 -18.77
O3 BTB V . 36.08 35.36 -18.29
C4 BTB V . 39.27 35.16 -18.96
O4 BTB V . 38.83 35.18 -20.34
N BTB V . 38.73 33.01 -17.84
C5 BTB V . 39.71 32.92 -16.74
C6 BTB V . 41.10 32.51 -17.18
O6 BTB V . 41.20 31.09 -17.07
C7 BTB V . 39.27 32.42 -19.10
C8 BTB V . 38.48 31.17 -19.48
O8 BTB V . 39.15 30.53 -20.57
C1 BTB W . -27.82 46.80 -29.53
O1 BTB W . -27.82 46.45 -28.14
C2 BTB W . -26.89 45.93 -30.40
C3 BTB W . -25.43 46.12 -30.03
O3 BTB W . -25.00 47.48 -30.23
C4 BTB W . -27.23 44.45 -30.25
O4 BTB W . -26.02 43.67 -30.31
N BTB W . -27.12 46.34 -31.80
C5 BTB W . -28.55 46.54 -32.03
C6 BTB W . -28.67 47.70 -33.01
O6 BTB W . -27.90 48.81 -32.54
C7 BTB W . -26.64 45.37 -32.80
C8 BTB W . -25.37 45.86 -33.49
O8 BTB W . -24.22 45.35 -32.79
GD GD X . 33.38 29.89 6.78
GD GD Y . 2.25 74.40 -17.79
ZN ZN Z . 18.70 34.82 -18.47
CHA HEM AA . -21.53 -26.21 -19.62
CHB HEM AA . -16.99 -25.29 -18.20
CHC HEM AA . -15.38 -27.83 -21.97
CHD HEM AA . -19.82 -27.92 -23.88
C1A HEM AA . -20.46 -25.85 -18.83
C2A HEM AA . -20.48 -25.45 -17.43
C3A HEM AA . -19.21 -25.20 -17.06
C4A HEM AA . -18.35 -25.45 -18.19
CMA HEM AA . -18.69 -24.73 -15.68
CAA HEM AA . -21.74 -25.29 -16.54
CBA HEM AA . -21.95 -26.52 -15.66
CGA HEM AA . -23.05 -26.23 -14.66
O1A HEM AA . -23.21 -25.04 -14.25
O2A HEM AA . -23.77 -27.18 -14.27
C1B HEM AA . -16.15 -25.91 -19.08
C2B HEM AA . -14.70 -25.95 -18.98
C3B HEM AA . -14.24 -26.66 -20.03
C4B HEM AA . -15.39 -27.08 -20.82
CMB HEM AA . -13.86 -25.30 -17.86
CAB HEM AA . -12.75 -26.94 -20.27
CBB HEM AA . -12.24 -27.48 -21.39
C1C HEM AA . -16.44 -28.12 -22.82
C2C HEM AA . -16.40 -28.95 -24.00
C3C HEM AA . -17.63 -29.00 -24.53
C4C HEM AA . -18.48 -28.17 -23.71
CMC HEM AA . -15.12 -29.68 -24.48
CAC HEM AA . -18.14 -29.72 -25.81
CBC HEM AA . -17.37 -29.88 -26.89
C1D HEM AA . -20.69 -27.52 -22.87
C2D HEM AA . -22.13 -27.55 -22.91
C3D HEM AA . -22.58 -27.09 -21.76
C4D HEM AA . -21.47 -26.73 -20.91
CMD HEM AA . -22.99 -28.03 -24.08
CAD HEM AA . -24.07 -26.94 -21.40
CBD HEM AA . -24.62 -28.21 -20.81
CGD HEM AA . -26.09 -28.00 -20.54
O1D HEM AA . -26.70 -27.00 -21.04
O2D HEM AA . -26.67 -28.85 -19.83
NA HEM AA . -19.14 -25.85 -19.24
NB HEM AA . -16.53 -26.60 -20.20
NC HEM AA . -17.72 -27.66 -22.68
ND HEM AA . -20.33 -27.02 -21.64
FE HEM AA . -18.51 -26.58 -21.10
N29 M16 BA . -28.74 -29.37 -17.07
C28 M16 BA . -28.20 -30.52 -16.35
C27 M16 BA . -27.13 -30.12 -15.34
C24 M16 BA . -25.76 -30.05 -15.99
C23 M16 BA . -24.65 -30.48 -15.31
C22 M16 BA . -23.39 -30.42 -15.91
C25 M16 BA . -25.61 -29.56 -17.27
C26 M16 BA . -24.36 -29.49 -17.88
C21 M16 BA . -23.24 -29.90 -17.20
C08 M16 BA . -21.89 -29.86 -17.79
C09 M16 BA . -20.80 -29.43 -17.06
C07 M16 BA . -21.69 -30.30 -19.10
C06 M16 BA . -20.42 -30.31 -19.65
C05 M16 BA . -19.33 -29.86 -18.92
C04 M16 BA . -18.05 -29.85 -19.46
C11 M16 BA . -17.83 -30.32 -20.87
C03 M16 BA . -16.98 -29.39 -18.71
C02 M16 BA . -17.22 -28.96 -17.41
N02 M16 BA . -16.19 -28.51 -16.64
N01 M16 BA . -18.47 -28.98 -16.91
C10 M16 BA . -19.52 -29.42 -17.62
N29 M16 CA . -31.03 -32.51 -14.16
C28 M16 CA . -31.53 -32.62 -12.78
C27 M16 CA . -30.53 -32.08 -11.76
C24 M16 CA . -30.51 -30.56 -11.78
C23 M16 CA . -30.20 -29.88 -12.96
C22 M16 CA . -30.18 -28.50 -12.99
C25 M16 CA . -30.78 -29.83 -10.62
C26 M16 CA . -30.75 -28.43 -10.65
C21 M16 CA . -30.45 -27.77 -11.84
C08 M16 CA . -30.40 -26.29 -11.98
C09 M16 CA . -29.20 -25.68 -12.31
C07 M16 CA . -31.56 -25.51 -11.79
C06 M16 CA . -31.49 -24.12 -11.96
C05 M16 CA . -30.28 -23.53 -12.29
C04 M16 CA . -30.18 -22.15 -12.45
C11 M16 CA . -31.42 -21.30 -12.29
C03 M16 CA . -28.95 -21.58 -12.78
C02 M16 CA . -27.84 -22.42 -12.94
N02 M16 CA . -26.60 -21.96 -13.26
N01 M16 CA . -27.95 -23.75 -12.77
C10 M16 CA . -29.14 -24.30 -12.46
C1 BTB DA . -13.65 -31.51 14.53
O1 BTB DA . -15.06 -31.69 14.76
C2 BTB DA . -13.09 -30.65 15.66
C3 BTB DA . -13.87 -29.34 15.66
O3 BTB DA . -13.71 -28.57 16.85
C4 BTB DA . -13.32 -31.40 16.97
O4 BTB DA . -12.39 -31.01 17.98
N BTB DA . -11.63 -30.48 15.45
C5 BTB DA . -11.33 -29.63 14.28
C6 BTB DA . -10.86 -28.22 14.68
O6 BTB DA . -9.65 -28.27 15.45
C7 BTB DA . -10.95 -31.78 15.29
C8 BTB DA . -9.49 -31.73 15.76
O8 BTB DA . -9.38 -31.98 17.17
C1 BTB EA . -26.79 -61.55 -31.38
O1 BTB EA . -26.73 -62.26 -30.13
C2 BTB EA . -27.66 -60.29 -31.29
C3 BTB EA . -27.53 -59.67 -29.89
O3 BTB EA . -27.16 -60.62 -28.88
C4 BTB EA . -27.10 -59.28 -32.30
O4 BTB EA . -27.11 -59.86 -33.61
N BTB EA . -29.07 -60.57 -31.78
C5 BTB EA . -30.16 -59.60 -31.41
C6 BTB EA . -30.79 -59.63 -30.02
O6 BTB EA . -31.87 -58.71 -29.93
C7 BTB EA . -29.43 -62.02 -31.84
C8 BTB EA . -30.14 -62.70 -30.67
O8 BTB EA . -29.55 -62.32 -29.42
C1 BTB FA . -29.82 -27.13 11.71
O1 BTB FA . -28.48 -27.02 11.24
C2 BTB FA . -29.87 -28.20 12.79
C3 BTB FA . -31.22 -28.88 12.74
O3 BTB FA . -31.41 -29.46 11.44
C4 BTB FA . -28.78 -29.22 12.48
O4 BTB FA . -29.01 -29.70 11.15
N BTB FA . -29.67 -27.61 14.15
C5 BTB FA . -28.99 -26.31 14.12
C6 BTB FA . -29.91 -25.23 14.69
O6 BTB FA . -30.71 -24.70 13.62
C7 BTB FA . -28.88 -28.50 15.03
C8 BTB FA . -29.79 -29.43 15.83
O8 BTB FA . -31.03 -28.75 16.07
ZN ZN GA . -35.85 -13.70 -21.68
C1 GOL HA . -10.50 -42.24 -41.10
O1 GOL HA . -10.73 -43.58 -40.72
C2 GOL HA . -9.53 -41.59 -40.12
O2 GOL HA . -10.25 -40.95 -39.09
C3 GOL HA . -8.67 -40.56 -40.86
O3 GOL HA . -8.74 -39.36 -40.13
GD GD IA . -11.19 -28.55 17.70
ZN ZN JA . -26.85 -26.42 -7.71
CHA HEM KA . -34.69 -3.74 -5.31
CHB HEM KA . -34.20 -5.55 -0.84
CHC HEM KA . -37.90 -2.80 0.72
CHD HEM KA . -38.81 -1.55 -3.86
C1A HEM KA . -34.15 -4.39 -4.23
C2A HEM KA . -32.90 -5.13 -4.18
C3A HEM KA . -32.80 -5.63 -2.93
C4A HEM KA . -33.96 -5.22 -2.17
CMA HEM KA . -31.69 -6.47 -2.28
CAA HEM KA . -31.94 -5.29 -5.37
CBA HEM KA . -30.62 -4.69 -4.95
CGA HEM KA . -29.54 -4.91 -5.98
O1A HEM KA . -29.67 -5.90 -6.78
O2A HEM KA . -28.58 -4.10 -5.99
C1B HEM KA . -35.15 -4.99 -0.01
C2B HEM KA . -35.32 -5.24 1.39
C3B HEM KA . -36.35 -4.50 1.83
C4B HEM KA . -36.86 -3.71 0.71
CMB HEM KA . -34.46 -6.22 2.24
CAB HEM KA . -36.85 -4.46 3.28
CBB HEM KA . -38.01 -3.87 3.64
C1C HEM KA . -38.48 -2.17 -0.37
C2C HEM KA . -39.59 -1.21 -0.37
C3C HEM KA . -39.85 -0.85 -1.65
C4C HEM KA . -38.89 -1.60 -2.49
CMC HEM KA . -40.27 -0.72 0.91
CAC HEM KA . -40.91 0.11 -2.24
CBC HEM KA . -42.03 0.48 -1.58
C1D HEM KA . -37.75 -2.02 -4.63
C2D HEM KA . -37.59 -1.76 -6.02
C3D HEM KA . -36.47 -2.35 -6.41
C4D HEM KA . -35.87 -3.02 -5.27
CMD HEM KA . -38.53 -0.94 -6.95
CAD HEM KA . -35.93 -2.34 -7.84
CBD HEM KA . -34.76 -1.38 -7.90
CGD HEM KA . -34.41 -1.16 -9.34
O1D HEM KA . -35.03 -1.84 -10.22
O2D HEM KA . -33.52 -0.31 -9.63
NA HEM KA . -34.76 -4.46 -2.99
NB HEM KA . -36.11 -4.05 -0.42
NC HEM KA . -38.11 -2.38 -1.68
ND HEM KA . -36.68 -2.81 -4.18
FE HEM KA . -36.60 -3.71 -2.43
N29 M16 LA . -30.67 -0.04 -11.10
C28 M16 LA . -29.45 0.52 -10.49
C27 M16 LA . -28.94 -0.42 -9.40
C24 M16 LA . -29.85 -0.43 -8.19
C23 M16 LA . -29.79 -1.50 -7.31
C22 M16 LA . -30.61 -1.53 -6.21
C25 M16 LA . -30.75 0.60 -7.93
C26 M16 LA . -31.57 0.55 -6.81
C21 M16 LA . -31.51 -0.53 -5.94
C08 M16 LA . -32.37 -0.60 -4.71
C09 M16 LA . -31.92 -1.31 -3.60
C07 M16 LA . -33.58 0.07 -4.63
C06 M16 LA . -34.34 0.00 -3.46
C05 M16 LA . -33.90 -0.72 -2.36
C04 M16 LA . -34.63 -0.79 -1.17
C11 M16 LA . -35.95 -0.09 -1.03
C03 M16 LA . -34.15 -1.53 -0.11
C02 M16 LA . -32.92 -2.17 -0.24
N02 M16 LA . -32.40 -2.90 0.76
N01 M16 LA . -32.23 -2.07 -1.37
C10 M16 LA . -32.67 -1.37 -2.43
N29 M16 MA . -25.55 3.14 -12.65
C28 M16 MA . -24.13 2.85 -12.41
C27 M16 MA . -23.99 1.90 -11.21
C24 M16 MA . -24.34 0.47 -11.59
C23 M16 MA . -25.62 -0.03 -11.37
C22 M16 MA . -25.91 -1.34 -11.70
C25 M16 MA . -23.36 -0.36 -12.15
C26 M16 MA . -23.67 -1.68 -12.49
C21 M16 MA . -24.95 -2.17 -12.26
C08 M16 MA . -25.33 -3.57 -12.59
C09 M16 MA . -25.98 -4.32 -11.61
C07 M16 MA . -25.08 -4.14 -13.84
C06 M16 MA . -25.48 -5.44 -14.12
C05 M16 MA . -26.12 -6.19 -13.12
C04 M16 MA . -26.54 -7.47 -13.39
C11 M16 MA . -26.29 -8.06 -14.74
C03 M16 MA . -27.18 -8.22 -12.38
C02 M16 MA . -27.39 -7.61 -11.14
N02 M16 MA . -28.01 -8.30 -10.15
N01 M16 MA . -26.99 -6.34 -10.91
C10 M16 MA . -26.37 -5.62 -11.87
C1 BTB NA . -8.99 -13.07 20.70
O1 BTB NA . -8.09 -14.14 21.00
C2 BTB NA . -8.82 -12.57 19.26
C3 BTB NA . -8.98 -13.72 18.25
O3 BTB NA . -9.14 -13.23 16.91
C4 BTB NA . -9.93 -11.57 18.91
O4 BTB NA . -9.61 -10.17 19.01
N BTB NA . -7.46 -11.96 19.09
C5 BTB NA . -6.47 -12.87 18.47
C6 BTB NA . -5.56 -11.96 17.64
O6 BTB NA . -5.86 -12.03 16.24
C7 BTB NA . -6.90 -11.19 20.22
C8 BTB NA . -6.99 -9.68 19.90
O8 BTB NA . -6.55 -9.40 18.55
C1 BTB OA . -40.04 32.32 -9.86
O1 BTB OA . -39.07 31.28 -10.03
C2 BTB OA . -40.41 32.36 -8.38
C3 BTB OA . -41.22 33.64 -8.18
O3 BTB OA . -41.88 33.61 -6.90
C4 BTB OA . -41.31 31.15 -8.16
O4 BTB OA . -42.15 31.26 -7.02
N BTB OA . -39.07 32.28 -7.69
C5 BTB OA . -38.90 31.55 -6.38
C6 BTB OA . -39.87 31.83 -5.24
O6 BTB OA . -40.37 33.13 -5.51
C7 BTB OA . -38.36 33.60 -7.77
C8 BTB OA . -37.78 34.18 -6.49
O8 BTB OA . -38.87 34.65 -5.67
C1 BTB PA . -69.30 4.73 -22.55
O1 BTB PA . -68.36 5.68 -22.03
C2 BTB PA . -69.23 3.45 -21.70
C3 BTB PA . -70.18 2.42 -22.33
O3 BTB PA . -71.23 1.87 -21.51
C4 BTB PA . -67.80 2.96 -21.91
O4 BTB PA . -67.66 2.38 -23.22
N BTB PA . -69.54 3.86 -20.29
C5 BTB PA . -69.66 2.78 -19.28
C6 BTB PA . -68.36 2.14 -18.80
O6 BTB PA . -68.19 2.38 -17.39
C7 BTB PA . -70.78 4.69 -20.32
C8 BTB PA . -71.66 4.51 -19.09
O8 BTB PA . -71.06 5.22 -18.01
GD GD QA . -3.36 1.77 4.03
GD GD RA . -8.19 -10.71 16.81
ZN ZN SA . -22.18 -4.69 -8.73
CHA HEM TA . 6.50 -1.34 41.50
CHB HEM TA . 6.97 2.86 39.04
CHC HEM TA . 5.16 5.17 42.91
CHD HEM TA . 5.44 1.11 45.57
C1A HEM TA . 6.66 -0.45 40.46
C2A HEM TA . 6.84 -0.76 39.05
C3A HEM TA . 6.97 0.39 38.37
C4A HEM TA . 6.87 1.49 39.32
CMA HEM TA . 7.20 0.55 36.85
CAA HEM TA . 6.88 -2.19 38.45
CBA HEM TA . 5.52 -2.48 37.83
CGA HEM TA . 5.42 -3.81 37.12
O1A HEM TA . 6.22 -4.06 36.19
O2A HEM TA . 4.51 -4.60 37.46
C1B HEM TA . 6.55 3.89 39.85
C2B HEM TA . 6.51 5.30 39.55
C3B HEM TA . 6.02 5.94 40.63
C4B HEM TA . 5.71 4.96 41.66
CMB HEM TA . 6.97 5.98 38.24
CAB HEM TA . 5.82 7.47 40.71
CBB HEM TA . 5.79 8.10 41.87
C1C HEM TA . 5.04 4.28 43.97
C2C HEM TA . 4.53 4.56 45.29
C3C HEM TA . 4.60 3.42 46.01
C4C HEM TA . 5.17 2.41 45.18
CMC HEM TA . 3.95 5.94 45.73
CAC HEM TA . 4.21 3.10 47.49
CBC HEM TA . 4.22 4.02 48.43
C1D HEM TA . 5.73 0.10 44.70
C2D HEM TA . 5.78 -1.31 45.04
C3D HEM TA . 6.05 -1.99 43.94
C4D HEM TA . 6.21 -1.04 42.84
CMD HEM TA . 5.55 -1.91 46.44
CAD HEM TA . 6.20 -3.53 43.90
CBD HEM TA . 4.84 -4.08 43.49
CGD HEM TA . 4.83 -5.59 43.37
O1D HEM TA . 5.92 -6.24 43.45
O2D HEM TA . 3.72 -6.16 43.19
NA HEM TA . 6.68 0.94 40.57
NB HEM TA . 6.06 3.73 41.14
NC HEM TA . 5.43 2.96 43.94
ND HEM TA . 6.00 0.24 43.35
FE HEM TA . 6.41 1.97 42.40
N29 M16 UA . 3.05 -8.83 41.05
C28 M16 UA . 1.87 -8.19 40.44
C27 M16 UA . 2.23 -7.49 39.12
C24 M16 UA . 2.31 -6.02 39.35
C23 M16 UA . 1.53 -5.13 38.63
C22 M16 UA . 1.62 -3.77 38.90
C25 M16 UA . 3.15 -5.56 40.34
C26 M16 UA . 3.23 -4.22 40.60
C21 M16 UA . 2.49 -3.31 39.88
C08 M16 UA . 2.58 -1.87 40.20
C09 M16 UA . 2.92 -0.94 39.22
C07 M16 UA . 2.35 -1.45 41.49
C06 M16 UA . 2.39 -0.10 41.84
C05 M16 UA . 2.71 0.83 40.86
C04 M16 UA . 2.79 2.19 41.17
C11 M16 UA . 2.49 2.66 42.56
C03 M16 UA . 3.14 3.08 40.17
C02 M16 UA . 3.37 2.58 38.89
N02 M16 UA . 3.71 3.39 37.88
N01 M16 UA . 3.30 1.27 38.63
C10 M16 UA . 2.97 0.39 39.56
C1 BTB VA . -5.37 0.12 8.06
O1 BTB VA . -5.55 -1.30 8.22
C2 BTB VA . -4.71 0.42 6.73
C3 BTB VA . -3.23 0.01 6.77
O3 BTB VA . -2.70 -0.45 5.50
C4 BTB VA . -5.45 -0.38 5.66
O4 BTB VA . -5.42 0.23 4.37
N BTB VA . -4.83 1.88 6.51
C5 BTB VA . -4.10 2.60 7.56
C6 BTB VA . -3.17 3.65 6.94
O6 BTB VA . -2.17 2.99 6.16
C7 BTB VA . -6.24 2.34 6.51
C8 BTB VA . -6.42 3.52 5.56
O8 BTB VA . -5.62 3.31 4.38
C1 BTB WA . -25.31 -3.75 60.54
O1 BTB WA . -24.97 -2.46 59.97
C2 BTB WA . -24.10 -4.71 60.58
C3 BTB WA . -22.78 -3.96 60.61
O3 BTB WA . -22.77 -2.94 61.62
C4 BTB WA . -24.17 -5.55 61.85
O4 BTB WA . -23.42 -4.87 62.86
N BTB WA . -24.20 -5.63 59.42
C5 BTB WA . -24.50 -4.84 58.21
C6 BTB WA . -23.36 -4.60 57.23
O6 BTB WA . -22.10 -4.41 57.88
C7 BTB WA . -25.37 -6.49 59.61
C8 BTB WA . -25.06 -7.98 59.75
O8 BTB WA . -24.18 -8.40 58.72
C1 BTB XA . -0.41 -14.82 13.03
O1 BTB XA . 0.39 -13.64 12.87
C2 BTB XA . -0.89 -15.44 11.71
C3 BTB XA . -1.63 -16.70 12.06
O3 BTB XA . -1.21 -17.10 13.38
C4 BTB XA . -1.85 -14.48 11.00
O4 BTB XA . -2.85 -14.05 11.94
N BTB XA . 0.20 -15.81 10.78
C5 BTB XA . 1.33 -16.37 11.56
C6 BTB XA . 2.61 -16.52 10.74
O6 BTB XA . 3.66 -16.98 11.58
C7 BTB XA . 0.62 -14.65 9.95
C8 BTB XA . 0.60 -14.99 8.47
O8 BTB XA . -0.66 -15.59 8.14
ZN ZN YA . 19.46 -15.16 43.95
C1 GOL ZA . -3.79 14.22 63.77
O1 GOL ZA . -5.09 14.10 64.29
C2 GOL ZA . -3.90 14.62 62.32
O2 GOL ZA . -4.08 13.53 61.44
C3 GOL ZA . -2.59 15.02 61.77
O3 GOL ZA . -2.88 14.47 60.54
ZN ZN AB . 4.22 -8.75 31.22
N29 M16 BB . -0.07 -11.07 40.14
C28 M16 BB . -0.80 -11.83 39.12
C27 M16 BB . -0.59 -11.21 37.74
C24 M16 BB . 0.86 -11.28 37.32
C23 M16 BB . 1.67 -10.17 37.46
C22 M16 BB . 3.01 -10.20 37.07
C25 M16 BB . 1.42 -12.44 36.77
C26 M16 BB . 2.76 -12.47 36.40
C21 M16 BB . 3.56 -11.34 36.51
C08 M16 BB . 5.02 -11.32 36.17
C09 M16 BB . 5.70 -10.11 36.12
C07 M16 BB . 5.73 -12.50 35.97
C06 M16 BB . 7.10 -12.47 35.72
C05 M16 BB . 7.77 -11.25 35.66
C04 M16 BB . 9.14 -11.20 35.41
C11 M16 BB . 9.89 -12.50 35.22
C03 M16 BB . 9.77 -9.97 35.36
C02 M16 BB . 9.03 -8.81 35.55
N02 M16 BB . 9.59 -7.57 35.52
N01 M16 BB . 7.71 -8.89 35.79
C10 M16 BB . 7.06 -10.07 35.86
CHA HEM CB . 26.08 -17.31 26.08
CHB HEM CB . 23.53 -17.73 21.99
CHC HEM CB . 26.15 -21.61 20.68
CHD HEM CB . 27.96 -21.72 25.17
C1A HEM CB . 25.25 -16.99 25.03
C2A HEM CB . 24.51 -15.75 24.82
C3A HEM CB . 23.80 -15.88 23.69
C4A HEM CB . 24.06 -17.20 23.15
CMA HEM CB . 22.86 -14.82 23.07
CAA HEM CB . 24.51 -14.52 25.74
CBA HEM CB . 25.60 -13.56 25.31
CGA HEM CB . 25.17 -12.17 25.72
O1A HEM CB . 24.22 -12.06 26.55
O2A HEM CB . 25.76 -11.18 25.20
C1B HEM CB . 23.99 -18.83 21.28
C2B HEM CB . 23.48 -19.29 20.02
C3B HEM CB . 24.19 -20.34 19.64
C4B HEM CB . 25.20 -20.60 20.66
CMB HEM CB . 22.30 -18.68 19.20
CAB HEM CB . 23.90 -21.08 18.32
CBB HEM CB . 24.33 -22.33 18.10
C1C HEM CB . 26.89 -21.99 21.78
C2C HEM CB . 27.83 -23.11 21.89
C3C HEM CB . 28.32 -23.14 23.14
C4C HEM CB . 27.71 -22.04 23.85
CMC HEM CB . 28.15 -24.07 20.75
CAC HEM CB . 29.30 -24.10 23.84
CBC HEM CB . 29.71 -25.25 23.29
C1D HEM CB . 27.66 -20.53 25.79
C2D HEM CB . 28.16 -20.08 27.06
C3D HEM CB . 27.64 -18.89 27.30
C4D HEM CB . 26.78 -18.50 26.19
CMD HEM CB . 29.13 -20.84 28.00
CAD HEM CB . 27.89 -18.06 28.57
CBD HEM CB . 29.10 -17.19 28.40
CGD HEM CB . 29.28 -16.45 29.69
O1D HEM CB . 28.68 -16.84 30.75
O2D HEM CB . 30.05 -15.45 29.67
NA HEM CB . 24.96 -17.83 23.99
NB HEM CB . 25.03 -19.66 21.66
NC HEM CB . 26.86 -21.36 22.98
ND HEM CB . 26.81 -19.54 25.28
FE HEM CB . 25.66 -19.76 23.71
N29 M16 DB . 31.10 -12.13 30.12
C28 M16 DB . 31.33 -11.16 29.04
C27 M16 DB . 30.04 -10.90 28.27
C24 M16 DB . 29.76 -12.05 27.32
C23 M16 DB . 30.10 -11.96 25.98
C22 M16 DB . 29.83 -13.00 25.11
C25 M16 DB . 29.15 -13.21 27.77
C26 M16 DB . 28.88 -14.26 26.90
C21 M16 DB . 29.22 -14.16 25.56
C08 M16 DB . 28.99 -15.23 24.55
C09 M16 DB . 28.09 -15.01 23.50
C07 M16 DB . 29.68 -16.44 24.59
C06 M16 DB . 29.45 -17.43 23.60
C05 M16 DB . 28.56 -17.18 22.56
C04 M16 DB . 28.31 -18.12 21.56
C11 M16 DB . 29.04 -19.45 21.56
C03 M16 DB . 27.38 -17.84 20.56
C02 M16 DB . 26.71 -16.63 20.56
N02 M16 DB . 25.80 -16.33 19.59
N01 M16 DB . 26.95 -15.73 21.53
C10 M16 DB . 27.85 -15.97 22.52
N29 M16 EB . 33.90 -7.87 29.90
C28 M16 EB . 33.59 -6.43 29.96
C27 M16 EB . 32.53 -6.04 28.92
C24 M16 EB . 31.13 -6.21 29.50
C23 M16 EB . 30.84 -7.32 30.27
C22 M16 EB . 29.56 -7.47 30.80
C25 M16 EB . 30.15 -5.24 29.27
C26 M16 EB . 28.87 -5.38 29.81
C21 M16 EB . 28.59 -6.50 30.57
C08 M16 EB . 27.27 -6.80 31.19
C09 M16 EB . 26.38 -7.59 30.48
C07 M16 EB . 26.96 -6.39 32.49
C06 M16 EB . 25.75 -6.73 33.06
C05 M16 EB . 24.84 -7.51 32.34
C04 M16 EB . 23.64 -7.86 32.89
C11 M16 EB . 23.31 -7.40 34.30
C03 M16 EB . 22.75 -8.64 32.16
C02 M16 EB . 23.10 -9.02 30.89
N02 M16 EB . 22.28 -9.78 30.14
N01 M16 EB . 24.28 -8.69 30.36
C10 M16 EB . 25.15 -7.93 31.06
C1 BTB FB . 11.61 2.63 -1.80
O1 BTB FB . 10.26 3.09 -1.88
C2 BTB FB . 12.31 3.36 -0.65
C3 BTB FB . 11.35 3.58 0.54
O3 BTB FB . 12.04 3.72 1.80
C4 BTB FB . 13.46 2.48 -0.15
O4 BTB FB . 14.66 2.71 -0.92
N BTB FB . 12.87 4.66 -1.12
C5 BTB FB . 12.06 5.80 -0.68
C6 BTB FB . 13.02 6.94 -0.34
O6 BTB FB . 13.27 7.02 1.07
C7 BTB FB . 13.25 4.74 -2.56
C8 BTB FB . 14.76 5.02 -2.67
O8 BTB FB . 15.46 4.79 -1.43
C1 BTB GB . 60.94 -21.69 27.02
O1 BTB GB . 61.19 -22.30 28.30
C2 BTB GB . 61.97 -22.22 26.03
C3 BTB GB . 63.29 -22.41 26.78
O3 BTB GB . 64.02 -23.52 26.23
C4 BTB GB . 61.49 -23.53 25.45
O4 BTB GB . 61.30 -23.33 24.06
N BTB GB . 62.13 -21.31 24.88
C5 BTB GB . 63.56 -21.00 24.59
C6 BTB GB . 64.02 -21.76 23.34
O6 BTB GB . 63.11 -22.81 22.98
C7 BTB GB . 61.42 -20.05 25.08
C8 BTB GB . 60.96 -19.66 23.68
O8 BTB GB . 60.97 -20.85 22.88
GD GD HB . 14.50 4.52 1.15
ZN ZN IB . 25.60 -4.12 27.00
#